data_6UDO
#
_entry.id   6UDO
#
_cell.length_a   1.00
_cell.length_b   1.00
_cell.length_c   1.00
_cell.angle_alpha   90.00
_cell.angle_beta   90.00
_cell.angle_gamma   90.00
#
_symmetry.space_group_name_H-M   'P 1'
#
loop_
_entity.id
_entity.type
_entity.pdbx_description
1 polymer "Inosine-5'-monophosphate dehydrogenase 2"
2 non-polymer 'INOSINIC ACID'
3 non-polymer "GUANOSINE-5'-TRIPHOSPHATE"
4 non-polymer "ADENOSINE-5'-TRIPHOSPHATE"
#
_entity_poly.entity_id   1
_entity_poly.type   'polypeptide(L)'
_entity_poly.pdbx_seq_one_letter_code
;SEFELMADYLISGGTSYVPDDGLTAQQLFNCGDGLTYNDFLILPGYIDFTADQVDLTSALTKKITLKTPLVSSPMDTVTE
AGMAIAMALTGGIGFIHHNCTPEFQANEVRKVKKYEQGFITDPVVLSPKDRVRDVFEAKARHGFCGIPITDTGRMGSRLV
GIISSRDIDFLKEEEHDCFLEEIMTKREDLVVAPAGITLKEANEILQRSKKGKLPIVNEDDELVAIIARTDLKKNRDYPL
ASKDAKKQLLCGAAIGTHEDDKYRLDLLAQAGVDVVVLDSSQGNSIFQINMIKYIKDKYPNLQVIGGNVVTAAQAKNLID
AGVDALRVGMGSGSICITQEVLACGRPQATAVYKVSEYARRFGVPVIADGGIQNVGHIAKALALGASTVMMGSLLAATTE
APGEYFFSDGIRLKKYRGMGSLDAMDKHLSSQNRYFSEADKIKVAQGVSGAVQDKGSIHKFVPYLIAGIQHSCQDIGAKS
LTQVRAMMYSGELKFEKRTSSAQVEGGVHSLHSYEKRLF
;
_entity_poly.pdbx_strand_id   A,B,C,D,E,F,G,H,I,J,K,L,M,N,O,P
#
loop_
_chem_comp.id
_chem_comp.type
_chem_comp.name
_chem_comp.formula
ATP non-polymer ADENOSINE-5'-TRIPHOSPHATE 'C10 H16 N5 O13 P3'
GTP non-polymer GUANOSINE-5'-TRIPHOSPHATE 'C10 H16 N5 O14 P3'
IMP non-polymer 'INOSINIC ACID' 'C10 H13 N4 O8 P'
#
# COMPACT_ATOMS: atom_id res chain seq x y z
N TYR A 17 7.33 10.98 54.29
CA TYR A 17 7.53 12.20 53.52
C TYR A 17 6.53 12.21 52.39
N VAL A 18 6.54 11.15 51.58
CA VAL A 18 5.66 10.91 50.43
C VAL A 18 5.64 12.11 49.49
N PRO A 19 6.63 12.26 48.62
CA PRO A 19 6.68 13.44 47.74
C PRO A 19 5.51 13.52 46.79
N ASP A 20 4.87 14.69 46.76
CA ASP A 20 3.70 14.91 45.91
C ASP A 20 4.14 14.94 44.45
N ASP A 21 3.72 13.94 43.69
CA ASP A 21 4.13 13.78 42.30
C ASP A 21 2.94 13.22 41.53
N GLY A 22 2.47 13.97 40.55
CA GLY A 22 1.34 13.56 39.74
C GLY A 22 0.06 14.26 40.16
N LEU A 23 -0.97 14.07 39.35
CA LEU A 23 -2.28 14.65 39.57
C LEU A 23 -3.19 13.61 40.20
N THR A 24 -4.04 14.04 41.13
CA THR A 24 -5.06 13.16 41.66
C THR A 24 -6.20 13.04 40.66
N ALA A 25 -7.23 12.28 41.04
CA ALA A 25 -8.29 12.01 40.08
C ALA A 25 -9.20 13.22 39.89
N GLN A 26 -9.50 13.95 40.96
CA GLN A 26 -10.36 15.12 40.82
C GLN A 26 -9.60 16.29 40.21
N GLN A 27 -8.27 16.30 40.37
CA GLN A 27 -7.46 17.31 39.72
C GLN A 27 -7.28 17.03 38.23
N LEU A 28 -7.54 15.80 37.79
CA LEU A 28 -7.31 15.43 36.41
C LEU A 28 -8.56 15.63 35.56
N PHE A 29 -9.71 15.17 36.04
CA PHE A 29 -10.94 15.16 35.26
C PHE A 29 -11.83 16.35 35.54
N ASN A 30 -11.29 17.42 36.13
CA ASN A 30 -12.03 18.66 36.30
C ASN A 30 -11.32 19.84 35.64
N CYS A 31 -10.39 19.58 34.72
CA CYS A 31 -9.84 20.64 33.90
C CYS A 31 -10.82 21.14 32.85
N GLY A 32 -11.87 20.37 32.58
CA GLY A 32 -12.82 20.68 31.54
C GLY A 32 -12.62 19.88 30.28
N ASP A 33 -11.43 19.36 30.07
CA ASP A 33 -11.13 18.56 28.90
C ASP A 33 -11.67 17.14 29.08
N GLY A 34 -12.06 16.54 27.96
CA GLY A 34 -12.58 15.19 27.98
C GLY A 34 -11.54 14.14 27.63
N LEU A 35 -11.04 13.45 28.65
CA LEU A 35 -10.00 12.45 28.45
C LEU A 35 -10.62 11.09 28.18
N THR A 36 -9.89 10.29 27.40
CA THR A 36 -10.27 8.91 27.14
C THR A 36 -9.25 7.98 27.80
N TYR A 37 -9.36 6.68 27.51
CA TYR A 37 -8.49 5.69 28.13
C TYR A 37 -7.04 5.80 27.69
N ASN A 38 -6.75 6.44 26.57
CA ASN A 38 -5.39 6.54 26.08
C ASN A 38 -4.72 7.86 26.45
N ASP A 39 -5.44 8.78 27.08
CA ASP A 39 -4.89 10.09 27.36
C ASP A 39 -4.27 10.20 28.74
N PHE A 40 -4.33 9.15 29.55
CA PHE A 40 -3.70 9.19 30.85
C PHE A 40 -3.18 7.79 31.17
N LEU A 41 -2.38 7.71 32.23
CA LEU A 41 -1.94 6.42 32.73
C LEU A 41 -1.56 6.59 34.19
N ILE A 42 -1.60 5.48 34.92
CA ILE A 42 -1.57 5.48 36.37
C ILE A 42 -0.15 5.38 36.87
N LEU A 43 0.22 6.24 37.81
CA LEU A 43 1.55 6.19 38.40
C LEU A 43 1.64 5.01 39.37
N PRO A 44 2.75 4.29 39.40
CA PRO A 44 2.87 3.13 40.28
C PRO A 44 3.09 3.53 41.73
N GLY A 45 2.95 2.55 42.61
CA GLY A 45 3.05 2.79 44.04
C GLY A 45 4.04 1.89 44.74
N TYR A 46 3.60 1.27 45.83
CA TYR A 46 4.46 0.46 46.68
C TYR A 46 3.97 -0.98 46.67
N ILE A 47 4.89 -1.91 46.44
CA ILE A 47 4.58 -3.33 46.34
C ILE A 47 5.08 -4.04 47.58
N ASP A 48 4.16 -4.69 48.31
CA ASP A 48 4.57 -5.55 49.42
C ASP A 48 3.78 -6.86 49.43
N PHE A 49 3.41 -7.36 48.26
CA PHE A 49 2.56 -8.53 48.14
C PHE A 49 2.78 -9.15 46.78
N THR A 50 2.59 -10.46 46.70
CA THR A 50 2.70 -11.13 45.42
C THR A 50 1.44 -10.91 44.60
N ALA A 51 1.48 -11.32 43.34
CA ALA A 51 0.42 -10.99 42.40
C ALA A 51 -0.86 -11.77 42.65
N ASP A 52 -0.77 -12.99 43.17
CA ASP A 52 -1.96 -13.83 43.32
C ASP A 52 -2.71 -13.57 44.61
N GLN A 53 -2.27 -12.64 45.45
CA GLN A 53 -3.04 -12.26 46.62
C GLN A 53 -4.06 -11.17 46.32
N VAL A 54 -4.22 -10.78 45.06
CA VAL A 54 -5.12 -9.69 44.73
C VAL A 54 -6.55 -10.21 44.67
N ASP A 55 -7.43 -9.57 45.42
CA ASP A 55 -8.85 -9.94 45.51
C ASP A 55 -9.61 -9.11 44.49
N LEU A 56 -10.12 -9.76 43.45
CA LEU A 56 -10.88 -9.06 42.43
C LEU A 56 -12.38 -9.13 42.67
N THR A 57 -12.82 -9.22 43.92
CA THR A 57 -14.25 -9.25 44.23
C THR A 57 -14.86 -7.90 43.96
N SER A 58 -15.85 -7.87 43.07
CA SER A 58 -16.50 -6.63 42.67
C SER A 58 -18.00 -6.84 42.59
N ALA A 59 -18.75 -5.76 42.78
CA ALA A 59 -20.20 -5.83 42.82
C ALA A 59 -20.80 -5.46 41.47
N LEU A 60 -21.72 -6.28 40.99
CA LEU A 60 -22.41 -5.98 39.74
C LEU A 60 -23.56 -5.00 40.02
N THR A 61 -24.55 -5.44 40.78
CA THR A 61 -25.62 -4.58 41.25
C THR A 61 -25.43 -4.30 42.74
N LYS A 62 -26.43 -3.70 43.37
CA LYS A 62 -26.41 -3.52 44.82
C LYS A 62 -26.41 -4.84 45.59
N LYS A 63 -26.95 -5.91 45.02
CA LYS A 63 -27.09 -7.17 45.74
C LYS A 63 -26.43 -8.36 45.07
N ILE A 64 -26.04 -8.26 43.81
CA ILE A 64 -25.29 -9.30 43.13
C ILE A 64 -23.81 -8.99 43.28
N THR A 65 -23.02 -10.00 43.64
CA THR A 65 -21.58 -9.83 43.80
C THR A 65 -20.87 -10.89 42.98
N LEU A 66 -20.08 -10.46 42.01
CA LEU A 66 -19.31 -11.37 41.18
C LEU A 66 -17.95 -11.61 41.82
N LYS A 67 -17.22 -12.59 41.29
CA LYS A 67 -15.85 -12.82 41.72
C LYS A 67 -14.82 -12.19 40.77
N THR A 68 -15.18 -11.97 39.51
CA THR A 68 -14.33 -11.30 38.55
C THR A 68 -15.04 -10.08 37.98
N PRO A 69 -14.35 -8.98 37.77
CA PRO A 69 -15.03 -7.72 37.43
C PRO A 69 -15.20 -7.51 35.93
N LEU A 70 -15.77 -8.51 35.24
CA LEU A 70 -15.92 -8.36 33.80
C LEU A 70 -17.10 -9.18 33.32
N VAL A 71 -17.99 -8.52 32.55
CA VAL A 71 -19.23 -9.09 32.06
C VAL A 71 -19.23 -8.94 30.54
N SER A 72 -20.17 -9.61 29.88
CA SER A 72 -20.26 -9.55 28.42
C SER A 72 -21.43 -8.68 28.00
N SER A 73 -21.30 -8.05 26.82
CA SER A 73 -22.23 -7.02 26.39
C SER A 73 -23.37 -7.60 25.58
N PRO A 74 -24.62 -7.31 25.92
CA PRO A 74 -25.77 -7.99 25.28
C PRO A 74 -26.00 -7.62 23.82
N MET A 75 -25.14 -8.15 22.94
CA MET A 75 -25.28 -8.01 21.50
C MET A 75 -25.57 -9.37 20.88
N ASP A 76 -26.17 -9.36 19.68
CA ASP A 76 -26.58 -10.62 19.07
C ASP A 76 -25.45 -11.39 18.45
N THR A 77 -24.22 -10.89 18.51
CA THR A 77 -23.06 -11.58 17.97
C THR A 77 -21.99 -11.76 19.03
N VAL A 78 -22.35 -11.59 20.31
CA VAL A 78 -21.40 -11.76 21.40
C VAL A 78 -21.89 -12.82 22.38
N THR A 79 -23.12 -12.68 22.87
CA THR A 79 -23.55 -13.50 23.99
C THR A 79 -24.97 -14.03 23.86
N GLU A 80 -25.09 -15.24 23.33
CA GLU A 80 -26.18 -16.14 23.64
C GLU A 80 -25.72 -17.06 24.79
N ALA A 81 -26.43 -18.17 25.04
CA ALA A 81 -26.24 -18.94 26.26
C ALA A 81 -24.86 -19.60 26.36
N GLY A 82 -24.17 -19.80 25.25
CA GLY A 82 -22.81 -20.33 25.33
C GLY A 82 -21.86 -19.37 25.99
N MET A 83 -21.91 -18.10 25.61
CA MET A 83 -21.12 -17.09 26.29
C MET A 83 -21.62 -16.84 27.70
N ALA A 84 -22.90 -17.08 27.96
CA ALA A 84 -23.43 -16.92 29.32
C ALA A 84 -22.86 -17.98 30.26
N ILE A 85 -22.85 -19.25 29.83
CA ILE A 85 -22.29 -20.29 30.68
C ILE A 85 -20.77 -20.18 30.73
N ALA A 86 -20.15 -19.61 29.69
CA ALA A 86 -18.70 -19.53 29.70
C ALA A 86 -18.20 -18.32 30.49
N MET A 87 -19.00 -17.26 30.58
CA MET A 87 -18.64 -16.12 31.39
C MET A 87 -19.07 -16.31 32.84
N ALA A 88 -20.09 -17.13 33.08
CA ALA A 88 -20.48 -17.39 34.46
C ALA A 88 -19.47 -18.27 35.16
N LEU A 89 -18.98 -19.32 34.48
CA LEU A 89 -18.09 -20.27 35.13
C LEU A 89 -16.70 -19.71 35.41
N THR A 90 -16.28 -18.68 34.68
CA THR A 90 -14.96 -18.08 34.92
C THR A 90 -15.04 -16.85 35.81
N GLY A 91 -16.18 -16.61 36.44
CA GLY A 91 -16.29 -15.56 37.43
C GLY A 91 -17.32 -14.48 37.15
N GLY A 92 -17.43 -14.04 35.91
CA GLY A 92 -18.29 -12.92 35.57
C GLY A 92 -19.76 -13.31 35.43
N ILE A 93 -20.46 -12.60 34.54
CA ILE A 93 -21.84 -12.90 34.23
C ILE A 93 -22.04 -12.54 32.76
N GLY A 94 -23.10 -13.02 32.14
CA GLY A 94 -23.37 -12.68 30.76
C GLY A 94 -24.80 -12.23 30.56
N PHE A 95 -25.01 -11.22 29.72
CA PHE A 95 -26.35 -10.70 29.48
C PHE A 95 -26.84 -11.15 28.12
N ILE A 96 -27.98 -11.84 28.09
CA ILE A 96 -28.53 -12.38 26.85
C ILE A 96 -29.19 -11.24 26.09
N HIS A 97 -28.90 -11.17 24.79
CA HIS A 97 -29.39 -10.08 23.96
C HIS A 97 -30.88 -10.24 23.68
N HIS A 98 -31.47 -9.18 23.12
CA HIS A 98 -32.90 -9.13 22.86
C HIS A 98 -33.20 -8.95 21.37
N ASN A 99 -32.30 -9.38 20.49
CA ASN A 99 -32.52 -9.32 19.06
C ASN A 99 -33.11 -10.64 18.56
N CYS A 100 -34.21 -11.03 19.18
CA CYS A 100 -34.85 -12.31 18.91
C CYS A 100 -36.27 -12.24 19.46
N THR A 101 -37.03 -13.32 19.24
CA THR A 101 -38.35 -13.48 19.83
C THR A 101 -38.20 -13.68 21.34
N PRO A 102 -39.22 -13.32 22.12
CA PRO A 102 -39.14 -13.54 23.58
C PRO A 102 -39.05 -15.00 23.98
N GLU A 103 -39.61 -15.91 23.19
CA GLU A 103 -39.49 -17.34 23.48
C GLU A 103 -38.07 -17.84 23.29
N PHE A 104 -37.35 -17.30 22.30
CA PHE A 104 -35.96 -17.69 22.07
C PHE A 104 -35.08 -17.26 23.24
N GLN A 105 -35.23 -16.02 23.70
CA GLN A 105 -34.43 -15.52 24.82
C GLN A 105 -34.80 -16.21 26.12
N ALA A 106 -36.09 -16.51 26.30
CA ALA A 106 -36.50 -17.30 27.45
C ALA A 106 -35.98 -18.72 27.40
N ASN A 107 -35.75 -19.27 26.20
CA ASN A 107 -35.08 -20.55 26.11
C ASN A 107 -33.60 -20.44 26.43
N GLU A 108 -32.94 -19.35 26.00
CA GLU A 108 -31.50 -19.19 26.25
C GLU A 108 -31.22 -19.03 27.74
N VAL A 109 -32.07 -18.28 28.44
CA VAL A 109 -31.83 -18.08 29.87
C VAL A 109 -32.14 -19.36 30.66
N ARG A 110 -33.06 -20.19 30.18
CA ARG A 110 -33.23 -21.49 30.79
C ARG A 110 -32.06 -22.41 30.46
N LYS A 111 -31.47 -22.26 29.28
CA LYS A 111 -30.35 -23.12 28.89
C LYS A 111 -29.11 -22.81 29.72
N VAL A 112 -28.93 -21.55 30.11
CA VAL A 112 -27.82 -21.26 31.02
C VAL A 112 -28.17 -21.63 32.46
N LYS A 113 -29.41 -21.39 32.91
CA LYS A 113 -29.69 -21.72 34.30
C LYS A 113 -30.01 -23.21 34.51
N LYS A 114 -30.05 -24.01 33.46
CA LYS A 114 -30.12 -25.46 33.59
C LYS A 114 -28.85 -26.09 33.02
N TYR A 115 -27.71 -25.45 33.25
CA TYR A 115 -26.41 -26.02 32.92
C TYR A 115 -25.74 -26.62 34.13
N GLU A 116 -25.98 -26.06 35.31
CA GLU A 116 -25.40 -26.55 36.54
C GLU A 116 -26.44 -26.34 37.63
N GLN A 117 -26.95 -27.43 38.20
CA GLN A 117 -28.16 -27.36 39.01
C GLN A 117 -28.01 -28.31 40.19
N GLY A 118 -28.15 -27.75 41.40
CA GLY A 118 -27.96 -28.53 42.61
C GLY A 118 -29.12 -29.46 42.93
N PHE A 119 -30.26 -28.91 43.35
CA PHE A 119 -31.50 -29.67 43.46
C PHE A 119 -32.25 -29.54 42.14
N ILE A 120 -32.17 -30.56 41.29
CA ILE A 120 -32.89 -30.56 40.03
C ILE A 120 -34.35 -30.79 40.34
N THR A 121 -35.13 -29.70 40.42
CA THR A 121 -36.50 -29.80 40.91
C THR A 121 -37.43 -30.42 39.88
N ASP A 122 -37.28 -30.05 38.61
CA ASP A 122 -38.10 -30.57 37.53
C ASP A 122 -37.21 -31.08 36.41
N PRO A 123 -36.71 -32.32 36.52
CA PRO A 123 -36.00 -32.94 35.40
C PRO A 123 -36.97 -33.62 34.46
N VAL A 124 -36.40 -34.21 33.41
CA VAL A 124 -37.18 -35.06 32.54
C VAL A 124 -37.43 -36.41 33.21
N VAL A 125 -38.66 -36.89 33.11
CA VAL A 125 -39.04 -38.20 33.61
C VAL A 125 -39.84 -38.90 32.53
N LEU A 126 -39.77 -40.21 32.49
CA LEU A 126 -40.52 -41.01 31.54
C LEU A 126 -41.28 -42.10 32.27
N SER A 127 -42.15 -42.76 31.52
CA SER A 127 -42.99 -43.86 32.00
C SER A 127 -42.38 -45.17 31.56
N PRO A 128 -42.68 -46.27 32.25
CA PRO A 128 -42.18 -47.58 31.77
C PRO A 128 -42.85 -48.07 30.50
N LYS A 129 -43.93 -47.44 30.05
CA LYS A 129 -44.68 -47.90 28.89
C LYS A 129 -44.10 -47.41 27.57
N ASP A 130 -43.05 -46.62 27.59
CA ASP A 130 -42.57 -45.99 26.37
C ASP A 130 -41.65 -46.93 25.58
N ARG A 131 -41.01 -46.36 24.57
CA ARG A 131 -39.96 -47.05 23.84
C ARG A 131 -38.68 -46.24 24.04
N VAL A 132 -37.55 -46.82 23.63
CA VAL A 132 -36.25 -46.13 23.75
C VAL A 132 -36.14 -44.98 22.75
N ARG A 133 -36.98 -44.93 21.73
CA ARG A 133 -37.00 -43.80 20.80
C ARG A 133 -37.37 -42.50 21.49
N ASP A 134 -38.17 -42.56 22.54
CA ASP A 134 -38.43 -41.38 23.36
C ASP A 134 -37.20 -40.96 24.14
N VAL A 135 -36.34 -41.92 24.52
CA VAL A 135 -35.14 -41.60 25.27
C VAL A 135 -34.09 -40.94 24.38
N PHE A 136 -33.86 -41.47 23.18
CA PHE A 136 -32.98 -40.80 22.23
C PHE A 136 -33.58 -39.50 21.73
N GLU A 137 -34.92 -39.38 21.73
CA GLU A 137 -35.56 -38.09 21.50
C GLU A 137 -35.22 -37.09 22.60
N ALA A 138 -35.17 -37.54 23.85
CA ALA A 138 -34.75 -36.68 24.94
C ALA A 138 -33.27 -36.32 24.85
N LYS A 139 -32.45 -37.25 24.38
CA LYS A 139 -31.01 -37.02 24.30
C LYS A 139 -30.66 -36.05 23.17
N ALA A 140 -31.32 -36.20 22.02
CA ALA A 140 -31.11 -35.30 20.88
C ALA A 140 -31.63 -33.89 21.15
N ARG A 141 -32.44 -33.69 22.19
CA ARG A 141 -33.04 -32.41 22.52
C ARG A 141 -32.37 -31.73 23.70
N HIS A 142 -31.97 -32.49 24.73
CA HIS A 142 -31.39 -31.87 25.91
C HIS A 142 -29.91 -32.13 26.07
N GLY A 143 -29.43 -33.30 25.65
CA GLY A 143 -28.02 -33.57 25.63
C GLY A 143 -27.49 -34.46 26.72
N PHE A 144 -28.37 -35.10 27.50
CA PHE A 144 -27.94 -36.00 28.56
C PHE A 144 -28.84 -37.23 28.56
N CYS A 145 -28.36 -38.27 29.24
CA CYS A 145 -29.07 -39.55 29.29
C CYS A 145 -29.57 -39.93 30.67
N GLY A 146 -29.29 -39.15 31.69
CA GLY A 146 -29.85 -39.45 33.01
C GLY A 146 -31.32 -39.09 33.11
N ILE A 147 -32.20 -40.08 33.13
CA ILE A 147 -33.63 -39.87 33.28
C ILE A 147 -34.14 -40.79 34.38
N PRO A 148 -34.70 -40.26 35.47
CA PRO A 148 -35.42 -41.13 36.40
C PRO A 148 -36.75 -41.55 35.82
N ILE A 149 -37.11 -42.81 36.06
CA ILE A 149 -38.34 -43.38 35.53
C ILE A 149 -39.40 -43.35 36.62
N THR A 150 -40.56 -42.78 36.31
CA THR A 150 -41.71 -42.79 37.21
C THR A 150 -42.85 -43.52 36.53
N ASP A 151 -43.73 -44.12 37.35
CA ASP A 151 -44.75 -45.00 36.80
C ASP A 151 -45.87 -44.27 36.09
N THR A 152 -45.97 -42.95 36.22
CA THR A 152 -46.95 -42.17 35.47
C THR A 152 -46.31 -41.32 34.37
N GLY A 153 -45.24 -40.60 34.69
CA GLY A 153 -44.57 -39.77 33.72
C GLY A 153 -44.45 -38.32 34.17
N ARG A 154 -44.65 -38.08 35.46
CA ARG A 154 -44.57 -36.75 36.03
C ARG A 154 -43.74 -36.83 37.31
N MET A 155 -43.50 -35.67 37.92
CA MET A 155 -42.70 -35.65 39.15
C MET A 155 -43.50 -36.14 40.35
N GLY A 156 -44.79 -35.86 40.39
CA GLY A 156 -45.61 -36.33 41.49
C GLY A 156 -46.02 -37.76 41.29
N SER A 157 -45.09 -38.69 41.50
CA SER A 157 -45.30 -40.08 41.15
C SER A 157 -44.36 -40.95 41.99
N ARG A 158 -44.37 -42.24 41.71
CA ARG A 158 -43.54 -43.20 42.43
C ARG A 158 -42.23 -43.42 41.69
N LEU A 159 -41.13 -43.42 42.44
CA LEU A 159 -39.82 -43.79 41.91
C LEU A 159 -39.76 -45.30 41.72
N VAL A 160 -39.46 -45.74 40.50
CA VAL A 160 -39.42 -47.17 40.21
C VAL A 160 -38.02 -47.52 39.71
N GLY A 161 -37.27 -46.52 39.26
CA GLY A 161 -35.90 -46.80 38.87
C GLY A 161 -35.25 -45.65 38.13
N ILE A 162 -34.09 -45.96 37.56
CA ILE A 162 -33.22 -44.99 36.92
C ILE A 162 -32.82 -45.57 35.58
N ILE A 163 -32.34 -44.73 34.66
CA ILE A 163 -31.72 -45.19 33.44
C ILE A 163 -30.66 -44.17 33.06
N SER A 164 -29.53 -44.66 32.52
CA SER A 164 -28.38 -43.81 32.27
C SER A 164 -27.84 -44.08 30.88
N SER A 165 -26.65 -43.57 30.59
CA SER A 165 -26.06 -43.71 29.27
C SER A 165 -25.62 -45.14 29.01
N ARG A 166 -24.91 -45.74 29.97
CA ARG A 166 -24.38 -47.08 29.68
C ARG A 166 -25.43 -48.17 29.80
N ASP A 167 -26.71 -47.85 30.02
CA ASP A 167 -27.78 -48.82 29.81
C ASP A 167 -28.19 -48.90 28.35
N ILE A 168 -27.88 -47.87 27.55
CA ILE A 168 -28.51 -47.65 26.26
C ILE A 168 -27.50 -47.63 25.11
N ASP A 169 -26.24 -47.27 25.39
CA ASP A 169 -25.23 -46.92 24.38
C ASP A 169 -24.96 -48.01 23.35
N PHE A 170 -24.83 -49.26 23.79
CA PHE A 170 -24.47 -50.34 22.88
C PHE A 170 -25.61 -51.34 22.81
N LEU A 171 -26.53 -51.08 21.87
CA LEU A 171 -27.60 -51.99 21.54
C LEU A 171 -27.44 -52.45 20.10
N LYS A 172 -27.93 -53.67 19.82
CA LYS A 172 -27.66 -54.33 18.54
C LYS A 172 -28.90 -54.48 17.67
N GLU A 173 -29.96 -55.10 18.20
CA GLU A 173 -31.23 -55.18 17.47
C GLU A 173 -31.95 -53.86 17.69
N GLU A 174 -32.02 -53.06 16.63
CA GLU A 174 -32.55 -51.71 16.79
C GLU A 174 -34.05 -51.74 16.99
N GLU A 175 -34.44 -51.71 18.26
CA GLU A 175 -35.78 -51.37 18.76
C GLU A 175 -36.83 -52.41 18.40
N HIS A 176 -36.38 -53.59 17.97
CA HIS A 176 -37.28 -54.72 17.78
C HIS A 176 -37.73 -55.22 19.14
N ASP A 177 -38.98 -54.90 19.52
CA ASP A 177 -39.65 -55.39 20.73
C ASP A 177 -38.90 -55.02 22.02
N CYS A 178 -38.69 -53.72 22.24
CA CYS A 178 -37.91 -53.28 23.40
C CYS A 178 -38.67 -52.18 24.14
N PHE A 179 -38.99 -52.45 25.41
CA PHE A 179 -39.54 -51.46 26.32
C PHE A 179 -38.41 -50.86 27.13
N LEU A 180 -38.75 -50.22 28.24
CA LEU A 180 -37.74 -49.68 29.16
C LEU A 180 -37.59 -50.49 30.44
N GLU A 181 -38.58 -51.33 30.77
CA GLU A 181 -38.57 -52.05 32.04
C GLU A 181 -37.42 -53.04 32.12
N GLU A 182 -37.13 -53.73 31.02
CA GLU A 182 -36.05 -54.71 31.01
C GLU A 182 -34.68 -54.05 31.03
N ILE A 183 -34.61 -52.79 30.59
CA ILE A 183 -33.32 -52.12 30.46
C ILE A 183 -32.96 -51.38 31.75
N MET A 184 -33.95 -50.78 32.41
CA MET A 184 -33.73 -49.91 33.55
C MET A 184 -33.23 -50.69 34.77
N THR A 185 -32.54 -49.98 35.65
CA THR A 185 -32.15 -50.50 36.95
C THR A 185 -33.31 -50.30 37.93
N LYS A 186 -33.76 -51.38 38.56
CA LYS A 186 -34.96 -51.31 39.37
C LYS A 186 -34.72 -50.58 40.69
N ARG A 187 -35.83 -50.25 41.37
CA ARG A 187 -35.82 -49.49 42.61
C ARG A 187 -35.15 -50.25 43.75
N GLU A 188 -35.14 -51.57 43.71
CA GLU A 188 -34.71 -52.38 44.85
C GLU A 188 -33.21 -52.24 45.12
N ASP A 189 -32.41 -52.01 44.08
CA ASP A 189 -30.97 -51.85 44.23
C ASP A 189 -30.48 -50.42 44.01
N LEU A 190 -31.38 -49.43 43.97
CA LEU A 190 -30.92 -48.06 43.89
C LEU A 190 -30.39 -47.58 45.24
N VAL A 191 -29.66 -46.47 45.20
CA VAL A 191 -29.31 -45.72 46.40
C VAL A 191 -30.05 -44.40 46.35
N VAL A 192 -30.87 -44.14 47.37
CA VAL A 192 -31.66 -42.92 47.44
C VAL A 192 -31.35 -42.22 48.75
N ALA A 193 -31.74 -40.95 48.81
CA ALA A 193 -31.57 -40.14 50.00
C ALA A 193 -32.92 -39.68 50.51
N PRO A 194 -33.13 -39.62 51.82
CA PRO A 194 -34.40 -39.14 52.35
C PRO A 194 -34.57 -37.65 52.13
N ALA A 195 -35.83 -37.25 51.99
CA ALA A 195 -36.14 -35.85 51.74
C ALA A 195 -36.00 -35.02 53.01
N GLY A 196 -35.98 -33.70 52.83
CA GLY A 196 -35.84 -32.77 53.92
C GLY A 196 -34.43 -32.42 54.29
N ILE A 197 -33.44 -33.18 53.84
CA ILE A 197 -32.06 -32.86 54.13
C ILE A 197 -31.60 -31.70 53.25
N THR A 198 -30.63 -30.94 53.73
CA THR A 198 -30.07 -29.91 52.88
C THR A 198 -29.04 -30.51 51.95
N LEU A 199 -28.47 -29.66 51.09
CA LEU A 199 -27.69 -30.15 49.95
C LEU A 199 -26.37 -30.77 50.38
N LYS A 200 -25.87 -30.40 51.56
CA LYS A 200 -24.58 -30.91 52.02
C LYS A 200 -24.63 -32.41 52.29
N GLU A 201 -25.65 -32.88 53.00
CA GLU A 201 -25.72 -34.31 53.30
C GLU A 201 -26.09 -35.12 52.06
N ALA A 202 -26.84 -34.53 51.13
CA ALA A 202 -27.12 -35.21 49.87
C ALA A 202 -25.84 -35.37 49.06
N ASN A 203 -24.99 -34.35 49.03
CA ASN A 203 -23.69 -34.49 48.38
C ASN A 203 -22.78 -35.45 49.12
N GLU A 204 -22.93 -35.57 50.44
CA GLU A 204 -22.17 -36.56 51.19
C GLU A 204 -22.58 -37.98 50.83
N ILE A 205 -23.89 -38.24 50.77
CA ILE A 205 -24.40 -39.55 50.35
C ILE A 205 -24.00 -39.84 48.90
N LEU A 206 -23.91 -38.81 48.07
CA LEU A 206 -23.44 -39.00 46.70
C LEU A 206 -21.95 -39.34 46.66
N GLN A 207 -21.15 -38.74 47.54
CA GLN A 207 -19.72 -39.02 47.53
C GLN A 207 -19.40 -40.41 48.09
N ARG A 208 -20.12 -40.84 49.13
CA ARG A 208 -19.85 -42.18 49.65
C ARG A 208 -20.42 -43.27 48.74
N SER A 209 -21.71 -43.17 48.39
CA SER A 209 -22.33 -44.10 47.45
C SER A 209 -21.90 -43.70 46.04
N LYS A 210 -20.87 -44.36 45.55
CA LYS A 210 -20.17 -43.96 44.33
C LYS A 210 -20.94 -44.46 43.11
N LYS A 211 -22.14 -43.90 42.91
CA LYS A 211 -23.04 -44.41 41.89
C LYS A 211 -23.64 -43.30 41.02
N GLY A 212 -23.02 -42.13 40.97
CA GLY A 212 -23.36 -41.14 39.96
C GLY A 212 -24.55 -40.26 40.26
N LYS A 213 -25.76 -40.76 40.06
CA LYS A 213 -26.93 -39.96 40.38
C LYS A 213 -27.70 -40.58 41.53
N LEU A 214 -28.34 -39.73 42.32
CA LEU A 214 -29.24 -40.30 43.31
C LEU A 214 -30.53 -39.52 43.35
N PRO A 215 -31.67 -40.18 43.23
CA PRO A 215 -32.95 -39.53 43.50
C PRO A 215 -33.12 -39.25 44.99
N ILE A 216 -34.04 -38.34 45.28
CA ILE A 216 -34.41 -38.01 46.64
C ILE A 216 -35.89 -38.31 46.81
N VAL A 217 -36.23 -39.15 47.78
CA VAL A 217 -37.60 -39.57 47.99
C VAL A 217 -38.02 -39.25 49.42
N ASN A 218 -39.31 -38.96 49.59
CA ASN A 218 -39.90 -38.74 50.90
C ASN A 218 -40.43 -40.05 51.48
N GLU A 219 -41.25 -39.94 52.53
CA GLU A 219 -41.77 -41.12 53.24
C GLU A 219 -42.84 -41.88 52.46
N ASP A 220 -43.25 -41.39 51.29
CA ASP A 220 -44.24 -42.05 50.45
C ASP A 220 -43.61 -42.65 49.20
N ASP A 221 -42.27 -42.62 49.12
CA ASP A 221 -41.47 -42.97 47.92
C ASP A 221 -41.93 -42.13 46.71
N GLU A 222 -42.09 -40.83 46.92
CA GLU A 222 -42.39 -39.90 45.83
C GLU A 222 -41.13 -39.10 45.48
N LEU A 223 -40.91 -38.93 44.18
CA LEU A 223 -39.71 -38.28 43.68
C LEU A 223 -39.83 -36.77 43.75
N VAL A 224 -38.82 -36.13 44.34
CA VAL A 224 -38.83 -34.67 44.47
C VAL A 224 -37.63 -34.03 43.78
N ALA A 225 -36.44 -34.63 43.88
CA ALA A 225 -35.23 -33.99 43.39
C ALA A 225 -34.18 -35.04 43.11
N ILE A 226 -33.25 -34.69 42.22
CA ILE A 226 -32.14 -35.55 41.83
C ILE A 226 -30.85 -34.73 41.89
N ILE A 227 -29.79 -35.38 42.36
CA ILE A 227 -28.44 -34.81 42.41
C ILE A 227 -27.63 -35.47 41.32
N ALA A 228 -26.99 -34.67 40.48
CA ALA A 228 -26.06 -35.24 39.52
C ALA A 228 -24.66 -35.23 40.09
N ARG A 229 -23.74 -35.95 39.43
CA ARG A 229 -22.37 -35.96 39.89
C ARG A 229 -21.46 -35.04 39.08
N THR A 230 -21.78 -34.80 37.81
CA THR A 230 -21.03 -33.85 37.00
C THR A 230 -21.16 -32.42 37.51
N ASP A 231 -22.25 -32.12 38.23
CA ASP A 231 -22.36 -30.93 39.06
C ASP A 231 -21.19 -30.78 40.02
N LEU A 232 -20.84 -31.84 40.75
CA LEU A 232 -19.79 -31.72 41.75
C LEU A 232 -18.41 -31.62 41.11
N LYS A 233 -18.24 -32.15 39.90
CA LYS A 233 -16.96 -32.03 39.23
C LYS A 233 -16.83 -30.66 38.54
N LYS A 234 -17.95 -30.08 38.12
CA LYS A 234 -17.94 -28.71 37.61
C LYS A 234 -17.79 -27.68 38.71
N ASN A 235 -18.19 -28.02 39.94
CA ASN A 235 -17.89 -27.17 41.09
C ASN A 235 -16.41 -27.16 41.42
N ARG A 236 -15.74 -28.31 41.29
CA ARG A 236 -14.32 -28.38 41.61
C ARG A 236 -13.48 -27.78 40.50
N ASP A 237 -13.88 -27.94 39.24
CA ASP A 237 -13.08 -27.44 38.13
C ASP A 237 -13.21 -25.93 37.95
N TYR A 238 -14.20 -25.29 38.57
CA TYR A 238 -14.39 -23.85 38.46
C TYR A 238 -14.70 -23.32 39.85
N PRO A 239 -13.67 -22.96 40.64
CA PRO A 239 -13.91 -22.58 42.04
C PRO A 239 -14.65 -21.27 42.21
N LEU A 240 -14.23 -20.23 41.49
CA LEU A 240 -14.98 -18.98 41.39
C LEU A 240 -15.94 -19.10 40.22
N ALA A 241 -17.25 -19.12 40.52
CA ALA A 241 -18.24 -19.42 39.50
C ALA A 241 -19.49 -18.58 39.56
N SER A 242 -19.62 -17.66 40.53
CA SER A 242 -20.69 -16.67 40.65
C SER A 242 -22.09 -17.26 40.56
N LYS A 243 -22.46 -18.11 41.51
CA LYS A 243 -23.71 -18.85 41.42
C LYS A 243 -24.76 -18.32 42.39
N ASP A 244 -26.00 -18.77 42.17
CA ASP A 244 -27.18 -18.34 42.91
C ASP A 244 -27.24 -19.08 44.25
N ALA A 245 -28.22 -18.73 45.09
CA ALA A 245 -28.42 -19.41 46.37
C ALA A 245 -28.93 -20.82 46.21
N LYS A 246 -29.50 -21.18 45.06
CA LYS A 246 -29.84 -22.56 44.74
C LYS A 246 -28.72 -23.28 44.02
N LYS A 247 -27.48 -22.75 44.09
CA LYS A 247 -26.27 -23.33 43.52
C LYS A 247 -26.38 -23.53 42.00
N GLN A 248 -26.95 -22.55 41.32
CA GLN A 248 -27.02 -22.54 39.87
C GLN A 248 -26.47 -21.23 39.35
N LEU A 249 -26.08 -21.22 38.08
CA LEU A 249 -25.34 -20.10 37.51
C LEU A 249 -26.21 -18.86 37.40
N LEU A 250 -25.62 -17.72 37.74
CA LEU A 250 -26.28 -16.44 37.53
C LEU A 250 -26.35 -16.11 36.06
N CYS A 251 -27.42 -15.43 35.67
CA CYS A 251 -27.56 -14.99 34.29
C CYS A 251 -28.34 -13.68 34.27
N GLY A 252 -28.01 -12.85 33.29
CA GLY A 252 -28.75 -11.63 33.03
C GLY A 252 -29.24 -11.61 31.60
N ALA A 253 -30.14 -10.67 31.33
CA ALA A 253 -30.71 -10.59 30.00
C ALA A 253 -31.25 -9.19 29.78
N ALA A 254 -31.00 -8.65 28.59
CA ALA A 254 -31.40 -7.30 28.28
C ALA A 254 -32.80 -7.28 27.71
N ILE A 255 -33.60 -6.29 28.12
CA ILE A 255 -34.91 -6.06 27.56
C ILE A 255 -34.95 -4.64 27.01
N GLY A 256 -36.02 -4.33 26.29
CA GLY A 256 -36.19 -3.04 25.69
C GLY A 256 -36.89 -2.06 26.61
N THR A 257 -37.52 -1.07 26.02
CA THR A 257 -38.17 -0.01 26.79
C THR A 257 -39.62 0.19 26.34
N HIS A 258 -39.99 -0.36 25.19
CA HIS A 258 -41.34 -0.26 24.66
C HIS A 258 -42.31 -1.09 25.51
N GLU A 259 -43.61 -0.79 25.36
CA GLU A 259 -44.68 -1.47 26.08
C GLU A 259 -44.79 -2.95 25.76
N ASP A 260 -44.30 -3.41 24.62
CA ASP A 260 -44.40 -4.81 24.23
C ASP A 260 -43.44 -5.69 25.04
N ASP A 261 -42.41 -5.09 25.62
CA ASP A 261 -41.35 -5.86 26.27
C ASP A 261 -41.67 -6.18 27.72
N LYS A 262 -42.83 -5.74 28.20
CA LYS A 262 -43.34 -6.20 29.50
C LYS A 262 -43.86 -7.63 29.45
N TYR A 263 -44.02 -8.20 28.26
CA TYR A 263 -44.27 -9.63 28.13
C TYR A 263 -42.97 -10.42 28.13
N ARG A 264 -41.94 -9.89 27.46
CA ARG A 264 -40.60 -10.48 27.50
C ARG A 264 -40.04 -10.45 28.91
N LEU A 265 -40.32 -9.38 29.65
CA LEU A 265 -39.89 -9.28 31.05
C LEU A 265 -40.52 -10.37 31.91
N ASP A 266 -41.82 -10.61 31.72
CA ASP A 266 -42.50 -11.62 32.50
C ASP A 266 -42.07 -13.03 32.14
N LEU A 267 -41.80 -13.29 30.85
CA LEU A 267 -41.25 -14.58 30.44
C LEU A 267 -39.84 -14.81 31.01
N LEU A 268 -39.01 -13.76 31.03
CA LEU A 268 -37.66 -13.90 31.56
C LEU A 268 -37.67 -14.03 33.08
N ALA A 269 -38.58 -13.35 33.75
CA ALA A 269 -38.68 -13.48 35.20
C ALA A 269 -39.26 -14.84 35.60
N GLN A 270 -40.13 -15.41 34.78
CA GLN A 270 -40.62 -16.76 35.03
C GLN A 270 -39.52 -17.79 34.75
N ALA A 271 -38.70 -17.54 33.73
CA ALA A 271 -37.60 -18.45 33.44
C ALA A 271 -36.47 -18.36 34.45
N GLY A 272 -36.36 -17.25 35.17
CA GLY A 272 -35.50 -17.21 36.34
C GLY A 272 -34.35 -16.23 36.30
N VAL A 273 -34.43 -15.18 35.48
CA VAL A 273 -33.32 -14.24 35.35
C VAL A 273 -33.19 -13.42 36.63
N ASP A 274 -31.97 -13.04 36.97
CA ASP A 274 -31.71 -12.37 38.24
C ASP A 274 -31.34 -10.90 38.07
N VAL A 275 -31.04 -10.46 36.86
CA VAL A 275 -30.73 -9.05 36.60
C VAL A 275 -31.12 -8.74 35.16
N VAL A 276 -31.68 -7.55 34.92
CA VAL A 276 -32.05 -7.13 33.57
C VAL A 276 -31.34 -5.83 33.23
N VAL A 277 -31.07 -5.65 31.94
CA VAL A 277 -30.39 -4.46 31.42
C VAL A 277 -31.36 -3.74 30.50
N LEU A 278 -31.76 -2.53 30.89
CA LEU A 278 -32.62 -1.72 30.04
C LEU A 278 -31.76 -1.13 28.94
N ASP A 279 -31.72 -1.80 27.79
CA ASP A 279 -30.79 -1.45 26.74
C ASP A 279 -31.31 -0.25 25.97
N SER A 280 -30.57 0.86 26.02
CA SER A 280 -30.90 2.06 25.28
C SER A 280 -29.62 2.84 25.04
N SER A 281 -29.64 3.67 24.00
CA SER A 281 -28.49 4.53 23.73
C SER A 281 -28.40 5.66 24.72
N GLN A 282 -29.53 6.20 25.15
CA GLN A 282 -29.57 7.19 26.23
C GLN A 282 -30.66 6.77 27.21
N GLY A 283 -30.30 6.66 28.48
CA GLY A 283 -31.19 6.11 29.46
C GLY A 283 -31.98 7.10 30.29
N ASN A 284 -32.02 8.37 29.88
CA ASN A 284 -32.77 9.37 30.63
C ASN A 284 -34.19 9.53 30.11
N SER A 285 -34.74 8.50 29.48
CA SER A 285 -36.08 8.60 28.95
C SER A 285 -37.10 8.58 30.08
N ILE A 286 -38.27 9.18 29.81
CA ILE A 286 -39.41 8.95 30.68
C ILE A 286 -39.89 7.52 30.53
N PHE A 287 -39.58 6.88 29.39
CA PHE A 287 -39.97 5.50 29.15
C PHE A 287 -39.19 4.56 30.07
N GLN A 288 -37.89 4.82 30.22
CA GLN A 288 -37.05 3.94 31.03
C GLN A 288 -37.25 4.21 32.52
N ILE A 289 -37.54 5.45 32.90
CA ILE A 289 -37.88 5.74 34.29
C ILE A 289 -39.23 5.11 34.64
N ASN A 290 -40.16 5.08 33.68
CA ASN A 290 -41.43 4.40 33.92
C ASN A 290 -41.25 2.89 34.03
N MET A 291 -40.33 2.30 33.26
CA MET A 291 -40.13 0.87 33.46
C MET A 291 -39.35 0.54 34.72
N ILE A 292 -38.46 1.43 35.19
CA ILE A 292 -37.82 1.19 36.48
C ILE A 292 -38.83 1.28 37.61
N LYS A 293 -39.77 2.23 37.52
CA LYS A 293 -40.85 2.24 38.50
C LYS A 293 -41.81 1.06 38.32
N TYR A 294 -41.89 0.48 37.12
CA TYR A 294 -42.77 -0.66 36.91
C TYR A 294 -42.17 -1.96 37.44
N ILE A 295 -40.87 -2.16 37.31
CA ILE A 295 -40.28 -3.43 37.71
C ILE A 295 -40.22 -3.56 39.22
N LYS A 296 -39.79 -2.51 39.91
CA LYS A 296 -39.52 -2.64 41.33
C LYS A 296 -40.73 -2.38 42.22
N ASP A 297 -41.95 -2.52 41.70
CA ASP A 297 -43.10 -2.72 42.58
C ASP A 297 -43.89 -3.95 42.19
N LYS A 298 -43.44 -4.71 41.19
CA LYS A 298 -43.97 -6.03 40.89
C LYS A 298 -42.95 -7.13 41.04
N TYR A 299 -41.68 -6.86 40.77
CA TYR A 299 -40.62 -7.86 40.87
C TYR A 299 -39.61 -7.35 41.89
N PRO A 300 -39.93 -7.46 43.19
CA PRO A 300 -39.10 -6.78 44.19
C PRO A 300 -37.76 -7.45 44.45
N ASN A 301 -37.57 -8.69 44.01
CA ASN A 301 -36.30 -9.37 44.14
C ASN A 301 -35.58 -9.51 42.79
N LEU A 302 -35.70 -8.49 41.95
CA LEU A 302 -35.09 -8.50 40.62
C LEU A 302 -34.26 -7.24 40.46
N GLN A 303 -32.99 -7.41 40.09
CA GLN A 303 -32.09 -6.30 39.92
C GLN A 303 -32.23 -5.71 38.53
N VAL A 304 -32.06 -4.39 38.43
CA VAL A 304 -32.19 -3.70 37.14
C VAL A 304 -30.91 -2.92 36.85
N ILE A 305 -30.61 -2.77 35.57
CA ILE A 305 -29.47 -1.98 35.11
C ILE A 305 -30.03 -0.87 34.22
N GLY A 306 -29.75 0.37 34.56
CA GLY A 306 -30.22 1.50 33.78
C GLY A 306 -29.09 2.08 32.97
N GLY A 307 -29.32 2.26 31.68
CA GLY A 307 -28.29 2.81 30.82
C GLY A 307 -28.88 3.20 29.48
N ASN A 308 -28.08 3.90 28.66
CA ASN A 308 -26.72 4.31 29.00
C ASN A 308 -26.67 5.72 29.57
N VAL A 309 -25.67 5.96 30.39
CA VAL A 309 -25.52 7.19 31.15
C VAL A 309 -24.08 7.68 31.00
N VAL A 310 -23.92 8.95 30.63
CA VAL A 310 -22.57 9.51 30.56
C VAL A 310 -22.39 10.70 31.49
N THR A 311 -23.39 11.57 31.62
CA THR A 311 -23.26 12.69 32.52
C THR A 311 -23.72 12.29 33.91
N ALA A 312 -23.50 13.17 34.88
CA ALA A 312 -24.05 12.99 36.21
C ALA A 312 -25.45 13.53 36.33
N ALA A 313 -25.98 14.16 35.28
CA ALA A 313 -27.34 14.68 35.30
C ALA A 313 -28.36 13.56 35.20
N GLN A 314 -28.17 12.63 34.26
CA GLN A 314 -29.13 11.53 34.16
C GLN A 314 -28.83 10.42 35.15
N ALA A 315 -27.66 10.46 35.78
CA ALA A 315 -27.35 9.54 36.87
C ALA A 315 -28.33 9.69 38.01
N LYS A 316 -28.69 10.92 38.37
CA LYS A 316 -29.64 11.09 39.48
C LYS A 316 -31.06 10.71 39.04
N ASN A 317 -31.43 10.99 37.80
CA ASN A 317 -32.78 10.63 37.33
C ASN A 317 -32.95 9.13 37.17
N LEU A 318 -31.86 8.37 37.08
CA LEU A 318 -32.06 6.93 37.15
C LEU A 318 -31.90 6.38 38.56
N ILE A 319 -31.04 6.98 39.39
CA ILE A 319 -30.83 6.43 40.73
C ILE A 319 -32.02 6.70 41.63
N ASP A 320 -32.56 7.93 41.64
CA ASP A 320 -33.66 8.19 42.56
C ASP A 320 -34.97 7.60 42.03
N ALA A 321 -35.00 7.20 40.76
CA ALA A 321 -36.09 6.37 40.26
C ALA A 321 -36.01 4.96 40.80
N GLY A 322 -34.85 4.55 41.29
CA GLY A 322 -34.72 3.30 42.01
C GLY A 322 -33.80 2.27 41.42
N VAL A 323 -32.96 2.65 40.44
CA VAL A 323 -32.18 1.65 39.71
C VAL A 323 -31.08 1.10 40.61
N ASP A 324 -30.55 -0.07 40.24
CA ASP A 324 -29.61 -0.79 41.09
C ASP A 324 -28.17 -0.66 40.66
N ALA A 325 -27.90 -0.49 39.36
CA ALA A 325 -26.55 -0.22 38.87
C ALA A 325 -26.66 0.45 37.51
N LEU A 326 -25.70 1.30 37.17
CA LEU A 326 -25.72 2.04 35.93
C LEU A 326 -24.81 1.39 34.89
N ARG A 327 -25.17 1.58 33.63
CA ARG A 327 -24.43 1.07 32.47
C ARG A 327 -23.90 2.31 31.76
N VAL A 328 -22.59 2.47 31.72
CA VAL A 328 -21.99 3.77 31.46
C VAL A 328 -21.24 3.79 30.14
N GLY A 329 -21.58 4.76 29.30
CA GLY A 329 -20.85 5.00 28.08
C GLY A 329 -21.69 4.92 26.83
N MET A 330 -21.90 6.06 26.19
CA MET A 330 -22.50 6.11 24.86
C MET A 330 -21.53 6.80 23.92
N GLY A 331 -21.64 6.48 22.64
CA GLY A 331 -20.80 7.07 21.62
C GLY A 331 -19.45 6.42 21.44
N SER A 332 -18.78 6.00 22.51
CA SER A 332 -17.43 5.43 22.39
C SER A 332 -17.45 3.91 22.34
N GLY A 333 -18.20 3.35 21.41
CA GLY A 333 -18.16 1.92 21.20
C GLY A 333 -17.21 1.57 20.08
N SER A 334 -16.85 0.29 19.95
CA SER A 334 -16.01 -0.12 18.82
C SER A 334 -16.79 -0.12 17.52
N ILE A 335 -18.11 -0.25 17.59
CA ILE A 335 -18.97 -0.30 16.43
C ILE A 335 -19.91 0.89 16.33
N CYS A 336 -19.97 1.74 17.34
CA CYS A 336 -20.98 2.79 17.39
C CYS A 336 -20.51 4.06 16.69
N ILE A 337 -21.38 4.60 15.83
CA ILE A 337 -21.17 5.85 15.14
C ILE A 337 -22.17 6.88 15.65
N THR A 338 -22.56 6.73 16.92
CA THR A 338 -23.58 7.60 17.52
C THR A 338 -23.11 9.05 17.61
N GLN A 339 -21.82 9.26 17.91
CA GLN A 339 -21.29 10.63 17.95
C GLN A 339 -21.11 11.20 16.55
N GLU A 340 -21.06 10.36 15.51
CA GLU A 340 -20.80 10.81 14.15
C GLU A 340 -22.07 10.89 13.32
N VAL A 341 -23.22 10.56 13.91
CA VAL A 341 -24.51 10.71 13.24
C VAL A 341 -25.37 11.61 14.11
N LEU A 342 -25.42 11.32 15.41
CA LEU A 342 -26.29 12.05 16.32
C LEU A 342 -25.57 13.07 17.18
N ALA A 343 -24.24 13.11 17.13
CA ALA A 343 -23.40 14.15 17.74
C ALA A 343 -23.59 14.26 19.26
N CYS A 344 -23.74 13.12 19.92
CA CYS A 344 -23.93 13.10 21.36
C CYS A 344 -23.00 12.07 21.98
N GLY A 345 -22.83 12.20 23.28
CA GLY A 345 -21.93 11.37 24.05
C GLY A 345 -20.90 12.22 24.79
N ARG A 346 -19.88 11.55 25.28
CA ARG A 346 -18.68 12.19 25.81
C ARG A 346 -17.57 11.15 25.78
N PRO A 347 -16.30 11.57 25.88
CA PRO A 347 -15.23 10.58 25.96
C PRO A 347 -15.36 9.69 27.20
N GLN A 348 -14.85 8.46 27.07
CA GLN A 348 -15.29 7.37 27.93
C GLN A 348 -14.74 7.52 29.35
N ALA A 349 -13.47 7.87 29.48
CA ALA A 349 -12.84 7.87 30.80
C ALA A 349 -13.33 9.01 31.68
N THR A 350 -13.73 10.14 31.09
CA THR A 350 -14.33 11.19 31.89
C THR A 350 -15.73 10.81 32.33
N ALA A 351 -16.46 10.11 31.46
CA ALA A 351 -17.79 9.61 31.79
C ALA A 351 -17.75 8.64 32.96
N VAL A 352 -16.85 7.65 32.89
CA VAL A 352 -16.73 6.62 33.91
C VAL A 352 -16.31 7.22 35.24
N TYR A 353 -15.47 8.26 35.21
CA TYR A 353 -15.12 8.90 36.48
C TYR A 353 -16.29 9.70 37.05
N LYS A 354 -16.95 10.52 36.23
CA LYS A 354 -17.90 11.46 36.80
C LYS A 354 -19.19 10.78 37.25
N VAL A 355 -19.69 9.82 36.49
CA VAL A 355 -20.92 9.17 36.94
C VAL A 355 -20.64 8.22 38.11
N SER A 356 -19.42 7.68 38.23
CA SER A 356 -19.14 6.84 39.38
C SER A 356 -18.88 7.68 40.61
N GLU A 357 -18.33 8.89 40.43
CA GLU A 357 -18.20 9.81 41.56
C GLU A 357 -19.56 10.29 42.01
N TYR A 358 -20.53 10.38 41.11
CA TYR A 358 -21.88 10.65 41.58
C TYR A 358 -22.52 9.45 42.23
N ALA A 359 -22.40 8.27 41.63
CA ALA A 359 -23.14 7.10 42.09
C ALA A 359 -22.50 6.44 43.30
N ARG A 360 -21.28 6.86 43.67
CA ARG A 360 -20.71 6.43 44.93
C ARG A 360 -21.46 7.02 46.11
N ARG A 361 -22.12 8.17 45.91
CA ARG A 361 -22.84 8.83 46.99
C ARG A 361 -24.07 8.03 47.41
N PHE A 362 -24.63 7.24 46.50
CA PHE A 362 -25.85 6.50 46.77
C PHE A 362 -25.62 5.00 46.85
N GLY A 363 -24.37 4.56 46.84
CA GLY A 363 -24.08 3.14 46.93
C GLY A 363 -24.47 2.35 45.70
N VAL A 364 -24.26 2.92 44.52
CA VAL A 364 -24.69 2.30 43.27
C VAL A 364 -23.47 2.03 42.41
N PRO A 365 -23.16 0.78 42.09
CA PRO A 365 -22.04 0.50 41.19
C PRO A 365 -22.36 0.91 39.77
N VAL A 366 -21.32 1.13 38.97
CA VAL A 366 -21.49 1.45 37.56
C VAL A 366 -20.76 0.42 36.72
N ILE A 367 -21.20 0.29 35.47
CA ILE A 367 -20.69 -0.72 34.55
C ILE A 367 -20.18 0.02 33.33
N ALA A 368 -18.86 0.06 33.16
CA ALA A 368 -18.28 0.73 32.01
C ALA A 368 -18.31 -0.17 30.80
N ASP A 369 -18.82 0.33 29.67
CA ASP A 369 -18.69 -0.40 28.42
C ASP A 369 -18.19 0.50 27.31
N GLY A 370 -17.69 -0.12 26.25
CA GLY A 370 -17.23 0.63 25.10
C GLY A 370 -15.81 1.11 25.25
N GLY A 371 -15.04 1.02 24.18
CA GLY A 371 -13.66 1.45 24.20
C GLY A 371 -12.70 0.49 24.84
N ILE A 372 -13.18 -0.66 25.31
CA ILE A 372 -12.31 -1.65 25.93
C ILE A 372 -11.62 -2.45 24.82
N GLN A 373 -10.30 -2.30 24.73
CA GLN A 373 -9.53 -2.92 23.66
C GLN A 373 -8.48 -3.90 24.14
N ASN A 374 -8.02 -3.79 25.38
CA ASN A 374 -6.94 -4.63 25.89
C ASN A 374 -7.07 -4.71 27.41
N VAL A 375 -6.03 -5.23 28.07
CA VAL A 375 -6.09 -5.41 29.50
C VAL A 375 -5.92 -4.08 30.24
N GLY A 376 -5.16 -3.14 29.67
CA GLY A 376 -4.91 -1.89 30.35
C GLY A 376 -6.13 -1.00 30.48
N HIS A 377 -7.03 -1.05 29.49
CA HIS A 377 -8.26 -0.27 29.56
C HIS A 377 -9.18 -0.79 30.65
N ILE A 378 -9.18 -2.10 30.91
CA ILE A 378 -9.99 -2.66 31.98
C ILE A 378 -9.48 -2.18 33.33
N ALA A 379 -8.16 -2.15 33.51
CA ALA A 379 -7.59 -1.70 34.77
C ALA A 379 -7.79 -0.20 34.97
N LYS A 380 -7.72 0.58 33.88
CA LYS A 380 -8.01 2.01 33.99
C LYS A 380 -9.47 2.26 34.34
N ALA A 381 -10.38 1.49 33.73
CA ALA A 381 -11.80 1.65 34.04
C ALA A 381 -12.11 1.26 35.47
N LEU A 382 -11.48 0.19 35.97
CA LEU A 382 -11.69 -0.20 37.35
C LEU A 382 -11.01 0.75 38.33
N ALA A 383 -9.98 1.47 37.91
CA ALA A 383 -9.35 2.44 38.79
C ALA A 383 -10.02 3.79 38.75
N LEU A 384 -10.86 4.07 37.75
CA LEU A 384 -11.57 5.34 37.74
C LEU A 384 -12.90 5.31 38.47
N GLY A 385 -13.35 4.15 38.92
CA GLY A 385 -14.56 4.11 39.71
C GLY A 385 -15.58 3.10 39.26
N ALA A 386 -15.34 2.46 38.13
CA ALA A 386 -16.26 1.42 37.70
C ALA A 386 -16.08 0.17 38.53
N SER A 387 -17.15 -0.59 38.67
CA SER A 387 -17.11 -1.82 39.43
C SER A 387 -16.94 -3.05 38.55
N THR A 388 -17.67 -3.14 37.45
CA THR A 388 -17.45 -4.18 36.46
C THR A 388 -17.22 -3.53 35.11
N VAL A 389 -16.57 -4.25 34.22
CA VAL A 389 -16.22 -3.73 32.90
C VAL A 389 -16.91 -4.59 31.86
N MET A 390 -17.81 -3.99 31.11
CA MET A 390 -18.60 -4.70 30.10
C MET A 390 -17.87 -4.67 28.76
N MET A 391 -17.54 -5.85 28.25
CA MET A 391 -16.71 -5.96 27.05
C MET A 391 -17.53 -6.40 25.85
N GLY A 392 -17.18 -5.84 24.70
CA GLY A 392 -17.85 -6.09 23.46
C GLY A 392 -16.97 -6.86 22.49
N SER A 393 -16.29 -6.14 21.60
CA SER A 393 -15.44 -6.75 20.59
C SER A 393 -14.26 -7.52 21.17
N LEU A 394 -13.85 -7.24 22.40
CA LEU A 394 -12.76 -8.01 22.98
C LEU A 394 -13.21 -9.42 23.34
N LEU A 395 -14.48 -9.59 23.71
CA LEU A 395 -15.04 -10.91 23.95
C LEU A 395 -15.76 -11.47 22.72
N ALA A 396 -15.77 -10.74 21.63
CA ALA A 396 -16.41 -11.25 20.42
C ALA A 396 -15.44 -12.16 19.68
N ALA A 397 -16.04 -13.03 18.86
CA ALA A 397 -15.32 -13.92 17.95
C ALA A 397 -14.37 -14.85 18.69
N THR A 398 -14.76 -15.32 19.86
CA THR A 398 -13.81 -16.15 20.58
C THR A 398 -14.06 -17.63 20.32
N THR A 399 -15.06 -18.22 20.97
CA THR A 399 -15.61 -19.49 20.52
C THR A 399 -17.11 -19.50 20.76
N GLU A 400 -17.52 -18.83 21.83
CA GLU A 400 -18.92 -18.81 22.25
C GLU A 400 -19.65 -17.60 21.70
N ALA A 401 -19.51 -17.37 20.42
CA ALA A 401 -20.30 -16.38 19.72
C ALA A 401 -21.21 -17.15 18.79
N PRO A 402 -22.35 -16.60 18.37
CA PRO A 402 -23.27 -17.37 17.51
C PRO A 402 -22.71 -17.75 16.14
N GLY A 403 -22.17 -16.80 15.39
CA GLY A 403 -21.77 -17.08 14.02
C GLY A 403 -20.52 -17.94 13.93
N GLU A 404 -20.33 -18.53 12.76
CA GLU A 404 -19.15 -19.37 12.54
C GLU A 404 -18.16 -18.55 11.73
N TYR A 405 -17.00 -19.11 11.41
CA TYR A 405 -15.86 -18.36 10.92
C TYR A 405 -15.86 -18.31 9.40
N PHE A 406 -15.07 -17.39 8.86
CA PHE A 406 -14.94 -17.19 7.42
C PHE A 406 -13.65 -16.43 7.16
N PHE A 407 -13.07 -16.68 5.98
CA PHE A 407 -11.74 -16.20 5.64
C PHE A 407 -11.86 -15.00 4.70
N SER A 408 -11.72 -13.80 5.25
CA SER A 408 -11.66 -12.57 4.46
C SER A 408 -10.21 -12.10 4.43
N ASP A 409 -9.68 -11.90 3.22
CA ASP A 409 -8.27 -11.57 2.97
C ASP A 409 -7.34 -12.63 3.56
N GLY A 410 -7.76 -13.89 3.47
CA GLY A 410 -7.00 -14.99 4.03
C GLY A 410 -6.88 -15.00 5.53
N ILE A 411 -7.82 -14.36 6.23
CA ILE A 411 -7.80 -14.24 7.69
C ILE A 411 -9.03 -14.89 8.28
N ARG A 412 -8.82 -15.81 9.22
CA ARG A 412 -9.91 -16.48 9.93
C ARG A 412 -10.50 -15.49 10.93
N LEU A 413 -11.73 -15.07 10.69
CA LEU A 413 -12.41 -14.10 11.54
C LEU A 413 -13.90 -14.39 11.51
N LYS A 414 -14.66 -13.66 12.33
CA LYS A 414 -16.07 -13.94 12.58
C LYS A 414 -16.83 -12.63 12.51
N LYS A 415 -18.12 -12.72 12.23
CA LYS A 415 -18.97 -11.54 12.13
C LYS A 415 -19.11 -10.86 13.49
N TYR A 416 -19.30 -9.53 13.45
CA TYR A 416 -19.50 -8.75 14.65
C TYR A 416 -20.23 -7.48 14.25
N ARG A 417 -21.50 -7.38 14.62
CA ARG A 417 -22.34 -6.27 14.21
C ARG A 417 -22.93 -5.59 15.43
N GLY A 418 -23.22 -4.32 15.28
CA GLY A 418 -23.83 -3.55 16.34
C GLY A 418 -25.32 -3.73 16.36
N MET A 419 -25.92 -3.39 17.50
CA MET A 419 -27.36 -3.57 17.67
C MET A 419 -28.18 -2.55 16.89
N GLY A 420 -27.57 -1.46 16.44
CA GLY A 420 -28.25 -0.46 15.65
C GLY A 420 -27.88 -0.39 14.20
N SER A 421 -27.08 -1.35 13.71
CA SER A 421 -26.78 -1.39 12.29
C SER A 421 -28.00 -1.87 11.51
N LEU A 422 -28.01 -1.57 10.22
CA LEU A 422 -29.18 -1.92 9.43
C LEU A 422 -29.21 -3.38 8.99
N ASP A 423 -28.20 -4.18 9.33
CA ASP A 423 -28.23 -5.60 9.06
C ASP A 423 -28.83 -6.39 10.21
N ALA A 424 -28.73 -5.88 11.44
CA ALA A 424 -29.28 -6.53 12.61
C ALA A 424 -30.76 -6.22 12.77
N MET A 425 -31.10 -4.94 12.83
CA MET A 425 -32.50 -4.56 12.97
C MET A 425 -33.16 -4.41 11.60
N ILE A 442 -38.17 5.70 7.76
CA ILE A 442 -36.75 6.04 7.69
C ILE A 442 -36.07 5.67 8.99
N LYS A 443 -35.18 4.69 8.93
CA LYS A 443 -34.54 4.11 10.10
C LYS A 443 -33.06 4.52 10.10
N VAL A 444 -32.62 5.18 11.18
CA VAL A 444 -31.28 5.74 11.25
C VAL A 444 -30.32 4.72 11.86
N ALA A 445 -29.15 4.55 11.24
CA ALA A 445 -28.14 3.61 11.72
C ALA A 445 -27.44 4.15 12.95
N GLN A 446 -27.45 3.38 14.03
CA GLN A 446 -26.75 3.72 15.26
C GLN A 446 -25.38 3.06 15.34
N GLY A 447 -25.04 2.22 14.37
CA GLY A 447 -23.76 1.53 14.42
C GLY A 447 -23.46 0.90 13.08
N VAL A 448 -22.31 0.22 13.03
CA VAL A 448 -21.85 -0.45 11.82
C VAL A 448 -21.81 -1.94 12.07
N SER A 449 -21.59 -2.69 10.99
CA SER A 449 -21.49 -4.14 11.03
C SER A 449 -20.19 -4.55 10.39
N GLY A 450 -19.45 -5.44 11.04
CA GLY A 450 -18.15 -5.80 10.53
C GLY A 450 -17.62 -7.14 10.99
N ALA A 451 -16.33 -7.21 11.29
CA ALA A 451 -15.68 -8.48 11.60
C ALA A 451 -14.48 -8.23 12.48
N VAL A 452 -14.08 -9.28 13.20
CA VAL A 452 -12.96 -9.23 14.14
C VAL A 452 -12.39 -10.64 14.24
N GLN A 453 -11.07 -10.73 14.46
CA GLN A 453 -10.33 -11.99 14.34
C GLN A 453 -10.66 -12.98 15.46
N ASP A 454 -10.17 -14.21 15.28
CA ASP A 454 -10.39 -15.28 16.24
C ASP A 454 -9.59 -15.02 17.51
N LYS A 455 -10.09 -15.54 18.63
CA LYS A 455 -9.40 -15.40 19.91
C LYS A 455 -9.38 -16.68 20.76
N GLY A 456 -9.85 -17.82 20.27
CA GLY A 456 -9.79 -19.03 21.06
C GLY A 456 -10.84 -19.08 22.15
N SER A 457 -10.83 -20.14 22.94
CA SER A 457 -11.84 -20.30 23.97
C SER A 457 -11.60 -19.33 25.12
N ILE A 458 -12.69 -18.87 25.74
CA ILE A 458 -12.53 -17.91 26.83
C ILE A 458 -12.30 -18.57 28.17
N HIS A 459 -12.25 -19.90 28.23
CA HIS A 459 -11.78 -20.53 29.45
C HIS A 459 -10.27 -20.39 29.61
N LYS A 460 -9.54 -20.05 28.54
CA LYS A 460 -8.16 -19.67 28.63
C LYS A 460 -7.90 -18.20 28.33
N PHE A 461 -8.93 -17.44 27.96
CA PHE A 461 -8.78 -16.02 27.66
C PHE A 461 -9.18 -15.13 28.82
N VAL A 462 -10.24 -15.49 29.54
CA VAL A 462 -10.66 -14.77 30.73
C VAL A 462 -9.65 -14.90 31.87
N PRO A 463 -9.03 -16.10 32.19
CA PRO A 463 -7.97 -16.09 33.22
C PRO A 463 -6.74 -15.27 32.88
N TYR A 464 -6.46 -15.09 31.58
CA TYR A 464 -5.41 -14.14 31.20
C TYR A 464 -5.79 -12.72 31.56
N LEU A 465 -7.04 -12.33 31.32
CA LEU A 465 -7.49 -11.00 31.72
C LEU A 465 -7.44 -10.83 33.22
N ILE A 466 -7.76 -11.91 33.97
CA ILE A 466 -7.67 -11.85 35.42
C ILE A 466 -6.24 -11.66 35.90
N ALA A 467 -5.29 -12.40 35.32
CA ALA A 467 -3.89 -12.24 35.70
C ALA A 467 -3.34 -10.88 35.31
N GLY A 468 -3.78 -10.32 34.18
CA GLY A 468 -3.40 -8.98 33.82
C GLY A 468 -3.96 -7.88 34.70
N ILE A 469 -5.23 -8.00 35.10
CA ILE A 469 -5.82 -7.05 36.05
C ILE A 469 -5.11 -7.11 37.38
N GLN A 470 -4.80 -8.32 37.86
CA GLN A 470 -4.15 -8.38 39.17
C GLN A 470 -2.68 -8.02 39.12
N HIS A 471 -1.99 -8.19 37.97
CA HIS A 471 -0.67 -7.60 37.82
C HIS A 471 -0.72 -6.08 37.82
N SER A 472 -1.75 -5.50 37.19
CA SER A 472 -1.92 -4.05 37.22
C SER A 472 -2.20 -3.54 38.63
N CYS A 473 -3.01 -4.29 39.38
CA CYS A 473 -3.28 -3.91 40.76
C CYS A 473 -2.05 -4.14 41.65
N GLN A 474 -1.14 -5.01 41.24
CA GLN A 474 0.13 -5.12 41.93
C GLN A 474 0.99 -3.89 41.68
N ASP A 475 1.07 -3.43 40.43
CA ASP A 475 1.90 -2.27 40.14
C ASP A 475 1.32 -0.98 40.72
N ILE A 476 -0.01 -0.87 40.78
CA ILE A 476 -0.62 0.24 41.51
C ILE A 476 -0.29 0.14 42.99
N GLY A 477 -0.35 -1.06 43.54
CA GLY A 477 0.05 -1.27 44.92
C GLY A 477 -1.11 -1.43 45.87
N ALA A 478 -2.14 -2.15 45.46
CA ALA A 478 -3.32 -2.36 46.27
C ALA A 478 -3.72 -3.83 46.28
N LYS A 479 -4.19 -4.30 47.44
CA LYS A 479 -4.52 -5.71 47.62
C LYS A 479 -5.81 -6.10 46.92
N SER A 480 -6.68 -5.15 46.61
CA SER A 480 -7.98 -5.46 46.04
C SER A 480 -8.46 -4.26 45.24
N LEU A 481 -9.56 -4.45 44.51
CA LEU A 481 -10.11 -3.36 43.71
C LEU A 481 -10.76 -2.30 44.59
N THR A 482 -11.30 -2.71 45.73
CA THR A 482 -11.83 -1.74 46.69
C THR A 482 -10.73 -0.84 47.22
N GLN A 483 -9.54 -1.40 47.42
CA GLN A 483 -8.41 -0.57 47.83
C GLN A 483 -7.95 0.34 46.70
N VAL A 484 -8.09 -0.10 45.43
CA VAL A 484 -7.74 0.76 44.29
C VAL A 484 -8.66 1.98 44.25
N ARG A 485 -9.97 1.75 44.37
CA ARG A 485 -10.89 2.88 44.34
C ARG A 485 -10.81 3.72 45.61
N ALA A 486 -10.46 3.13 46.75
CA ALA A 486 -10.26 3.92 47.96
C ALA A 486 -9.03 4.81 47.85
N MET A 487 -7.94 4.28 47.28
CA MET A 487 -6.77 5.09 46.99
C MET A 487 -7.04 6.15 45.94
N MET A 488 -7.97 5.91 45.02
CA MET A 488 -8.28 6.92 44.02
C MET A 488 -9.11 8.04 44.61
N TYR A 489 -10.16 7.72 45.37
CA TYR A 489 -10.98 8.77 45.94
C TYR A 489 -10.32 9.44 47.14
N SER A 490 -9.29 8.84 47.71
CA SER A 490 -8.61 9.43 48.86
C SER A 490 -7.58 10.47 48.44
N GLY A 491 -7.00 10.32 47.26
CA GLY A 491 -5.94 11.19 46.80
C GLY A 491 -4.57 10.53 46.79
N GLU A 492 -4.47 9.27 47.18
CA GLU A 492 -3.19 8.58 47.22
C GLU A 492 -2.79 8.05 45.84
N LEU A 493 -3.74 7.54 45.07
CA LEU A 493 -3.46 6.99 43.75
C LEU A 493 -3.50 8.13 42.75
N LYS A 494 -2.36 8.42 42.13
CA LYS A 494 -2.22 9.61 41.29
C LYS A 494 -2.01 9.27 39.82
N PHE A 495 -2.46 10.16 38.95
CA PHE A 495 -2.51 9.98 37.51
C PHE A 495 -1.58 10.99 36.84
N GLU A 496 -1.51 10.94 35.51
CA GLU A 496 -0.76 11.93 34.74
C GLU A 496 -1.24 11.90 33.30
N LYS A 497 -1.35 13.08 32.69
CA LYS A 497 -1.79 13.18 31.31
C LYS A 497 -0.73 12.68 30.35
N ARG A 498 -1.13 12.55 29.09
CA ARG A 498 -0.27 12.12 28.00
C ARG A 498 -0.60 12.94 26.76
N THR A 499 0.43 13.31 26.01
CA THR A 499 0.23 13.97 24.74
C THR A 499 0.11 12.94 23.63
N SER A 500 0.07 13.43 22.39
CA SER A 500 -0.05 12.54 21.24
C SER A 500 1.25 11.82 20.92
N SER A 501 2.37 12.31 21.46
CA SER A 501 3.67 11.69 21.16
C SER A 501 4.01 10.60 22.16
N ALA A 502 3.54 10.73 23.39
CA ALA A 502 3.72 9.66 24.37
C ALA A 502 2.93 8.42 24.00
N GLN A 503 1.82 8.59 23.27
CA GLN A 503 1.01 7.47 22.86
C GLN A 503 1.69 6.67 21.75
N VAL A 504 2.54 7.33 20.95
CA VAL A 504 3.30 6.62 19.93
C VAL A 504 4.41 5.78 20.56
N GLU A 505 5.17 6.36 21.50
CA GLU A 505 6.29 5.60 22.05
C GLU A 505 5.85 4.65 23.15
N GLY A 506 4.63 4.77 23.67
CA GLY A 506 4.19 3.87 24.71
C GLY A 506 3.94 2.47 24.19
N GLY A 507 3.25 2.35 23.06
CA GLY A 507 3.07 1.07 22.41
C GLY A 507 4.33 0.61 21.69
N VAL A 508 4.15 -0.34 20.79
CA VAL A 508 5.29 -0.88 20.07
C VAL A 508 5.73 0.09 18.99
N HIS A 509 7.02 0.41 18.97
CA HIS A 509 7.57 1.33 17.98
C HIS A 509 9.01 0.96 17.69
N SER A 510 9.51 1.51 16.58
CA SER A 510 10.90 1.37 16.12
C SER A 510 11.32 -0.08 15.94
N LEU A 511 10.40 -0.88 15.41
CA LEU A 511 10.67 -2.26 15.03
C LEU A 511 10.16 -2.46 13.61
N HIS A 512 10.92 -3.24 12.82
CA HIS A 512 10.46 -3.58 11.49
C HIS A 512 9.21 -4.45 11.54
N SER A 513 9.32 -5.63 12.13
CA SER A 513 8.18 -6.51 12.34
C SER A 513 8.15 -6.93 13.80
N TYR A 514 6.94 -7.12 14.34
CA TYR A 514 6.84 -7.58 15.71
C TYR A 514 5.67 -8.56 15.83
N GLU A 515 5.92 -9.69 16.48
CA GLU A 515 4.86 -10.64 16.83
C GLU A 515 4.45 -10.39 18.27
N LYS A 516 3.15 -10.30 18.50
CA LYS A 516 2.63 -9.80 19.76
C LYS A 516 1.76 -10.87 20.42
N ARG A 517 2.35 -11.64 21.32
CA ARG A 517 1.66 -12.71 22.01
C ARG A 517 1.23 -12.24 23.39
N LEU A 518 0.03 -12.61 23.80
CA LEU A 518 -0.50 -12.23 25.11
C LEU A 518 -0.55 -13.40 26.08
N PHE A 519 -1.27 -14.45 25.75
CA PHE A 519 -1.46 -15.58 26.66
C PHE A 519 -0.86 -16.85 26.06
N TYR B 17 22.08 41.92 29.62
CA TYR B 17 20.64 42.11 29.50
C TYR B 17 19.97 40.75 29.60
N VAL B 18 20.37 39.83 28.72
CA VAL B 18 19.91 38.44 28.62
C VAL B 18 18.38 38.38 28.57
N PRO B 19 17.77 38.61 27.41
CA PRO B 19 16.30 38.62 27.32
C PRO B 19 15.69 37.28 27.68
N ASP B 20 14.70 37.32 28.57
CA ASP B 20 14.02 36.12 29.02
C ASP B 20 13.16 35.56 27.89
N ASP B 21 13.55 34.39 27.38
CA ASP B 21 12.89 33.78 26.23
C ASP B 21 12.90 32.28 26.46
N GLY B 22 11.71 31.68 26.54
CA GLY B 22 11.58 30.26 26.74
C GLY B 22 11.23 29.93 28.18
N LEU B 23 10.92 28.66 28.39
CA LEU B 23 10.56 28.15 29.69
C LEU B 23 11.75 27.46 30.33
N THR B 24 11.92 27.61 31.64
CA THR B 24 12.94 26.85 32.33
C THR B 24 12.45 25.42 32.55
N ALA B 25 13.28 24.62 33.23
CA ALA B 25 12.93 23.21 33.36
C ALA B 25 11.83 22.99 34.38
N GLN B 26 11.84 23.73 35.48
CA GLN B 26 10.79 23.56 36.48
C GLN B 26 9.49 24.21 36.03
N GLN B 27 9.59 25.22 35.16
CA GLN B 27 8.39 25.81 34.58
C GLN B 27 7.78 24.94 33.50
N LEU B 28 8.53 23.97 32.97
CA LEU B 28 8.04 23.14 31.88
C LEU B 28 7.38 21.87 32.37
N PHE B 29 8.02 21.18 33.33
CA PHE B 29 7.58 19.87 33.77
C PHE B 29 6.74 19.93 35.04
N ASN B 30 6.21 21.09 35.38
CA ASN B 30 5.28 21.22 36.50
C ASN B 30 3.94 21.81 36.05
N CYS B 31 3.64 21.79 34.76
CA CYS B 31 2.31 22.14 34.31
C CYS B 31 1.29 21.05 34.61
N GLY B 32 1.75 19.84 34.92
CA GLY B 32 0.89 18.71 35.16
C GLY B 32 0.83 17.76 33.99
N ASP B 33 1.16 18.23 32.80
CA ASP B 33 1.15 17.40 31.61
C ASP B 33 2.41 16.53 31.55
N GLY B 34 2.25 15.35 30.98
CA GLY B 34 3.37 14.43 30.85
C GLY B 34 4.05 14.50 29.49
N LEU B 35 5.20 15.15 29.43
CA LEU B 35 5.92 15.32 28.18
C LEU B 35 6.88 14.16 27.95
N THR B 36 7.10 13.86 26.69
CA THR B 36 8.08 12.86 26.28
C THR B 36 9.22 13.56 25.55
N TYR B 37 10.12 12.76 24.97
CA TYR B 37 11.30 13.30 24.31
C TYR B 37 10.98 14.09 23.05
N ASN B 38 9.82 13.88 22.44
CA ASN B 38 9.47 14.57 21.22
C ASN B 38 8.60 15.81 21.44
N ASP B 39 8.20 16.07 22.67
CA ASP B 39 7.29 17.17 22.93
C ASP B 39 8.00 18.46 23.30
N PHE B 40 9.32 18.46 23.40
CA PHE B 40 10.04 19.69 23.70
C PHE B 40 11.36 19.64 22.97
N LEU B 41 12.05 20.78 22.94
CA LEU B 41 13.40 20.84 22.42
C LEU B 41 14.09 22.03 23.04
N ILE B 42 15.43 21.97 23.04
CA ILE B 42 16.26 22.84 23.85
C ILE B 42 16.64 24.08 23.05
N LEU B 43 16.46 25.25 23.65
CA LEU B 43 16.87 26.50 23.00
C LEU B 43 18.39 26.62 23.02
N PRO B 44 19.01 27.11 21.95
CA PRO B 44 20.46 27.22 21.93
C PRO B 44 20.96 28.41 22.74
N GLY B 45 22.27 28.42 22.96
CA GLY B 45 22.89 29.44 23.79
C GLY B 45 24.05 30.15 23.12
N TYR B 46 25.17 30.23 23.82
CA TYR B 46 26.34 30.98 23.37
C TYR B 46 27.50 30.03 23.16
N ILE B 47 28.14 30.14 22.01
CA ILE B 47 29.25 29.27 21.62
C ILE B 47 30.55 30.04 21.69
N ASP B 48 31.49 29.58 22.53
CA ASP B 48 32.83 30.14 22.52
C ASP B 48 33.90 29.06 22.61
N PHE B 49 33.64 27.91 22.02
CA PHE B 49 34.52 26.76 22.12
C PHE B 49 34.25 25.84 20.95
N THR B 50 35.28 25.11 20.54
CA THR B 50 35.10 24.14 19.48
C THR B 50 34.44 22.88 20.02
N ALA B 51 34.06 21.99 19.12
CA ALA B 51 33.24 20.83 19.49
C ALA B 51 34.01 19.78 20.25
N ASP B 52 35.31 19.64 20.02
CA ASP B 52 36.07 18.56 20.65
C ASP B 52 36.59 18.91 22.04
N GLN B 53 36.31 20.11 22.53
CA GLN B 53 36.66 20.45 23.91
C GLN B 53 35.58 20.03 24.90
N VAL B 54 34.54 19.34 24.45
CA VAL B 54 33.44 18.98 25.34
C VAL B 54 33.82 17.75 26.15
N ASP B 55 33.71 17.86 27.47
CA ASP B 55 34.05 16.79 28.41
C ASP B 55 32.78 16.01 28.70
N LEU B 56 32.71 14.77 28.24
CA LEU B 56 31.54 13.94 28.49
C LEU B 56 31.72 13.02 29.69
N THR B 57 32.51 13.43 30.68
CA THR B 57 32.70 12.62 31.88
C THR B 57 31.42 12.60 32.70
N SER B 58 30.88 11.42 32.92
CA SER B 58 29.63 11.26 33.65
C SER B 58 29.74 10.09 34.61
N ALA B 59 28.96 10.15 35.69
CA ALA B 59 29.02 9.16 36.74
C ALA B 59 27.94 8.10 36.55
N LEU B 60 28.33 6.84 36.63
CA LEU B 60 27.36 5.75 36.55
C LEU B 60 26.70 5.54 37.92
N THR B 61 27.49 5.13 38.91
CA THR B 61 27.03 5.05 40.28
C THR B 61 27.66 6.18 41.09
N LYS B 62 27.52 6.12 42.41
CA LYS B 62 28.19 7.07 43.29
C LYS B 62 29.72 6.97 43.22
N LYS B 63 30.27 5.81 42.87
CA LYS B 63 31.71 5.61 42.90
C LYS B 63 32.31 5.16 41.58
N ILE B 64 31.51 4.72 40.63
CA ILE B 64 31.99 4.39 39.29
C ILE B 64 31.83 5.63 38.41
N THR B 65 32.87 5.95 37.66
CA THR B 65 32.85 7.10 36.76
C THR B 65 33.25 6.65 35.38
N LEU B 66 32.35 6.80 34.41
CA LEU B 66 32.63 6.45 33.03
C LEU B 66 33.21 7.66 32.31
N LYS B 67 33.72 7.43 31.10
CA LYS B 67 34.17 8.52 30.25
C LYS B 67 33.13 8.93 29.22
N THR B 68 32.23 8.04 28.84
CA THR B 68 31.13 8.33 27.93
C THR B 68 29.80 8.01 28.61
N PRO B 69 28.78 8.83 28.41
CA PRO B 69 27.54 8.69 29.19
C PRO B 69 26.52 7.77 28.54
N LEU B 70 26.94 6.56 28.18
CA LEU B 70 26.00 5.66 27.54
C LEU B 70 26.38 4.21 27.82
N VAL B 71 25.39 3.44 28.27
CA VAL B 71 25.56 2.05 28.68
C VAL B 71 24.57 1.21 27.88
N SER B 72 24.74 -0.11 27.94
CA SER B 72 23.86 -1.02 27.20
C SER B 72 22.87 -1.71 28.15
N SER B 73 21.70 -2.05 27.63
CA SER B 73 20.59 -2.50 28.46
C SER B 73 20.59 -4.01 28.60
N PRO B 74 20.54 -4.54 29.83
CA PRO B 74 20.71 -5.98 30.03
C PRO B 74 19.57 -6.86 29.51
N MET B 75 19.52 -7.02 28.20
CA MET B 75 18.58 -7.91 27.53
C MET B 75 19.33 -9.05 26.87
N ASP B 76 18.63 -10.16 26.63
CA ASP B 76 19.31 -11.35 26.10
C ASP B 76 19.61 -11.26 24.62
N THR B 77 19.23 -10.18 23.96
CA THR B 77 19.51 -10.00 22.54
C THR B 77 20.28 -8.71 22.29
N VAL B 78 20.87 -8.13 23.33
CA VAL B 78 21.64 -6.89 23.20
C VAL B 78 23.05 -7.10 23.70
N THR B 79 23.21 -7.58 24.93
CA THR B 79 24.53 -7.56 25.56
C THR B 79 24.86 -8.84 26.32
N GLU B 80 25.56 -9.74 25.65
CA GLU B 80 26.47 -10.69 26.27
C GLU B 80 27.87 -10.08 26.24
N ALA B 81 28.93 -10.89 26.47
CA ALA B 81 30.26 -10.36 26.73
C ALA B 81 30.88 -9.64 25.53
N GLY B 82 30.40 -9.90 24.31
CA GLY B 82 30.91 -9.16 23.16
C GLY B 82 30.50 -7.69 23.21
N MET B 83 29.24 -7.42 23.52
CA MET B 83 28.81 -6.05 23.72
C MET B 83 29.41 -5.45 24.98
N ALA B 84 29.74 -6.28 25.98
CA ALA B 84 30.38 -5.76 27.18
C ALA B 84 31.78 -5.26 26.90
N ILE B 85 32.57 -6.05 26.16
CA ILE B 85 33.93 -5.60 25.83
C ILE B 85 33.89 -4.48 24.79
N ALA B 86 32.83 -4.44 23.97
CA ALA B 86 32.79 -3.40 22.95
C ALA B 86 32.25 -2.08 23.50
N MET B 87 31.42 -2.13 24.54
CA MET B 87 30.96 -0.91 25.18
C MET B 87 31.93 -0.42 26.24
N ALA B 88 32.73 -1.33 26.80
CA ALA B 88 33.73 -0.89 27.76
C ALA B 88 34.86 -0.15 27.08
N LEU B 89 35.35 -0.67 25.95
CA LEU B 89 36.50 -0.07 25.29
C LEU B 89 36.22 1.28 24.65
N THR B 90 34.96 1.58 24.33
CA THR B 90 34.62 2.87 23.74
C THR B 90 34.12 3.86 24.78
N GLY B 91 34.27 3.56 26.06
CA GLY B 91 33.96 4.52 27.10
C GLY B 91 32.92 4.10 28.11
N GLY B 92 31.84 3.47 27.66
CA GLY B 92 30.71 3.15 28.52
C GLY B 92 30.93 1.91 29.36
N ILE B 93 29.84 1.19 29.62
CA ILE B 93 29.90 -0.06 30.36
C ILE B 93 28.75 -0.91 29.80
N GLY B 94 28.78 -2.21 30.04
CA GLY B 94 27.72 -3.08 29.59
C GLY B 94 27.22 -3.98 30.68
N PHE B 95 25.91 -4.20 30.75
CA PHE B 95 25.33 -5.03 31.79
C PHE B 95 24.92 -6.37 31.21
N ILE B 96 25.45 -7.45 31.76
CA ILE B 96 25.19 -8.80 31.26
C ILE B 96 23.81 -9.22 31.73
N HIS B 97 23.01 -9.77 30.81
CA HIS B 97 21.64 -10.13 31.12
C HIS B 97 21.59 -11.39 31.99
N HIS B 98 20.40 -11.67 32.51
CA HIS B 98 20.19 -12.79 33.42
C HIS B 98 19.19 -13.80 32.87
N ASN B 99 19.05 -13.89 31.55
CA ASN B 99 18.17 -14.87 30.92
C ASN B 99 18.97 -16.12 30.56
N CYS B 100 19.63 -16.67 31.57
CA CYS B 100 20.52 -17.81 31.39
C CYS B 100 20.77 -18.44 32.77
N THR B 101 21.51 -19.54 32.77
CA THR B 101 21.97 -20.15 34.01
C THR B 101 23.00 -19.25 34.68
N PRO B 102 23.14 -19.32 36.02
CA PRO B 102 24.15 -18.50 36.68
C PRO B 102 25.58 -18.81 36.29
N GLU B 103 25.86 -20.05 35.90
CA GLU B 103 27.20 -20.40 35.43
C GLU B 103 27.53 -19.75 34.09
N PHE B 104 26.52 -19.62 33.21
CA PHE B 104 26.73 -18.97 31.92
C PHE B 104 27.06 -17.50 32.10
N GLN B 105 26.30 -16.80 32.95
CA GLN B 105 26.53 -15.38 33.19
C GLN B 105 27.84 -15.15 33.93
N ALA B 106 28.18 -16.05 34.86
CA ALA B 106 29.47 -15.98 35.51
C ALA B 106 30.62 -16.25 34.55
N ASN B 107 30.39 -17.04 33.50
CA ASN B 107 31.40 -17.18 32.46
C ASN B 107 31.50 -15.92 31.60
N GLU B 108 30.37 -15.27 31.31
CA GLU B 108 30.40 -14.08 30.46
C GLU B 108 31.11 -12.92 31.16
N VAL B 109 30.90 -12.77 32.46
CA VAL B 109 31.55 -11.68 33.18
C VAL B 109 33.04 -11.95 33.37
N ARG B 110 33.43 -13.23 33.44
CA ARG B 110 34.86 -13.53 33.40
C ARG B 110 35.44 -13.31 32.02
N LYS B 111 34.65 -13.54 30.97
CA LYS B 111 35.14 -13.37 29.61
C LYS B 111 35.38 -11.90 29.29
N VAL B 112 34.57 -11.01 29.86
CA VAL B 112 34.86 -9.58 29.68
C VAL B 112 35.99 -9.14 30.62
N LYS B 113 36.02 -9.61 31.87
CA LYS B 113 37.09 -9.12 32.72
C LYS B 113 38.43 -9.84 32.51
N LYS B 114 38.49 -10.84 31.64
CA LYS B 114 39.75 -11.41 31.19
C LYS B 114 39.96 -11.15 29.71
N TYR B 115 39.56 -9.96 29.25
CA TYR B 115 39.87 -9.51 27.91
C TYR B 115 41.06 -8.58 27.86
N GLU B 116 41.27 -7.82 28.93
CA GLU B 116 42.39 -6.90 29.02
C GLU B 116 42.82 -6.86 30.47
N GLN B 117 44.03 -7.34 30.75
CA GLN B 117 44.43 -7.65 32.11
C GLN B 117 45.87 -7.24 32.31
N GLY B 118 46.11 -6.38 33.30
CA GLY B 118 47.45 -5.88 33.56
C GLY B 118 48.37 -6.87 34.23
N PHE B 119 48.15 -7.16 35.50
CA PHE B 119 48.83 -8.27 36.18
C PHE B 119 47.95 -9.51 36.02
N ILE B 120 48.32 -10.39 35.09
CA ILE B 120 47.57 -11.63 34.91
C ILE B 120 47.93 -12.56 36.06
N THR B 121 47.08 -12.58 37.09
CA THR B 121 47.43 -13.26 38.34
C THR B 121 47.33 -14.78 38.19
N ASP B 122 46.30 -15.26 37.51
CA ASP B 122 46.11 -16.69 37.28
C ASP B 122 45.90 -16.96 35.80
N PRO B 123 46.98 -17.08 35.02
CA PRO B 123 46.87 -17.52 33.64
C PRO B 123 46.87 -19.03 33.55
N VAL B 124 46.76 -19.51 32.31
CA VAL B 124 46.95 -20.94 32.07
C VAL B 124 48.44 -21.27 32.11
N VAL B 125 48.76 -22.37 32.77
CA VAL B 125 50.13 -22.89 32.82
C VAL B 125 50.07 -24.38 32.52
N LEU B 126 51.13 -24.90 31.94
CA LEU B 126 51.23 -26.32 31.64
C LEU B 126 52.54 -26.87 32.20
N SER B 127 52.65 -28.19 32.15
CA SER B 127 53.80 -28.94 32.63
C SER B 127 54.64 -29.33 31.42
N PRO B 128 55.94 -29.61 31.60
CA PRO B 128 56.74 -30.10 30.46
C PRO B 128 56.41 -31.51 30.04
N LYS B 129 55.62 -32.25 30.82
CA LYS B 129 55.33 -33.65 30.53
C LYS B 129 54.18 -33.84 29.55
N ASP B 130 53.55 -32.76 29.11
CA ASP B 130 52.34 -32.89 28.30
C ASP B 130 52.67 -33.13 26.83
N ARG B 131 51.64 -33.06 26.00
CA ARG B 131 51.80 -33.06 24.56
C ARG B 131 51.26 -31.72 24.05
N VAL B 132 51.50 -31.44 22.77
CA VAL B 132 51.04 -30.20 22.15
C VAL B 132 49.52 -30.21 21.95
N ARG B 133 48.89 -31.38 22.01
CA ARG B 133 47.42 -31.46 21.92
C ARG B 133 46.74 -30.75 23.09
N ASP B 134 47.39 -30.72 24.25
CA ASP B 134 46.89 -29.91 25.35
C ASP B 134 47.00 -28.41 25.05
N VAL B 135 48.02 -28.02 24.27
CA VAL B 135 48.19 -26.60 23.94
C VAL B 135 47.16 -26.14 22.93
N PHE B 136 46.91 -26.93 21.88
CA PHE B 136 45.82 -26.61 20.96
C PHE B 136 44.46 -26.77 21.62
N GLU B 137 44.35 -27.63 22.63
CA GLU B 137 43.16 -27.66 23.47
C GLU B 137 42.97 -26.35 24.23
N ALA B 138 44.05 -25.75 24.73
CA ALA B 138 43.97 -24.45 25.37
C ALA B 138 43.64 -23.34 24.37
N LYS B 139 44.15 -23.46 23.14
CA LYS B 139 43.92 -22.42 22.14
C LYS B 139 42.49 -22.45 21.62
N ALA B 140 41.95 -23.65 21.39
CA ALA B 140 40.56 -23.79 20.95
C ALA B 140 39.55 -23.40 22.02
N ARG B 141 39.98 -23.26 23.27
CA ARG B 141 39.10 -22.93 24.39
C ARG B 141 39.23 -21.48 24.83
N HIS B 142 40.43 -20.91 24.83
CA HIS B 142 40.61 -19.56 25.32
C HIS B 142 40.94 -18.56 24.22
N GLY B 143 41.66 -18.97 23.19
CA GLY B 143 41.89 -18.13 22.04
C GLY B 143 43.25 -17.49 21.95
N PHE B 144 44.21 -17.91 22.77
CA PHE B 144 45.56 -17.37 22.72
C PHE B 144 46.55 -18.50 22.89
N CYS B 145 47.81 -18.21 22.54
CA CYS B 145 48.87 -19.19 22.58
C CYS B 145 49.97 -18.89 23.58
N GLY B 146 49.91 -17.75 24.27
CA GLY B 146 50.91 -17.49 25.29
C GLY B 146 50.65 -18.27 26.56
N ILE B 147 51.47 -19.29 26.84
CA ILE B 147 51.36 -20.09 28.05
C ILE B 147 52.74 -20.17 28.69
N PRO B 148 52.91 -19.68 29.92
CA PRO B 148 54.16 -19.99 30.64
C PRO B 148 54.15 -21.42 31.12
N ILE B 149 55.33 -22.06 31.04
CA ILE B 149 55.48 -23.46 31.41
C ILE B 149 56.07 -23.52 32.81
N THR B 150 55.40 -24.26 33.69
CA THR B 150 55.91 -24.51 35.03
C THR B 150 56.12 -26.01 35.22
N ASP B 151 57.06 -26.37 36.07
CA ASP B 151 57.46 -27.77 36.18
C ASP B 151 56.43 -28.66 36.88
N THR B 152 55.43 -28.08 37.52
CA THR B 152 54.35 -28.87 38.11
C THR B 152 53.05 -28.72 37.36
N GLY B 153 52.65 -27.50 37.04
CA GLY B 153 51.41 -27.26 36.32
C GLY B 153 50.48 -26.31 37.04
N ARG B 154 51.02 -25.58 38.01
CA ARG B 154 50.25 -24.61 38.79
C ARG B 154 51.06 -23.33 38.87
N MET B 155 50.45 -22.31 39.48
CA MET B 155 51.15 -21.03 39.61
C MET B 155 52.23 -21.06 40.69
N GLY B 156 52.00 -21.80 41.76
CA GLY B 156 53.00 -21.91 42.80
C GLY B 156 54.07 -22.92 42.42
N SER B 157 54.97 -22.54 41.52
CA SER B 157 55.90 -23.49 40.93
C SER B 157 57.10 -22.72 40.39
N ARG B 158 58.01 -23.43 39.74
CA ARG B 158 59.21 -22.85 39.18
C ARG B 158 58.98 -22.47 37.71
N LEU B 159 59.42 -21.27 37.34
CA LEU B 159 59.44 -20.86 35.95
C LEU B 159 60.58 -21.57 35.22
N VAL B 160 60.24 -22.26 34.13
CA VAL B 160 61.24 -23.01 33.39
C VAL B 160 61.27 -22.51 31.95
N GLY B 161 60.20 -21.84 31.53
CA GLY B 161 60.22 -21.25 30.21
C GLY B 161 58.87 -20.76 29.75
N ILE B 162 58.81 -20.44 28.46
CA ILE B 162 57.64 -19.80 27.85
C ILE B 162 57.36 -20.57 26.56
N ILE B 163 56.15 -20.44 26.04
CA ILE B 163 55.85 -20.94 24.70
C ILE B 163 54.80 -20.00 24.10
N SER B 164 54.90 -19.76 22.80
CA SER B 164 54.08 -18.75 22.14
C SER B 164 53.52 -19.34 20.85
N SER B 165 52.95 -18.47 20.02
CA SER B 165 52.32 -18.92 18.78
C SER B 165 53.34 -19.36 17.77
N ARG B 166 54.39 -18.57 17.56
CA ARG B 166 55.32 -18.94 16.51
C ARG B 166 56.28 -20.05 16.91
N ASP B 167 56.13 -20.66 18.08
CA ASP B 167 56.78 -21.93 18.38
C ASP B 167 56.02 -23.11 17.83
N ILE B 168 54.72 -22.94 17.55
CA ILE B 168 53.80 -24.05 17.35
C ILE B 168 53.14 -24.02 15.97
N ASP B 169 53.01 -22.85 15.35
CA ASP B 169 52.16 -22.61 14.18
C ASP B 169 52.47 -23.49 12.98
N PHE B 170 53.75 -23.67 12.66
CA PHE B 170 54.12 -24.41 11.46
C PHE B 170 54.88 -25.68 11.86
N LEU B 171 54.13 -26.74 12.09
CA LEU B 171 54.68 -28.07 12.34
C LEU B 171 54.24 -29.01 11.24
N LYS B 172 55.07 -30.02 10.96
CA LYS B 172 54.88 -30.87 9.78
C LYS B 172 54.50 -32.30 10.15
N GLU B 173 55.29 -32.97 10.98
CA GLU B 173 54.94 -34.31 11.46
C GLU B 173 53.97 -34.11 12.62
N GLU B 174 52.70 -34.45 12.38
CA GLU B 174 51.68 -34.15 13.37
C GLU B 174 51.81 -35.07 14.57
N GLU B 175 52.50 -34.56 15.59
CA GLU B 175 52.49 -35.05 16.97
C GLU B 175 53.13 -36.42 17.13
N HIS B 176 53.86 -36.87 16.11
CA HIS B 176 54.66 -38.08 16.23
C HIS B 176 55.85 -37.79 17.13
N ASP B 177 55.78 -38.28 18.38
CA ASP B 177 56.88 -38.22 19.36
C ASP B 177 57.31 -36.79 19.69
N CYS B 178 56.38 -35.95 20.16
CA CYS B 178 56.68 -34.55 20.41
C CYS B 178 56.20 -34.17 21.81
N PHE B 179 57.13 -33.76 22.67
CA PHE B 179 56.85 -33.17 23.96
C PHE B 179 56.82 -31.65 23.83
N LEU B 180 56.92 -30.95 24.95
CA LEU B 180 57.02 -29.49 24.94
C LEU B 180 58.41 -28.97 25.24
N GLU B 181 59.28 -29.80 25.83
CA GLU B 181 60.60 -29.35 26.28
C GLU B 181 61.47 -28.94 25.10
N GLU B 182 61.40 -29.68 23.99
CA GLU B 182 62.23 -29.36 22.83
C GLU B 182 61.71 -28.14 22.09
N ILE B 183 60.42 -27.82 22.27
CA ILE B 183 59.81 -26.72 21.52
C ILE B 183 59.95 -25.40 22.27
N MET B 184 59.82 -25.43 23.59
CA MET B 184 59.76 -24.23 24.42
C MET B 184 61.10 -23.50 24.45
N THR B 185 61.03 -22.20 24.72
CA THR B 185 62.21 -21.39 24.97
C THR B 185 62.58 -21.51 26.44
N LYS B 186 63.83 -21.89 26.71
CA LYS B 186 64.21 -22.21 28.08
C LYS B 186 64.37 -20.95 28.93
N ARG B 187 64.48 -21.17 30.24
CA ARG B 187 64.56 -20.11 31.23
C ARG B 187 65.84 -19.28 31.10
N GLU B 188 66.91 -19.87 30.56
CA GLU B 188 68.23 -19.23 30.58
C GLU B 188 68.29 -17.99 29.71
N ASP B 189 67.51 -17.96 28.62
CA ASP B 189 67.48 -16.82 27.71
C ASP B 189 66.19 -16.01 27.79
N LEU B 190 65.35 -16.23 28.79
CA LEU B 190 64.17 -15.38 28.94
C LEU B 190 64.56 -14.02 29.50
N VAL B 191 63.64 -13.07 29.38
CA VAL B 191 63.71 -11.81 30.08
C VAL B 191 62.59 -11.78 31.11
N VAL B 192 62.95 -11.63 32.38
CA VAL B 192 61.97 -11.62 33.46
C VAL B 192 62.14 -10.33 34.25
N ALA B 193 61.14 -10.02 35.06
CA ALA B 193 61.16 -8.86 35.92
C ALA B 193 61.06 -9.28 37.37
N PRO B 194 61.75 -8.62 38.28
CA PRO B 194 61.65 -8.97 39.70
C PRO B 194 60.29 -8.59 40.27
N ALA B 195 59.87 -9.36 41.26
CA ALA B 195 58.57 -9.14 41.87
C ALA B 195 58.63 -7.94 42.81
N GLY B 196 57.43 -7.47 43.20
CA GLY B 196 57.30 -6.33 44.08
C GLY B 196 57.23 -4.99 43.39
N ILE B 197 57.62 -4.91 42.12
CA ILE B 197 57.53 -3.66 41.40
C ILE B 197 56.08 -3.39 41.02
N THR B 198 55.75 -2.11 40.88
CA THR B 198 54.42 -1.79 40.39
C THR B 198 54.40 -1.90 38.87
N LEU B 199 53.20 -1.66 38.30
CA LEU B 199 52.97 -2.01 36.90
C LEU B 199 53.73 -1.11 35.94
N LYS B 200 54.12 0.09 36.38
CA LYS B 200 54.80 1.03 35.50
C LYS B 200 56.19 0.53 35.12
N GLU B 201 56.98 0.05 36.08
CA GLU B 201 58.32 -0.43 35.75
C GLU B 201 58.27 -1.76 35.01
N ALA B 202 57.25 -2.58 35.26
CA ALA B 202 57.09 -3.80 34.48
C ALA B 202 56.77 -3.48 33.03
N ASN B 203 55.92 -2.48 32.79
CA ASN B 203 55.68 -2.04 31.42
C ASN B 203 56.91 -1.38 30.81
N GLU B 204 57.75 -0.75 31.63
CA GLU B 204 59.00 -0.20 31.10
C GLU B 204 59.96 -1.30 30.66
N ILE B 205 60.12 -2.35 31.48
CA ILE B 205 60.95 -3.50 31.11
C ILE B 205 60.37 -4.21 29.89
N LEU B 206 59.05 -4.20 29.74
CA LEU B 206 58.43 -4.77 28.55
C LEU B 206 58.70 -3.91 27.32
N GLN B 207 58.71 -2.58 27.46
CA GLN B 207 58.96 -1.73 26.31
C GLN B 207 60.41 -1.77 25.87
N ARG B 208 61.37 -1.84 26.80
CA ARG B 208 62.77 -1.91 26.39
C ARG B 208 63.12 -3.31 25.87
N SER B 209 62.83 -4.34 26.65
CA SER B 209 63.06 -5.72 26.20
C SER B 209 61.93 -6.10 25.26
N LYS B 210 62.20 -5.96 23.97
CA LYS B 210 61.18 -6.04 22.92
C LYS B 210 60.89 -7.50 22.61
N LYS B 211 60.30 -8.20 23.58
CA LYS B 211 60.11 -9.65 23.47
C LYS B 211 58.71 -10.10 23.83
N GLY B 212 57.73 -9.20 23.80
CA GLY B 212 56.34 -9.62 23.86
C GLY B 212 55.77 -9.89 25.23
N LYS B 213 56.05 -11.04 25.82
CA LYS B 213 55.57 -11.33 27.15
C LYS B 213 56.73 -11.43 28.13
N LEU B 214 56.47 -11.04 29.36
CA LEU B 214 57.49 -11.29 30.36
C LEU B 214 56.86 -11.83 31.63
N PRO B 215 57.33 -12.97 32.13
CA PRO B 215 56.93 -13.40 33.47
C PRO B 215 57.55 -12.52 34.54
N ILE B 216 56.96 -12.59 35.72
CA ILE B 216 57.46 -11.89 36.91
C ILE B 216 57.78 -12.94 37.95
N VAL B 217 59.02 -12.94 38.43
CA VAL B 217 59.46 -13.93 39.40
C VAL B 217 60.02 -13.24 40.63
N ASN B 218 59.87 -13.90 41.77
CA ASN B 218 60.42 -13.43 43.03
C ASN B 218 61.83 -14.00 43.25
N GLU B 219 62.33 -13.90 44.47
CA GLU B 219 63.68 -14.32 44.82
C GLU B 219 63.87 -15.84 44.85
N ASP B 220 62.79 -16.61 44.67
CA ASP B 220 62.84 -18.06 44.67
C ASP B 220 62.62 -18.63 43.27
N ASP B 221 62.58 -17.75 42.26
CA ASP B 221 62.18 -18.06 40.88
C ASP B 221 60.80 -18.74 40.83
N GLU B 222 59.85 -18.17 41.57
CA GLU B 222 58.46 -18.62 41.53
C GLU B 222 57.62 -17.65 40.73
N LEU B 223 56.73 -18.19 39.90
CA LEU B 223 55.93 -17.40 38.98
C LEU B 223 54.73 -16.80 39.69
N VAL B 224 54.55 -15.48 39.53
CA VAL B 224 53.44 -14.80 40.18
C VAL B 224 52.52 -14.11 39.16
N ALA B 225 53.09 -13.50 38.12
CA ALA B 225 52.30 -12.69 37.21
C ALA B 225 53.01 -12.57 35.88
N ILE B 226 52.22 -12.31 34.83
CA ILE B 226 52.72 -12.16 33.46
C ILE B 226 52.10 -10.90 32.87
N ILE B 227 52.90 -10.16 32.11
CA ILE B 227 52.48 -8.96 31.39
C ILE B 227 52.41 -9.34 29.92
N ALA B 228 51.28 -9.08 29.28
CA ALA B 228 51.20 -9.25 27.84
C ALA B 228 51.55 -7.94 27.14
N ARG B 229 51.76 -8.01 25.83
CA ARG B 229 52.05 -6.80 25.07
C ARG B 229 50.84 -6.27 24.33
N THR B 230 49.92 -7.15 23.92
CA THR B 230 48.69 -6.70 23.28
C THR B 230 47.81 -5.88 24.22
N ASP B 231 47.95 -6.08 25.53
CA ASP B 231 47.46 -5.17 26.54
C ASP B 231 47.88 -3.73 26.29
N LEU B 232 49.18 -3.51 26.04
CA LEU B 232 49.66 -2.14 25.88
C LEU B 232 49.23 -1.53 24.55
N LYS B 233 48.97 -2.36 23.54
CA LYS B 233 48.51 -1.83 22.28
C LYS B 233 47.00 -1.58 22.32
N LYS B 234 46.26 -2.34 23.12
CA LYS B 234 44.85 -2.06 23.35
C LYS B 234 44.64 -0.87 24.26
N ASN B 235 45.60 -0.56 25.12
CA ASN B 235 45.57 0.69 25.87
C ASN B 235 45.77 1.90 24.98
N ARG B 236 46.65 1.80 23.99
CA ARG B 236 46.90 2.93 23.10
C ARG B 236 45.78 3.11 22.09
N ASP B 237 45.19 2.01 21.61
CA ASP B 237 44.16 2.11 20.59
C ASP B 237 42.81 2.56 21.16
N TYR B 238 42.63 2.52 22.48
CA TYR B 238 41.39 2.93 23.12
C TYR B 238 41.75 3.76 24.33
N PRO B 239 41.91 5.09 24.17
CA PRO B 239 42.39 5.92 25.27
C PRO B 239 41.39 6.06 26.42
N LEU B 240 40.15 6.37 26.10
CA LEU B 240 39.05 6.33 27.07
C LEU B 240 38.48 4.91 27.07
N ALA B 241 38.65 4.20 28.18
CA ALA B 241 38.29 2.79 28.20
C ALA B 241 37.63 2.31 29.48
N SER B 242 37.43 3.19 30.47
CA SER B 242 36.67 2.95 31.70
C SER B 242 37.08 1.69 32.45
N LYS B 243 38.33 1.64 32.93
CA LYS B 243 38.86 0.42 33.50
C LYS B 243 38.97 0.51 35.02
N ASP B 244 39.21 -0.67 35.63
CA ASP B 244 39.26 -0.85 37.07
C ASP B 244 40.63 -0.42 37.59
N ALA B 245 40.80 -0.43 38.92
CA ALA B 245 42.10 -0.10 39.53
C ALA B 245 43.16 -1.14 39.26
N LYS B 246 42.79 -2.36 38.88
CA LYS B 246 43.74 -3.37 38.43
C LYS B 246 43.93 -3.33 36.92
N LYS B 247 43.55 -2.23 36.27
CA LYS B 247 43.71 -1.97 34.83
C LYS B 247 43.01 -3.03 33.98
N GLN B 248 41.81 -3.42 34.39
CA GLN B 248 40.98 -4.33 33.62
C GLN B 248 39.61 -3.70 33.43
N LEU B 249 38.88 -4.19 32.42
CA LEU B 249 37.65 -3.55 31.99
C LEU B 249 36.55 -3.68 33.04
N LEU B 250 35.81 -2.59 33.25
CA LEU B 250 34.64 -2.63 34.10
C LEU B 250 33.53 -3.41 33.43
N CYS B 251 32.73 -4.09 34.26
CA CYS B 251 31.58 -4.82 33.75
C CYS B 251 30.49 -4.81 34.81
N GLY B 252 29.25 -4.82 34.33
CA GLY B 252 28.10 -4.96 35.20
C GLY B 252 27.26 -6.14 34.76
N ALA B 253 26.32 -6.52 35.62
CA ALA B 253 25.49 -7.67 35.31
C ALA B 253 24.21 -7.58 36.12
N ALA B 254 23.10 -7.88 35.47
CA ALA B 254 21.79 -7.77 36.10
C ALA B 254 21.44 -9.06 36.81
N ILE B 255 20.86 -8.94 38.00
CA ILE B 255 20.34 -10.08 38.74
C ILE B 255 18.86 -9.83 38.99
N GLY B 256 18.17 -10.86 39.48
CA GLY B 256 16.77 -10.79 39.77
C GLY B 256 16.49 -10.30 41.17
N THR B 257 15.33 -10.66 41.68
CA THR B 257 14.89 -10.21 42.99
C THR B 257 14.45 -11.38 43.87
N HIS B 258 14.24 -12.56 43.28
CA HIS B 258 13.84 -13.75 44.00
C HIS B 258 15.00 -14.26 44.87
N GLU B 259 14.65 -15.10 45.86
CA GLU B 259 15.61 -15.71 46.78
C GLU B 259 16.65 -16.60 46.11
N ASP B 260 16.37 -17.13 44.92
CA ASP B 260 17.30 -18.01 44.25
C ASP B 260 18.49 -17.25 43.67
N ASP B 261 18.34 -15.94 43.47
CA ASP B 261 19.36 -15.17 42.77
C ASP B 261 20.45 -14.65 43.71
N LYS B 262 20.35 -14.99 45.00
CA LYS B 262 21.46 -14.75 45.92
C LYS B 262 22.60 -15.74 45.72
N TYR B 263 22.39 -16.79 44.95
CA TYR B 263 23.48 -17.64 44.51
C TYR B 263 24.15 -17.09 43.25
N ARG B 264 23.34 -16.57 42.33
CA ARG B 264 23.86 -15.87 41.15
C ARG B 264 24.65 -14.64 41.55
N LEU B 265 24.19 -13.94 42.58
CA LEU B 265 24.91 -12.77 43.10
C LEU B 265 26.28 -13.16 43.63
N ASP B 266 26.36 -14.26 44.37
CA ASP B 266 27.64 -14.68 44.94
C ASP B 266 28.59 -15.20 43.86
N LEU B 267 28.07 -15.89 42.84
CA LEU B 267 28.90 -16.29 41.71
C LEU B 267 29.43 -15.10 40.92
N LEU B 268 28.59 -14.08 40.73
CA LEU B 268 29.01 -12.89 39.99
C LEU B 268 29.99 -12.05 40.80
N ALA B 269 29.81 -11.99 42.12
CA ALA B 269 30.75 -11.25 42.95
C ALA B 269 32.08 -11.99 43.08
N GLN B 270 32.06 -13.32 43.04
CA GLN B 270 33.32 -14.06 43.01
C GLN B 270 34.01 -13.91 41.66
N ALA B 271 33.24 -13.85 40.58
CA ALA B 271 33.82 -13.66 39.26
C ALA B 271 34.34 -12.25 39.04
N GLY B 272 33.85 -11.27 39.80
CA GLY B 272 34.48 -9.98 39.85
C GLY B 272 33.67 -8.79 39.36
N VAL B 273 32.34 -8.89 39.36
CA VAL B 273 31.51 -7.81 38.84
C VAL B 273 31.58 -6.63 39.79
N ASP B 274 31.46 -5.41 39.25
CA ASP B 274 31.64 -4.20 40.02
C ASP B 274 30.35 -3.43 40.22
N VAL B 275 29.29 -3.76 39.48
CA VAL B 275 27.99 -3.12 39.66
C VAL B 275 26.91 -4.10 39.25
N VAL B 276 25.79 -4.12 39.97
CA VAL B 276 24.67 -5.00 39.64
C VAL B 276 23.42 -4.16 39.43
N VAL B 277 22.53 -4.67 38.57
CA VAL B 277 21.27 -4.01 38.24
C VAL B 277 20.15 -4.92 38.70
N LEU B 278 19.37 -4.45 39.68
CA LEU B 278 18.21 -5.21 40.13
C LEU B 278 17.10 -5.02 39.11
N ASP B 279 17.00 -5.96 38.18
CA ASP B 279 16.12 -5.80 37.03
C ASP B 279 14.69 -6.10 37.44
N SER B 280 13.83 -5.10 37.35
CA SER B 280 12.41 -5.25 37.63
C SER B 280 11.65 -4.19 36.86
N SER B 281 10.37 -4.47 36.61
CA SER B 281 9.52 -3.49 35.95
C SER B 281 9.16 -2.35 36.88
N GLN B 282 8.95 -2.64 38.16
CA GLN B 282 8.75 -1.61 39.17
C GLN B 282 9.65 -1.95 40.36
N GLY B 283 10.46 -0.99 40.78
CA GLY B 283 11.47 -1.26 41.77
C GLY B 283 11.12 -0.88 43.20
N ASN B 284 9.84 -0.63 43.48
CA ASN B 284 9.44 -0.27 44.83
C ASN B 284 8.99 -1.48 45.64
N SER B 285 9.48 -2.66 45.29
CA SER B 285 9.08 -3.86 46.00
C SER B 285 9.72 -3.89 47.38
N ILE B 286 9.07 -4.59 48.31
CA ILE B 286 9.74 -4.96 49.54
C ILE B 286 10.83 -5.98 49.26
N PHE B 287 10.70 -6.71 48.15
CA PHE B 287 11.70 -7.71 47.76
C PHE B 287 13.00 -7.02 47.35
N GLN B 288 12.89 -5.94 46.58
CA GLN B 288 14.08 -5.25 46.10
C GLN B 288 14.71 -4.39 47.19
N ILE B 289 13.89 -3.84 48.09
CA ILE B 289 14.46 -3.13 49.24
C ILE B 289 15.15 -4.11 50.18
N ASN B 290 14.62 -5.32 50.31
CA ASN B 290 15.30 -6.34 51.10
C ASN B 290 16.61 -6.78 50.46
N MET B 291 16.66 -6.87 49.13
CA MET B 291 17.95 -7.21 48.54
C MET B 291 18.95 -6.07 48.55
N ILE B 292 18.50 -4.81 48.52
CA ILE B 292 19.44 -3.70 48.69
C ILE B 292 20.00 -3.69 50.10
N LYS B 293 19.16 -3.98 51.10
CA LYS B 293 19.70 -4.14 52.45
C LYS B 293 20.55 -5.40 52.59
N TYR B 294 20.34 -6.40 51.75
CA TYR B 294 21.15 -7.62 51.83
C TYR B 294 22.53 -7.44 51.19
N ILE B 295 22.63 -6.71 50.09
CA ILE B 295 23.91 -6.61 49.40
C ILE B 295 24.88 -5.72 50.17
N LYS B 296 24.41 -4.57 50.65
CA LYS B 296 25.33 -3.60 51.20
C LYS B 296 25.61 -3.79 52.68
N ASP B 297 25.41 -4.99 53.24
CA ASP B 297 26.07 -5.34 54.49
C ASP B 297 26.86 -6.64 54.37
N LYS B 298 26.91 -7.24 53.19
CA LYS B 298 27.81 -8.34 52.90
C LYS B 298 28.82 -8.02 51.81
N TYR B 299 28.46 -7.20 50.84
CA TYR B 299 29.35 -6.83 49.73
C TYR B 299 29.52 -5.32 49.78
N PRO B 300 30.34 -4.82 50.71
CA PRO B 300 30.37 -3.36 50.94
C PRO B 300 31.09 -2.58 49.85
N ASN B 301 31.85 -3.23 48.98
CA ASN B 301 32.50 -2.57 47.86
C ASN B 301 31.85 -2.94 46.54
N LEU B 302 30.53 -3.10 46.52
CA LEU B 302 29.79 -3.48 45.33
C LEU B 302 28.67 -2.47 45.11
N GLN B 303 28.62 -1.89 43.91
CA GLN B 303 27.62 -0.90 43.58
C GLN B 303 26.34 -1.57 43.12
N VAL B 304 25.19 -0.97 43.45
CA VAL B 304 23.89 -1.52 43.08
C VAL B 304 23.11 -0.50 42.29
N ILE B 305 22.25 -0.98 41.40
CA ILE B 305 21.35 -0.14 40.61
C ILE B 305 19.93 -0.59 40.95
N GLY B 306 19.10 0.34 41.40
CA GLY B 306 17.72 0.03 41.73
C GLY B 306 16.80 0.57 40.68
N GLY B 307 15.91 -0.29 40.17
CA GLY B 307 14.98 0.13 39.16
C GLY B 307 13.89 -0.89 38.98
N ASN B 308 12.86 -0.54 38.20
CA ASN B 308 12.73 0.76 37.56
C ASN B 308 11.90 1.73 38.39
N VAL B 309 12.18 3.01 38.21
CA VAL B 309 11.61 4.09 39.01
C VAL B 309 11.14 5.18 38.07
N VAL B 310 9.88 5.61 38.21
CA VAL B 310 9.40 6.73 37.42
C VAL B 310 8.96 7.91 38.27
N THR B 311 8.31 7.66 39.40
CA THR B 311 7.90 8.77 40.24
C THR B 311 9.01 9.11 41.22
N ALA B 312 8.84 10.21 41.95
CA ALA B 312 9.75 10.54 43.02
C ALA B 312 9.36 9.89 44.33
N ALA B 313 8.23 9.17 44.35
CA ALA B 313 7.81 8.48 45.56
C ALA B 313 8.66 7.24 45.82
N GLN B 314 8.88 6.42 44.79
CA GLN B 314 9.72 5.24 45.01
C GLN B 314 11.19 5.56 44.93
N ALA B 315 11.54 6.75 44.45
CA ALA B 315 12.91 7.21 44.49
C ALA B 315 13.44 7.29 45.91
N LYS B 316 12.63 7.78 46.85
CA LYS B 316 13.11 7.85 48.22
C LYS B 316 13.16 6.47 48.87
N ASN B 317 12.22 5.59 48.54
CA ASN B 317 12.23 4.24 49.13
C ASN B 317 13.37 3.40 48.58
N LEU B 318 13.94 3.76 47.45
CA LEU B 318 15.17 3.06 47.08
C LEU B 318 16.43 3.78 47.56
N ILE B 319 16.42 5.11 47.62
CA ILE B 319 17.64 5.82 48.01
C ILE B 319 17.93 5.65 49.50
N ASP B 320 16.92 5.81 50.37
CA ASP B 320 17.21 5.71 51.79
C ASP B 320 17.38 4.26 52.22
N ALA B 321 16.98 3.31 51.36
CA ALA B 321 17.36 1.92 51.56
C ALA B 321 18.83 1.69 51.26
N GLY B 322 19.46 2.61 50.54
CA GLY B 322 20.91 2.60 50.38
C GLY B 322 21.42 2.45 48.97
N VAL B 323 20.56 2.60 47.95
CA VAL B 323 20.97 2.27 46.59
C VAL B 323 21.95 3.33 46.08
N ASP B 324 22.69 2.98 45.04
CA ASP B 324 23.79 3.82 44.56
C ASP B 324 23.45 4.61 43.31
N ALA B 325 22.57 4.09 42.45
CA ALA B 325 22.08 4.83 41.29
C ALA B 325 20.76 4.23 40.85
N LEU B 326 19.88 5.05 40.29
CA LEU B 326 18.56 4.62 39.88
C LEU B 326 18.51 4.34 38.38
N ARG B 327 17.62 3.43 38.00
CA ARG B 327 17.40 3.03 36.61
C ARG B 327 15.98 3.49 36.29
N VAL B 328 15.84 4.43 35.38
CA VAL B 328 14.63 5.24 35.30
C VAL B 328 13.87 4.98 34.01
N GLY B 329 12.58 4.65 34.15
CA GLY B 329 11.71 4.53 33.02
C GLY B 329 11.04 3.17 32.89
N MET B 330 9.73 3.13 33.12
CA MET B 330 8.94 1.95 32.84
C MET B 330 7.85 2.35 31.85
N GLY B 331 7.37 1.38 31.09
CA GLY B 331 6.32 1.60 30.12
C GLY B 331 6.76 2.13 28.78
N SER B 332 7.73 3.04 28.74
CA SER B 332 8.14 3.67 27.47
C SER B 332 9.35 2.99 26.88
N GLY B 333 9.27 1.68 26.68
CA GLY B 333 10.33 0.98 25.98
C GLY B 333 9.99 0.81 24.51
N SER B 334 10.97 0.45 23.69
CA SER B 334 10.67 0.18 22.29
C SER B 334 9.92 -1.13 22.11
N ILE B 335 10.06 -2.05 23.06
CA ILE B 335 9.42 -3.36 23.02
C ILE B 335 8.38 -3.55 24.10
N CYS B 336 8.26 -2.63 25.05
CA CYS B 336 7.42 -2.85 26.22
C CYS B 336 5.98 -2.41 25.96
N ILE B 337 5.04 -3.28 26.32
CA ILE B 337 3.61 -3.02 26.26
C ILE B 337 3.05 -2.96 27.67
N THR B 338 3.89 -2.53 28.61
CA THR B 338 3.51 -2.52 30.02
C THR B 338 2.38 -1.53 30.28
N GLN B 339 2.39 -0.37 29.61
CA GLN B 339 1.30 0.57 29.77
C GLN B 339 0.03 0.12 29.07
N GLU B 340 0.12 -0.82 28.12
CA GLU B 340 -1.02 -1.27 27.34
C GLU B 340 -1.57 -2.59 27.82
N VAL B 341 -0.98 -3.16 28.86
CA VAL B 341 -1.50 -4.38 29.47
C VAL B 341 -1.75 -4.08 30.94
N LEU B 342 -0.78 -3.46 31.60
CA LEU B 342 -0.86 -3.21 33.04
C LEU B 342 -1.20 -1.77 33.39
N ALA B 343 -1.24 -0.87 32.40
CA ALA B 343 -1.74 0.51 32.54
C ALA B 343 -0.97 1.32 33.57
N CYS B 344 0.35 1.13 33.63
CA CYS B 344 1.18 1.85 34.57
C CYS B 344 2.40 2.41 33.86
N GLY B 345 3.03 3.37 34.52
CA GLY B 345 4.16 4.10 33.98
C GLY B 345 3.89 5.58 33.97
N ARG B 346 4.74 6.30 33.25
CA ARG B 346 4.53 7.70 32.92
C ARG B 346 5.38 8.01 31.70
N PRO B 347 5.11 9.11 30.99
CA PRO B 347 5.98 9.48 29.86
C PRO B 347 7.41 9.75 30.32
N GLN B 348 8.35 9.50 29.41
CA GLN B 348 9.73 9.25 29.80
C GLN B 348 10.42 10.53 30.27
N ALA B 349 10.23 11.63 29.54
CA ALA B 349 10.99 12.84 29.83
C ALA B 349 10.54 13.51 31.12
N THR B 350 9.28 13.36 31.51
CA THR B 350 8.86 13.87 32.81
C THR B 350 9.42 13.02 33.93
N ALA B 351 9.49 11.69 33.70
CA ALA B 351 10.07 10.78 34.67
C ALA B 351 11.54 11.10 34.93
N VAL B 352 12.32 11.24 33.85
CA VAL B 352 13.75 11.50 33.95
C VAL B 352 14.02 12.82 34.62
N TYR B 353 13.16 13.83 34.39
CA TYR B 353 13.36 15.08 35.10
C TYR B 353 13.02 14.97 36.58
N LYS B 354 11.87 14.38 36.92
CA LYS B 354 11.41 14.47 38.30
C LYS B 354 12.20 13.55 39.23
N VAL B 355 12.56 12.36 38.79
CA VAL B 355 13.34 11.51 39.69
C VAL B 355 14.79 12.00 39.78
N SER B 356 15.31 12.67 38.76
CA SER B 356 16.67 13.19 38.88
C SER B 356 16.67 14.46 39.72
N GLU B 357 15.59 15.24 39.68
CA GLU B 357 15.48 16.38 40.57
C GLU B 357 15.32 15.93 42.00
N TYR B 358 14.73 14.75 42.23
CA TYR B 358 14.76 14.25 43.59
C TYR B 358 16.12 13.67 43.97
N ALA B 359 16.74 12.91 43.08
CA ALA B 359 17.95 12.17 43.44
C ALA B 359 19.19 13.06 43.40
N ARG B 360 19.07 14.28 42.89
CA ARG B 360 20.15 15.24 43.01
C ARG B 360 20.34 15.68 44.46
N ARG B 361 19.27 15.60 45.27
CA ARG B 361 19.34 16.02 46.66
C ARG B 361 20.22 15.10 47.48
N PHE B 362 20.34 13.83 47.08
CA PHE B 362 21.09 12.85 47.83
C PHE B 362 22.37 12.42 47.13
N GLY B 363 22.74 13.08 46.04
CA GLY B 363 23.96 12.74 45.34
C GLY B 363 23.89 11.40 44.63
N VAL B 364 22.76 11.08 44.02
CA VAL B 364 22.55 9.78 43.39
C VAL B 364 22.30 9.99 41.91
N PRO B 365 23.14 9.49 41.02
CA PRO B 365 22.88 9.60 39.58
C PRO B 365 21.71 8.71 39.18
N VAL B 366 21.10 9.03 38.04
CA VAL B 366 20.02 8.22 37.50
C VAL B 366 20.40 7.78 36.10
N ILE B 367 19.79 6.69 35.66
CA ILE B 367 20.10 6.06 34.38
C ILE B 367 18.80 6.01 33.60
N ALA B 368 18.68 6.83 32.56
CA ALA B 368 17.48 6.83 31.74
C ALA B 368 17.53 5.69 30.72
N ASP B 369 16.47 4.89 30.65
CA ASP B 369 16.36 3.93 29.57
C ASP B 369 14.98 3.99 28.92
N GLY B 370 14.89 3.44 27.72
CA GLY B 370 13.63 3.39 27.02
C GLY B 370 13.34 4.65 26.25
N GLY B 371 12.81 4.50 25.04
CA GLY B 371 12.47 5.64 24.22
C GLY B 371 13.65 6.28 23.52
N ILE B 372 14.85 5.74 23.68
CA ILE B 372 16.03 6.29 23.02
C ILE B 372 16.05 5.76 21.59
N GLN B 373 15.91 6.67 20.63
CA GLN B 373 15.80 6.30 19.23
C GLN B 373 16.90 6.89 18.35
N ASN B 374 17.51 7.99 18.76
CA ASN B 374 18.51 8.67 17.95
C ASN B 374 19.44 9.45 18.86
N VAL B 375 20.24 10.34 18.29
CA VAL B 375 21.22 11.08 19.07
C VAL B 375 20.56 12.19 19.87
N GLY B 376 19.47 12.77 19.36
CA GLY B 376 18.83 13.87 20.04
C GLY B 376 18.16 13.49 21.34
N HIS B 377 17.62 12.27 21.42
CA HIS B 377 17.01 11.80 22.66
C HIS B 377 18.06 11.60 23.75
N ILE B 378 19.27 11.20 23.39
CA ILE B 378 20.34 11.04 24.36
C ILE B 378 20.72 12.39 24.95
N ALA B 379 20.81 13.41 24.09
CA ALA B 379 21.16 14.75 24.57
C ALA B 379 20.05 15.36 25.40
N LYS B 380 18.79 15.10 25.04
CA LYS B 380 17.67 15.57 25.86
C LYS B 380 17.65 14.88 27.22
N ALA B 381 17.93 13.58 27.25
CA ALA B 381 17.96 12.85 28.52
C ALA B 381 19.09 13.32 29.41
N LEU B 382 20.26 13.60 28.81
CA LEU B 382 21.37 14.11 29.60
C LEU B 382 21.15 15.56 30.02
N ALA B 383 20.33 16.32 29.30
CA ALA B 383 20.05 17.68 29.72
C ALA B 383 18.91 17.76 30.71
N LEU B 384 18.09 16.72 30.86
CA LEU B 384 17.04 16.77 31.86
C LEU B 384 17.47 16.27 33.22
N GLY B 385 18.67 15.73 33.36
CA GLY B 385 19.15 15.38 34.68
C GLY B 385 19.70 13.98 34.78
N ALA B 386 19.59 13.20 33.72
CA ALA B 386 20.18 11.87 33.75
C ALA B 386 21.69 11.97 33.61
N SER B 387 22.38 10.99 34.18
CA SER B 387 23.83 10.95 34.11
C SER B 387 24.34 10.03 33.01
N THR B 388 23.77 8.84 32.88
CA THR B 388 24.06 7.96 31.76
C THR B 388 22.76 7.58 31.09
N VAL B 389 22.85 7.20 29.82
CA VAL B 389 21.67 6.87 29.01
C VAL B 389 21.77 5.42 28.61
N MET B 390 20.85 4.60 29.07
CA MET B 390 20.85 3.17 28.80
C MET B 390 20.07 2.88 27.53
N MET B 391 20.74 2.31 26.53
CA MET B 391 20.16 2.12 25.21
C MET B 391 19.82 0.66 24.96
N GLY B 392 18.71 0.46 24.27
CA GLY B 392 18.20 -0.85 23.95
C GLY B 392 18.29 -1.15 22.48
N SER B 393 17.20 -0.90 21.75
CA SER B 393 17.13 -1.18 20.32
C SER B 393 18.10 -0.36 19.49
N LEU B 394 18.58 0.77 20.00
CA LEU B 394 19.56 1.54 19.24
C LEU B 394 20.92 0.85 19.23
N LEU B 395 21.26 0.13 20.29
CA LEU B 395 22.47 -0.68 20.33
C LEU B 395 22.22 -2.13 19.95
N ALA B 396 20.99 -2.48 19.61
CA ALA B 396 20.71 -3.84 19.20
C ALA B 396 21.05 -4.02 17.74
N ALA B 397 21.29 -5.27 17.37
CA ALA B 397 21.52 -5.70 15.99
C ALA B 397 22.70 -5.00 15.35
N THR B 398 23.76 -4.77 16.12
CA THR B 398 24.86 -4.05 15.51
C THR B 398 25.93 -5.00 14.99
N THR B 399 26.77 -5.54 15.85
CA THR B 399 27.55 -6.73 15.51
C THR B 399 27.67 -7.61 16.74
N GLU B 400 27.73 -6.97 17.90
CA GLU B 400 27.94 -7.67 19.17
C GLU B 400 26.63 -7.99 19.86
N ALA B 401 25.70 -8.55 19.12
CA ALA B 401 24.49 -9.09 19.68
C ALA B 401 24.57 -10.60 19.52
N PRO B 402 23.87 -11.40 20.32
CA PRO B 402 24.00 -12.86 20.20
C PRO B 402 23.55 -13.46 18.88
N GLY B 403 22.34 -13.12 18.42
CA GLY B 403 21.79 -13.78 17.25
C GLY B 403 22.46 -13.35 15.96
N GLU B 404 22.27 -14.16 14.92
CA GLU B 404 22.85 -13.84 13.63
C GLU B 404 21.72 -13.29 12.76
N TYR B 405 22.02 -12.93 11.52
CA TYR B 405 21.14 -12.12 10.69
C TYR B 405 20.22 -13.00 9.85
N PHE B 406 19.17 -12.39 9.32
CA PHE B 406 18.19 -13.08 8.49
C PHE B 406 17.43 -12.03 7.69
N PHE B 407 16.97 -12.44 6.51
CA PHE B 407 16.39 -11.52 5.53
C PHE B 407 14.87 -11.66 5.54
N SER B 408 14.19 -10.74 6.20
CA SER B 408 12.74 -10.64 6.19
C SER B 408 12.35 -9.47 5.31
N ASP B 409 11.51 -9.75 4.31
CA ASP B 409 11.11 -8.79 3.26
C ASP B 409 12.33 -8.25 2.52
N GLY B 410 13.30 -9.13 2.28
CA GLY B 410 14.53 -8.73 1.61
C GLY B 410 15.40 -7.75 2.39
N ILE B 411 15.26 -7.72 3.72
CA ILE B 411 16.00 -6.79 4.57
C ILE B 411 16.86 -7.56 5.55
N ARG B 412 18.15 -7.25 5.57
CA ARG B 412 19.10 -7.85 6.52
C ARG B 412 18.85 -7.24 7.89
N LEU B 413 18.35 -8.04 8.81
CA LEU B 413 18.03 -7.59 10.16
C LEU B 413 18.24 -8.77 11.12
N LYS B 414 18.09 -8.48 12.42
CA LYS B 414 18.45 -9.41 13.47
C LYS B 414 17.32 -9.42 14.49
N LYS B 415 17.23 -10.51 15.25
CA LYS B 415 16.19 -10.64 16.26
C LYS B 415 16.41 -9.65 17.40
N TYR B 416 15.30 -9.25 18.02
CA TYR B 416 15.34 -8.34 19.16
C TYR B 416 14.05 -8.54 19.94
N ARG B 417 14.17 -9.15 21.11
CA ARG B 417 13.02 -9.50 21.93
C ARG B 417 13.15 -8.89 23.31
N GLY B 418 12.01 -8.64 23.92
CA GLY B 418 11.99 -8.11 25.26
C GLY B 418 12.13 -9.19 26.30
N MET B 419 12.49 -8.77 27.51
CA MET B 419 12.72 -9.73 28.58
C MET B 419 11.43 -10.32 29.12
N GLY B 420 10.29 -9.72 28.85
CA GLY B 420 9.00 -10.22 29.28
C GLY B 420 8.13 -10.81 28.20
N SER B 421 8.64 -10.97 26.99
CA SER B 421 7.86 -11.61 25.95
C SER B 421 7.80 -13.10 26.21
N LEU B 422 6.82 -13.77 25.61
CA LEU B 422 6.64 -15.19 25.88
C LEU B 422 7.59 -16.08 25.09
N ASP B 423 8.44 -15.52 24.24
CA ASP B 423 9.46 -16.30 23.56
C ASP B 423 10.76 -16.37 24.35
N ALA B 424 11.04 -15.35 25.16
CA ALA B 424 12.25 -15.30 25.97
C ALA B 424 12.06 -16.09 27.26
N MET B 425 11.05 -15.75 28.05
CA MET B 425 10.80 -16.47 29.29
C MET B 425 9.88 -17.66 29.05
N ILE B 442 -0.67 -19.10 34.41
CA ILE B 442 -0.97 -18.03 33.47
C ILE B 442 0.08 -16.95 33.57
N LYS B 443 0.87 -16.79 32.50
CA LYS B 443 2.01 -15.89 32.47
C LYS B 443 1.69 -14.72 31.56
N VAL B 444 1.78 -13.49 32.10
CA VAL B 444 1.37 -12.29 31.37
C VAL B 444 2.56 -11.70 30.63
N ALA B 445 2.36 -11.34 29.36
CA ALA B 445 3.42 -10.77 28.54
C ALA B 445 3.69 -9.32 28.93
N GLN B 446 4.94 -9.02 29.26
CA GLN B 446 5.37 -7.67 29.56
C GLN B 446 5.97 -6.96 28.37
N GLY B 447 6.11 -7.65 27.24
CA GLY B 447 6.72 -7.04 26.07
C GLY B 447 6.47 -7.90 24.85
N VAL B 448 7.02 -7.44 23.73
CA VAL B 448 6.88 -8.12 22.46
C VAL B 448 8.25 -8.57 21.98
N SER B 449 8.25 -9.39 20.94
CA SER B 449 9.46 -9.90 20.33
C SER B 449 9.44 -9.57 18.84
N GLY B 450 10.57 -9.06 18.33
CA GLY B 450 10.58 -8.62 16.96
C GLY B 450 11.95 -8.55 16.32
N ALA B 451 12.19 -7.51 15.52
CA ALA B 451 13.41 -7.43 14.75
C ALA B 451 13.73 -5.97 14.45
N VAL B 452 15.00 -5.71 14.17
CA VAL B 452 15.52 -4.37 13.91
C VAL B 452 16.73 -4.52 13.00
N GLN B 453 16.95 -3.52 12.14
CA GLN B 453 17.92 -3.62 11.04
C GLN B 453 19.36 -3.59 11.54
N ASP B 454 20.27 -3.89 10.61
CA ASP B 454 21.70 -3.91 10.89
C ASP B 454 22.23 -2.50 11.13
N LYS B 455 23.29 -2.40 11.93
CA LYS B 455 23.92 -1.12 12.21
C LYS B 455 25.45 -1.12 12.18
N GLY B 456 26.10 -2.22 11.82
CA GLY B 456 27.55 -2.23 11.75
C GLY B 456 28.18 -2.33 13.11
N SER B 457 29.52 -2.29 13.15
CA SER B 457 30.23 -2.44 14.41
C SER B 457 30.08 -1.18 15.26
N ILE B 458 30.05 -1.36 16.58
CA ILE B 458 29.89 -0.20 17.46
C ILE B 458 31.20 0.47 17.79
N HIS B 459 32.32 -0.02 17.27
CA HIS B 459 33.54 0.77 17.38
C HIS B 459 33.53 1.95 16.42
N LYS B 460 32.66 1.95 15.42
CA LYS B 460 32.41 3.12 14.60
C LYS B 460 31.03 3.73 14.81
N PHE B 461 30.19 3.13 15.64
CA PHE B 461 28.85 3.66 15.90
C PHE B 461 28.79 4.45 17.21
N VAL B 462 29.47 3.99 18.25
CA VAL B 462 29.56 4.72 19.51
C VAL B 462 30.32 6.04 19.36
N PRO B 463 31.50 6.15 18.62
CA PRO B 463 32.10 7.48 18.45
C PRO B 463 31.24 8.47 17.67
N TYR B 464 30.35 7.97 16.80
CA TYR B 464 29.38 8.86 16.19
C TYR B 464 28.40 9.42 17.20
N LEU B 465 27.93 8.58 18.13
CA LEU B 465 27.06 9.07 19.19
C LEU B 465 27.79 10.06 20.08
N ILE B 466 29.09 9.85 20.32
CA ILE B 466 29.88 10.80 21.10
C ILE B 466 30.01 12.13 20.40
N ALA B 467 30.29 12.13 19.10
CA ALA B 467 30.40 13.37 18.35
C ALA B 467 29.06 14.10 18.25
N GLY B 468 27.96 13.35 18.15
CA GLY B 468 26.65 13.98 18.18
C GLY B 468 26.25 14.58 19.52
N ILE B 469 26.55 13.90 20.62
CA ILE B 469 26.30 14.46 21.95
C ILE B 469 27.13 15.71 22.17
N GLN B 470 28.40 15.70 21.74
CA GLN B 470 29.20 16.89 22.00
C GLN B 470 28.90 18.02 21.02
N HIS B 471 28.39 17.74 19.81
CA HIS B 471 27.83 18.81 18.99
C HIS B 471 26.58 19.42 19.61
N SER B 472 25.74 18.58 20.22
CA SER B 472 24.56 19.10 20.92
C SER B 472 24.94 19.94 22.11
N CYS B 473 25.98 19.54 22.85
CA CYS B 473 26.46 20.33 23.97
C CYS B 473 27.17 21.59 23.50
N GLN B 474 27.66 21.60 22.25
CA GLN B 474 28.15 22.85 21.69
C GLN B 474 27.00 23.80 21.39
N ASP B 475 25.92 23.30 20.79
CA ASP B 475 24.80 24.20 20.48
C ASP B 475 24.07 24.68 21.72
N ILE B 476 24.00 23.85 22.76
CA ILE B 476 23.51 24.33 24.05
C ILE B 476 24.43 25.41 24.60
N GLY B 477 25.73 25.19 24.51
CA GLY B 477 26.70 26.18 24.91
C GLY B 477 27.36 25.89 26.24
N ALA B 478 27.71 24.63 26.47
CA ALA B 478 28.33 24.23 27.72
C ALA B 478 29.53 23.34 27.45
N LYS B 479 30.57 23.51 28.27
CA LYS B 479 31.83 22.80 28.08
C LYS B 479 31.74 21.33 28.47
N SER B 480 30.77 20.95 29.29
CA SER B 480 30.68 19.59 29.79
C SER B 480 29.24 19.29 30.16
N LEU B 481 28.97 18.02 30.47
CA LEU B 481 27.61 17.63 30.83
C LEU B 481 27.23 18.16 32.21
N THR B 482 28.21 18.30 33.10
CA THR B 482 27.96 18.91 34.40
C THR B 482 27.54 20.36 34.25
N GLN B 483 28.12 21.06 33.27
CA GLN B 483 27.70 22.42 33.00
C GLN B 483 26.30 22.45 32.37
N VAL B 484 25.94 21.42 31.59
CA VAL B 484 24.59 21.34 31.03
C VAL B 484 23.55 21.20 32.14
N ARG B 485 23.80 20.29 33.07
CA ARG B 485 22.84 20.11 34.16
C ARG B 485 22.88 21.28 35.14
N ALA B 486 24.02 21.94 35.30
CA ALA B 486 24.06 23.13 36.15
C ALA B 486 23.28 24.28 35.53
N MET B 487 23.40 24.47 34.21
CA MET B 487 22.58 25.44 33.51
C MET B 487 21.11 25.08 33.51
N MET B 488 20.77 23.79 33.57
CA MET B 488 19.37 23.41 33.62
C MET B 488 18.77 23.67 35.00
N TYR B 489 19.46 23.26 36.06
CA TYR B 489 18.91 23.49 37.39
C TYR B 489 19.06 24.94 37.85
N SER B 490 19.89 25.73 37.19
CA SER B 490 20.06 27.13 37.57
C SER B 490 18.99 28.02 36.99
N GLY B 491 18.43 27.64 35.84
CA GLY B 491 17.48 28.47 35.13
C GLY B 491 18.02 29.12 33.88
N GLU B 492 19.28 28.89 33.54
CA GLU B 492 19.88 29.50 32.35
C GLU B 492 19.54 28.74 31.09
N LEU B 493 19.51 27.41 31.15
CA LEU B 493 19.21 26.59 29.99
C LEU B 493 17.69 26.45 29.89
N LYS B 494 17.11 26.97 28.82
CA LYS B 494 15.67 27.08 28.70
C LYS B 494 15.11 26.20 27.57
N PHE B 495 13.88 25.76 27.76
CA PHE B 495 13.21 24.79 26.91
C PHE B 495 12.00 25.45 26.24
N GLU B 496 11.28 24.69 25.41
CA GLU B 496 10.04 25.16 24.81
C GLU B 496 9.23 23.96 24.33
N LYS B 497 7.92 24.03 24.53
CA LYS B 497 7.03 22.95 24.11
C LYS B 497 6.91 22.88 22.59
N ARG B 498 6.29 21.82 22.12
CA ARG B 498 6.04 21.57 20.71
C ARG B 498 4.66 20.96 20.56
N THR B 499 3.94 21.37 19.53
CA THR B 499 2.66 20.76 19.21
C THR B 499 2.87 19.58 18.26
N SER B 500 1.77 19.02 17.78
CA SER B 500 1.84 17.89 16.88
C SER B 500 2.26 18.29 15.48
N SER B 501 2.18 19.57 15.14
CA SER B 501 2.52 20.02 13.79
C SER B 501 3.99 20.39 13.69
N ALA B 502 4.60 20.86 14.79
CA ALA B 502 6.03 21.11 14.80
C ALA B 502 6.83 19.82 14.70
N GLN B 503 6.26 18.71 15.15
CA GLN B 503 6.94 17.42 15.07
C GLN B 503 6.97 16.90 13.64
N VAL B 504 5.98 17.29 12.82
CA VAL B 504 5.98 16.90 11.42
C VAL B 504 7.04 17.68 10.65
N GLU B 505 7.12 18.99 10.86
CA GLU B 505 8.07 19.77 10.06
C GLU B 505 9.47 19.73 10.63
N GLY B 506 9.64 19.24 11.87
CA GLY B 506 10.98 19.19 12.42
C GLY B 506 11.84 18.11 11.79
N GLY B 507 11.28 16.91 11.58
CA GLY B 507 11.95 15.87 10.86
C GLY B 507 11.94 16.12 9.36
N VAL B 508 12.20 15.04 8.61
CA VAL B 508 12.25 15.17 7.16
C VAL B 508 10.84 15.24 6.61
N HIS B 509 10.57 16.25 5.78
CA HIS B 509 9.26 16.41 5.17
C HIS B 509 9.42 17.07 3.81
N SER B 510 8.34 17.00 3.02
CA SER B 510 8.20 17.62 1.71
C SER B 510 9.30 17.18 0.74
N LEU B 511 9.65 15.90 0.79
CA LEU B 511 10.56 15.27 -0.13
C LEU B 511 9.92 14.01 -0.66
N HIS B 512 10.10 13.72 -1.94
CA HIS B 512 9.62 12.47 -2.50
C HIS B 512 10.35 11.28 -1.90
N SER B 513 11.66 11.20 -2.08
CA SER B 513 12.48 10.18 -1.48
C SER B 513 13.66 10.84 -0.79
N TYR B 514 14.11 10.27 0.32
CA TYR B 514 15.28 10.80 1.00
C TYR B 514 16.13 9.67 1.55
N GLU B 515 17.44 9.74 1.30
CA GLU B 515 18.40 8.83 1.89
C GLU B 515 19.02 9.50 3.11
N LYS B 516 19.07 8.79 4.22
CA LYS B 516 19.36 9.40 5.52
C LYS B 516 20.61 8.75 6.11
N ARG B 517 21.76 9.36 5.88
CA ARG B 517 23.03 8.84 6.36
C ARG B 517 23.43 9.57 7.64
N LEU B 518 23.95 8.83 8.62
CA LEU B 518 24.38 9.41 9.87
C LEU B 518 25.89 9.46 10.02
N PHE B 519 26.56 8.33 9.96
CA PHE B 519 28.00 8.26 10.17
C PHE B 519 28.71 7.78 8.91
N TYR C 17 -17.28 50.42 16.74
CA TYR C 17 -17.52 49.44 17.79
C TYR C 17 -16.37 48.46 17.82
N VAL C 18 -16.10 47.84 16.67
CA VAL C 18 -15.02 46.86 16.42
C VAL C 18 -15.01 45.77 17.49
N PRO C 19 -15.87 44.75 17.36
CA PRO C 19 -15.95 43.71 18.40
C PRO C 19 -14.65 42.93 18.53
N ASP C 20 -14.19 42.80 19.77
CA ASP C 20 -12.95 42.09 20.06
C ASP C 20 -13.14 40.61 19.83
N ASP C 21 -12.47 40.07 18.81
CA ASP C 21 -12.63 38.68 18.41
C ASP C 21 -11.27 38.18 17.95
N GLY C 22 -10.74 37.17 18.63
CA GLY C 22 -9.46 36.61 18.30
C GLY C 22 -8.38 37.07 19.24
N LEU C 23 -7.22 36.45 19.10
CA LEU C 23 -6.05 36.76 19.91
C LEU C 23 -5.12 37.66 19.13
N THR C 24 -4.49 38.62 19.81
CA THR C 24 -3.46 39.41 19.17
C THR C 24 -2.17 38.61 19.10
N ALA C 25 -1.11 39.24 18.58
CA ALA C 25 0.11 38.48 18.36
C ALA C 25 0.87 38.24 19.66
N GLN C 26 0.89 39.22 20.56
CA GLN C 26 1.59 39.02 21.83
C GLN C 26 0.78 38.14 22.77
N GLN C 27 -0.55 38.12 22.59
CA GLN C 27 -1.37 37.20 23.36
C GLN C 27 -1.28 35.78 22.87
N LEU C 28 -0.79 35.56 21.64
CA LEU C 28 -0.73 34.23 21.06
C LEU C 28 0.60 33.54 21.34
N PHE C 29 1.71 34.25 21.15
CA PHE C 29 3.03 33.66 21.23
C PHE C 29 3.70 33.87 22.58
N ASN C 30 2.93 34.19 23.61
CA ASN C 30 3.45 34.28 24.96
C ASN C 30 2.70 33.35 25.91
N CYS C 31 1.98 32.37 25.39
CA CYS C 31 1.41 31.33 26.23
C CYS C 31 2.46 30.35 26.73
N GLY C 32 3.65 30.34 26.12
CA GLY C 32 4.70 29.42 26.44
C GLY C 32 4.82 28.28 25.46
N ASP C 33 3.75 27.99 24.73
CA ASP C 33 3.76 26.93 23.74
C ASP C 33 4.45 27.39 22.46
N GLY C 34 5.10 26.45 21.79
CA GLY C 34 5.78 26.75 20.55
C GLY C 34 4.97 26.43 19.32
N LEU C 35 4.42 27.45 18.69
CA LEU C 35 3.57 27.28 17.53
C LEU C 35 4.39 27.30 16.26
N THR C 36 3.94 26.57 15.25
CA THR C 36 4.53 26.58 13.93
C THR C 36 3.55 27.23 12.95
N TYR C 37 3.89 27.16 11.66
CA TYR C 37 3.08 27.80 10.62
C TYR C 37 1.71 27.15 10.44
N ASN C 38 1.53 25.91 10.88
CA ASN C 38 0.25 25.24 10.69
C ASN C 38 -0.64 25.31 11.92
N ASP C 39 -0.16 25.87 13.03
CA ASP C 39 -0.93 25.87 14.26
C ASP C 39 -1.77 27.12 14.45
N PHE C 40 -1.70 28.08 13.54
CA PHE C 40 -2.53 29.26 13.65
C PHE C 40 -2.89 29.72 12.25
N LEU C 41 -3.83 30.65 12.17
CA LEU C 41 -4.16 31.28 10.91
C LEU C 41 -4.79 32.64 11.20
N ILE C 42 -4.72 33.52 10.22
CA ILE C 42 -4.96 34.95 10.41
C ILE C 42 -6.43 35.25 10.15
N LEU C 43 -7.06 35.98 11.07
CA LEU C 43 -8.44 36.40 10.88
C LEU C 43 -8.52 37.50 9.83
N PRO C 44 -9.52 37.50 8.95
CA PRO C 44 -9.61 38.53 7.93
C PRO C 44 -10.12 39.86 8.48
N GLY C 45 -9.98 40.89 7.65
CA GLY C 45 -10.34 42.23 8.06
C GLY C 45 -11.29 42.92 7.11
N TYR C 46 -10.95 44.14 6.72
CA TYR C 46 -11.80 44.99 5.90
C TYR C 46 -11.14 45.26 4.57
N ILE C 47 -11.87 45.05 3.48
CA ILE C 47 -11.35 45.22 2.13
C ILE C 47 -11.95 46.48 1.52
N ASP C 48 -11.08 47.42 1.12
CA ASP C 48 -11.53 48.58 0.36
C ASP C 48 -10.58 48.89 -0.79
N PHE C 49 -9.96 47.87 -1.37
CA PHE C 49 -8.96 48.06 -2.39
C PHE C 49 -8.87 46.79 -3.22
N THR C 50 -8.49 46.95 -4.47
CA THR C 50 -8.30 45.78 -5.33
C THR C 50 -6.97 45.12 -5.01
N ALA C 51 -6.75 43.94 -5.58
CA ALA C 51 -5.62 43.12 -5.23
C ALA C 51 -4.29 43.66 -5.75
N ASP C 52 -4.29 44.34 -6.89
CA ASP C 52 -3.04 44.78 -7.50
C ASP C 52 -2.55 46.11 -6.96
N GLN C 53 -3.24 46.73 -6.01
CA GLN C 53 -2.72 47.92 -5.36
C GLN C 53 -1.83 47.60 -4.17
N VAL C 54 -1.53 46.33 -3.93
CA VAL C 54 -0.74 45.96 -2.76
C VAL C 54 0.74 46.17 -3.05
N ASP C 55 1.40 46.93 -2.18
CA ASP C 55 2.81 47.26 -2.31
C ASP C 55 3.61 46.24 -1.51
N LEU C 56 4.36 45.40 -2.21
CA LEU C 56 5.18 44.40 -1.52
C LEU C 56 6.62 44.84 -1.32
N THR C 57 6.85 46.15 -1.18
CA THR C 57 8.19 46.65 -0.95
C THR C 57 8.67 46.25 0.44
N SER C 58 9.77 45.53 0.51
CA SER C 58 10.29 45.03 1.77
C SER C 58 11.80 45.19 1.79
N ALA C 59 12.36 45.31 2.98
CA ALA C 59 13.77 45.56 3.16
C ALA C 59 14.52 44.26 3.44
N LEU C 60 15.60 44.05 2.72
CA LEU C 60 16.44 42.88 2.97
C LEU C 60 17.38 43.15 4.14
N THR C 61 18.30 44.10 3.96
CA THR C 61 19.14 44.57 5.04
C THR C 61 18.69 45.96 5.47
N LYS C 62 19.49 46.63 6.31
CA LYS C 62 19.21 48.01 6.66
C LYS C 62 19.27 48.97 5.49
N LYS C 63 20.03 48.65 4.45
CA LYS C 63 20.23 49.57 3.33
C LYS C 63 19.85 49.01 1.98
N ILE C 64 19.66 47.70 1.85
CA ILE C 64 19.17 47.10 0.61
C ILE C 64 17.66 46.99 0.70
N THR C 65 16.97 47.39 -0.35
CA THR C 65 15.51 47.33 -0.41
C THR C 65 15.10 46.59 -1.66
N LEU C 66 14.41 45.47 -1.49
CA LEU C 66 13.92 44.69 -2.62
C LEU C 66 12.53 45.16 -2.98
N LYS C 67 12.03 44.70 -4.13
CA LYS C 67 10.65 44.96 -4.52
C LYS C 67 9.71 43.81 -4.19
N THR C 68 10.23 42.58 -4.09
CA THR C 68 9.46 41.42 -3.68
C THR C 68 10.08 40.77 -2.46
N PRO C 69 9.28 40.30 -1.51
CA PRO C 69 9.84 39.87 -0.22
C PRO C 69 10.21 38.39 -0.19
N LEU C 70 11.01 37.95 -1.16
CA LEU C 70 11.36 36.54 -1.18
C LEU C 70 12.71 36.36 -1.86
N VAL C 71 13.61 35.63 -1.18
CA VAL C 71 14.98 35.40 -1.61
C VAL C 71 15.20 33.90 -1.66
N SER C 72 16.33 33.48 -2.26
CA SER C 72 16.64 32.06 -2.37
C SER C 72 17.73 31.67 -1.39
N SER C 73 17.70 30.41 -0.96
CA SER C 73 18.54 29.94 0.15
C SER C 73 19.86 29.39 -0.35
N PRO C 74 20.99 29.86 0.19
CA PRO C 74 22.29 29.49 -0.38
C PRO C 74 22.70 28.04 -0.18
N MET C 75 22.09 27.15 -0.95
CA MET C 75 22.43 25.74 -0.98
C MET C 75 22.99 25.38 -2.34
N ASP C 76 23.77 24.29 -2.40
CA ASP C 76 24.44 23.94 -3.64
C ASP C 76 23.53 23.30 -4.67
N THR C 77 22.26 23.11 -4.35
CA THR C 77 21.31 22.53 -5.29
C THR C 77 20.11 23.45 -5.49
N VAL C 78 20.24 24.72 -5.11
CA VAL C 78 19.16 25.68 -5.28
C VAL C 78 19.63 26.87 -6.10
N THR C 79 20.73 27.50 -5.71
CA THR C 79 21.09 28.78 -6.31
C THR C 79 22.57 28.93 -6.60
N GLU C 80 22.94 28.62 -7.85
CA GLU C 80 24.08 29.22 -8.51
C GLU C 80 23.58 30.41 -9.33
N ALA C 81 24.39 30.92 -10.27
CA ALA C 81 24.10 32.22 -10.90
C ALA C 81 22.85 32.23 -11.75
N GLY C 82 22.36 31.07 -12.20
CA GLY C 82 21.10 31.05 -12.92
C GLY C 82 19.92 31.42 -12.05
N MET C 83 19.87 30.85 -10.84
CA MET C 83 18.85 31.25 -9.89
C MET C 83 19.08 32.66 -9.38
N ALA C 84 20.32 33.14 -9.38
CA ALA C 84 20.59 34.50 -8.96
C ALA C 84 20.05 35.51 -9.96
N ILE C 85 20.27 35.28 -11.26
CA ILE C 85 19.73 36.20 -12.26
C ILE C 85 18.23 36.02 -12.38
N ALA C 86 17.71 34.83 -12.07
CA ALA C 86 16.27 34.63 -12.22
C ALA C 86 15.50 35.15 -11.01
N MET C 87 16.12 35.18 -9.83
CA MET C 87 15.48 35.76 -8.66
C MET C 87 15.70 37.26 -8.59
N ALA C 88 16.77 37.76 -9.20
CA ALA C 88 16.97 39.20 -9.21
C ALA C 88 15.99 39.89 -10.14
N LEU C 89 15.76 39.32 -11.33
CA LEU C 89 14.92 39.97 -12.32
C LEU C 89 13.44 39.97 -11.95
N THR C 90 13.00 39.05 -11.10
CA THR C 90 11.59 39.00 -10.70
C THR C 90 11.36 39.70 -9.37
N GLY C 91 12.34 40.44 -8.87
CA GLY C 91 12.14 41.26 -7.68
C GLY C 91 13.06 40.96 -6.51
N GLY C 92 13.30 39.69 -6.22
CA GLY C 92 14.05 39.30 -5.04
C GLY C 92 15.54 39.42 -5.20
N ILE C 93 16.27 38.54 -4.52
CA ILE C 93 17.72 38.47 -4.62
C ILE C 93 18.09 37.00 -4.43
N GLY C 94 19.29 36.62 -4.82
CA GLY C 94 19.73 35.25 -4.63
C GLY C 94 21.09 35.18 -3.99
N PHE C 95 21.30 34.23 -3.08
CA PHE C 95 22.57 34.10 -2.39
C PHE C 95 23.33 32.90 -2.93
N ILE C 96 24.54 33.15 -3.43
CA ILE C 96 25.36 32.10 -4.03
C ILE C 96 25.96 31.26 -2.92
N HIS C 97 25.88 29.94 -3.07
CA HIS C 97 26.34 29.03 -2.03
C HIS C 97 27.86 28.98 -1.98
N HIS C 98 28.38 28.36 -0.92
CA HIS C 98 29.81 28.28 -0.68
C HIS C 98 30.33 26.84 -0.66
N ASN C 99 29.63 25.92 -1.33
CA ASN C 99 30.08 24.54 -1.43
C ASN C 99 30.90 24.34 -2.69
N CYS C 100 31.95 25.16 -2.82
CA CYS C 100 32.79 25.19 -4.00
C CYS C 100 34.08 25.90 -3.64
N THR C 101 35.00 25.96 -4.60
CA THR C 101 36.22 26.74 -4.47
C THR C 101 35.87 28.23 -4.49
N PRO C 102 36.69 29.08 -3.87
CA PRO C 102 36.40 30.53 -3.91
C PRO C 102 36.45 31.13 -5.30
N GLU C 103 37.26 30.57 -6.21
CA GLU C 103 37.29 31.06 -7.58
C GLU C 103 36.00 30.76 -8.32
N PHE C 104 35.38 29.60 -8.04
CA PHE C 104 34.11 29.26 -8.67
C PHE C 104 33.01 30.22 -8.25
N GLN C 105 32.91 30.49 -6.95
CA GLN C 105 31.88 31.39 -6.43
C GLN C 105 32.14 32.83 -6.88
N ALA C 106 33.39 33.23 -6.94
CA ALA C 106 33.73 34.54 -7.50
C ALA C 106 33.43 34.62 -8.98
N ASN C 107 33.46 33.51 -9.70
CA ASN C 107 33.00 33.52 -11.09
C ASN C 107 31.48 33.61 -11.17
N GLU C 108 30.76 32.94 -10.26
CA GLU C 108 29.29 32.96 -10.30
C GLU C 108 28.76 34.35 -9.99
N VAL C 109 29.38 35.04 -9.03
CA VAL C 109 28.89 36.37 -8.68
C VAL C 109 29.25 37.39 -9.77
N ARG C 110 30.33 37.17 -10.51
CA ARG C 110 30.58 38.00 -11.68
C ARG C 110 29.61 37.66 -12.81
N LYS C 111 29.20 36.40 -12.91
CA LYS C 111 28.29 35.99 -13.97
C LYS C 111 26.90 36.59 -13.77
N VAL C 112 26.48 36.75 -12.52
CA VAL C 112 25.22 37.44 -12.28
C VAL C 112 25.39 38.96 -12.40
N LYS C 113 26.50 39.53 -11.90
CA LYS C 113 26.59 40.98 -12.01
C LYS C 113 27.06 41.46 -13.38
N LYS C 114 27.40 40.56 -14.29
CA LYS C 114 27.63 40.92 -15.69
C LYS C 114 26.58 40.29 -16.58
N TYR C 115 25.33 40.25 -16.10
CA TYR C 115 24.20 39.84 -16.91
C TYR C 115 23.42 41.03 -17.44
N GLU C 116 23.41 42.13 -16.70
CA GLU C 116 22.71 43.34 -17.12
C GLU C 116 23.52 44.51 -16.60
N GLN C 117 24.08 45.29 -17.50
CA GLN C 117 25.12 46.25 -17.15
C GLN C 117 24.92 47.53 -17.93
N GLY C 118 24.78 48.65 -17.21
CA GLY C 118 24.52 49.93 -17.84
C GLY C 118 25.73 50.53 -18.52
N PHE C 119 26.70 51.03 -17.75
CA PHE C 119 27.99 51.42 -18.29
C PHE C 119 28.92 50.21 -18.20
N ILE C 120 29.12 49.53 -19.33
CA ILE C 120 30.02 48.39 -19.38
C ILE C 120 31.45 48.93 -19.34
N THR C 121 32.04 48.95 -18.14
CA THR C 121 33.31 49.63 -17.95
C THR C 121 34.47 48.85 -18.54
N ASP C 122 34.47 47.53 -18.37
CA ASP C 122 35.52 46.66 -18.90
C ASP C 122 34.89 45.51 -19.69
N PRO C 123 34.55 45.75 -20.96
CA PRO C 123 34.13 44.66 -21.83
C PRO C 123 35.32 43.96 -22.47
N VAL C 124 35.01 42.95 -23.27
CA VAL C 124 36.03 42.34 -24.09
C VAL C 124 36.35 43.24 -25.28
N VAL C 125 37.64 43.39 -25.57
CA VAL C 125 38.11 44.13 -26.73
C VAL C 125 39.16 43.29 -27.42
N LEU C 126 39.27 43.45 -28.73
CA LEU C 126 40.26 42.74 -29.52
C LEU C 126 41.06 43.73 -30.37
N SER C 127 42.12 43.22 -30.98
CA SER C 127 43.01 43.98 -31.84
C SER C 127 42.66 43.66 -33.29
N PRO C 128 42.99 44.55 -34.24
CA PRO C 128 42.76 44.21 -35.65
C PRO C 128 43.68 43.14 -36.19
N LYS C 129 44.73 42.75 -35.46
CA LYS C 129 45.71 41.79 -35.94
C LYS C 129 45.28 40.34 -35.74
N ASP C 130 44.15 40.09 -35.11
CA ASP C 130 43.77 38.73 -34.74
C ASP C 130 43.14 37.99 -35.91
N ARG C 131 42.59 36.82 -35.60
CA ARG C 131 41.77 36.07 -36.53
C ARG C 131 40.37 35.96 -35.91
N VAL C 132 39.42 35.49 -36.71
CA VAL C 132 38.04 35.32 -36.24
C VAL C 132 37.92 34.16 -35.26
N ARG C 133 38.92 33.26 -35.21
CA ARG C 133 38.91 32.19 -34.22
C ARG C 133 38.99 32.70 -32.80
N ASP C 134 39.62 33.86 -32.59
CA ASP C 134 39.58 34.51 -31.29
C ASP C 134 38.19 35.04 -30.97
N VAL C 135 37.42 35.44 -32.00
CA VAL C 135 36.08 35.96 -31.77
C VAL C 135 35.11 34.84 -31.42
N PHE C 136 35.15 33.72 -32.14
CA PHE C 136 34.36 32.56 -31.74
C PHE C 136 34.84 31.97 -30.43
N GLU C 137 36.13 32.12 -30.11
CA GLU C 137 36.61 31.80 -28.78
C GLU C 137 35.98 32.66 -27.70
N ALA C 138 35.78 33.95 -27.99
CA ALA C 138 35.07 34.83 -27.07
C ALA C 138 33.59 34.48 -26.97
N LYS C 139 32.99 34.05 -28.08
CA LYS C 139 31.56 33.74 -28.08
C LYS C 139 31.28 32.43 -27.34
N ALA C 140 32.13 31.42 -27.53
CA ALA C 140 31.98 30.15 -26.83
C ALA C 140 32.26 30.25 -25.34
N ARG C 141 32.86 31.35 -24.88
CA ARG C 141 33.21 31.56 -23.49
C ARG C 141 32.26 32.52 -22.78
N HIS C 142 31.82 33.59 -23.43
CA HIS C 142 30.98 34.57 -22.76
C HIS C 142 29.54 34.56 -23.24
N GLY C 143 29.30 34.26 -24.51
CA GLY C 143 27.96 34.10 -25.00
C GLY C 143 27.40 35.24 -25.82
N PHE C 144 28.22 36.22 -26.20
CA PHE C 144 27.76 37.34 -27.01
C PHE C 144 28.80 37.64 -28.07
N CYS C 145 28.38 38.40 -29.08
CA CYS C 145 29.22 38.74 -30.21
C CYS C 145 29.56 40.21 -30.32
N GLY C 146 29.01 41.07 -29.46
CA GLY C 146 29.39 42.47 -29.50
C GLY C 146 30.76 42.72 -28.89
N ILE C 147 31.76 43.02 -29.72
CA ILE C 147 33.10 43.32 -29.27
C ILE C 147 33.54 44.61 -29.94
N PRO C 148 33.85 45.67 -29.19
CA PRO C 148 34.53 46.81 -29.80
C PRO C 148 35.98 46.51 -30.07
N ILE C 149 36.46 46.97 -31.22
CA ILE C 149 37.84 46.72 -31.66
C ILE C 149 38.69 47.92 -31.31
N THR C 150 39.79 47.70 -30.61
CA THR C 150 40.77 48.73 -30.31
C THR C 150 42.10 48.33 -30.94
N ASP C 151 42.91 49.35 -31.28
CA ASP C 151 44.12 49.09 -32.06
C ASP C 151 45.23 48.43 -31.24
N THR C 152 45.12 48.37 -29.93
CA THR C 152 46.09 47.65 -29.11
C THR C 152 45.52 46.36 -28.53
N GLY C 153 44.33 46.42 -27.94
CA GLY C 153 43.71 45.25 -27.36
C GLY C 153 43.33 45.44 -25.91
N ARG C 154 43.29 46.69 -25.47
CA ARG C 154 42.93 47.03 -24.10
C ARG C 154 41.93 48.18 -24.15
N MET C 155 41.43 48.57 -22.97
CA MET C 155 40.46 49.67 -22.92
C MET C 155 41.11 51.01 -23.11
N GLY C 156 42.33 51.19 -22.62
CA GLY C 156 43.02 52.46 -22.81
C GLY C 156 43.65 52.53 -24.18
N SER C 157 42.84 52.76 -25.21
CA SER C 157 43.29 52.65 -26.58
C SER C 157 42.37 53.48 -27.46
N ARG C 158 42.59 53.41 -28.77
CA ARG C 158 41.80 54.14 -29.75
C ARG C 158 40.66 53.28 -30.26
N LEU C 159 39.47 53.87 -30.34
CA LEU C 159 38.32 53.22 -30.97
C LEU C 159 38.50 53.26 -32.49
N VAL C 160 38.46 52.10 -33.12
CA VAL C 160 38.66 52.02 -34.57
C VAL C 160 37.43 51.40 -35.20
N GLY C 161 36.63 50.70 -34.40
CA GLY C 161 35.39 50.18 -34.95
C GLY C 161 34.71 49.19 -34.03
N ILE C 162 33.71 48.51 -34.60
CA ILE C 162 32.83 47.62 -33.85
C ILE C 162 32.72 46.34 -34.67
N ILE C 163 32.30 45.25 -34.04
CA ILE C 163 31.94 44.04 -34.77
C ILE C 163 30.81 43.37 -33.98
N SER C 164 29.88 42.76 -34.70
CA SER C 164 28.67 42.24 -34.09
C SER C 164 28.41 40.83 -34.62
N SER C 165 27.21 40.31 -34.35
CA SER C 165 26.87 38.95 -34.76
C SER C 165 26.67 38.86 -36.26
N ARG C 166 25.91 39.80 -36.83
CA ARG C 166 25.63 39.65 -38.26
C ARG C 166 26.77 40.08 -39.15
N ASP C 167 27.95 40.41 -38.62
CA ASP C 167 29.16 40.50 -39.41
C ASP C 167 29.82 39.15 -39.61
N ILE C 168 29.50 38.17 -38.75
CA ILE C 168 30.29 36.95 -38.62
C ILE C 168 29.47 35.70 -38.92
N ASP C 169 28.15 35.73 -38.72
CA ASP C 169 27.28 34.56 -38.68
C ASP C 169 27.32 33.68 -39.92
N PHE C 170 27.30 34.28 -41.11
CA PHE C 170 27.23 33.51 -42.34
C PHE C 170 28.51 33.74 -43.14
N LEU C 171 29.51 32.92 -42.88
CA LEU C 171 30.74 32.88 -43.64
C LEU C 171 30.88 31.52 -44.31
N LYS C 172 31.56 31.49 -45.45
CA LYS C 172 31.59 30.32 -46.31
C LYS C 172 32.97 29.67 -46.38
N GLU C 173 34.01 30.42 -46.74
CA GLU C 173 35.37 29.89 -46.71
C GLU C 173 35.85 30.00 -45.28
N GLU C 174 35.99 28.85 -44.62
CA GLU C 174 36.29 28.86 -43.20
C GLU C 174 37.73 29.27 -42.97
N GLU C 175 37.91 30.58 -42.70
CA GLU C 175 39.09 31.19 -42.10
C GLU C 175 40.31 31.15 -42.99
N HIS C 176 40.11 30.84 -44.27
CA HIS C 176 41.17 30.96 -45.26
C HIS C 176 41.47 32.42 -45.50
N ASP C 177 42.59 32.91 -44.93
CA ASP C 177 43.11 34.27 -45.15
C ASP C 177 42.13 35.36 -44.73
N CYS C 178 41.70 35.36 -43.47
CA CYS C 178 40.70 36.31 -43.00
C CYS C 178 41.17 36.97 -41.72
N PHE C 179 41.33 38.30 -41.76
CA PHE C 179 41.59 39.12 -40.59
C PHE C 179 40.25 39.66 -40.07
N LEU C 180 40.32 40.70 -39.24
CA LEU C 180 39.13 41.37 -38.75
C LEU C 180 38.89 42.73 -39.40
N GLU C 181 39.91 43.32 -40.02
CA GLU C 181 39.81 44.68 -40.56
C GLU C 181 38.81 44.74 -41.70
N GLU C 182 38.79 43.73 -42.57
CA GLU C 182 37.87 43.73 -43.70
C GLU C 182 36.43 43.44 -43.27
N ILE C 183 36.26 42.82 -42.10
CA ILE C 183 34.93 42.42 -41.67
C ILE C 183 34.27 43.51 -40.84
N MET C 184 35.05 44.20 -40.00
CA MET C 184 34.52 45.16 -39.04
C MET C 184 33.96 46.40 -39.71
N THR C 185 33.05 47.06 -39.01
CA THR C 185 32.54 48.36 -39.42
C THR C 185 33.49 49.44 -38.90
N LYS C 186 33.96 50.29 -39.80
CA LYS C 186 35.01 51.23 -39.43
C LYS C 186 34.46 52.38 -38.59
N ARG C 187 35.39 53.14 -38.01
CA ARG C 187 35.08 54.23 -37.10
C ARG C 187 34.34 55.39 -37.79
N GLU C 188 34.52 55.54 -39.10
CA GLU C 188 34.04 56.72 -39.81
C GLU C 188 32.52 56.77 -39.87
N ASP C 189 31.87 55.60 -39.91
CA ASP C 189 30.41 55.52 -39.97
C ASP C 189 29.78 55.03 -38.67
N LEU C 190 30.51 54.95 -37.57
CA LEU C 190 29.89 54.60 -36.30
C LEU C 190 29.09 55.77 -35.75
N VAL C 191 28.24 55.47 -34.77
CA VAL C 191 27.60 56.47 -33.95
C VAL C 191 28.15 56.33 -32.54
N VAL C 192 28.75 57.39 -32.02
CA VAL C 192 29.34 57.38 -30.69
C VAL C 192 28.74 58.51 -29.88
N ALA C 193 28.93 58.42 -28.57
CA ALA C 193 28.47 59.45 -27.66
C ALA C 193 29.65 60.05 -26.91
N PRO C 194 29.63 61.36 -26.65
CA PRO C 194 30.72 61.98 -25.92
C PRO C 194 30.73 61.55 -24.46
N ALA C 195 31.92 61.54 -23.88
CA ALA C 195 32.07 61.11 -22.50
C ALA C 195 31.62 62.20 -21.54
N GLY C 196 31.45 61.82 -20.28
CA GLY C 196 31.01 62.74 -19.25
C GLY C 196 29.51 62.84 -19.07
N ILE C 197 28.72 62.38 -20.04
CA ILE C 197 27.28 62.43 -19.90
C ILE C 197 26.83 61.33 -18.96
N THR C 198 25.69 61.55 -18.31
CA THR C 198 25.13 60.48 -17.49
C THR C 198 24.37 59.51 -18.38
N LEU C 199 23.82 58.46 -17.75
CA LEU C 199 23.31 57.31 -18.49
C LEU C 199 22.03 57.65 -19.26
N LYS C 200 21.30 58.69 -18.82
CA LYS C 200 20.04 59.03 -19.46
C LYS C 200 20.24 59.54 -20.89
N GLU C 201 21.20 60.45 -21.10
CA GLU C 201 21.42 60.97 -22.44
C GLU C 201 22.09 59.93 -23.34
N ALA C 202 22.89 59.03 -22.76
CA ALA C 202 23.46 57.95 -23.55
C ALA C 202 22.36 57.00 -24.03
N ASN C 203 21.39 56.70 -23.16
CA ASN C 203 20.24 55.90 -23.59
C ASN C 203 19.37 56.65 -24.58
N GLU C 204 19.32 57.98 -24.49
CA GLU C 204 18.59 58.76 -25.49
C GLU C 204 19.26 58.69 -26.87
N ILE C 205 20.57 58.84 -26.92
CA ILE C 205 21.33 58.71 -28.16
C ILE C 205 21.21 57.29 -28.71
N LEU C 206 21.10 56.30 -27.83
CA LEU C 206 20.89 54.93 -28.26
C LEU C 206 19.48 54.73 -28.84
N GLN C 207 18.47 55.39 -28.25
CA GLN C 207 17.11 55.24 -28.76
C GLN C 207 16.91 55.94 -30.10
N ARG C 208 17.51 57.13 -30.28
CA ARG C 208 17.35 57.81 -31.57
C ARG C 208 18.20 57.16 -32.65
N SER C 209 19.50 56.98 -32.39
CA SER C 209 20.38 56.29 -33.34
C SER C 209 20.15 54.80 -33.20
N LYS C 210 19.29 54.28 -34.08
CA LYS C 210 18.75 52.93 -33.95
C LYS C 210 19.76 51.92 -34.47
N LYS C 211 20.89 51.79 -33.76
CA LYS C 211 22.01 50.98 -34.25
C LYS C 211 22.58 50.05 -33.19
N GLY C 212 21.81 49.74 -32.15
CA GLY C 212 22.17 48.65 -31.26
C GLY C 212 23.17 48.97 -30.17
N LYS C 213 24.45 49.02 -30.49
CA LYS C 213 25.44 49.37 -29.49
C LYS C 213 26.09 50.70 -29.81
N LEU C 214 26.47 51.42 -28.79
CA LEU C 214 27.27 52.61 -29.06
C LEU C 214 28.43 52.70 -28.08
N PRO C 215 29.64 52.84 -28.57
CA PRO C 215 30.76 53.18 -27.69
C PRO C 215 30.66 54.61 -27.20
N ILE C 216 31.38 54.89 -26.13
CA ILE C 216 31.49 56.22 -25.55
C ILE C 216 32.94 56.62 -25.60
N VAL C 217 33.24 57.76 -26.22
CA VAL C 217 34.61 58.22 -26.39
C VAL C 217 34.75 59.63 -25.83
N ASN C 218 35.94 59.92 -25.32
CA ASN C 218 36.28 61.25 -24.83
C ASN C 218 36.88 62.09 -25.95
N GLU C 219 37.50 63.22 -25.59
CA GLU C 219 38.06 64.16 -26.55
C GLU C 219 39.34 63.67 -27.23
N ASP C 220 39.85 62.50 -26.85
CA ASP C 220 41.05 61.92 -27.44
C ASP C 220 40.71 60.70 -28.29
N ASP C 221 39.41 60.43 -28.50
CA ASP C 221 38.87 59.21 -29.11
C ASP C 221 39.39 57.95 -28.39
N GLU C 222 39.33 57.98 -27.05
CA GLU C 222 39.67 56.82 -26.24
C GLU C 222 38.40 56.18 -25.70
N LEU C 223 38.36 54.85 -25.75
CA LEU C 223 37.17 54.09 -25.38
C LEU C 223 37.07 53.94 -23.86
N VAL C 224 35.90 54.27 -23.32
CA VAL C 224 35.69 54.19 -21.88
C VAL C 224 34.53 53.25 -21.53
N ALA C 225 33.45 53.28 -22.30
CA ALA C 225 32.25 52.53 -21.92
C ALA C 225 31.41 52.28 -23.15
N ILE C 226 30.59 51.22 -23.07
CA ILE C 226 29.69 50.83 -24.15
C ILE C 226 28.32 50.57 -23.55
N ILE C 227 27.28 50.99 -24.29
CA ILE C 227 25.88 50.77 -23.94
C ILE C 227 25.35 49.69 -24.86
N ALA C 228 24.75 48.65 -24.28
CA ALA C 228 24.07 47.68 -25.12
C ALA C 228 22.60 48.04 -25.25
N ARG C 229 21.92 47.38 -26.18
CA ARG C 229 20.50 47.64 -26.37
C ARG C 229 19.62 46.59 -25.71
N THR C 230 20.10 45.35 -25.60
CA THR C 230 19.35 44.31 -24.89
C THR C 230 19.21 44.61 -23.40
N ASP C 231 20.12 45.41 -22.85
CA ASP C 231 19.93 46.05 -21.55
C ASP C 231 18.62 46.81 -21.46
N LEU C 232 18.30 47.63 -22.45
CA LEU C 232 17.10 48.45 -22.38
C LEU C 232 15.84 47.62 -22.58
N LYS C 233 15.94 46.50 -23.28
CA LYS C 233 14.78 45.64 -23.46
C LYS C 233 14.57 44.75 -22.24
N LYS C 234 15.66 44.39 -21.54
CA LYS C 234 15.54 43.69 -20.27
C LYS C 234 15.08 44.59 -19.15
N ASN C 235 15.32 45.89 -19.24
CA ASN C 235 14.73 46.84 -18.31
C ASN C 235 13.22 46.96 -18.49
N ARG C 236 12.75 46.93 -19.74
CA ARG C 236 11.32 47.05 -20.00
C ARG C 236 10.59 45.76 -19.68
N ASP C 237 11.20 44.60 -19.95
CA ASP C 237 10.53 43.33 -19.73
C ASP C 237 10.47 42.94 -18.26
N TYR C 238 11.26 43.58 -17.40
CA TYR C 238 11.27 43.29 -15.96
C TYR C 238 11.27 44.61 -15.22
N PRO C 239 10.10 45.17 -14.93
CA PRO C 239 10.05 46.53 -14.33
C PRO C 239 10.57 46.58 -12.90
N LEU C 240 10.13 45.65 -12.05
CA LEU C 240 10.70 45.48 -10.72
C LEU C 240 11.85 44.49 -10.85
N ALA C 241 13.08 44.95 -10.62
CA ALA C 241 14.24 44.13 -10.89
C ALA C 241 15.36 44.24 -9.85
N SER C 242 15.19 45.07 -8.81
CA SER C 242 16.09 45.18 -7.66
C SER C 242 17.56 45.37 -8.01
N LYS C 243 17.89 46.48 -8.66
CA LYS C 243 19.23 46.68 -9.20
C LYS C 243 20.02 47.70 -8.39
N ASP C 244 21.33 47.72 -8.66
CA ASP C 244 22.30 48.53 -7.95
C ASP C 244 22.25 49.97 -8.49
N ALA C 245 23.03 50.87 -7.87
CA ALA C 245 23.12 52.26 -8.35
C ALA C 245 23.84 52.39 -9.67
N LYS C 246 24.62 51.40 -10.08
CA LYS C 246 25.19 51.35 -11.42
C LYS C 246 24.31 50.59 -12.41
N LYS C 247 23.03 50.41 -12.06
CA LYS C 247 22.00 49.77 -12.89
C LYS C 247 22.38 48.35 -13.28
N GLN C 248 22.91 47.60 -12.31
CA GLN C 248 23.21 46.19 -12.49
C GLN C 248 22.57 45.40 -11.36
N LEU C 249 22.40 44.10 -11.59
CA LEU C 249 21.61 43.27 -10.69
C LEU C 249 22.30 43.09 -9.35
N LEU C 250 21.51 43.16 -8.28
CA LEU C 250 22.02 42.86 -6.95
C LEU C 250 22.27 41.37 -6.81
N CYS C 251 23.28 41.04 -6.03
CA CYS C 251 23.58 39.64 -5.76
C CYS C 251 24.16 39.52 -4.36
N GLY C 252 23.89 38.39 -3.72
CA GLY C 252 24.48 38.05 -2.45
C GLY C 252 25.19 36.71 -2.54
N ALA C 253 25.98 36.44 -1.51
CA ALA C 253 26.75 35.19 -1.52
C ALA C 253 27.11 34.83 -0.09
N ALA C 254 26.98 33.56 0.25
CA ALA C 254 27.23 33.10 1.59
C ALA C 254 28.69 32.73 1.75
N ILE C 255 29.27 33.09 2.90
CA ILE C 255 30.62 32.68 3.26
C ILE C 255 30.54 31.94 4.59
N GLY C 256 31.66 31.32 4.96
CA GLY C 256 31.75 30.56 6.18
C GLY C 256 32.15 31.42 7.36
N THR C 257 32.71 30.77 8.36
CA THR C 257 33.09 31.45 9.59
C THR C 257 34.54 31.17 9.97
N HIS C 258 35.17 30.18 9.33
CA HIS C 258 36.56 29.83 9.57
C HIS C 258 37.49 30.92 9.03
N GLU C 259 38.73 30.92 9.51
CA GLU C 259 39.77 31.87 9.11
C GLU C 259 40.13 31.80 7.63
N ASP C 260 39.89 30.69 6.96
CA ASP C 260 40.25 30.54 5.56
C ASP C 260 39.30 31.34 4.66
N ASP C 261 38.12 31.66 5.15
CA ASP C 261 37.09 32.28 4.31
C ASP C 261 37.20 33.79 4.25
N LYS C 262 38.21 34.35 4.92
CA LYS C 262 38.56 35.76 4.72
C LYS C 262 39.27 36.01 3.40
N TYR C 263 39.70 34.95 2.72
CA TYR C 263 40.16 35.07 1.34
C TYR C 263 39.00 35.02 0.36
N ARG C 264 38.03 34.14 0.62
CA ARG C 264 36.79 34.09 -0.16
C ARG C 264 36.02 35.39 -0.04
N LEU C 265 36.03 35.99 1.15
CA LEU C 265 35.37 37.28 1.36
C LEU C 265 36.00 38.37 0.52
N ASP C 266 37.33 38.40 0.46
CA ASP C 266 38.01 39.43 -0.32
C ASP C 266 37.84 39.22 -1.81
N LEU C 267 37.82 37.96 -2.28
CA LEU C 267 37.52 37.69 -3.69
C LEU C 267 36.09 38.09 -4.06
N LEU C 268 35.13 37.83 -3.17
CA LEU C 268 33.74 38.19 -3.44
C LEU C 268 33.52 39.69 -3.38
N ALA C 269 34.22 40.37 -2.47
CA ALA C 269 34.10 41.82 -2.40
C ALA C 269 34.79 42.50 -3.57
N GLN C 270 35.85 41.90 -4.10
CA GLN C 270 36.47 42.43 -5.32
C GLN C 270 35.58 42.16 -6.53
N ALA C 271 34.91 41.02 -6.55
CA ALA C 271 34.01 40.71 -7.66
C ALA C 271 32.73 41.53 -7.61
N GLY C 272 32.35 42.06 -6.45
CA GLY C 272 31.32 43.07 -6.39
C GLY C 272 30.07 42.73 -5.62
N VAL C 273 30.14 41.77 -4.69
CA VAL C 273 28.94 41.35 -3.96
C VAL C 273 28.50 42.46 -3.02
N ASP C 274 27.19 42.57 -2.79
CA ASP C 274 26.64 43.67 -2.01
C ASP C 274 26.11 43.23 -0.65
N VAL C 275 25.95 41.93 -0.42
CA VAL C 275 25.51 41.42 0.87
C VAL C 275 26.06 40.01 1.04
N VAL C 276 26.48 39.67 2.26
CA VAL C 276 27.00 38.34 2.56
C VAL C 276 26.18 37.70 3.67
N VAL C 277 26.09 36.38 3.63
CA VAL C 277 25.35 35.59 4.62
C VAL C 277 26.36 34.72 5.36
N LEU C 278 26.51 34.97 6.65
CA LEU C 278 27.38 34.12 7.46
C LEU C 278 26.64 32.84 7.77
N ASP C 279 26.87 31.82 6.96
CA ASP C 279 26.08 30.59 7.00
C ASP C 279 26.54 29.73 8.17
N SER C 280 25.66 29.52 9.14
CA SER C 280 25.94 28.65 10.27
C SER C 280 24.61 28.12 10.79
N SER C 281 24.68 26.97 11.47
CA SER C 281 23.49 26.41 12.09
C SER C 281 23.07 27.21 13.32
N GLN C 282 24.04 27.70 14.08
CA GLN C 282 23.77 28.61 15.20
C GLN C 282 24.74 29.77 15.10
N GLY C 283 24.20 30.99 15.10
CA GLY C 283 25.00 32.16 14.83
C GLY C 283 25.50 32.92 16.03
N ASN C 284 25.43 32.33 17.23
CA ASN C 284 25.90 33.00 18.42
C ASN C 284 27.35 32.66 18.73
N SER C 285 28.14 32.29 17.73
CA SER C 285 29.52 31.94 17.97
C SER C 285 30.33 33.18 18.27
N ILE C 286 31.44 32.99 19.00
CA ILE C 286 32.45 34.04 19.08
C ILE C 286 33.14 34.18 17.73
N PHE C 287 33.11 33.13 16.91
CA PHE C 287 33.71 33.15 15.58
C PHE C 287 32.93 34.09 14.66
N GLN C 288 31.60 34.02 14.73
CA GLN C 288 30.78 34.83 13.85
C GLN C 288 30.70 36.27 14.33
N ILE C 289 30.75 36.49 15.65
CA ILE C 289 30.83 37.85 16.17
C ILE C 289 32.17 38.48 15.82
N ASN C 290 33.23 37.67 15.81
CA ASN C 290 34.53 38.18 15.38
C ASN C 290 34.55 38.51 13.89
N MET C 291 33.86 37.71 13.06
CA MET C 291 33.82 38.10 11.64
C MET C 291 32.90 39.28 11.37
N ILE C 292 31.84 39.47 12.16
CA ILE C 292 31.04 40.69 12.00
C ILE C 292 31.85 41.92 12.39
N LYS C 293 32.65 41.81 13.45
CA LYS C 293 33.55 42.92 13.77
C LYS C 293 34.67 43.06 12.75
N TYR C 294 35.02 41.99 12.04
CA TYR C 294 36.07 42.08 11.03
C TYR C 294 35.58 42.71 9.74
N ILE C 295 34.34 42.44 9.32
CA ILE C 295 33.89 42.95 8.03
C ILE C 295 33.61 44.44 8.09
N LYS C 296 32.93 44.89 9.15
CA LYS C 296 32.46 46.26 9.16
C LYS C 296 33.47 47.25 9.72
N ASP C 297 34.76 46.94 9.72
CA ASP C 297 35.77 47.99 9.82
C ASP C 297 36.78 47.90 8.68
N LYS C 298 36.60 46.98 7.74
CA LYS C 298 37.35 46.97 6.50
C LYS C 298 36.48 47.14 5.27
N TYR C 299 35.24 46.67 5.29
CA TYR C 299 34.32 46.76 4.17
C TYR C 299 33.11 47.55 4.65
N PRO C 300 33.23 48.88 4.76
CA PRO C 300 32.17 49.65 5.43
C PRO C 300 30.91 49.82 4.59
N ASN C 301 30.96 49.55 3.28
CA ASN C 301 29.78 49.61 2.43
C ASN C 301 29.33 48.21 2.01
N LEU C 302 29.44 47.24 2.91
CA LEU C 302 29.05 45.87 2.63
C LEU C 302 28.09 45.40 3.71
N GLN C 303 26.93 44.90 3.28
CA GLN C 303 25.91 44.43 4.21
C GLN C 303 26.20 42.99 4.63
N VAL C 304 25.87 42.66 5.88
CA VAL C 304 26.11 41.33 6.40
C VAL C 304 24.80 40.75 6.92
N ILE C 305 24.68 39.42 6.86
CA ILE C 305 23.53 38.69 7.39
C ILE C 305 24.08 37.74 8.44
N GLY C 306 23.56 37.83 9.66
CA GLY C 306 23.99 36.95 10.73
C GLY C 306 22.94 35.92 11.03
N GLY C 307 23.34 34.66 11.05
CA GLY C 307 22.41 33.59 11.32
C GLY C 307 23.13 32.30 11.62
N ASN C 308 22.39 31.29 12.06
CA ASN C 308 20.95 31.37 12.29
C ASN C 308 20.62 31.70 13.74
N VAL C 309 19.47 32.33 13.92
CA VAL C 309 19.03 32.87 15.20
C VAL C 309 17.59 32.44 15.43
N VAL C 310 17.31 31.86 16.61
CA VAL C 310 15.93 31.52 16.93
C VAL C 310 15.44 32.23 18.19
N THR C 311 16.29 32.34 19.21
CA THR C 311 15.86 33.04 20.41
C THR C 311 16.14 34.53 20.27
N ALA C 312 15.65 35.30 21.24
CA ALA C 312 16.00 36.71 21.31
C ALA C 312 17.28 36.94 22.09
N ALA C 313 17.86 35.88 22.64
CA ALA C 313 19.12 36.02 23.37
C ALA C 313 20.28 36.23 22.43
N GLN C 314 20.38 35.42 21.36
CA GLN C 314 21.49 35.63 20.42
C GLN C 314 21.19 36.73 19.43
N ALA C 315 19.94 37.17 19.36
CA ALA C 315 19.60 38.34 18.55
C ALA C 315 20.35 39.57 19.01
N LYS C 316 20.48 39.79 20.32
CA LYS C 316 21.21 40.97 20.77
C LYS C 316 22.71 40.81 20.57
N ASN C 317 23.24 39.59 20.74
CA ASN C 317 24.67 39.38 20.54
C ASN C 317 25.07 39.47 19.08
N LEU C 318 24.14 39.35 18.16
CA LEU C 318 24.52 39.67 16.79
C LEU C 318 24.22 41.11 16.42
N ILE C 319 23.16 41.71 16.96
CA ILE C 319 22.80 43.08 16.57
C ILE C 319 23.80 44.09 17.14
N ASP C 320 24.14 43.97 18.43
CA ASP C 320 25.05 44.98 18.99
C ASP C 320 26.49 44.75 18.55
N ALA C 321 26.77 43.57 17.99
CA ALA C 321 28.03 43.35 17.29
C ALA C 321 28.06 44.09 15.97
N GLY C 322 26.92 44.47 15.43
CA GLY C 322 26.85 45.35 14.30
C GLY C 322 26.17 44.81 13.06
N VAL C 323 25.46 43.68 13.16
CA VAL C 323 24.95 43.00 11.98
C VAL C 323 23.81 43.83 11.37
N ASP C 324 23.51 43.57 10.11
CA ASP C 324 22.56 44.38 9.36
C ASP C 324 21.19 43.74 9.20
N ALA C 325 21.12 42.41 9.16
CA ALA C 325 19.84 41.70 9.15
C ALA C 325 20.07 40.28 9.64
N LEU C 326 19.06 39.69 10.26
CA LEU C 326 19.18 38.36 10.84
C LEU C 326 18.54 37.32 9.91
N ARG C 327 19.07 36.10 9.99
CA ARG C 327 18.60 34.95 9.22
C ARG C 327 18.02 33.99 10.25
N VAL C 328 16.73 33.75 10.19
CA VAL C 328 16.01 33.21 11.33
C VAL C 328 15.48 31.82 11.06
N GLY C 329 15.81 30.89 11.96
CA GLY C 329 15.25 29.56 11.91
C GLY C 329 16.29 28.46 11.80
N MET C 330 16.44 27.67 12.87
CA MET C 330 17.24 26.46 12.84
C MET C 330 16.34 25.31 13.23
N GLY C 331 16.70 24.11 12.77
CA GLY C 331 15.95 22.92 13.07
C GLY C 331 14.75 22.65 12.19
N SER C 332 13.99 23.67 11.82
CA SER C 332 12.77 23.45 11.05
C SER C 332 13.00 23.65 9.56
N GLY C 333 13.96 22.91 8.99
CA GLY C 333 14.14 22.93 7.56
C GLY C 333 13.44 21.76 6.92
N SER C 334 13.29 21.78 5.59
CA SER C 334 12.70 20.63 4.92
C SER C 334 13.67 19.46 4.86
N ILE C 335 14.97 19.72 4.95
CA ILE C 335 16.01 18.71 4.89
C ILE C 335 16.78 18.56 6.19
N CYS C 336 16.55 19.43 7.17
CA CYS C 336 17.39 19.45 8.36
C CYS C 336 16.87 18.51 9.43
N ILE C 337 17.79 17.71 9.98
CA ILE C 337 17.51 16.80 11.09
C ILE C 337 18.27 17.29 12.31
N THR C 338 18.46 18.61 12.41
CA THR C 338 19.24 19.19 13.49
C THR C 338 18.56 19.00 14.84
N GLN C 339 17.23 19.08 14.90
CA GLN C 339 16.53 18.83 16.15
C GLN C 339 16.50 17.34 16.50
N GLU C 340 16.73 16.46 15.54
CA GLU C 340 16.63 15.02 15.76
C GLU C 340 17.99 14.38 15.92
N VAL C 341 19.06 15.16 15.86
CA VAL C 341 20.40 14.65 16.12
C VAL C 341 21.00 15.49 17.25
N LEU C 342 20.88 16.80 17.15
CA LEU C 342 21.48 17.70 18.12
C LEU C 342 20.49 18.29 19.12
N ALA C 343 19.19 18.06 18.94
CA ALA C 343 18.13 18.38 19.91
C ALA C 343 18.07 19.86 20.25
N CYS C 344 18.27 20.71 19.25
CA CYS C 344 18.23 22.15 19.45
C CYS C 344 17.36 22.80 18.37
N GLY C 345 16.97 24.02 18.64
CA GLY C 345 16.07 24.78 17.79
C GLY C 345 14.84 25.23 18.55
N ARG C 346 13.85 25.67 17.80
CA ARG C 346 12.51 25.93 18.31
C ARG C 346 11.58 25.91 17.11
N PRO C 347 10.26 25.76 17.32
CA PRO C 347 9.33 25.85 16.20
C PRO C 347 9.38 27.21 15.51
N GLN C 348 9.08 27.21 14.21
CA GLN C 348 9.51 28.28 13.33
C GLN C 348 8.74 29.57 13.58
N ALA C 349 7.42 29.47 13.74
CA ALA C 349 6.60 30.67 13.81
C ALA C 349 6.79 31.43 15.11
N THR C 350 7.12 30.72 16.20
CA THR C 350 7.42 31.43 17.44
C THR C 350 8.78 32.11 17.35
N ALA C 351 9.72 31.47 16.65
CA ALA C 351 11.05 32.06 16.42
C ALA C 351 10.94 33.35 15.63
N VAL C 352 10.21 33.30 14.51
CA VAL C 352 10.09 34.45 13.61
C VAL C 352 9.37 35.60 14.30
N TYR C 353 8.42 35.30 15.19
CA TYR C 353 7.79 36.38 15.93
C TYR C 353 8.72 36.97 16.97
N LYS C 354 9.39 36.15 17.77
CA LYS C 354 10.10 36.69 18.92
C LYS C 354 11.38 37.41 18.52
N VAL C 355 12.12 36.88 17.55
CA VAL C 355 13.34 37.59 17.17
C VAL C 355 13.01 38.83 16.36
N SER C 356 11.88 38.87 15.64
CA SER C 356 11.53 40.09 14.93
C SER C 356 10.98 41.14 15.88
N GLU C 357 10.30 40.69 16.95
CA GLU C 357 9.86 41.63 17.97
C GLU C 357 11.05 42.19 18.73
N TYR C 358 12.14 41.42 18.84
CA TYR C 358 13.34 42.04 19.40
C TYR C 358 14.04 42.94 18.40
N ALA C 359 14.17 42.53 17.14
CA ALA C 359 14.98 43.25 16.18
C ALA C 359 14.25 44.45 15.60
N ARG C 360 12.96 44.59 15.86
CA ARG C 360 12.24 45.81 15.52
C ARG C 360 12.72 46.97 16.37
N ARG C 361 13.23 46.69 17.56
CA ARG C 361 13.68 47.74 18.47
C ARG C 361 14.92 48.45 17.94
N PHE C 362 15.72 47.75 17.14
CA PHE C 362 16.98 48.29 16.65
C PHE C 362 16.95 48.57 15.15
N GLY C 363 15.79 48.46 14.52
CA GLY C 363 15.67 48.73 13.10
C GLY C 363 16.36 47.70 12.22
N VAL C 364 16.27 46.43 12.59
CA VAL C 364 16.97 45.36 11.89
C VAL C 364 15.95 44.39 11.32
N PRO C 365 15.88 44.23 10.00
CA PRO C 365 14.96 43.23 9.43
C PRO C 365 15.45 41.83 9.70
N VAL C 366 14.52 40.87 9.63
CA VAL C 366 14.87 39.47 9.80
C VAL C 366 14.44 38.71 8.56
N ILE C 367 15.07 37.57 8.33
CA ILE C 367 14.87 36.75 7.15
C ILE C 367 14.45 35.37 7.63
N ALA C 368 13.19 35.01 7.44
CA ALA C 368 12.71 33.71 7.86
C ALA C 368 13.06 32.66 6.80
N ASP C 369 13.66 31.55 7.23
CA ASP C 369 13.83 30.43 6.33
C ASP C 369 13.40 29.13 6.99
N GLY C 370 13.17 28.12 6.17
CA GLY C 370 12.80 26.82 6.67
C GLY C 370 11.32 26.69 6.93
N GLY C 371 10.75 25.55 6.57
CA GLY C 371 9.34 25.32 6.79
C GLY C 371 8.42 25.97 5.78
N ILE C 372 8.98 26.66 4.79
CA ILE C 372 8.16 27.30 3.76
C ILE C 372 7.78 26.25 2.73
N GLN C 373 6.48 25.96 2.64
CA GLN C 373 5.99 24.90 1.78
C GLN C 373 5.02 25.37 0.72
N ASN C 374 4.35 26.51 0.93
CA ASN C 374 3.35 26.99 0.00
C ASN C 374 3.24 28.51 0.13
N VAL C 375 2.18 29.08 -0.44
CA VAL C 375 2.03 30.53 -0.43
C VAL C 375 1.57 31.02 0.93
N GLY C 376 0.79 30.22 1.66
CA GLY C 376 0.27 30.65 2.94
C GLY C 376 1.32 30.81 4.02
N HIS C 377 2.36 29.96 3.99
CA HIS C 377 3.44 30.09 4.94
C HIS C 377 4.24 31.37 4.74
N ILE C 378 4.38 31.81 3.48
CA ILE C 378 5.08 33.06 3.21
C ILE C 378 4.30 34.24 3.78
N ALA C 379 2.98 34.22 3.62
CA ALA C 379 2.15 35.31 4.13
C ALA C 379 2.11 35.30 5.66
N LYS C 380 2.10 34.11 6.27
CA LYS C 380 2.17 34.03 7.73
C LYS C 380 3.52 34.54 8.25
N ALA C 381 4.61 34.20 7.57
CA ALA C 381 5.93 34.66 7.99
C ALA C 381 6.06 36.17 7.85
N LEU C 382 5.50 36.73 6.77
CA LEU C 382 5.54 38.18 6.60
C LEU C 382 4.60 38.90 7.54
N ALA C 383 3.55 38.22 8.02
CA ALA C 383 2.67 38.85 8.99
C ALA C 383 3.15 38.69 10.43
N LEU C 384 4.09 37.80 10.70
CA LEU C 384 4.61 37.68 12.06
C LEU C 384 5.79 38.58 12.32
N GLY C 385 6.32 39.25 11.32
CA GLY C 385 7.38 40.21 11.59
C GLY C 385 8.59 40.07 10.69
N ALA C 386 8.62 39.03 9.87
CA ALA C 386 9.74 38.89 8.95
C ALA C 386 9.59 39.88 7.81
N SER C 387 10.73 40.27 7.25
CA SER C 387 10.74 41.20 6.14
C SER C 387 10.88 40.51 4.80
N THR C 388 11.78 39.54 4.68
CA THR C 388 11.86 38.71 3.50
C THR C 388 11.77 37.25 3.92
N VAL C 389 11.36 36.40 3.00
CA VAL C 389 11.16 34.99 3.27
C VAL C 389 12.13 34.19 2.40
N MET C 390 13.05 33.48 3.03
CA MET C 390 14.07 32.73 2.33
C MET C 390 13.58 31.31 2.06
N MET C 391 13.48 30.94 0.79
CA MET C 391 12.88 29.68 0.40
C MET C 391 13.94 28.68 -0.05
N GLY C 392 13.69 27.42 0.28
CA GLY C 392 14.59 26.33 -0.03
C GLY C 392 13.99 25.39 -1.04
N SER C 393 13.36 24.31 -0.56
CA SER C 393 12.77 23.30 -1.43
C SER C 393 11.63 23.81 -2.30
N LEU C 394 11.00 24.92 -1.92
CA LEU C 394 9.95 25.47 -2.78
C LEU C 394 10.53 26.10 -4.04
N LEU C 395 11.73 26.67 -3.95
CA LEU C 395 12.43 27.17 -5.12
C LEU C 395 13.40 26.16 -5.71
N ALA C 396 13.48 24.97 -5.15
CA ALA C 396 14.37 23.96 -5.69
C ALA C 396 13.67 23.24 -6.84
N ALA C 397 14.50 22.65 -7.71
CA ALA C 397 14.07 21.81 -8.82
C ALA C 397 13.14 22.54 -9.78
N THR C 398 13.41 23.82 -10.01
CA THR C 398 12.48 24.51 -10.90
C THR C 398 12.97 24.53 -12.34
N THR C 399 13.92 25.39 -12.67
CA THR C 399 14.71 25.22 -13.89
C THR C 399 16.13 25.66 -13.62
N GLU C 400 16.28 26.66 -12.74
CA GLU C 400 17.57 27.27 -12.45
C GLU C 400 18.22 26.65 -11.23
N ALA C 401 18.24 25.33 -11.19
CA ALA C 401 18.99 24.60 -10.19
C ALA C 401 20.14 23.93 -10.92
N PRO C 402 21.25 23.59 -10.26
CA PRO C 402 22.38 22.99 -10.98
C PRO C 402 22.11 21.65 -11.63
N GLY C 403 21.55 20.69 -10.88
CA GLY C 403 21.43 19.34 -11.39
C GLY C 403 20.34 19.20 -12.45
N GLU C 404 20.42 18.12 -13.22
CA GLU C 404 19.42 17.88 -14.25
C GLU C 404 18.47 16.82 -13.71
N TYR C 405 17.47 16.44 -14.49
CA TYR C 405 16.31 15.69 -14.00
C TYR C 405 16.55 14.19 -14.15
N PHE C 406 15.74 13.42 -13.45
CA PHE C 406 15.81 11.96 -13.46
C PHE C 406 14.49 11.41 -12.96
N PHE C 407 14.15 10.22 -13.45
CA PHE C 407 12.83 9.62 -13.23
C PHE C 407 12.93 8.53 -12.17
N SER C 408 12.55 8.86 -10.95
CA SER C 408 12.44 7.90 -9.86
C SER C 408 10.98 7.60 -9.63
N ASP C 409 10.61 6.31 -9.68
CA ASP C 409 9.22 5.82 -9.61
C ASP C 409 8.38 6.43 -10.73
N GLY C 410 8.97 6.60 -11.90
CA GLY C 410 8.29 7.20 -13.02
C GLY C 410 7.93 8.67 -12.85
N ILE C 411 8.66 9.38 -11.98
CA ILE C 411 8.39 10.78 -11.68
C ILE C 411 9.60 11.63 -12.05
N ARG C 412 9.36 12.66 -12.85
CA ARG C 412 10.40 13.61 -13.24
C ARG C 412 10.67 14.53 -12.05
N LEU C 413 11.87 14.39 -11.47
CA LEU C 413 12.26 15.17 -10.30
C LEU C 413 13.77 15.37 -10.35
N LYS C 414 14.27 16.17 -9.41
CA LYS C 414 15.65 16.66 -9.43
C LYS C 414 16.23 16.49 -8.03
N LYS C 415 17.55 16.42 -7.95
CA LYS C 415 18.22 16.25 -6.67
C LYS C 415 18.06 17.49 -5.80
N TYR C 416 18.07 17.27 -4.49
CA TYR C 416 17.96 18.36 -3.52
C TYR C 416 18.56 17.86 -2.22
N ARG C 417 19.74 18.38 -1.87
CA ARG C 417 20.47 17.93 -0.70
C ARG C 417 20.76 19.10 0.21
N GLY C 418 20.90 18.79 1.49
CA GLY C 418 21.22 19.80 2.47
C GLY C 418 22.70 20.05 2.54
N MET C 419 23.05 21.19 3.11
CA MET C 419 24.45 21.58 3.19
C MET C 419 25.24 20.78 4.21
N GLY C 420 24.57 20.09 5.13
CA GLY C 420 25.22 19.25 6.11
C GLY C 420 25.07 17.77 5.92
N SER C 421 24.52 17.33 4.80
CA SER C 421 24.44 15.90 4.53
C SER C 421 25.83 15.38 4.15
N LEU C 422 26.00 14.08 4.26
CA LEU C 422 27.33 13.51 4.00
C LEU C 422 27.62 13.32 2.52
N ASP C 423 26.68 13.64 1.63
CA ASP C 423 26.96 13.59 0.20
C ASP C 423 27.47 14.92 -0.32
N ALA C 424 27.10 16.03 0.32
CA ALA C 424 27.54 17.36 -0.07
C ALA C 424 28.93 17.66 0.48
N MET C 425 29.08 17.58 1.81
CA MET C 425 30.37 17.85 2.42
C MET C 425 31.21 16.58 2.49
N ILE C 442 35.33 11.94 12.68
CA ILE C 442 33.90 11.62 12.77
C ILE C 442 33.08 12.87 12.47
N LYS C 443 32.35 12.84 11.36
CA LYS C 443 31.62 13.98 10.85
C LYS C 443 30.13 13.72 11.02
N VAL C 444 29.43 14.61 11.73
CA VAL C 444 28.01 14.40 12.08
C VAL C 444 27.13 15.02 11.00
N ALA C 445 26.11 14.29 10.58
CA ALA C 445 25.18 14.77 9.56
C ALA C 445 24.22 15.79 10.14
N GLN C 446 24.17 16.97 9.52
CA GLN C 446 23.24 18.02 9.91
C GLN C 446 21.98 18.01 9.06
N GLY C 447 21.91 17.15 8.05
CA GLY C 447 20.75 17.13 7.18
C GLY C 447 20.75 15.87 6.34
N VAL C 448 19.74 15.77 5.48
CA VAL C 448 19.58 14.62 4.60
C VAL C 448 19.69 15.10 3.15
N SER C 449 19.76 14.12 2.25
CA SER C 449 19.85 14.38 0.83
C SER C 449 18.73 13.62 0.13
N GLY C 450 18.04 14.30 -0.79
CA GLY C 450 16.89 13.68 -1.41
C GLY C 450 16.48 14.26 -2.74
N ALA C 451 15.18 14.39 -2.97
CA ALA C 451 14.69 14.81 -4.26
C ALA C 451 13.32 15.46 -4.11
N VAL C 452 12.97 16.27 -5.10
CA VAL C 452 11.73 17.03 -5.11
C VAL C 452 11.33 17.26 -6.57
N GLN C 453 10.03 17.32 -6.84
CA GLN C 453 9.49 17.29 -8.19
C GLN C 453 9.78 18.58 -8.96
N ASP C 454 9.50 18.52 -10.26
CA ASP C 454 9.70 19.67 -11.15
C ASP C 454 8.68 20.76 -10.86
N LYS C 455 9.07 22.01 -11.14
CA LYS C 455 8.17 23.15 -10.96
C LYS C 455 8.18 24.16 -12.09
N GLY C 456 8.88 23.93 -13.19
CA GLY C 456 8.87 24.88 -14.29
C GLY C 456 9.73 26.10 -14.02
N SER C 457 9.74 27.03 -14.96
CA SER C 457 10.59 28.21 -14.81
C SER C 457 10.03 29.14 -13.75
N ILE C 458 10.93 29.84 -13.05
CA ILE C 458 10.47 30.73 -11.99
C ILE C 458 10.12 32.12 -12.49
N HIS C 459 10.25 32.37 -13.80
CA HIS C 459 9.68 33.59 -14.32
C HIS C 459 8.16 33.52 -14.41
N LYS C 460 7.58 32.32 -14.33
CA LYS C 460 6.15 32.17 -14.17
C LYS C 460 5.76 31.60 -12.82
N PHE C 461 6.72 31.26 -11.95
CA PHE C 461 6.42 30.73 -10.63
C PHE C 461 6.50 31.79 -9.54
N VAL C 462 7.48 32.69 -9.62
CA VAL C 462 7.60 33.80 -8.70
C VAL C 462 6.44 34.81 -8.84
N PRO C 463 5.95 35.22 -10.07
CA PRO C 463 4.75 36.08 -10.09
C PRO C 463 3.49 35.45 -9.53
N TYR C 464 3.40 34.11 -9.57
CA TYR C 464 2.31 33.45 -8.86
C TYR C 464 2.42 33.63 -7.36
N LEU C 465 3.63 33.50 -6.81
CA LEU C 465 3.82 33.75 -5.39
C LEU C 465 3.52 35.19 -5.03
N ILE C 466 3.85 36.13 -5.92
CA ILE C 466 3.52 37.53 -5.71
C ILE C 466 2.02 37.77 -5.68
N ALA C 467 1.29 37.19 -6.63
CA ALA C 467 -0.15 37.34 -6.65
C ALA C 467 -0.82 36.68 -5.46
N GLY C 468 -0.28 35.55 -4.99
CA GLY C 468 -0.80 34.94 -3.78
C GLY C 468 -0.54 35.71 -2.49
N ILE C 469 0.66 36.29 -2.36
CA ILE C 469 0.96 37.14 -1.21
C ILE C 469 0.05 38.37 -1.21
N GLN C 470 -0.16 38.98 -2.39
CA GLN C 470 -0.99 40.18 -2.37
C GLN C 470 -2.48 39.87 -2.27
N HIS C 471 -2.94 38.68 -2.69
CA HIS C 471 -4.30 38.26 -2.33
C HIS C 471 -4.45 38.03 -0.83
N SER C 472 -3.42 37.46 -0.20
CA SER C 472 -3.46 37.30 1.25
C SER C 472 -3.47 38.63 1.97
N CYS C 473 -2.70 39.60 1.48
CA CYS C 473 -2.72 40.93 2.07
C CYS C 473 -4.01 41.67 1.77
N GLN C 474 -4.72 41.27 0.71
CA GLN C 474 -6.07 41.79 0.51
C GLN C 474 -7.04 41.25 1.54
N ASP C 475 -6.97 39.93 1.81
CA ASP C 475 -7.90 39.35 2.78
C ASP C 475 -7.60 39.79 4.21
N ILE C 476 -6.33 40.03 4.53
CA ILE C 476 -5.99 40.65 5.81
C ILE C 476 -6.55 42.07 5.85
N GLY C 477 -6.41 42.81 4.77
CA GLY C 477 -6.98 44.13 4.68
C GLY C 477 -5.98 45.25 4.84
N ALA C 478 -4.80 45.09 4.23
CA ALA C 478 -3.75 46.08 4.32
C ALA C 478 -3.17 46.38 2.95
N LYS C 479 -2.83 47.64 2.73
CA LYS C 479 -2.34 48.08 1.42
C LYS C 479 -0.91 47.64 1.15
N SER C 480 -0.14 47.31 2.18
CA SER C 480 1.26 46.97 2.01
C SER C 480 1.70 46.08 3.15
N LEU C 481 2.92 45.54 3.04
CA LEU C 481 3.43 44.66 4.09
C LEU C 481 3.77 45.45 5.35
N THR C 482 4.18 46.71 5.19
CA THR C 482 4.42 47.56 6.34
C THR C 482 3.13 47.80 7.12
N GLN C 483 2.01 47.91 6.41
CA GLN C 483 0.72 48.03 7.09
C GLN C 483 0.33 46.72 7.76
N VAL C 484 0.72 45.57 7.19
CA VAL C 484 0.45 44.28 7.82
C VAL C 484 1.19 44.17 9.16
N ARG C 485 2.48 44.51 9.15
CA ARG C 485 3.23 44.42 10.41
C ARG C 485 2.83 45.52 11.38
N ALA C 486 2.39 46.68 10.89
CA ALA C 486 1.90 47.73 11.79
C ALA C 486 0.59 47.30 12.46
N MET C 487 -0.30 46.68 11.70
CA MET C 487 -1.53 46.12 12.26
C MET C 487 -1.25 44.96 13.20
N MET C 488 -0.16 44.22 12.98
CA MET C 488 0.17 43.13 13.89
C MET C 488 0.73 43.65 15.20
N TYR C 489 1.69 44.57 15.15
CA TYR C 489 2.25 45.10 16.40
C TYR C 489 1.33 46.08 17.10
N SER C 490 0.31 46.59 16.42
CA SER C 490 -0.62 47.52 17.05
C SER C 490 -1.70 46.82 17.84
N GLY C 491 -2.05 45.59 17.45
CA GLY C 491 -3.14 44.87 18.06
C GLY C 491 -4.39 44.77 17.20
N GLU C 492 -4.37 45.33 16.00
CA GLU C 492 -5.54 45.30 15.13
C GLU C 492 -5.64 43.98 14.38
N LEU C 493 -4.52 43.44 13.93
CA LEU C 493 -4.51 42.19 13.17
C LEU C 493 -4.46 41.04 14.16
N LYS C 494 -5.52 40.23 14.18
CA LYS C 494 -5.68 39.21 15.21
C LYS C 494 -5.63 37.80 14.64
N PHE C 495 -5.15 36.88 15.48
CA PHE C 495 -4.86 35.50 15.11
C PHE C 495 -5.80 34.56 15.88
N GLU C 496 -5.65 33.25 15.63
CA GLU C 496 -6.39 32.25 16.38
C GLU C 496 -5.69 30.91 16.24
N LYS C 497 -5.65 30.15 17.33
CA LYS C 497 -5.01 28.83 17.32
C LYS C 497 -5.83 27.82 16.53
N ARG C 498 -5.22 26.67 16.30
CA ARG C 498 -5.82 25.55 15.59
C ARG C 498 -5.42 24.26 16.28
N THR C 499 -6.36 23.33 16.38
CA THR C 499 -6.06 22.01 16.89
C THR C 499 -5.62 21.09 15.76
N SER C 500 -5.45 19.81 16.08
CA SER C 500 -5.03 18.83 15.08
C SER C 500 -6.15 18.46 14.13
N SER C 501 -7.40 18.75 14.49
CA SER C 501 -8.53 18.38 13.64
C SER C 501 -8.88 19.48 12.66
N ALA C 502 -8.63 20.75 13.02
CA ALA C 502 -8.81 21.83 12.07
C ALA C 502 -7.81 21.77 10.93
N GLN C 503 -6.64 21.18 11.19
CA GLN C 503 -5.62 21.05 10.16
C GLN C 503 -6.01 20.00 9.12
N VAL C 504 -6.80 19.01 9.52
CA VAL C 504 -7.28 18.01 8.58
C VAL C 504 -8.35 18.60 7.67
N GLU C 505 -9.32 19.34 8.24
CA GLU C 505 -10.40 19.84 7.39
C GLU C 505 -10.02 21.13 6.66
N GLY C 506 -8.92 21.77 7.06
CA GLY C 506 -8.53 22.99 6.38
C GLY C 506 -8.00 22.74 4.98
N GLY C 507 -7.14 21.74 4.82
CA GLY C 507 -6.69 21.33 3.51
C GLY C 507 -7.74 20.52 2.78
N VAL C 508 -7.29 19.82 1.74
CA VAL C 508 -8.22 19.05 0.94
C VAL C 508 -8.61 17.77 1.67
N HIS C 509 -9.91 17.53 1.79
CA HIS C 509 -10.41 16.34 2.46
C HIS C 509 -11.72 15.91 1.84
N SER C 510 -12.11 14.67 2.14
CA SER C 510 -13.38 14.05 1.74
C SER C 510 -13.56 14.05 0.22
N LEU C 511 -12.48 13.78 -0.50
CA LEU C 511 -12.48 13.59 -1.93
C LEU C 511 -11.74 12.29 -2.24
N HIS C 512 -12.23 11.54 -3.21
CA HIS C 512 -11.54 10.35 -3.65
C HIS C 512 -10.20 10.70 -4.30
N SER C 513 -10.24 11.46 -5.39
CA SER C 513 -9.03 11.95 -6.04
C SER C 513 -9.18 13.45 -6.25
N TYR C 514 -8.07 14.17 -6.17
CA TYR C 514 -8.11 15.60 -6.45
C TYR C 514 -6.86 16.03 -7.19
N GLU C 515 -7.05 16.80 -8.25
CA GLU C 515 -5.95 17.42 -8.97
C GLU C 515 -5.80 18.86 -8.48
N LYS C 516 -4.58 19.26 -8.14
CA LYS C 516 -4.33 20.49 -7.40
C LYS C 516 -3.44 21.40 -8.22
N ARG C 517 -4.07 22.33 -8.95
CA ARG C 517 -3.35 23.26 -9.81
C ARG C 517 -3.21 24.60 -9.08
N LEU C 518 -2.04 25.22 -9.21
CA LEU C 518 -1.80 26.51 -8.58
C LEU C 518 -1.74 27.65 -9.58
N PHE C 519 -0.84 27.59 -10.54
CA PHE C 519 -0.64 28.67 -11.49
C PHE C 519 -0.96 28.21 -12.91
N TYR D 17 -31.98 19.47 41.46
CA TYR D 17 -30.58 19.54 41.85
C TYR D 17 -29.75 19.92 40.65
N VAL D 18 -29.90 19.16 39.57
CA VAL D 18 -29.23 19.33 38.27
C VAL D 18 -27.72 19.51 38.44
N PRO D 19 -26.97 18.42 38.61
CA PRO D 19 -25.52 18.53 38.84
C PRO D 19 -24.80 19.17 37.67
N ASP D 20 -23.97 20.16 37.99
CA ASP D 20 -23.21 20.90 36.98
C ASP D 20 -22.12 19.99 36.41
N ASP D 21 -22.26 19.61 35.15
CA ASP D 21 -21.35 18.68 34.50
C ASP D 21 -21.18 19.12 33.05
N GLY D 22 -19.97 19.46 32.67
CA GLY D 22 -19.67 19.91 31.32
C GLY D 22 -19.50 21.40 31.25
N LEU D 23 -19.06 21.85 30.08
CA LEU D 23 -18.85 23.26 29.81
C LEU D 23 -20.03 23.81 29.03
N THR D 24 -20.41 25.05 29.33
CA THR D 24 -21.43 25.71 28.52
C THR D 24 -20.79 26.21 27.23
N ALA D 25 -21.58 26.88 26.40
CA ALA D 25 -21.08 27.27 25.10
C ALA D 25 -20.13 28.47 25.18
N GLN D 26 -20.42 29.42 26.06
CA GLN D 26 -19.53 30.57 26.18
C GLN D 26 -18.27 30.20 26.97
N GLN D 27 -18.37 29.19 27.82
CA GLN D 27 -17.18 28.69 28.51
C GLN D 27 -16.30 27.86 27.61
N LEU D 28 -16.82 27.38 26.48
CA LEU D 28 -16.06 26.51 25.60
C LEU D 28 -15.31 27.28 24.52
N PHE D 29 -16.00 28.23 23.87
CA PHE D 29 -15.46 28.93 22.72
C PHE D 29 -14.85 30.28 23.08
N ASN D 30 -14.54 30.50 24.35
CA ASN D 30 -13.82 31.71 24.77
C ASN D 30 -12.52 31.36 25.50
N CYS D 31 -12.02 30.14 25.35
CA CYS D 31 -10.70 29.82 25.85
C CYS D 31 -9.61 30.42 24.97
N GLY D 32 -9.93 30.86 23.77
CA GLY D 32 -8.97 31.38 22.83
C GLY D 32 -8.60 30.40 21.75
N ASP D 33 -8.80 29.11 22.00
CA ASP D 33 -8.49 28.08 21.03
C ASP D 33 -9.60 27.98 19.98
N GLY D 34 -9.19 27.62 18.76
CA GLY D 34 -10.14 27.49 17.68
C GLY D 34 -10.59 26.06 17.46
N LEU D 35 -11.80 25.74 17.91
CA LEU D 35 -12.33 24.39 17.79
C LEU D 35 -13.07 24.21 16.48
N THR D 36 -13.05 23.00 15.97
CA THR D 36 -13.80 22.62 14.80
C THR D 36 -14.91 21.64 15.20
N TYR D 37 -15.59 21.08 14.20
CA TYR D 37 -16.70 20.17 14.45
C TYR D 37 -16.30 18.87 15.10
N ASN D 38 -15.03 18.47 15.00
CA ASN D 38 -14.60 17.20 15.58
C ASN D 38 -13.96 17.36 16.94
N ASP D 39 -13.78 18.57 17.43
CA ASP D 39 -13.10 18.78 18.69
C ASP D 39 -14.02 18.86 19.89
N PHE D 40 -15.33 18.76 19.69
CA PHE D 40 -16.25 18.77 20.81
C PHE D 40 -17.41 17.87 20.47
N LEU D 41 -18.24 17.59 21.47
CA LEU D 41 -19.49 16.88 21.24
C LEU D 41 -20.43 17.20 22.38
N ILE D 42 -21.71 17.04 22.12
CA ILE D 42 -22.78 17.58 22.95
C ILE D 42 -23.19 16.55 23.99
N LEU D 43 -23.28 16.98 25.24
CA LEU D 43 -23.75 16.09 26.30
C LEU D 43 -25.24 15.89 26.20
N PRO D 44 -25.76 14.68 26.43
CA PRO D 44 -27.19 14.44 26.30
C PRO D 44 -27.96 14.99 27.51
N GLY D 45 -29.28 15.04 27.33
CA GLY D 45 -30.16 15.59 28.34
C GLY D 45 -31.28 14.68 28.76
N TYR D 46 -32.50 15.19 28.77
CA TYR D 46 -33.66 14.48 29.25
C TYR D 46 -34.64 14.26 28.12
N ILE D 47 -35.11 13.02 27.97
CA ILE D 47 -36.01 12.64 26.88
C ILE D 47 -37.40 12.40 27.45
N ASP D 48 -38.39 13.17 26.96
CA ASP D 48 -39.77 12.89 27.30
C ASP D 48 -40.69 12.99 26.09
N PHE D 49 -40.17 12.63 24.92
CA PHE D 49 -40.90 12.79 23.67
C PHE D 49 -40.32 11.82 22.65
N THR D 50 -41.17 11.40 21.72
CA THR D 50 -40.70 10.53 20.66
C THR D 50 -39.97 11.35 19.61
N ALA D 51 -39.33 10.65 18.68
CA ALA D 51 -38.43 11.30 17.72
C ALA D 51 -39.16 12.11 16.67
N ASP D 52 -40.38 11.73 16.30
CA ASP D 52 -41.07 12.41 15.21
C ASP D 52 -41.85 13.64 15.66
N GLN D 53 -41.81 13.98 16.94
CA GLN D 53 -42.42 15.23 17.39
C GLN D 53 -41.46 16.41 17.29
N VAL D 54 -40.28 16.22 16.72
CA VAL D 54 -39.30 17.29 16.66
C VAL D 54 -39.62 18.22 15.50
N ASP D 55 -39.75 19.52 15.80
CA ASP D 55 -40.07 20.54 14.82
C ASP D 55 -38.78 21.14 14.30
N LEU D 56 -38.46 20.87 13.03
CA LEU D 56 -37.26 21.41 12.43
C LEU D 56 -37.49 22.71 11.67
N THR D 57 -38.47 23.50 12.07
CA THR D 57 -38.74 24.77 11.42
C THR D 57 -37.62 25.75 11.71
N SER D 58 -36.96 26.24 10.66
CA SER D 58 -35.83 27.13 10.81
C SER D 58 -35.94 28.24 9.78
N ALA D 59 -35.35 29.38 10.10
CA ALA D 59 -35.44 30.56 9.26
C ALA D 59 -34.21 30.69 8.37
N LEU D 60 -34.44 30.92 7.08
CA LEU D 60 -33.31 31.14 6.15
C LEU D 60 -32.86 32.59 6.24
N THR D 61 -33.72 33.52 5.84
CA THR D 61 -33.49 34.94 6.02
C THR D 61 -34.38 35.47 7.13
N LYS D 62 -34.46 36.79 7.28
CA LYS D 62 -35.39 37.41 8.21
C LYS D 62 -36.84 37.15 7.87
N LYS D 63 -37.18 36.92 6.59
CA LYS D 63 -38.55 36.78 6.19
C LYS D 63 -38.88 35.47 5.47
N ILE D 64 -37.88 34.71 5.04
CA ILE D 64 -38.09 33.39 4.46
C ILE D 64 -37.97 32.37 5.57
N THR D 65 -38.92 31.43 5.64
CA THR D 65 -38.91 30.38 6.65
C THR D 65 -39.02 29.04 5.95
N LEU D 66 -38.01 28.20 6.12
CA LEU D 66 -38.02 26.86 5.55
C LEU D 66 -38.63 25.89 6.55
N LYS D 67 -38.91 24.67 6.08
CA LYS D 67 -39.37 23.61 6.97
C LYS D 67 -38.25 22.68 7.39
N THR D 68 -37.17 22.58 6.59
CA THR D 68 -36.00 21.79 6.95
C THR D 68 -34.76 22.67 6.93
N PRO D 69 -33.84 22.50 7.87
CA PRO D 69 -32.74 23.45 8.04
C PRO D 69 -31.50 23.11 7.20
N LEU D 70 -31.69 22.88 5.91
CA LEU D 70 -30.55 22.52 5.09
C LEU D 70 -30.77 22.96 3.65
N VAL D 71 -29.77 23.66 3.10
CA VAL D 71 -29.81 24.25 1.78
C VAL D 71 -28.61 23.73 1.00
N SER D 72 -28.60 23.97 -0.31
CA SER D 72 -27.50 23.51 -1.15
C SER D 72 -26.59 24.68 -1.54
N SER D 73 -25.32 24.38 -1.76
CA SER D 73 -24.30 25.41 -1.92
C SER D 73 -24.12 25.79 -3.39
N PRO D 74 -24.18 27.08 -3.73
CA PRO D 74 -24.19 27.48 -5.15
C PRO D 74 -22.88 27.26 -5.89
N MET D 75 -22.60 26.00 -6.21
CA MET D 75 -21.45 25.62 -7.02
C MET D 75 -21.93 25.05 -8.35
N ASP D 76 -21.05 25.08 -9.36
CA ASP D 76 -21.46 24.65 -10.69
C ASP D 76 -21.54 23.15 -10.86
N THR D 77 -21.23 22.39 -9.82
CA THR D 77 -21.29 20.95 -9.87
C THR D 77 -22.18 20.39 -8.77
N VAL D 78 -23.00 21.24 -8.16
CA VAL D 78 -23.90 20.81 -7.09
C VAL D 78 -25.33 21.15 -7.44
N THR D 79 -25.62 22.40 -7.78
CA THR D 79 -27.01 22.83 -7.89
C THR D 79 -27.28 23.73 -9.09
N GLU D 80 -27.73 23.12 -10.17
CA GLU D 80 -28.60 23.75 -11.16
C GLU D 80 -30.05 23.43 -10.79
N ALA D 81 -30.99 23.63 -11.71
CA ALA D 81 -32.41 23.62 -11.36
C ALA D 81 -32.92 22.25 -10.91
N GLY D 82 -32.24 21.17 -11.27
CA GLY D 82 -32.65 19.86 -10.77
C GLY D 82 -32.46 19.74 -9.27
N MET D 83 -31.31 20.17 -8.77
CA MET D 83 -31.10 20.20 -7.32
C MET D 83 -31.97 21.27 -6.66
N ALA D 84 -32.34 22.32 -7.39
CA ALA D 84 -33.23 23.33 -6.82
C ALA D 84 -34.63 22.79 -6.60
N ILE D 85 -35.18 22.08 -7.59
CA ILE D 85 -36.51 21.50 -7.41
C ILE D 85 -36.45 20.32 -6.45
N ALA D 86 -35.30 19.65 -6.35
CA ALA D 86 -35.24 18.51 -5.46
C ALA D 86 -34.98 18.91 -4.02
N MET D 87 -34.32 20.05 -3.79
CA MET D 87 -34.14 20.55 -2.43
C MET D 87 -35.33 21.38 -1.98
N ALA D 88 -36.07 21.95 -2.92
CA ALA D 88 -37.26 22.70 -2.50
C ALA D 88 -38.37 21.77 -2.06
N LEU D 89 -38.58 20.67 -2.78
CA LEU D 89 -39.69 19.77 -2.48
C LEU D 89 -39.50 18.99 -1.19
N THR D 90 -38.26 18.79 -0.74
CA THR D 90 -38.00 18.06 0.49
C THR D 90 -37.82 18.98 1.68
N GLY D 91 -38.13 20.27 1.53
CA GLY D 91 -38.12 21.17 2.65
C GLY D 91 -37.20 22.37 2.54
N GLY D 92 -35.99 22.18 2.04
CA GLY D 92 -34.98 23.22 2.01
C GLY D 92 -35.15 24.20 0.88
N ILE D 93 -34.04 24.72 0.39
CA ILE D 93 -34.03 25.63 -0.75
C ILE D 93 -32.71 25.38 -1.48
N GLY D 94 -32.61 25.80 -2.73
CA GLY D 94 -31.38 25.63 -3.46
C GLY D 94 -30.93 26.92 -4.12
N PHE D 95 -29.64 27.20 -4.12
CA PHE D 95 -29.12 28.43 -4.71
C PHE D 95 -28.44 28.12 -6.04
N ILE D 96 -28.91 28.75 -7.10
CA ILE D 96 -28.38 28.50 -8.44
C ILE D 96 -27.05 29.22 -8.58
N HIS D 97 -26.05 28.52 -9.11
CA HIS D 97 -24.70 29.07 -9.20
C HIS D 97 -24.62 30.12 -10.31
N HIS D 98 -23.50 30.83 -10.33
CA HIS D 98 -23.29 31.93 -11.28
C HIS D 98 -22.09 31.68 -12.18
N ASN D 99 -21.74 30.41 -12.41
CA ASN D 99 -20.64 30.07 -13.32
C ASN D 99 -21.20 29.81 -14.72
N CYS D 100 -21.92 30.79 -15.23
CA CYS D 100 -22.61 30.67 -16.50
C CYS D 100 -22.98 32.08 -16.97
N THR D 101 -23.57 32.15 -18.17
CA THR D 101 -24.12 33.40 -18.68
C THR D 101 -25.35 33.77 -17.86
N PRO D 102 -25.70 35.07 -17.78
CA PRO D 102 -26.91 35.45 -17.04
C PRO D 102 -28.20 34.92 -17.63
N GLU D 103 -28.25 34.69 -18.94
CA GLU D 103 -29.43 34.10 -19.55
C GLU D 103 -29.62 32.66 -19.15
N PHE D 104 -28.53 31.91 -18.98
CA PHE D 104 -28.61 30.52 -18.55
C PHE D 104 -29.17 30.42 -17.14
N GLN D 105 -28.65 31.25 -16.22
CA GLN D 105 -29.11 31.23 -14.84
C GLN D 105 -30.53 31.75 -14.72
N ALA D 106 -30.89 32.75 -15.53
CA ALA D 106 -32.27 33.20 -15.58
C ALA D 106 -33.20 32.15 -16.16
N ASN D 107 -32.70 31.27 -17.03
CA ASN D 107 -33.50 30.13 -17.46
C ASN D 107 -33.64 29.09 -16.37
N GLU D 108 -32.58 28.85 -15.59
CA GLU D 108 -32.63 27.83 -14.53
C GLU D 108 -33.61 28.24 -13.42
N VAL D 109 -33.62 29.52 -13.07
CA VAL D 109 -34.51 29.97 -12.00
C VAL D 109 -35.97 29.99 -12.49
N ARG D 110 -36.19 30.20 -13.79
CA ARG D 110 -37.53 30.02 -14.31
C ARG D 110 -37.92 28.55 -14.37
N LYS D 111 -36.95 27.67 -14.62
CA LYS D 111 -37.23 26.24 -14.70
C LYS D 111 -37.62 25.67 -13.35
N VAL D 112 -37.03 26.19 -12.27
CA VAL D 112 -37.49 25.77 -10.94
C VAL D 112 -38.80 26.45 -10.56
N LYS D 113 -38.97 27.74 -10.86
CA LYS D 113 -40.22 28.36 -10.44
C LYS D 113 -41.38 28.08 -11.37
N LYS D 114 -41.17 27.37 -12.48
CA LYS D 114 -42.26 26.86 -13.29
C LYS D 114 -42.26 25.34 -13.27
N TYR D 115 -41.97 24.76 -12.12
CA TYR D 115 -42.11 23.33 -11.90
C TYR D 115 -43.40 22.99 -11.17
N GLU D 116 -43.88 23.88 -10.32
CA GLU D 116 -45.11 23.66 -9.59
C GLU D 116 -45.76 25.03 -9.43
N GLN D 117 -46.93 25.21 -10.05
CA GLN D 117 -47.48 26.53 -10.24
C GLN D 117 -49.00 26.47 -10.04
N GLY D 118 -49.50 27.28 -9.10
CA GLY D 118 -50.91 27.26 -8.79
C GLY D 118 -51.79 27.95 -9.81
N PHE D 119 -51.73 29.27 -9.89
CA PHE D 119 -52.35 30.01 -11.00
C PHE D 119 -51.31 30.17 -12.09
N ILE D 120 -51.40 29.35 -13.13
CA ILE D 120 -50.47 29.46 -14.25
C ILE D 120 -50.88 30.69 -15.06
N THR D 121 -50.21 31.81 -14.82
CA THR D 121 -50.64 33.09 -15.38
C THR D 121 -50.32 33.19 -16.86
N ASP D 122 -49.14 32.73 -17.26
CA ASP D 122 -48.71 32.77 -18.66
C ASP D 122 -48.24 31.38 -19.09
N PRO D 123 -49.16 30.50 -19.47
CA PRO D 123 -48.78 29.23 -20.07
C PRO D 123 -48.55 29.37 -21.57
N VAL D 124 -48.18 28.25 -22.19
CA VAL D 124 -48.14 28.21 -23.63
C VAL D 124 -49.55 28.10 -24.19
N VAL D 125 -49.83 28.87 -25.24
CA VAL D 125 -51.10 28.81 -25.96
C VAL D 125 -50.80 28.76 -27.44
N LEU D 126 -51.67 28.12 -28.20
CA LEU D 126 -51.53 28.04 -29.64
C LEU D 126 -52.82 28.49 -30.31
N SER D 127 -52.74 28.64 -31.62
CA SER D 127 -53.85 29.05 -32.48
C SER D 127 -54.42 27.82 -33.16
N PRO D 128 -55.67 27.87 -33.60
CA PRO D 128 -56.21 26.72 -34.36
C PRO D 128 -55.63 26.57 -35.75
N LYS D 129 -54.88 27.55 -36.24
CA LYS D 129 -54.36 27.54 -37.60
C LYS D 129 -53.06 26.76 -37.73
N ASP D 130 -52.51 26.23 -36.64
CA ASP D 130 -51.19 25.63 -36.68
C ASP D 130 -51.25 24.18 -37.17
N ARG D 131 -50.12 23.51 -37.04
CA ARG D 131 -50.05 22.08 -37.26
C ARG D 131 -49.62 21.45 -35.94
N VAL D 132 -49.70 20.11 -35.87
CA VAL D 132 -49.31 19.38 -34.67
C VAL D 132 -47.79 19.39 -34.46
N ARG D 133 -47.02 19.72 -35.50
CA ARG D 133 -45.57 19.84 -35.37
C ARG D 133 -45.18 20.96 -34.41
N ASP D 134 -46.01 22.01 -34.31
CA ASP D 134 -45.80 23.03 -33.29
C ASP D 134 -46.06 22.49 -31.89
N VAL D 135 -46.99 21.53 -31.77
CA VAL D 135 -47.30 20.97 -30.46
C VAL D 135 -46.19 20.04 -29.98
N PHE D 136 -45.68 19.16 -30.85
CA PHE D 136 -44.52 18.36 -30.49
C PHE D 136 -43.26 19.23 -30.33
N GLU D 137 -43.20 20.37 -31.03
CA GLU D 137 -42.16 21.35 -30.76
C GLU D 137 -42.27 21.92 -29.35
N ALA D 138 -43.49 22.16 -28.87
CA ALA D 138 -43.69 22.60 -27.50
C ALA D 138 -43.36 21.50 -26.50
N LYS D 139 -43.65 20.25 -26.85
CA LYS D 139 -43.41 19.14 -25.94
C LYS D 139 -41.93 18.83 -25.80
N ALA D 140 -41.19 18.86 -26.92
CA ALA D 140 -39.75 18.64 -26.90
C ALA D 140 -38.98 19.76 -26.22
N ARG D 141 -39.61 20.91 -25.98
CA ARG D 141 -38.99 22.07 -25.38
C ARG D 141 -39.37 22.26 -23.92
N HIS D 142 -40.63 22.01 -23.56
CA HIS D 142 -41.06 22.26 -22.18
C HIS D 142 -41.34 20.99 -21.40
N GLY D 143 -41.83 19.93 -22.07
CA GLY D 143 -41.99 18.65 -21.43
C GLY D 143 -43.39 18.27 -21.03
N PHE D 144 -44.40 19.02 -21.48
CA PHE D 144 -45.78 18.70 -21.17
C PHE D 144 -46.64 18.91 -22.41
N CYS D 145 -47.85 18.34 -22.37
CA CYS D 145 -48.76 18.39 -23.49
C CYS D 145 -50.03 19.18 -23.23
N GLY D 146 -50.24 19.67 -22.03
CA GLY D 146 -51.40 20.51 -21.79
C GLY D 146 -51.24 21.91 -22.35
N ILE D 147 -51.96 22.22 -23.43
CA ILE D 147 -51.94 23.54 -24.04
C ILE D 147 -53.38 24.00 -24.25
N PRO D 148 -53.81 25.10 -23.64
CA PRO D 148 -55.09 25.67 -24.03
C PRO D 148 -54.97 26.37 -25.38
N ILE D 149 -56.02 26.23 -26.20
CA ILE D 149 -56.04 26.79 -27.54
C ILE D 149 -56.82 28.09 -27.51
N THR D 150 -56.22 29.16 -28.00
CA THR D 150 -56.89 30.44 -28.15
C THR D 150 -56.91 30.82 -29.63
N ASP D 151 -57.92 31.59 -30.02
CA ASP D 151 -58.15 31.85 -31.44
C ASP D 151 -57.13 32.81 -32.05
N THR D 152 -56.32 33.50 -31.24
CA THR D 152 -55.26 34.34 -31.77
C THR D 152 -53.88 33.75 -31.52
N GLY D 153 -53.60 33.31 -30.30
CA GLY D 153 -52.31 32.73 -29.97
C GLY D 153 -51.65 33.42 -28.80
N ARG D 154 -52.43 34.18 -28.04
CA ARG D 154 -51.93 34.90 -26.87
C ARG D 154 -52.91 34.67 -25.72
N MET D 155 -52.55 35.20 -24.54
CA MET D 155 -53.43 35.02 -23.39
C MET D 155 -54.65 35.93 -23.45
N GLY D 156 -54.50 37.13 -24.00
CA GLY D 156 -55.63 38.03 -24.13
C GLY D 156 -56.47 37.68 -25.32
N SER D 157 -57.25 36.61 -25.22
CA SER D 157 -57.94 36.05 -26.37
C SER D 157 -59.14 35.25 -25.88
N ARG D 158 -59.83 34.59 -26.80
CA ARG D 158 -61.00 33.79 -26.50
C ARG D 158 -60.59 32.33 -26.28
N LEU D 159 -61.13 31.72 -25.23
CA LEU D 159 -60.99 30.29 -25.01
C LEU D 159 -61.88 29.52 -25.98
N VAL D 160 -61.29 28.62 -26.75
CA VAL D 160 -62.05 27.87 -27.74
C VAL D 160 -61.92 26.39 -27.45
N GLY D 161 -60.89 26.01 -26.68
CA GLY D 161 -60.78 24.63 -26.28
C GLY D 161 -59.45 24.29 -25.65
N ILE D 162 -59.24 22.99 -25.50
CA ILE D 162 -58.09 22.44 -24.78
C ILE D 162 -57.51 21.35 -25.66
N ILE D 163 -56.26 20.97 -25.41
CA ILE D 163 -55.68 19.79 -26.02
C ILE D 163 -54.69 19.20 -25.01
N SER D 164 -54.62 17.87 -24.98
CA SER D 164 -53.85 17.18 -23.95
C SER D 164 -53.01 16.09 -24.60
N SER D 165 -52.44 15.21 -23.77
CA SER D 165 -51.57 14.17 -24.27
C SER D 165 -52.34 13.09 -25.01
N ARG D 166 -53.45 12.64 -24.42
CA ARG D 166 -54.15 11.53 -25.08
C ARG D 166 -55.00 11.97 -26.26
N ASP D 167 -54.95 13.23 -26.67
CA ASP D 167 -55.46 13.62 -27.98
C ASP D 167 -54.47 13.37 -29.09
N ILE D 168 -53.17 13.25 -28.76
CA ILE D 168 -52.10 13.35 -29.72
C ILE D 168 -51.23 12.09 -29.77
N ASP D 169 -51.17 11.32 -28.68
CA ASP D 169 -50.19 10.25 -28.48
C ASP D 169 -50.18 9.17 -29.55
N PHE D 170 -51.35 8.71 -29.97
CA PHE D 170 -51.43 7.60 -30.91
C PHE D 170 -52.07 8.09 -32.21
N LEU D 171 -51.22 8.58 -33.10
CA LEU D 171 -51.62 8.96 -34.45
C LEU D 171 -50.88 8.08 -35.46
N LYS D 172 -51.51 7.86 -36.61
CA LYS D 172 -51.04 6.86 -37.57
C LYS D 172 -50.52 7.48 -38.86
N GLU D 173 -51.33 8.30 -39.53
CA GLU D 173 -50.88 9.02 -40.71
C GLU D 173 -50.14 10.25 -40.22
N GLU D 174 -48.81 10.25 -40.38
CA GLU D 174 -48.00 11.30 -39.80
C GLU D 174 -48.20 12.61 -40.56
N GLU D 175 -49.12 13.43 -40.04
CA GLU D 175 -49.26 14.86 -40.32
C GLU D 175 -49.72 15.14 -41.75
N HIS D 176 -50.21 14.12 -42.43
CA HIS D 176 -50.85 14.31 -43.73
C HIS D 176 -52.19 14.99 -43.51
N ASP D 177 -52.26 16.30 -43.82
CA ASP D 177 -53.49 17.10 -43.81
C ASP D 177 -54.16 17.14 -42.43
N CYS D 178 -53.44 17.59 -41.40
CA CYS D 178 -53.96 17.58 -40.04
C CYS D 178 -53.77 18.96 -39.40
N PHE D 179 -54.87 19.60 -39.04
CA PHE D 179 -54.88 20.82 -38.24
C PHE D 179 -55.03 20.45 -36.78
N LEU D 180 -55.41 21.43 -35.96
CA LEU D 180 -55.70 21.18 -34.55
C LEU D 180 -57.19 21.21 -34.21
N GLU D 181 -58.02 21.79 -35.08
CA GLU D 181 -59.44 21.97 -34.80
C GLU D 181 -60.15 20.64 -34.68
N GLU D 182 -59.82 19.68 -35.54
CA GLU D 182 -60.47 18.38 -35.52
C GLU D 182 -60.01 17.54 -34.33
N ILE D 183 -58.83 17.84 -33.79
CA ILE D 183 -58.26 17.03 -32.73
C ILE D 183 -58.70 17.54 -31.36
N MET D 184 -58.78 18.86 -31.19
CA MET D 184 -59.01 19.49 -29.89
C MET D 184 -60.43 19.22 -29.39
N THR D 185 -60.58 19.29 -28.07
CA THR D 185 -61.88 19.25 -27.43
C THR D 185 -62.46 20.65 -27.41
N LYS D 186 -63.67 20.81 -27.94
CA LYS D 186 -64.22 22.14 -28.14
C LYS D 186 -64.68 22.76 -26.81
N ARG D 187 -64.96 24.06 -26.87
CA ARG D 187 -65.35 24.85 -25.71
C ARG D 187 -66.70 24.43 -25.12
N GLU D 188 -67.57 23.84 -25.94
CA GLU D 188 -68.95 23.59 -25.52
C GLU D 188 -69.04 22.52 -24.43
N ASP D 189 -68.12 21.57 -24.43
CA ASP D 189 -68.09 20.50 -23.43
C ASP D 189 -66.96 20.63 -22.42
N LEU D 190 -66.25 21.76 -22.37
CA LEU D 190 -65.25 21.94 -21.33
C LEU D 190 -65.90 22.21 -19.99
N VAL D 191 -65.10 22.08 -18.93
CA VAL D 191 -65.46 22.56 -17.61
C VAL D 191 -64.53 23.71 -17.27
N VAL D 192 -65.10 24.88 -17.01
CA VAL D 192 -64.32 26.08 -16.70
C VAL D 192 -64.79 26.63 -15.37
N ALA D 193 -63.97 27.51 -14.79
CA ALA D 193 -64.29 28.16 -13.54
C ALA D 193 -64.36 29.67 -13.75
N PRO D 194 -65.28 30.36 -13.09
CA PRO D 194 -65.35 31.82 -13.23
C PRO D 194 -64.16 32.50 -12.58
N ALA D 195 -63.80 33.65 -13.13
CA ALA D 195 -62.66 34.39 -12.62
C ALA D 195 -63.02 35.12 -11.33
N GLY D 196 -61.99 35.58 -10.64
CA GLY D 196 -62.15 36.28 -9.39
C GLY D 196 -62.15 35.42 -8.15
N ILE D 197 -62.34 34.11 -8.31
CA ILE D 197 -62.32 33.22 -7.16
C ILE D 197 -60.88 33.00 -6.71
N THR D 198 -60.70 32.71 -5.42
CA THR D 198 -59.36 32.36 -4.98
C THR D 198 -59.08 30.90 -5.28
N LEU D 199 -57.87 30.46 -4.94
CA LEU D 199 -57.36 29.19 -5.42
C LEU D 199 -58.09 28.00 -4.79
N LYS D 200 -58.69 28.20 -3.62
CA LYS D 200 -59.36 27.10 -2.93
C LYS D 200 -60.58 26.61 -3.69
N GLU D 201 -61.44 27.52 -4.15
CA GLU D 201 -62.64 27.09 -4.88
C GLU D 201 -62.29 26.57 -6.27
N ALA D 202 -61.21 27.08 -6.87
CA ALA D 202 -60.77 26.53 -8.15
C ALA D 202 -60.27 25.11 -7.98
N ASN D 203 -59.54 24.83 -6.90
CA ASN D 203 -59.14 23.46 -6.62
C ASN D 203 -60.34 22.59 -6.24
N GLU D 204 -61.39 23.17 -5.64
CA GLU D 204 -62.61 22.41 -5.37
C GLU D 204 -63.32 22.01 -6.66
N ILE D 205 -63.46 22.95 -7.60
CA ILE D 205 -64.05 22.66 -8.90
C ILE D 205 -63.20 21.65 -9.67
N LEU D 206 -61.89 21.69 -9.47
CA LEU D 206 -61.01 20.70 -10.10
C LEU D 206 -61.20 19.33 -9.47
N GLN D 207 -61.41 19.26 -8.15
CA GLN D 207 -61.59 17.96 -7.51
C GLN D 207 -62.94 17.33 -7.83
N ARG D 208 -64.00 18.13 -7.92
CA ARG D 208 -65.30 17.54 -8.27
C ARG D 208 -65.38 17.20 -9.76
N SER D 209 -65.07 18.17 -10.63
CA SER D 209 -65.04 17.92 -12.07
C SER D 209 -63.74 17.21 -12.39
N LYS D 210 -63.82 15.88 -12.46
CA LYS D 210 -62.64 15.01 -12.52
C LYS D 210 -62.10 14.96 -13.94
N LYS D 211 -61.58 16.11 -14.41
CA LYS D 211 -61.19 16.24 -15.81
C LYS D 211 -59.81 16.87 -15.99
N GLY D 212 -58.97 16.83 -14.96
CA GLY D 212 -57.57 17.14 -15.13
C GLY D 212 -57.18 18.61 -15.13
N LYS D 213 -57.41 19.32 -16.22
CA LYS D 213 -57.10 20.74 -16.25
C LYS D 213 -58.38 21.54 -16.40
N LEU D 214 -58.38 22.73 -15.81
CA LEU D 214 -59.50 23.60 -16.10
C LEU D 214 -58.99 25.02 -16.35
N PRO D 215 -59.38 25.62 -17.47
CA PRO D 215 -59.14 27.05 -17.66
C PRO D 215 -60.05 27.88 -16.75
N ILE D 216 -59.65 29.13 -16.56
CA ILE D 216 -60.42 30.10 -15.81
C ILE D 216 -60.75 31.25 -16.74
N VAL D 217 -62.04 31.55 -16.87
CA VAL D 217 -62.49 32.58 -17.79
C VAL D 217 -63.33 33.61 -17.03
N ASN D 218 -63.27 34.85 -17.50
CA ASN D 218 -64.07 35.94 -16.96
C ASN D 218 -65.39 36.05 -17.70
N GLU D 219 -66.11 37.16 -17.52
CA GLU D 219 -67.43 37.38 -18.11
C GLU D 219 -67.40 37.62 -19.62
N ASP D 220 -66.21 37.71 -20.23
CA ASP D 220 -66.07 37.93 -21.66
C ASP D 220 -65.55 36.68 -22.36
N ASP D 221 -65.47 35.56 -21.63
CA ASP D 221 -64.82 34.30 -22.05
C ASP D 221 -63.37 34.55 -22.51
N GLU D 222 -62.63 35.31 -21.71
CA GLU D 222 -61.21 35.54 -21.94
C GLU D 222 -60.39 34.71 -20.96
N LEU D 223 -59.32 34.10 -21.46
CA LEU D 223 -58.50 33.20 -20.67
C LEU D 223 -57.52 33.96 -19.80
N VAL D 224 -57.49 33.63 -18.51
CA VAL D 224 -56.60 34.30 -17.57
C VAL D 224 -55.64 33.32 -16.90
N ALA D 225 -56.12 32.14 -16.53
CA ALA D 225 -55.30 31.23 -15.73
C ALA D 225 -55.81 29.81 -15.90
N ILE D 226 -54.91 28.85 -15.67
CA ILE D 226 -55.20 27.43 -15.78
C ILE D 226 -54.68 26.74 -14.52
N ILE D 227 -55.44 25.77 -14.03
CA ILE D 227 -55.07 24.93 -12.89
C ILE D 227 -54.71 23.56 -13.44
N ALA D 228 -53.54 23.05 -13.08
CA ALA D 228 -53.23 21.68 -13.43
C ALA D 228 -53.63 20.75 -12.30
N ARG D 229 -53.62 19.44 -12.58
CA ARG D 229 -53.95 18.48 -11.54
C ARG D 229 -52.72 17.82 -10.93
N THR D 230 -51.64 17.69 -11.69
CA THR D 230 -50.39 17.17 -11.16
C THR D 230 -49.78 18.08 -10.09
N ASP D 231 -50.11 19.37 -10.13
CA ASP D 231 -49.90 20.29 -9.01
C ASP D 231 -50.49 19.76 -7.71
N LEU D 232 -51.74 19.31 -7.73
CA LEU D 232 -52.37 18.88 -6.49
C LEU D 232 -51.83 17.54 -6.01
N LYS D 233 -51.30 16.72 -6.91
CA LYS D 233 -50.71 15.45 -6.49
C LYS D 233 -49.28 15.66 -5.99
N LYS D 234 -48.58 16.67 -6.53
CA LYS D 234 -47.28 17.04 -5.99
C LYS D 234 -47.38 17.78 -4.68
N ASN D 235 -48.51 18.44 -4.41
CA ASN D 235 -48.76 18.99 -3.08
C ASN D 235 -48.97 17.90 -2.04
N ARG D 236 -49.66 16.82 -2.42
CA ARG D 236 -49.92 15.74 -1.47
C ARG D 236 -48.69 14.88 -1.25
N ASP D 237 -47.89 14.66 -2.30
CA ASP D 237 -46.73 13.79 -2.17
C ASP D 237 -45.57 14.46 -1.45
N TYR D 238 -45.59 15.78 -1.29
CA TYR D 238 -44.53 16.51 -0.60
C TYR D 238 -45.19 17.53 0.33
N PRO D 239 -45.51 17.13 1.56
CA PRO D 239 -46.26 18.02 2.46
C PRO D 239 -45.49 19.26 2.91
N LEU D 240 -44.25 19.07 3.35
CA LEU D 240 -43.34 20.17 3.62
C LEU D 240 -42.58 20.46 2.32
N ALA D 241 -42.82 21.64 1.74
CA ALA D 241 -42.29 21.93 0.42
C ALA D 241 -41.77 23.35 0.24
N SER D 242 -41.86 24.21 1.27
CA SER D 242 -41.28 25.55 1.30
C SER D 242 -41.63 26.42 0.10
N LYS D 243 -42.91 26.73 -0.08
CA LYS D 243 -43.37 27.42 -1.28
C LYS D 243 -43.72 28.86 -1.01
N ASP D 244 -43.89 29.61 -2.10
CA ASP D 244 -44.14 31.05 -2.12
C ASP D 244 -45.62 31.30 -1.83
N ALA D 245 -46.00 32.58 -1.69
CA ALA D 245 -47.40 32.95 -1.49
C ALA D 245 -48.27 32.70 -2.72
N LYS D 246 -47.68 32.57 -3.90
CA LYS D 246 -48.39 32.15 -5.10
C LYS D 246 -48.35 30.64 -5.30
N LYS D 247 -48.02 29.89 -4.23
CA LYS D 247 -47.99 28.42 -4.21
C LYS D 247 -47.03 27.85 -5.25
N GLN D 248 -45.87 28.47 -5.38
CA GLN D 248 -44.80 27.97 -6.23
C GLN D 248 -43.52 27.87 -5.44
N LEU D 249 -42.58 27.06 -5.94
CA LEU D 249 -41.39 26.71 -5.17
C LEU D 249 -40.46 27.90 -4.99
N LEU D 250 -39.93 28.03 -3.78
CA LEU D 250 -38.91 29.04 -3.51
C LEU D 250 -37.61 28.66 -4.19
N CYS D 251 -36.88 29.68 -4.63
CA CYS D 251 -35.57 29.46 -5.21
C CYS D 251 -34.67 30.64 -4.91
N GLY D 252 -33.38 30.34 -4.77
CA GLY D 252 -32.37 31.37 -4.62
C GLY D 252 -31.32 31.24 -5.70
N ALA D 253 -30.49 32.27 -5.81
CA ALA D 253 -29.47 32.25 -6.84
C ALA D 253 -28.36 33.20 -6.44
N ALA D 254 -27.12 32.77 -6.65
CA ALA D 254 -25.96 33.55 -6.25
C ALA D 254 -25.56 34.49 -7.36
N ILE D 255 -25.19 35.72 -7.00
CA ILE D 255 -24.64 36.68 -7.93
C ILE D 255 -23.27 37.10 -7.42
N GLY D 256 -22.54 37.83 -8.26
CA GLY D 256 -21.21 38.29 -7.93
C GLY D 256 -21.23 39.63 -7.22
N THR D 257 -20.13 40.34 -7.33
CA THR D 257 -19.97 41.61 -6.64
C THR D 257 -19.52 42.72 -7.59
N HIS D 258 -19.07 42.35 -8.79
CA HIS D 258 -18.63 43.29 -9.81
C HIS D 258 -19.82 44.06 -10.38
N GLU D 259 -19.53 45.20 -11.01
CA GLU D 259 -20.53 46.08 -11.63
C GLU D 259 -21.31 45.42 -12.75
N ASP D 260 -20.78 44.37 -13.38
CA ASP D 260 -21.46 43.72 -14.49
C ASP D 260 -22.64 42.87 -14.01
N ASP D 261 -22.64 42.50 -12.73
CA ASP D 261 -23.63 41.56 -12.23
C ASP D 261 -24.91 42.24 -11.77
N LYS D 262 -24.98 43.56 -11.90
CA LYS D 262 -26.24 44.28 -11.73
C LYS D 262 -27.20 44.08 -12.90
N TYR D 263 -26.71 43.52 -14.01
CA TYR D 263 -27.60 43.07 -15.07
C TYR D 263 -28.13 41.67 -14.80
N ARG D 264 -27.26 40.80 -14.28
CA ARG D 264 -27.68 39.46 -13.84
C ARG D 264 -28.69 39.56 -12.70
N LEU D 265 -28.50 40.52 -11.81
CA LEU D 265 -29.44 40.74 -10.71
C LEU D 265 -30.81 41.13 -11.23
N ASP D 266 -30.85 42.03 -12.23
CA ASP D 266 -32.14 42.45 -12.77
C ASP D 266 -32.83 41.36 -13.57
N LEU D 267 -32.06 40.55 -14.30
CA LEU D 267 -32.64 39.39 -14.97
C LEU D 267 -33.20 38.36 -13.98
N LEU D 268 -32.48 38.12 -12.88
CA LEU D 268 -32.94 37.16 -11.89
C LEU D 268 -34.14 37.69 -11.11
N ALA D 269 -34.19 38.99 -10.85
CA ALA D 269 -35.33 39.57 -10.17
C ALA D 269 -36.55 39.63 -11.07
N GLN D 270 -36.35 39.79 -12.38
CA GLN D 270 -37.47 39.71 -13.30
C GLN D 270 -37.96 38.28 -13.45
N ALA D 271 -37.04 37.31 -13.42
CA ALA D 271 -37.43 35.91 -13.50
C ALA D 271 -38.09 35.41 -12.23
N GLY D 272 -37.86 36.07 -11.09
CA GLY D 272 -38.67 35.83 -9.91
C GLY D 272 -37.96 35.29 -8.69
N VAL D 273 -36.65 35.48 -8.58
CA VAL D 273 -35.90 34.91 -7.47
C VAL D 273 -36.27 35.65 -6.18
N ASP D 274 -36.24 34.94 -5.05
CA ASP D 274 -36.70 35.48 -3.79
C ASP D 274 -35.57 35.74 -2.81
N VAL D 275 -34.38 35.21 -3.06
CA VAL D 275 -33.22 35.46 -2.20
C VAL D 275 -31.97 35.35 -3.05
N VAL D 276 -30.98 36.22 -2.80
CA VAL D 276 -29.72 36.19 -3.53
C VAL D 276 -28.57 36.02 -2.54
N VAL D 277 -27.50 35.38 -3.00
CA VAL D 277 -26.31 35.13 -2.21
C VAL D 277 -25.16 35.88 -2.86
N LEU D 278 -24.61 36.86 -2.16
CA LEU D 278 -23.45 37.58 -2.65
C LEU D 278 -22.23 36.71 -2.42
N ASP D 279 -21.85 35.96 -3.45
CA ASP D 279 -20.83 34.93 -3.31
C ASP D 279 -19.45 35.57 -3.33
N SER D 280 -18.72 35.45 -2.21
CA SER D 280 -17.36 35.94 -2.11
C SER D 280 -16.64 35.13 -1.05
N SER D 281 -15.31 35.09 -1.17
CA SER D 281 -14.53 34.40 -0.16
C SER D 281 -14.47 35.20 1.15
N GLN D 282 -14.44 36.52 1.06
CA GLN D 282 -14.54 37.38 2.23
C GLN D 282 -15.55 38.48 1.92
N GLY D 283 -16.54 38.62 2.78
CA GLY D 283 -17.65 39.50 2.50
C GLY D 283 -17.58 40.88 3.11
N ASN D 284 -16.42 41.29 3.61
CA ASN D 284 -16.28 42.62 4.20
C ASN D 284 -15.81 43.65 3.18
N SER D 285 -16.08 43.43 1.90
CA SER D 285 -15.63 44.36 0.89
C SER D 285 -16.47 45.63 0.94
N ILE D 286 -15.88 46.74 0.48
CA ILE D 286 -16.68 47.91 0.18
C ILE D 286 -17.57 47.64 -1.04
N PHE D 287 -17.17 46.68 -1.87
CA PHE D 287 -17.94 46.33 -3.05
C PHE D 287 -19.24 45.64 -2.64
N GLN D 288 -19.16 44.74 -1.66
CA GLN D 288 -20.34 44.00 -1.25
C GLN D 288 -21.24 44.85 -0.36
N ILE D 289 -20.67 45.75 0.43
CA ILE D 289 -21.49 46.69 1.19
C ILE D 289 -22.20 47.67 0.25
N ASN D 290 -21.52 48.05 -0.84
CA ASN D 290 -22.18 48.89 -1.83
C ASN D 290 -23.30 48.15 -2.57
N MET D 291 -23.12 46.85 -2.83
CA MET D 291 -24.25 46.15 -3.45
C MET D 291 -25.39 45.86 -2.49
N ILE D 292 -25.11 45.69 -1.19
CA ILE D 292 -26.21 45.56 -0.23
C ILE D 292 -26.98 46.86 -0.12
N LYS D 293 -26.28 48.00 -0.14
CA LYS D 293 -26.99 49.27 -0.20
C LYS D 293 -27.67 49.49 -1.55
N TYR D 294 -27.21 48.84 -2.61
CA TYR D 294 -27.84 49.00 -3.91
C TYR D 294 -29.11 48.17 -4.05
N ILE D 295 -29.14 46.96 -3.49
CA ILE D 295 -30.29 46.10 -3.69
C ILE D 295 -31.48 46.58 -2.87
N LYS D 296 -31.26 46.94 -1.61
CA LYS D 296 -32.37 47.20 -0.73
C LYS D 296 -32.87 48.64 -0.76
N ASP D 297 -32.59 49.39 -1.84
CA ASP D 297 -33.38 50.58 -2.12
C ASP D 297 -33.96 50.56 -3.52
N LYS D 298 -33.74 49.49 -4.28
CA LYS D 298 -34.43 49.25 -5.54
C LYS D 298 -35.29 48.00 -5.52
N TYR D 299 -34.90 46.97 -4.79
CA TYR D 299 -35.64 45.71 -4.72
C TYR D 299 -36.01 45.50 -3.27
N PRO D 300 -37.03 46.22 -2.77
CA PRO D 300 -37.30 46.21 -1.32
C PRO D 300 -37.94 44.93 -0.81
N ASN D 301 -38.45 44.07 -1.69
CA ASN D 301 -39.00 42.79 -1.30
C ASN D 301 -38.10 41.64 -1.73
N LEU D 302 -36.78 41.83 -1.67
CA LEU D 302 -35.83 40.82 -2.08
C LEU D 302 -34.83 40.60 -0.95
N GLN D 303 -34.68 39.34 -0.54
CA GLN D 303 -33.78 39.00 0.55
C GLN D 303 -32.35 38.84 0.03
N VAL D 304 -31.38 39.22 0.84
CA VAL D 304 -29.98 39.12 0.46
C VAL D 304 -29.22 38.29 1.48
N ILE D 305 -28.17 37.63 1.02
CA ILE D 305 -27.28 36.84 1.87
C ILE D 305 -25.88 37.43 1.71
N GLY D 306 -25.27 37.85 2.81
CA GLY D 306 -23.94 38.41 2.76
C GLY D 306 -22.93 37.42 3.29
N GLY D 307 -21.87 37.18 2.53
CA GLY D 307 -20.86 36.25 2.96
C GLY D 307 -19.62 36.38 2.10
N ASN D 308 -18.55 35.70 2.51
CA ASN D 308 -18.49 34.89 3.72
C ASN D 308 -17.94 35.67 4.91
N VAL D 309 -18.36 35.26 6.09
CA VAL D 309 -18.09 35.95 7.34
C VAL D 309 -17.62 34.92 8.36
N VAL D 310 -16.47 35.17 9.00
CA VAL D 310 -16.03 34.29 10.06
C VAL D 310 -15.89 35.00 11.40
N THR D 311 -15.39 36.23 11.41
CA THR D 311 -15.28 36.94 12.67
C THR D 311 -16.57 37.69 12.96
N ALA D 312 -16.66 38.26 14.16
CA ALA D 312 -17.77 39.13 14.48
C ALA D 312 -17.51 40.57 14.08
N ALA D 313 -16.31 40.85 13.56
CA ALA D 313 -16.00 42.20 13.10
C ALA D 313 -16.69 42.52 11.80
N GLN D 314 -16.64 41.62 10.82
CA GLN D 314 -17.33 41.90 9.56
C GLN D 314 -18.81 41.57 9.63
N ALA D 315 -19.22 40.86 10.68
CA ALA D 315 -20.65 40.64 10.93
C ALA D 315 -21.39 41.95 11.10
N LYS D 316 -20.82 42.91 11.83
CA LYS D 316 -21.52 44.18 12.01
C LYS D 316 -21.49 45.02 10.74
N ASN D 317 -20.38 44.96 9.98
CA ASN D 317 -20.31 45.73 8.75
C ASN D 317 -21.21 45.18 7.66
N LEU D 318 -21.66 43.94 7.77
CA LEU D 318 -22.70 43.52 6.84
C LEU D 318 -24.10 43.70 7.41
N ILE D 319 -24.29 43.56 8.73
CA ILE D 319 -25.64 43.67 9.28
C ILE D 319 -26.13 45.11 9.27
N ASP D 320 -25.29 46.07 9.70
CA ASP D 320 -25.79 47.44 9.74
C ASP D 320 -25.83 48.07 8.35
N ALA D 321 -25.18 47.43 7.37
CA ALA D 321 -25.39 47.78 5.98
C ALA D 321 -26.76 47.32 5.49
N GLY D 322 -27.39 46.39 6.18
CA GLY D 322 -28.76 46.04 5.92
C GLY D 322 -29.02 44.61 5.51
N VAL D 323 -28.05 43.71 5.66
CA VAL D 323 -28.18 42.37 5.09
C VAL D 323 -29.21 41.57 5.90
N ASP D 324 -29.73 40.50 5.30
CA ASP D 324 -30.83 39.76 5.89
C ASP D 324 -30.41 38.46 6.55
N ALA D 325 -29.34 37.82 6.07
CA ALA D 325 -28.78 36.64 6.72
C ALA D 325 -27.33 36.49 6.28
N LEU D 326 -26.51 35.92 7.15
CA LEU D 326 -25.09 35.77 6.88
C LEU D 326 -24.76 34.36 6.42
N ARG D 327 -23.72 34.24 5.61
CA ARG D 327 -23.22 32.97 5.07
C ARG D 327 -21.84 32.79 5.70
N VAL D 328 -21.70 31.75 6.53
CA VAL D 328 -20.61 31.73 7.49
C VAL D 328 -19.62 30.62 7.19
N GLY D 329 -18.35 30.98 7.09
CA GLY D 329 -17.29 30.01 6.96
C GLY D 329 -16.44 30.18 5.72
N MET D 330 -15.19 30.59 5.92
CA MET D 330 -14.20 30.61 4.85
C MET D 330 -13.04 29.73 5.27
N GLY D 331 -12.31 29.19 4.30
CA GLY D 331 -11.17 28.36 4.56
C GLY D 331 -11.46 26.90 4.83
N SER D 332 -12.52 26.59 5.57
CA SER D 332 -12.80 25.20 5.94
C SER D 332 -13.80 24.56 5.01
N GLY D 333 -13.52 24.57 3.72
CA GLY D 333 -14.35 23.86 2.77
C GLY D 333 -13.76 22.49 2.46
N SER D 334 -14.54 21.61 1.84
CA SER D 334 -13.99 20.32 1.44
C SER D 334 -13.05 20.46 0.26
N ILE D 335 -13.21 21.51 -0.54
CA ILE D 335 -12.39 21.75 -1.72
C ILE D 335 -11.52 22.98 -1.61
N CYS D 336 -11.68 23.79 -0.56
CA CYS D 336 -11.01 25.08 -0.49
C CYS D 336 -9.63 24.95 0.13
N ILE D 337 -8.65 25.58 -0.52
CA ILE D 337 -7.27 25.67 -0.05
C ILE D 337 -6.95 27.11 0.27
N THR D 338 -7.98 27.86 0.70
CA THR D 338 -7.84 29.28 0.96
C THR D 338 -6.91 29.54 2.14
N GLN D 339 -6.97 28.70 3.18
CA GLN D 339 -6.05 28.86 4.30
C GLN D 339 -4.63 28.41 3.95
N GLU D 340 -4.45 27.62 2.89
CA GLU D 340 -3.16 27.08 2.55
C GLU D 340 -2.51 27.83 1.39
N VAL D 341 -3.17 28.86 0.89
CA VAL D 341 -2.60 29.72 -0.15
C VAL D 341 -2.63 31.15 0.38
N LEU D 342 -3.78 31.57 0.92
CA LEU D 342 -3.95 32.94 1.37
C LEU D 342 -3.87 33.10 2.88
N ALA D 343 -3.79 32.00 3.64
CA ALA D 343 -3.52 31.99 5.08
C ALA D 343 -4.54 32.78 5.89
N CYS D 344 -5.81 32.68 5.50
CA CYS D 344 -6.88 33.38 6.19
C CYS D 344 -8.03 32.43 6.47
N GLY D 345 -8.88 32.83 7.38
CA GLY D 345 -10.00 32.05 7.85
C GLY D 345 -9.94 31.83 9.35
N ARG D 346 -10.75 30.91 9.82
CA ARG D 346 -10.68 30.39 11.18
C ARG D 346 -11.36 29.03 11.18
N PRO D 347 -11.13 28.21 12.22
CA PRO D 347 -11.86 26.94 12.29
C PRO D 347 -13.37 27.14 12.38
N GLN D 348 -14.11 26.16 11.87
CA GLN D 348 -15.49 26.39 11.47
C GLN D 348 -16.40 26.55 12.66
N ALA D 349 -16.26 25.71 13.68
CA ALA D 349 -17.21 25.70 14.78
C ALA D 349 -17.07 26.92 15.68
N THR D 350 -15.88 27.49 15.78
CA THR D 350 -15.75 28.74 16.52
C THR D 350 -16.35 29.90 15.75
N ALA D 351 -16.20 29.86 14.42
CA ALA D 351 -16.80 30.88 13.55
C ALA D 351 -18.31 30.88 13.67
N VAL D 352 -18.93 29.69 13.54
CA VAL D 352 -20.38 29.56 13.58
C VAL D 352 -20.94 29.97 14.94
N TYR D 353 -20.19 29.71 16.01
CA TYR D 353 -20.67 30.18 17.32
C TYR D 353 -20.55 31.69 17.45
N LYS D 354 -19.41 32.28 17.09
CA LYS D 354 -19.18 33.68 17.43
C LYS D 354 -19.98 34.62 16.54
N VAL D 355 -20.10 34.33 15.25
CA VAL D 355 -20.89 35.24 14.42
C VAL D 355 -22.39 35.05 14.68
N SER D 356 -22.83 33.87 15.12
CA SER D 356 -24.24 33.72 15.43
C SER D 356 -24.55 34.35 16.78
N GLU D 357 -23.59 34.33 17.71
CA GLU D 357 -23.79 35.04 18.97
C GLU D 357 -23.79 36.54 18.74
N TYR D 358 -23.09 37.03 17.71
CA TYR D 358 -23.27 38.43 17.39
C TYR D 358 -24.58 38.70 16.66
N ALA D 359 -24.94 37.87 15.70
CA ALA D 359 -26.08 38.16 14.84
C ALA D 359 -27.41 37.83 15.50
N ARG D 360 -27.37 37.15 16.65
CA ARG D 360 -28.58 36.97 17.44
C ARG D 360 -29.06 38.30 18.02
N ARG D 361 -28.13 39.25 18.23
CA ARG D 361 -28.47 40.53 18.81
C ARG D 361 -29.34 41.36 17.88
N PHE D 362 -29.22 41.15 16.58
CA PHE D 362 -29.93 41.94 15.58
C PHE D 362 -31.02 41.14 14.87
N GLY D 363 -31.30 39.92 15.31
CA GLY D 363 -32.33 39.11 14.70
C GLY D 363 -31.98 38.63 13.31
N VAL D 364 -30.72 38.25 13.09
CA VAL D 364 -30.24 37.85 11.77
C VAL D 364 -29.79 36.41 11.82
N PRO D 365 -30.41 35.50 11.07
CA PRO D 365 -29.93 34.12 11.04
C PRO D 365 -28.62 34.02 10.29
N VAL D 366 -27.88 32.94 10.56
CA VAL D 366 -26.64 32.68 9.86
C VAL D 366 -26.73 31.32 9.19
N ILE D 367 -25.91 31.15 8.16
CA ILE D 367 -25.92 29.95 7.32
C ILE D 367 -24.51 29.38 7.36
N ALA D 368 -24.35 28.25 8.04
CA ALA D 368 -23.04 27.61 8.12
C ALA D 368 -22.78 26.78 6.88
N ASP D 369 -21.61 26.97 6.25
CA ASP D 369 -21.21 26.08 5.18
C ASP D 369 -19.77 25.63 5.37
N GLY D 370 -19.42 24.56 4.69
CA GLY D 370 -18.06 24.05 4.74
C GLY D 370 -17.83 23.14 5.92
N GLY D 371 -17.10 22.06 5.70
CA GLY D 371 -16.81 21.12 6.76
C GLY D 371 -17.92 20.17 7.10
N ILE D 372 -19.06 20.25 6.42
CA ILE D 372 -20.17 19.36 6.67
C ILE D 372 -19.90 18.04 5.96
N GLN D 373 -19.73 16.97 6.75
CA GLN D 373 -19.36 15.68 6.22
C GLN D 373 -20.36 14.58 6.51
N ASN D 374 -21.19 14.73 7.54
CA ASN D 374 -22.12 13.69 7.94
C ASN D 374 -23.28 14.34 8.68
N VAL D 375 -24.11 13.52 9.34
CA VAL D 375 -25.29 14.04 10.02
C VAL D 375 -24.91 14.75 11.32
N GLY D 376 -23.84 14.31 11.98
CA GLY D 376 -23.47 14.89 13.26
C GLY D 376 -22.98 16.32 13.16
N HIS D 377 -22.29 16.65 12.06
CA HIS D 377 -21.83 18.02 11.86
C HIS D 377 -22.99 18.97 11.64
N ILE D 378 -24.07 18.51 11.01
CA ILE D 378 -25.25 19.36 10.82
C ILE D 378 -25.90 19.67 12.17
N ALA D 379 -25.99 18.66 13.04
CA ALA D 379 -26.59 18.87 14.34
C ALA D 379 -25.71 19.73 15.23
N LYS D 380 -24.39 19.59 15.13
CA LYS D 380 -23.50 20.48 15.87
C LYS D 380 -23.59 21.92 15.38
N ALA D 381 -23.69 22.12 14.07
CA ALA D 381 -23.82 23.46 13.52
C ALA D 381 -25.13 24.10 13.92
N LEU D 382 -26.22 23.32 13.92
CA LEU D 382 -27.50 23.85 14.36
C LEU D 382 -27.55 24.08 15.86
N ALA D 383 -26.74 23.37 16.64
CA ALA D 383 -26.72 23.61 18.07
C ALA D 383 -25.77 24.71 18.47
N LEU D 384 -24.85 25.14 17.59
CA LEU D 384 -23.98 26.25 17.94
C LEU D 384 -24.55 27.60 17.56
N GLY D 385 -25.68 27.66 16.88
CA GLY D 385 -26.30 28.94 16.62
C GLY D 385 -26.67 29.18 15.18
N ALA D 386 -26.29 28.28 14.29
CA ALA D 386 -26.69 28.42 12.91
C ALA D 386 -28.15 28.06 12.75
N SER D 387 -28.79 28.68 11.76
CA SER D 387 -30.19 28.42 11.47
C SER D 387 -30.39 27.42 10.36
N THR D 388 -29.65 27.55 9.26
CA THR D 388 -29.64 26.55 8.21
C THR D 388 -28.20 26.13 7.95
N VAL D 389 -28.04 24.94 7.40
CA VAL D 389 -26.73 24.37 7.15
C VAL D 389 -26.57 24.18 5.65
N MET D 390 -25.61 24.89 5.07
CA MET D 390 -25.38 24.84 3.63
C MET D 390 -24.37 23.75 3.30
N MET D 391 -24.80 22.76 2.51
CA MET D 391 -24.00 21.58 2.23
C MET D 391 -23.43 21.61 0.83
N GLY D 392 -22.21 21.13 0.71
CA GLY D 392 -21.47 21.08 -0.54
C GLY D 392 -21.30 19.67 -1.04
N SER D 393 -20.14 19.07 -0.72
CA SER D 393 -19.81 17.73 -1.17
C SER D 393 -20.74 16.66 -0.63
N LEU D 394 -21.45 16.91 0.48
CA LEU D 394 -22.39 15.91 0.96
C LEU D 394 -23.62 15.83 0.08
N LEU D 395 -24.03 16.94 -0.54
CA LEU D 395 -25.10 16.93 -1.51
C LEU D 395 -24.60 16.81 -2.95
N ALA D 396 -23.30 16.71 -3.14
CA ALA D 396 -22.78 16.55 -4.49
C ALA D 396 -22.85 15.09 -4.90
N ALA D 397 -22.85 14.89 -6.22
CA ALA D 397 -22.79 13.59 -6.86
C ALA D 397 -23.95 12.69 -6.44
N THR D 398 -25.14 13.27 -6.28
CA THR D 398 -26.21 12.41 -5.83
C THR D 398 -27.05 11.89 -7.00
N THR D 399 -27.94 12.72 -7.56
CA THR D 399 -28.50 12.45 -8.88
C THR D 399 -28.68 13.78 -9.60
N GLU D 400 -29.00 14.82 -8.83
CA GLU D 400 -29.32 16.12 -9.38
C GLU D 400 -28.10 17.04 -9.38
N ALA D 401 -27.00 16.52 -9.90
CA ALA D 401 -25.82 17.31 -10.15
C ALA D 401 -25.69 17.38 -11.67
N PRO D 402 -25.01 18.38 -12.23
CA PRO D 402 -24.92 18.48 -13.70
C PRO D 402 -24.18 17.33 -14.38
N GLY D 403 -22.98 17.00 -13.93
CA GLY D 403 -22.17 16.03 -14.64
C GLY D 403 -22.67 14.62 -14.50
N GLU D 404 -22.22 13.75 -15.40
CA GLU D 404 -22.62 12.35 -15.35
C GLU D 404 -21.46 11.57 -14.75
N TYR D 405 -21.60 10.26 -14.61
CA TYR D 405 -20.72 9.45 -13.78
C TYR D 405 -19.57 8.89 -14.62
N PHE D 406 -18.54 8.42 -13.92
CA PHE D 406 -17.35 7.84 -14.55
C PHE D 406 -16.63 7.01 -13.51
N PHE D 407 -15.94 5.97 -13.99
CA PHE D 407 -15.34 4.95 -13.14
C PHE D 407 -13.84 5.19 -13.03
N SER D 408 -13.42 5.79 -11.93
CA SER D 408 -12.00 5.97 -11.61
C SER D 408 -11.64 4.97 -10.53
N ASP D 409 -10.61 4.15 -10.79
CA ASP D 409 -10.19 3.04 -9.93
C ASP D 409 -11.34 2.05 -9.69
N GLY D 410 -12.14 1.83 -10.73
CA GLY D 410 -13.29 0.95 -10.63
C GLY D 410 -14.39 1.43 -9.71
N ILE D 411 -14.47 2.75 -9.48
CA ILE D 411 -15.45 3.33 -8.56
C ILE D 411 -16.35 4.30 -9.33
N ARG D 412 -17.65 4.10 -9.22
CA ARG D 412 -18.64 4.98 -9.84
C ARG D 412 -18.70 6.26 -9.01
N LEU D 413 -18.25 7.36 -9.61
CA LEU D 413 -18.21 8.66 -8.94
C LEU D 413 -18.40 9.75 -9.98
N LYS D 414 -18.51 10.99 -9.51
CA LYS D 414 -18.90 12.12 -10.34
C LYS D 414 -17.96 13.27 -10.03
N LYS D 415 -17.84 14.19 -10.99
CA LYS D 415 -16.97 15.35 -10.82
C LYS D 415 -17.49 16.27 -9.73
N TYR D 416 -16.56 16.98 -9.08
CA TYR D 416 -16.90 17.93 -8.04
C TYR D 416 -15.74 18.91 -7.94
N ARG D 417 -15.96 20.14 -8.39
CA ARG D 417 -14.92 21.15 -8.45
C ARG D 417 -15.34 22.38 -7.68
N GLY D 418 -14.35 23.10 -7.18
CA GLY D 418 -14.62 24.32 -6.48
C GLY D 418 -14.77 25.49 -7.43
N MET D 419 -15.38 26.56 -6.92
CA MET D 419 -15.64 27.72 -7.75
C MET D 419 -14.39 28.53 -8.05
N GLY D 420 -13.30 28.32 -7.32
CA GLY D 420 -12.05 29.01 -7.55
C GLY D 420 -10.94 28.16 -8.12
N SER D 421 -11.23 26.93 -8.52
CA SER D 421 -10.21 26.11 -9.16
C SER D 421 -9.99 26.60 -10.59
N LEU D 422 -8.84 26.25 -11.16
CA LEU D 422 -8.52 26.76 -12.49
C LEU D 422 -9.21 26.00 -13.61
N ASP D 423 -9.99 24.96 -13.30
CA ASP D 423 -10.76 24.28 -14.33
C ASP D 423 -12.14 24.88 -14.49
N ALA D 424 -12.69 25.48 -13.43
CA ALA D 424 -14.00 26.11 -13.46
C ALA D 424 -13.92 27.52 -14.04
N MET D 425 -13.10 28.37 -13.44
CA MET D 425 -12.95 29.74 -13.93
C MET D 425 -11.85 29.81 -14.99
N ILE D 442 -2.18 36.71 -14.02
CA ILE D 442 -1.89 35.66 -13.06
C ILE D 442 -3.09 35.46 -12.15
N LYS D 443 -3.70 34.28 -12.25
CA LYS D 443 -4.94 33.96 -11.56
C LYS D 443 -4.65 32.93 -10.49
N VAL D 444 -4.98 33.25 -9.23
CA VAL D 444 -4.63 32.41 -8.09
C VAL D 444 -5.76 31.43 -7.81
N ALA D 445 -5.41 30.16 -7.58
CA ALA D 445 -6.39 29.12 -7.30
C ALA D 445 -6.92 29.25 -5.87
N GLN D 446 -8.23 29.34 -5.74
CA GLN D 446 -8.88 29.38 -4.44
C GLN D 446 -9.38 28.01 -4.00
N GLY D 447 -9.24 27.00 -4.84
CA GLY D 447 -9.74 25.68 -4.50
C GLY D 447 -9.19 24.65 -5.46
N VAL D 448 -9.61 23.41 -5.25
CA VAL D 448 -9.17 22.29 -6.06
C VAL D 448 -10.38 21.71 -6.78
N SER D 449 -10.10 20.81 -7.72
CA SER D 449 -11.13 20.13 -8.49
C SER D 449 -10.92 18.62 -8.36
N GLY D 450 -12.00 17.90 -8.11
CA GLY D 450 -11.86 16.48 -7.86
C GLY D 450 -13.10 15.66 -8.10
N ALA D 451 -13.35 14.69 -7.22
CA ALA D 451 -14.44 13.75 -7.43
C ALA D 451 -14.91 13.19 -6.10
N VAL D 452 -16.14 12.70 -6.09
CA VAL D 452 -16.78 12.16 -4.89
C VAL D 452 -17.81 11.13 -5.35
N GLN D 453 -18.02 10.10 -4.51
CA GLN D 453 -18.79 8.92 -4.91
C GLN D 453 -20.28 9.20 -5.05
N ASP D 454 -20.98 8.21 -5.60
CA ASP D 454 -22.42 8.30 -5.82
C ASP D 454 -23.16 8.24 -4.49
N LYS D 455 -24.34 8.87 -4.45
CA LYS D 455 -25.18 8.85 -3.25
C LYS D 455 -26.66 8.62 -3.51
N GLY D 456 -27.10 8.34 -4.74
CA GLY D 456 -28.50 8.08 -4.98
C GLY D 456 -29.33 9.35 -4.99
N SER D 457 -30.64 9.19 -5.16
CA SER D 457 -31.52 10.35 -5.24
C SER D 457 -31.67 11.01 -3.88
N ILE D 458 -31.84 12.34 -3.88
CA ILE D 458 -31.97 13.02 -2.60
C ILE D 458 -33.40 13.07 -2.10
N HIS D 459 -34.34 12.48 -2.83
CA HIS D 459 -35.65 12.31 -2.23
C HIS D 459 -35.66 11.18 -1.20
N LYS D 460 -34.64 10.33 -1.20
CA LYS D 460 -34.44 9.38 -0.12
C LYS D 460 -33.21 9.67 0.71
N PHE D 461 -32.42 10.70 0.37
CA PHE D 461 -31.23 11.06 1.14
C PHE D 461 -31.49 12.21 2.09
N VAL D 462 -32.26 13.21 1.67
CA VAL D 462 -32.64 14.32 2.54
C VAL D 462 -33.55 13.87 3.69
N PRO D 463 -34.59 12.97 3.52
CA PRO D 463 -35.34 12.51 4.71
C PRO D 463 -34.50 11.71 5.70
N TYR D 464 -33.44 11.06 5.24
CA TYR D 464 -32.49 10.45 6.17
C TYR D 464 -31.78 11.49 7.02
N LEU D 465 -31.35 12.59 6.39
CA LEU D 465 -30.73 13.68 7.15
C LEU D 465 -31.73 14.29 8.13
N ILE D 466 -33.00 14.38 7.73
CA ILE D 466 -34.03 14.89 8.63
C ILE D 466 -34.22 13.98 9.84
N ALA D 467 -34.29 12.67 9.61
CA ALA D 467 -34.45 11.74 10.72
C ALA D 467 -33.23 11.71 11.62
N GLY D 468 -32.03 11.88 11.06
CA GLY D 468 -30.84 11.98 11.88
C GLY D 468 -30.74 13.26 12.71
N ILE D 469 -31.13 14.40 12.14
CA ILE D 469 -31.17 15.64 12.90
C ILE D 469 -32.18 15.56 14.03
N GLN D 470 -33.35 14.97 13.77
CA GLN D 470 -34.33 14.92 14.83
C GLN D 470 -34.04 13.83 15.86
N HIS D 471 -33.31 12.76 15.51
CA HIS D 471 -32.78 11.87 16.54
C HIS D 471 -31.74 12.55 17.41
N SER D 472 -30.90 13.39 16.80
CA SER D 472 -29.93 14.15 17.58
C SER D 472 -30.61 15.14 18.51
N CYS D 473 -31.68 15.79 18.04
CA CYS D 473 -32.43 16.69 18.90
C CYS D 473 -33.22 15.94 19.96
N GLN D 474 -33.51 14.65 19.73
CA GLN D 474 -34.07 13.84 20.79
C GLN D 474 -33.04 13.56 21.87
N ASP D 475 -31.81 13.21 21.47
CA ASP D 475 -30.79 12.90 22.47
C ASP D 475 -30.33 14.14 23.23
N ILE D 476 -30.32 15.30 22.57
CA ILE D 476 -30.11 16.55 23.29
C ILE D 476 -31.25 16.81 24.27
N GLY D 477 -32.48 16.57 23.82
CA GLY D 477 -33.61 16.68 24.71
C GLY D 477 -34.43 17.93 24.50
N ALA D 478 -34.63 18.31 23.24
CA ALA D 478 -35.39 19.51 22.90
C ALA D 478 -36.40 19.20 21.81
N LYS D 479 -37.57 19.85 21.93
CA LYS D 479 -38.67 19.59 21.00
C LYS D 479 -38.45 20.21 19.63
N SER D 480 -37.58 21.21 19.53
CA SER D 480 -37.38 21.92 18.28
C SER D 480 -35.99 22.53 18.26
N LEU D 481 -35.60 23.07 17.11
CA LEU D 481 -34.28 23.68 16.98
C LEU D 481 -34.20 24.98 17.75
N THR D 482 -35.32 25.70 17.85
CA THR D 482 -35.36 26.91 18.66
C THR D 482 -35.12 26.59 20.12
N GLN D 483 -35.63 25.45 20.58
CA GLN D 483 -35.36 25.03 21.95
C GLN D 483 -33.90 24.61 22.11
N VAL D 484 -33.28 24.05 21.06
CA VAL D 484 -31.86 23.70 21.12
C VAL D 484 -31.00 24.94 21.29
N ARG D 485 -31.25 25.97 20.49
CA ARG D 485 -30.47 27.19 20.61
C ARG D 485 -30.82 27.97 21.88
N ALA D 486 -32.06 27.86 22.37
CA ALA D 486 -32.40 28.50 23.63
C ALA D 486 -31.69 27.83 24.80
N MET D 487 -31.63 26.49 24.79
CA MET D 487 -30.85 25.76 25.78
C MET D 487 -29.36 26.02 25.65
N MET D 488 -28.86 26.32 24.46
CA MET D 488 -27.44 26.63 24.32
C MET D 488 -27.12 28.01 24.84
N TYR D 489 -27.90 29.02 24.47
CA TYR D 489 -27.61 30.37 24.96
C TYR D 489 -28.02 30.57 26.41
N SER D 490 -28.84 29.69 26.97
CA SER D 490 -29.25 29.82 28.36
C SER D 490 -28.23 29.25 29.33
N GLY D 491 -27.46 28.27 28.89
CA GLY D 491 -26.52 27.58 29.76
C GLY D 491 -26.94 26.18 30.14
N GLU D 492 -28.10 25.71 29.67
CA GLU D 492 -28.58 24.38 30.02
C GLU D 492 -27.93 23.30 29.16
N LEU D 493 -27.73 23.58 27.88
CA LEU D 493 -27.14 22.60 26.96
C LEU D 493 -25.63 22.73 27.04
N LYS D 494 -24.96 21.68 27.52
CA LYS D 494 -23.55 21.75 27.82
C LYS D 494 -22.71 20.86 26.92
N PHE D 495 -21.47 21.27 26.69
CA PHE D 495 -20.54 20.68 25.74
C PHE D 495 -19.35 20.09 26.49
N GLU D 496 -18.42 19.50 25.75
CA GLU D 496 -17.17 19.01 26.32
C GLU D 496 -16.14 18.84 25.22
N LYS D 497 -14.89 19.20 25.51
CA LYS D 497 -13.81 19.06 24.54
C LYS D 497 -13.45 17.61 24.30
N ARG D 498 -12.63 17.41 23.28
CA ARG D 498 -12.12 16.10 22.89
C ARG D 498 -10.66 16.24 22.49
N THR D 499 -9.85 15.26 22.88
CA THR D 499 -8.47 15.21 22.43
C THR D 499 -8.36 14.44 21.12
N SER D 500 -7.12 14.21 20.68
CA SER D 500 -6.90 13.50 19.44
C SER D 500 -7.15 12.00 19.58
N SER D 501 -7.20 11.48 20.81
CA SER D 501 -7.38 10.05 21.01
C SER D 501 -8.85 9.70 21.13
N ALA D 502 -9.67 10.62 21.64
CA ALA D 502 -11.12 10.38 21.66
C ALA D 502 -11.70 10.37 20.26
N GLN D 503 -11.06 11.08 19.31
CA GLN D 503 -11.54 11.09 17.95
C GLN D 503 -11.27 9.77 17.24
N VAL D 504 -10.24 9.06 17.67
CA VAL D 504 -9.96 7.74 17.09
C VAL D 504 -10.98 6.72 17.59
N GLU D 505 -11.27 6.70 18.89
CA GLU D 505 -12.17 5.68 19.40
C GLU D 505 -13.64 6.05 19.21
N GLY D 506 -13.93 7.31 18.88
CA GLY D 506 -15.32 7.68 18.68
C GLY D 506 -15.91 7.10 17.41
N GLY D 507 -15.17 7.18 16.30
CA GLY D 507 -15.57 6.53 15.07
C GLY D 507 -15.35 5.03 15.12
N VAL D 508 -15.35 4.43 13.93
CA VAL D 508 -15.18 2.99 13.85
C VAL D 508 -13.72 2.62 14.07
N HIS D 509 -13.47 1.70 14.99
CA HIS D 509 -12.12 1.25 15.28
C HIS D 509 -12.15 -0.20 15.72
N SER D 510 -10.95 -0.80 15.71
CA SER D 510 -10.69 -2.18 16.16
C SER D 510 -11.56 -3.21 15.43
N LEU D 511 -11.73 -3.00 14.13
CA LEU D 511 -12.39 -3.94 13.25
C LEU D 511 -11.51 -4.17 12.04
N HIS D 512 -11.45 -5.41 11.56
CA HIS D 512 -10.72 -5.69 10.34
C HIS D 512 -11.36 -5.01 9.14
N SER D 513 -12.60 -5.37 8.84
CA SER D 513 -13.37 -4.72 7.78
C SER D 513 -14.72 -4.32 8.35
N TYR D 514 -15.26 -3.20 7.85
CA TYR D 514 -16.58 -2.79 8.29
C TYR D 514 -17.34 -2.19 7.11
N GLU D 515 -18.59 -2.62 6.95
CA GLU D 515 -19.50 -2.03 5.99
C GLU D 515 -20.40 -1.03 6.71
N LYS D 516 -20.52 0.16 6.15
CA LYS D 516 -21.09 1.29 6.86
C LYS D 516 -22.31 1.80 6.11
N ARG D 517 -23.49 1.34 6.50
CA ARG D 517 -24.74 1.72 5.85
C ARG D 517 -25.42 2.79 6.68
N LEU D 518 -25.99 3.79 5.99
CA LEU D 518 -26.69 4.88 6.66
C LEU D 518 -28.19 4.81 6.50
N PHE D 519 -28.69 4.82 5.28
CA PHE D 519 -30.11 4.85 5.01
C PHE D 519 -30.55 3.59 4.26
N TYR E 17 18.56 -49.85 -17.10
CA TYR E 17 17.33 -49.52 -17.81
C TYR E 17 17.32 -48.03 -18.11
N VAL E 18 17.48 -47.23 -17.06
CA VAL E 18 17.55 -45.76 -17.08
C VAL E 18 16.38 -45.17 -17.86
N PRO E 19 15.20 -45.05 -17.25
CA PRO E 19 14.02 -44.55 -17.98
C PRO E 19 14.21 -43.11 -18.47
N ASP E 20 13.92 -42.91 -19.76
CA ASP E 20 14.07 -41.60 -20.37
C ASP E 20 12.99 -40.66 -19.83
N ASP E 21 13.40 -39.66 -19.07
CA ASP E 21 12.49 -38.74 -18.42
C ASP E 21 13.13 -37.36 -18.43
N GLY E 22 12.48 -36.40 -19.08
CA GLY E 22 12.98 -35.05 -19.18
C GLY E 22 13.60 -34.78 -20.52
N LEU E 23 13.92 -33.51 -20.74
CA LEU E 23 14.53 -33.04 -21.97
C LEU E 23 16.03 -32.87 -21.76
N THR E 24 16.81 -33.22 -22.78
CA THR E 24 18.23 -32.94 -22.73
C THR E 24 18.47 -31.47 -23.02
N ALA E 25 19.74 -31.07 -23.06
CA ALA E 25 20.04 -29.65 -23.19
C ALA E 25 19.82 -29.17 -24.62
N GLN E 26 20.18 -29.99 -25.62
CA GLN E 26 19.97 -29.56 -27.00
C GLN E 26 18.51 -29.68 -27.39
N GLN E 27 17.77 -30.56 -26.74
CA GLN E 27 16.33 -30.63 -26.97
C GLN E 27 15.58 -29.49 -26.30
N LEU E 28 16.20 -28.80 -25.35
CA LEU E 28 15.51 -27.74 -24.62
C LEU E 28 15.72 -26.38 -25.26
N PHE E 29 16.96 -26.05 -25.62
CA PHE E 29 17.32 -24.73 -26.09
C PHE E 29 17.35 -24.63 -27.61
N ASN E 30 16.72 -25.57 -28.32
CA ASN E 30 16.57 -25.49 -29.77
C ASN E 30 15.11 -25.53 -30.19
N CYS E 31 14.19 -25.26 -29.27
CA CYS E 31 12.80 -25.09 -29.64
C CYS E 31 12.56 -23.75 -30.34
N GLY E 32 13.49 -22.81 -30.22
CA GLY E 32 13.36 -21.49 -30.76
C GLY E 32 13.00 -20.45 -29.73
N ASP E 33 12.44 -20.88 -28.60
CA ASP E 33 12.08 -19.97 -27.53
C ASP E 33 13.30 -19.60 -26.71
N GLY E 34 13.30 -18.38 -26.19
CA GLY E 34 14.39 -17.90 -25.37
C GLY E 34 14.15 -18.04 -23.89
N LEU E 35 14.77 -19.04 -23.28
CA LEU E 35 14.59 -19.33 -21.87
C LEU E 35 15.59 -18.55 -21.03
N THR E 36 15.18 -18.20 -19.82
CA THR E 36 16.05 -17.57 -18.85
C THR E 36 16.29 -18.53 -17.69
N TYR E 37 16.94 -18.04 -16.63
CA TYR E 37 17.29 -18.88 -15.50
C TYR E 37 16.08 -19.37 -14.70
N ASN E 38 14.94 -18.71 -14.82
CA ASN E 38 13.76 -19.11 -14.05
C ASN E 38 12.81 -19.98 -14.84
N ASP E 39 13.06 -20.22 -16.12
CA ASP E 39 12.13 -20.96 -16.94
C ASP E 39 12.44 -22.44 -17.02
N PHE E 40 13.49 -22.91 -16.36
CA PHE E 40 13.79 -24.33 -16.35
C PHE E 40 14.41 -24.67 -15.02
N LEU E 41 14.54 -25.96 -14.76
CA LEU E 41 15.27 -26.43 -13.58
C LEU E 41 15.73 -27.85 -13.84
N ILE E 42 16.76 -28.25 -13.12
CA ILE E 42 17.54 -29.44 -13.43
C ILE E 42 16.97 -30.65 -12.69
N LEU E 43 16.76 -31.74 -13.41
CA LEU E 43 16.29 -32.96 -12.78
C LEU E 43 17.42 -33.61 -11.99
N PRO E 44 17.15 -34.16 -10.81
CA PRO E 44 18.21 -34.77 -10.01
C PRO E 44 18.62 -36.14 -10.54
N GLY E 45 19.74 -36.62 -10.03
CA GLY E 45 20.31 -37.87 -10.48
C GLY E 45 20.58 -38.86 -9.38
N TYR E 46 21.80 -39.41 -9.35
CA TYR E 46 22.19 -40.45 -8.42
C TYR E 46 23.29 -39.96 -7.51
N ILE E 47 23.12 -40.15 -6.21
CA ILE E 47 24.06 -39.67 -5.21
C ILE E 47 24.82 -40.86 -4.64
N ASP E 48 26.15 -40.84 -4.77
CA ASP E 48 26.98 -41.82 -4.10
C ASP E 48 28.22 -41.19 -3.48
N PHE E 49 28.09 -39.96 -3.00
CA PHE E 49 29.22 -39.20 -2.49
C PHE E 49 28.70 -38.13 -1.56
N THR E 50 29.52 -37.76 -0.58
CA THR E 50 29.14 -36.69 0.31
C THR E 50 29.37 -35.34 -0.37
N ALA E 51 28.88 -34.29 0.27
CA ALA E 51 28.86 -32.97 -0.35
C ALA E 51 30.23 -32.32 -0.47
N ASP E 52 31.14 -32.62 0.45
CA ASP E 52 32.43 -31.94 0.45
C ASP E 52 33.47 -32.60 -0.45
N GLN E 53 33.11 -33.67 -1.14
CA GLN E 53 34.01 -34.25 -2.14
C GLN E 53 33.87 -33.60 -3.50
N VAL E 54 33.07 -32.54 -3.62
CA VAL E 54 32.83 -31.93 -4.92
C VAL E 54 33.99 -30.99 -5.26
N ASP E 55 34.58 -31.21 -6.43
CA ASP E 55 35.72 -30.42 -6.91
C ASP E 55 35.18 -29.28 -7.77
N LEU E 56 35.30 -28.05 -7.29
CA LEU E 56 34.83 -26.90 -8.04
C LEU E 56 35.93 -26.23 -8.85
N THR E 57 36.94 -26.99 -9.29
CA THR E 57 38.02 -26.44 -10.09
C THR E 57 37.49 -26.06 -11.47
N SER E 58 37.61 -24.79 -11.83
CA SER E 58 37.10 -24.30 -13.09
C SER E 58 38.11 -23.35 -13.71
N ALA E 59 38.06 -23.24 -15.03
CA ALA E 59 39.04 -22.45 -15.77
C ALA E 59 38.47 -21.08 -16.09
N LEU E 60 39.25 -20.03 -15.81
CA LEU E 60 38.84 -18.68 -16.16
C LEU E 60 39.14 -18.41 -17.63
N THR E 61 40.42 -18.39 -17.98
CA THR E 61 40.86 -18.30 -19.37
C THR E 61 41.39 -19.66 -19.82
N LYS E 62 42.02 -19.70 -20.99
CA LYS E 62 42.69 -20.91 -21.45
C LYS E 62 43.84 -21.34 -20.55
N LYS E 63 44.48 -20.41 -19.85
CA LYS E 63 45.67 -20.73 -19.06
C LYS E 63 45.56 -20.37 -17.59
N ILE E 64 44.57 -19.58 -17.19
CA ILE E 64 44.34 -19.30 -15.78
C ILE E 64 43.31 -20.30 -15.26
N THR E 65 43.59 -20.88 -14.10
CA THR E 65 42.68 -21.85 -13.49
C THR E 65 42.40 -21.42 -12.07
N LEU E 66 41.13 -21.15 -11.78
CA LEU E 66 40.72 -20.77 -10.44
C LEU E 66 40.35 -22.03 -9.64
N LYS E 67 40.17 -21.87 -8.33
CA LYS E 67 39.66 -22.94 -7.50
C LYS E 67 38.17 -22.86 -7.25
N THR E 68 37.58 -21.67 -7.34
CA THR E 68 36.15 -21.47 -7.20
C THR E 68 35.61 -20.78 -8.44
N PRO E 69 34.43 -21.17 -8.93
CA PRO E 69 33.96 -20.71 -10.24
C PRO E 69 33.14 -19.42 -10.17
N LEU E 70 33.69 -18.40 -9.51
CA LEU E 70 32.93 -17.17 -9.39
C LEU E 70 33.86 -15.98 -9.25
N VAL E 71 33.62 -14.97 -10.09
CA VAL E 71 34.46 -13.77 -10.20
C VAL E 71 33.56 -12.56 -9.98
N SER E 72 34.16 -11.39 -9.78
CA SER E 72 33.40 -10.16 -9.56
C SER E 72 33.40 -9.29 -10.81
N SER E 73 32.34 -8.52 -10.98
CA SER E 73 32.09 -7.79 -12.22
C SER E 73 32.70 -6.39 -12.18
N PRO E 74 33.50 -6.01 -13.18
CA PRO E 74 34.25 -4.74 -13.09
C PRO E 74 33.40 -3.49 -13.19
N MET E 75 32.70 -3.17 -12.10
CA MET E 75 31.93 -1.96 -11.97
C MET E 75 32.54 -1.07 -10.89
N ASP E 76 32.26 0.22 -10.95
CA ASP E 76 32.89 1.15 -10.01
C ASP E 76 32.29 1.13 -8.62
N THR E 77 31.27 0.32 -8.39
CA THR E 77 30.65 0.20 -7.09
C THR E 77 30.65 -1.25 -6.60
N VAL E 78 31.47 -2.10 -7.21
CA VAL E 78 31.57 -3.50 -6.81
C VAL E 78 32.99 -3.84 -6.43
N THR E 79 33.95 -3.58 -7.31
CA THR E 79 35.29 -4.12 -7.13
C THR E 79 36.40 -3.12 -7.45
N GLU E 80 36.88 -2.45 -6.41
CA GLU E 80 38.24 -1.95 -6.34
C GLU E 80 39.08 -3.00 -5.61
N ALA E 81 40.29 -2.63 -5.15
CA ALA E 81 41.27 -3.62 -4.68
C ALA E 81 40.84 -4.38 -3.43
N GLY E 82 39.91 -3.83 -2.64
CA GLY E 82 39.41 -4.58 -1.50
C GLY E 82 38.63 -5.81 -1.91
N MET E 83 37.73 -5.66 -2.89
CA MET E 83 37.04 -6.80 -3.43
C MET E 83 37.97 -7.71 -4.22
N ALA E 84 39.06 -7.16 -4.78
CA ALA E 84 40.02 -7.99 -5.50
C ALA E 84 40.78 -8.91 -4.54
N ILE E 85 41.25 -8.38 -3.41
CA ILE E 85 41.95 -9.22 -2.45
C ILE E 85 40.97 -10.14 -1.73
N ALA E 86 39.70 -9.73 -1.62
CA ALA E 86 38.75 -10.57 -0.91
C ALA E 86 38.18 -11.67 -1.80
N MET E 87 38.13 -11.46 -3.11
CA MET E 87 37.70 -12.50 -4.02
C MET E 87 38.86 -13.40 -4.43
N ALA E 88 40.09 -12.89 -4.36
CA ALA E 88 41.22 -13.75 -4.67
C ALA E 88 41.47 -14.76 -3.56
N LEU E 89 41.40 -14.33 -2.30
CA LEU E 89 41.71 -15.21 -1.20
C LEU E 89 40.68 -16.30 -0.96
N THR E 90 39.45 -16.11 -1.40
CA THR E 90 38.42 -17.13 -1.24
C THR E 90 38.26 -18.00 -2.48
N GLY E 91 39.18 -17.91 -3.43
CA GLY E 91 39.18 -18.80 -4.57
C GLY E 91 39.07 -18.16 -5.93
N GLY E 92 38.22 -17.15 -6.08
CA GLY E 92 37.94 -16.56 -7.37
C GLY E 92 38.99 -15.57 -7.81
N ILE E 93 38.54 -14.55 -8.56
CA ILE E 93 39.41 -13.48 -9.00
C ILE E 93 38.53 -12.23 -9.07
N GLY E 94 39.14 -11.06 -9.11
CA GLY E 94 38.36 -9.83 -9.22
C GLY E 94 38.89 -8.92 -10.31
N PHE E 95 38.01 -8.28 -11.06
CA PHE E 95 38.42 -7.41 -12.15
C PHE E 95 38.25 -5.96 -11.75
N ILE E 96 39.33 -5.20 -11.79
CA ILE E 96 39.32 -3.80 -11.38
C ILE E 96 38.66 -2.97 -12.48
N HIS E 97 37.74 -2.09 -12.09
CA HIS E 97 36.98 -1.32 -13.07
C HIS E 97 37.85 -0.22 -13.68
N HIS E 98 37.32 0.40 -14.73
CA HIS E 98 38.04 1.43 -15.47
C HIS E 98 37.33 2.77 -15.46
N ASN E 99 36.54 3.03 -14.42
CA ASN E 99 35.86 4.32 -14.28
C ASN E 99 36.70 5.25 -13.41
N CYS E 100 37.95 5.43 -13.83
CA CYS E 100 38.93 6.21 -13.07
C CYS E 100 40.07 6.55 -14.02
N THR E 101 41.03 7.32 -13.50
CA THR E 101 42.27 7.61 -14.22
C THR E 101 43.10 6.34 -14.32
N PRO E 102 43.96 6.22 -15.34
CA PRO E 102 44.82 5.03 -15.43
C PRO E 102 45.80 4.88 -14.29
N GLU E 103 46.24 5.97 -13.68
CA GLU E 103 47.13 5.88 -12.52
C GLU E 103 46.42 5.31 -11.31
N PHE E 104 45.13 5.63 -11.14
CA PHE E 104 44.36 5.08 -10.02
C PHE E 104 44.21 3.57 -10.14
N GLN E 105 43.84 3.10 -11.34
CA GLN E 105 43.67 1.67 -11.56
C GLN E 105 44.99 0.93 -11.49
N ALA E 106 46.06 1.55 -11.99
CA ALA E 106 47.38 0.97 -11.83
C ALA E 106 47.83 0.93 -10.39
N ASN E 107 47.35 1.85 -9.55
CA ASN E 107 47.60 1.75 -8.12
C ASN E 107 46.79 0.63 -7.48
N GLU E 108 45.54 0.44 -7.92
CA GLU E 108 44.69 -0.59 -7.33
C GLU E 108 45.22 -1.99 -7.64
N VAL E 109 45.71 -2.19 -8.86
CA VAL E 109 46.22 -3.51 -9.22
C VAL E 109 47.56 -3.79 -8.54
N ARG E 110 48.35 -2.74 -8.24
CA ARG E 110 49.52 -2.95 -7.41
C ARG E 110 49.13 -3.21 -5.97
N LYS E 111 48.04 -2.61 -5.49
CA LYS E 111 47.61 -2.79 -4.11
C LYS E 111 47.11 -4.21 -3.88
N VAL E 112 46.49 -4.82 -4.89
CA VAL E 112 46.13 -6.23 -4.73
C VAL E 112 47.34 -7.14 -4.95
N LYS E 113 48.22 -6.85 -5.91
CA LYS E 113 49.33 -7.76 -6.10
C LYS E 113 50.48 -7.53 -5.11
N LYS E 114 50.40 -6.52 -4.25
CA LYS E 114 51.32 -6.39 -3.14
C LYS E 114 50.59 -6.53 -1.82
N TYR E 115 49.63 -7.46 -1.77
CA TYR E 115 48.97 -7.84 -0.54
C TYR E 115 49.54 -9.12 0.05
N GLU E 116 50.01 -10.01 -0.80
CA GLU E 116 50.60 -11.27 -0.36
C GLU E 116 51.71 -11.60 -1.35
N GLN E 117 52.95 -11.60 -0.87
CA GLN E 117 54.10 -11.59 -1.75
C GLN E 117 55.18 -12.50 -1.18
N GLY E 118 55.60 -13.49 -1.97
CA GLY E 118 56.59 -14.44 -1.51
C GLY E 118 58.00 -13.91 -1.45
N PHE E 119 58.64 -13.70 -2.61
CA PHE E 119 59.90 -12.97 -2.68
C PHE E 119 59.57 -11.50 -2.91
N ILE E 120 59.65 -10.70 -1.84
CA ILE E 120 59.40 -9.27 -1.96
C ILE E 120 60.63 -8.64 -2.62
N THR E 121 60.55 -8.44 -3.94
CA THR E 121 61.72 -8.05 -4.72
C THR E 121 62.09 -6.60 -4.48
N ASP E 122 61.09 -5.71 -4.42
CA ASP E 122 61.32 -4.29 -4.18
C ASP E 122 60.44 -3.81 -3.03
N PRO E 123 60.89 -4.00 -1.80
CA PRO E 123 60.20 -3.40 -0.66
C PRO E 123 60.68 -1.97 -0.41
N VAL E 124 60.09 -1.36 0.61
CA VAL E 124 60.59 -0.07 1.06
C VAL E 124 61.87 -0.28 1.88
N VAL E 125 62.85 0.57 1.61
CA VAL E 125 64.10 0.58 2.38
C VAL E 125 64.41 2.02 2.75
N LEU E 126 65.09 2.20 3.87
CA LEU E 126 65.49 3.52 4.32
C LEU E 126 66.98 3.52 4.62
N SER E 127 67.50 4.72 4.86
CA SER E 127 68.89 4.97 5.18
C SER E 127 69.02 5.18 6.67
N PRO E 128 70.20 4.96 7.26
CA PRO E 128 70.37 5.26 8.69
C PRO E 128 70.37 6.75 9.02
N LYS E 129 70.46 7.63 8.02
CA LYS E 129 70.55 9.06 8.24
C LYS E 129 69.20 9.73 8.46
N ASP E 130 68.10 9.01 8.37
CA ASP E 130 66.78 9.62 8.40
C ASP E 130 66.33 9.89 9.84
N ARG E 131 65.06 10.26 9.96
CA ARG E 131 64.40 10.35 11.24
C ARG E 131 63.25 9.35 11.23
N VAL E 132 62.65 9.14 12.40
CA VAL E 132 61.52 8.21 12.52
C VAL E 132 60.26 8.77 11.87
N ARG E 133 60.20 10.07 11.60
CA ARG E 133 59.08 10.66 10.89
C ARG E 133 58.94 10.12 9.47
N ASP E 134 60.05 9.72 8.85
CA ASP E 134 59.98 9.03 7.58
C ASP E 134 59.40 7.63 7.72
N VAL E 135 59.61 6.99 8.89
CA VAL E 135 59.09 5.65 9.10
C VAL E 135 57.57 5.68 9.33
N PHE E 136 57.09 6.61 10.16
CA PHE E 136 55.65 6.79 10.31
C PHE E 136 55.02 7.33 9.03
N GLU E 137 55.79 8.07 8.22
CA GLU E 137 55.34 8.42 6.88
C GLU E 137 55.15 7.19 6.00
N ALA E 138 56.05 6.21 6.11
CA ALA E 138 55.88 4.95 5.39
C ALA E 138 54.71 4.14 5.92
N LYS E 139 54.47 4.20 7.24
CA LYS E 139 53.39 3.42 7.84
C LYS E 139 52.02 3.99 7.50
N ALA E 140 51.89 5.32 7.51
CA ALA E 140 50.64 5.98 7.14
C ALA E 140 50.31 5.85 5.67
N ARG E 141 51.27 5.44 4.84
CA ARG E 141 51.10 5.30 3.41
C ARG E 141 50.94 3.87 2.95
N HIS E 142 51.67 2.93 3.55
CA HIS E 142 51.59 1.55 3.09
C HIS E 142 50.90 0.62 4.08
N GLY E 143 51.04 0.87 5.37
CA GLY E 143 50.29 0.12 6.36
C GLY E 143 51.07 -0.93 7.12
N PHE E 144 52.39 -0.97 6.98
CA PHE E 144 53.21 -1.93 7.70
C PHE E 144 54.46 -1.23 8.23
N CYS E 145 55.12 -1.89 9.17
CA CYS E 145 56.31 -1.34 9.82
C CYS E 145 57.59 -2.12 9.55
N GLY E 146 57.53 -3.24 8.84
CA GLY E 146 58.75 -3.93 8.49
C GLY E 146 59.52 -3.24 7.37
N ILE E 147 60.64 -2.61 7.70
CA ILE E 147 61.49 -1.96 6.72
C ILE E 147 62.92 -2.42 6.95
N PRO E 148 63.56 -3.06 5.96
CA PRO E 148 65.00 -3.29 6.07
C PRO E 148 65.76 -2.00 5.82
N ILE E 149 66.82 -1.80 6.60
CA ILE E 149 67.63 -0.59 6.51
C ILE E 149 68.86 -0.88 5.67
N THR E 150 69.10 -0.06 4.65
CA THR E 150 70.30 -0.14 3.83
C THR E 150 71.07 1.17 3.97
N ASP E 151 72.39 1.09 3.80
CA ASP E 151 73.23 2.24 4.09
C ASP E 151 73.13 3.35 3.04
N THR E 152 72.51 3.09 1.88
CA THR E 152 72.28 4.14 0.90
C THR E 152 70.81 4.54 0.80
N GLY E 153 69.92 3.56 0.72
CA GLY E 153 68.50 3.84 0.62
C GLY E 153 67.85 3.20 -0.58
N ARG E 154 68.54 2.22 -1.17
CA ARG E 154 68.04 1.51 -2.34
C ARG E 154 68.26 0.03 -2.12
N MET E 155 67.79 -0.79 -3.06
CA MET E 155 67.94 -2.23 -2.93
C MET E 155 69.36 -2.69 -3.22
N GLY E 156 70.03 -2.04 -4.16
CA GLY E 156 71.40 -2.39 -4.47
C GLY E 156 72.36 -1.77 -3.47
N SER E 157 72.42 -2.34 -2.27
CA SER E 157 73.14 -1.72 -1.18
C SER E 157 73.50 -2.79 -0.16
N ARG E 158 74.08 -2.37 0.95
CA ARG E 158 74.50 -3.27 2.02
C ARG E 158 73.40 -3.39 3.06
N LEU E 159 73.12 -4.62 3.49
CA LEU E 159 72.23 -4.87 4.61
C LEU E 159 72.95 -4.52 5.92
N VAL E 160 72.35 -3.64 6.71
CA VAL E 160 72.97 -3.20 7.95
C VAL E 160 72.03 -3.54 9.11
N GLY E 161 70.75 -3.74 8.80
CA GLY E 161 69.84 -4.16 9.86
C GLY E 161 68.39 -4.10 9.45
N ILE E 162 67.53 -4.25 10.45
CA ILE E 162 66.09 -4.36 10.27
C ILE E 162 65.45 -3.41 11.27
N ILE E 163 64.18 -3.07 11.04
CA ILE E 163 63.39 -2.35 12.04
C ILE E 163 61.95 -2.80 11.87
N SER E 164 61.24 -2.93 12.98
CA SER E 164 59.90 -3.52 12.98
C SER E 164 58.96 -2.63 13.80
N SER E 165 57.78 -3.16 14.09
CA SER E 165 56.78 -2.39 14.82
C SER E 165 57.16 -2.23 16.28
N ARG E 166 57.58 -3.31 16.93
CA ARG E 166 57.86 -3.17 18.36
C ARG E 166 59.20 -2.51 18.66
N ASP E 167 59.92 -2.01 17.67
CA ASP E 167 61.02 -1.09 17.91
C ASP E 167 60.54 0.35 18.08
N ILE E 168 59.34 0.66 17.59
CA ILE E 168 58.90 2.03 17.38
C ILE E 168 57.65 2.38 18.15
N ASP E 169 56.79 1.39 18.47
CA ASP E 169 55.43 1.59 18.97
C ASP E 169 55.32 2.43 20.24
N PHE E 170 56.19 2.20 21.21
CA PHE E 170 56.08 2.89 22.49
C PHE E 170 57.32 3.76 22.71
N LEU E 171 57.23 4.98 22.21
CA LEU E 171 58.24 6.00 22.45
C LEU E 171 57.63 7.16 23.23
N LYS E 172 58.46 7.85 24.01
CA LYS E 172 57.98 8.82 24.98
C LYS E 172 58.38 10.25 24.63
N GLU E 173 59.66 10.52 24.43
CA GLU E 173 60.11 11.84 23.99
C GLU E 173 59.93 11.86 22.48
N GLU E 174 58.95 12.64 22.02
CA GLU E 174 58.59 12.61 20.61
C GLU E 174 59.66 13.29 19.77
N GLU E 175 60.58 12.47 19.25
CA GLU E 175 61.49 12.77 18.15
C GLU E 175 62.54 13.82 18.51
N HIS E 176 62.70 14.10 19.79
CA HIS E 176 63.79 14.93 20.26
C HIS E 176 65.10 14.16 20.12
N ASP E 177 65.89 14.51 19.11
CA ASP E 177 67.25 13.98 18.87
C ASP E 177 67.26 12.46 18.68
N CYS E 178 66.51 11.95 17.70
CA CYS E 178 66.40 10.50 17.50
C CYS E 178 66.66 10.17 16.04
N PHE E 179 67.69 9.37 15.79
CA PHE E 179 67.98 8.79 14.49
C PHE E 179 67.36 7.40 14.43
N LEU E 180 67.81 6.59 13.48
CA LEU E 180 67.38 5.20 13.38
C LEU E 180 68.43 4.19 13.83
N GLU E 181 69.69 4.61 13.91
CA GLU E 181 70.79 3.69 14.20
C GLU E 181 70.67 3.13 15.61
N GLU E 182 70.28 3.95 16.58
CA GLU E 182 70.16 3.50 17.96
C GLU E 182 68.93 2.62 18.16
N ILE E 183 67.94 2.74 17.27
CA ILE E 183 66.69 2.01 17.45
C ILE E 183 66.75 0.65 16.76
N MET E 184 67.39 0.58 15.59
CA MET E 184 67.37 -0.60 14.75
C MET E 184 68.17 -1.75 15.37
N THR E 185 67.81 -2.96 14.97
CA THR E 185 68.56 -4.16 15.32
C THR E 185 69.69 -4.33 14.31
N LYS E 186 70.92 -4.43 14.80
CA LYS E 186 72.07 -4.40 13.90
C LYS E 186 72.22 -5.73 13.16
N ARG E 187 73.09 -5.70 12.14
CA ARG E 187 73.33 -6.83 11.25
C ARG E 187 73.96 -8.03 11.96
N GLU E 188 74.67 -7.79 13.06
CA GLU E 188 75.48 -8.84 13.69
C GLU E 188 74.62 -9.93 14.31
N ASP E 189 73.42 -9.56 14.80
CA ASP E 189 72.52 -10.52 15.41
C ASP E 189 71.29 -10.85 14.56
N LEU E 190 71.26 -10.46 13.29
CA LEU E 190 70.16 -10.85 12.44
C LEU E 190 70.28 -12.32 12.04
N VAL E 191 69.19 -12.86 11.53
CA VAL E 191 69.19 -14.15 10.85
C VAL E 191 68.87 -13.90 9.40
N VAL E 192 69.79 -14.30 8.51
CA VAL E 192 69.63 -14.09 7.08
C VAL E 192 69.74 -15.44 6.38
N ALA E 193 69.31 -15.46 5.13
CA ALA E 193 69.39 -16.65 4.31
C ALA E 193 70.24 -16.36 3.08
N PRO E 194 71.04 -17.33 2.63
CA PRO E 194 71.86 -17.10 1.43
C PRO E 194 71.01 -17.06 0.18
N ALA E 195 71.49 -16.29 -0.80
CA ALA E 195 70.75 -16.12 -2.03
C ALA E 195 70.88 -17.36 -2.92
N GLY E 196 70.03 -17.42 -3.94
CA GLY E 196 70.01 -18.53 -4.86
C GLY E 196 69.11 -19.68 -4.47
N ILE E 197 68.70 -19.76 -3.21
CA ILE E 197 67.81 -20.83 -2.79
C ILE E 197 66.40 -20.54 -3.29
N THR E 198 65.62 -21.60 -3.49
CA THR E 198 64.23 -21.39 -3.84
C THR E 198 63.42 -21.10 -2.58
N LEU E 199 62.12 -20.86 -2.77
CA LEU E 199 61.29 -20.31 -1.70
C LEU E 199 61.04 -21.31 -0.58
N LYS E 200 61.17 -22.61 -0.87
CA LYS E 200 60.90 -23.62 0.14
C LYS E 200 61.92 -23.60 1.27
N GLU E 201 63.22 -23.53 0.94
CA GLU E 201 64.23 -23.50 2.00
C GLU E 201 64.25 -22.17 2.73
N ALA E 202 63.88 -21.08 2.06
CA ALA E 202 63.75 -19.81 2.74
C ALA E 202 62.60 -19.83 3.75
N ASN E 203 61.48 -20.45 3.37
CA ASN E 203 60.40 -20.63 4.34
C ASN E 203 60.78 -21.60 5.45
N GLU E 204 61.65 -22.58 5.16
CA GLU E 204 62.14 -23.47 6.21
C GLU E 204 63.01 -22.72 7.23
N ILE E 205 63.94 -21.89 6.74
CA ILE E 205 64.77 -21.06 7.61
C ILE E 205 63.91 -20.07 8.39
N LEU E 206 62.81 -19.61 7.79
CA LEU E 206 61.89 -18.74 8.51
C LEU E 206 61.13 -19.49 9.60
N GLN E 207 60.76 -20.75 9.34
CA GLN E 207 60.03 -21.51 10.35
C GLN E 207 60.92 -21.93 11.51
N ARG E 208 62.17 -22.30 11.25
CA ARG E 208 63.04 -22.67 12.37
C ARG E 208 63.51 -21.44 13.14
N SER E 209 64.07 -20.45 12.44
CA SER E 209 64.48 -19.20 13.08
C SER E 209 63.23 -18.34 13.30
N LYS E 210 62.69 -18.44 14.50
CA LYS E 210 61.37 -17.91 14.83
C LYS E 210 61.47 -16.41 15.09
N LYS E 211 61.80 -15.65 14.04
CA LYS E 211 62.09 -14.23 14.19
C LYS E 211 61.38 -13.35 13.16
N GLY E 212 60.30 -13.84 12.56
CA GLY E 212 59.41 -12.99 11.80
C GLY E 212 59.81 -12.68 10.38
N LYS E 213 60.74 -11.77 10.17
CA LYS E 213 61.20 -11.48 8.82
C LYS E 213 62.65 -11.89 8.64
N LEU E 214 63.00 -12.30 7.43
CA LEU E 214 64.41 -12.51 7.19
C LEU E 214 64.80 -11.93 5.85
N PRO E 215 65.82 -11.09 5.80
CA PRO E 215 66.39 -10.68 4.52
C PRO E 215 67.15 -11.84 3.88
N ILE E 216 67.36 -11.69 2.58
CA ILE E 216 68.14 -12.64 1.79
C ILE E 216 69.32 -11.89 1.20
N VAL E 217 70.53 -12.37 1.48
CA VAL E 217 71.73 -11.70 1.02
C VAL E 217 72.59 -12.67 0.23
N ASN E 218 73.33 -12.12 -0.74
CA ASN E 218 74.28 -12.89 -1.54
C ASN E 218 75.66 -12.85 -0.90
N GLU E 219 76.69 -13.26 -1.65
CA GLU E 219 78.05 -13.36 -1.15
C GLU E 219 78.72 -12.01 -0.93
N ASP E 220 78.08 -10.91 -1.28
CA ASP E 220 78.62 -9.56 -1.10
C ASP E 220 77.88 -8.82 0.02
N ASP E 221 76.99 -9.51 0.73
CA ASP E 221 76.04 -8.94 1.70
C ASP E 221 75.20 -7.83 1.06
N GLU E 222 74.67 -8.11 -0.13
CA GLU E 222 73.75 -7.20 -0.80
C GLU E 222 72.33 -7.74 -0.69
N LEU E 223 71.39 -6.83 -0.43
CA LEU E 223 70.00 -7.20 -0.18
C LEU E 223 69.26 -7.43 -1.50
N VAL E 224 68.59 -8.56 -1.60
CA VAL E 224 67.85 -8.89 -2.82
C VAL E 224 66.36 -9.11 -2.53
N ALA E 225 66.02 -9.77 -1.43
CA ALA E 225 64.63 -10.14 -1.19
C ALA E 225 64.41 -10.37 0.30
N ILE E 226 63.16 -10.22 0.72
CA ILE E 226 62.74 -10.40 2.10
C ILE E 226 61.51 -11.30 2.12
N ILE E 227 61.46 -12.18 3.11
CA ILE E 227 60.33 -13.07 3.37
C ILE E 227 59.60 -12.54 4.59
N ALA E 228 58.30 -12.34 4.47
CA ALA E 228 57.52 -11.99 5.66
C ALA E 228 56.95 -13.26 6.28
N ARG E 229 56.43 -13.13 7.50
CA ARG E 229 55.82 -14.27 8.16
C ARG E 229 54.31 -14.27 8.07
N THR E 230 53.68 -13.08 7.99
CA THR E 230 52.24 -13.01 7.81
C THR E 230 51.79 -13.57 6.46
N ASP E 231 52.69 -13.57 5.48
CA ASP E 231 52.53 -14.36 4.26
C ASP E 231 52.23 -15.83 4.56
N LEU E 232 53.00 -16.46 5.43
CA LEU E 232 52.82 -17.87 5.69
C LEU E 232 51.56 -18.15 6.50
N LYS E 233 51.10 -17.18 7.28
CA LYS E 233 49.86 -17.39 8.03
C LYS E 233 48.65 -17.11 7.16
N LYS E 234 48.78 -16.22 6.17
CA LYS E 234 47.74 -16.02 5.17
C LYS E 234 47.66 -17.16 4.17
N ASN E 235 48.76 -17.88 3.95
CA ASN E 235 48.72 -19.10 3.17
C ASN E 235 47.96 -20.20 3.89
N ARG E 236 48.12 -20.32 5.20
CA ARG E 236 47.45 -21.35 5.96
C ARG E 236 45.97 -21.03 6.17
N ASP E 237 45.66 -19.76 6.38
CA ASP E 237 44.27 -19.39 6.65
C ASP E 237 43.39 -19.40 5.40
N TYR E 238 43.98 -19.43 4.21
CA TYR E 238 43.23 -19.46 2.95
C TYR E 238 43.88 -20.49 2.05
N PRO E 239 43.46 -21.76 2.13
CA PRO E 239 44.16 -22.83 1.38
C PRO E 239 43.96 -22.74 -0.12
N LEU E 240 42.72 -22.55 -0.57
CA LEU E 240 42.43 -22.24 -1.97
C LEU E 240 42.48 -20.73 -2.12
N ALA E 241 43.46 -20.23 -2.88
CA ALA E 241 43.69 -18.80 -2.94
C ALA E 241 44.04 -18.26 -4.32
N SER E 242 44.11 -19.12 -5.34
CA SER E 242 44.29 -18.76 -6.76
C SER E 242 45.45 -17.81 -7.02
N LYS E 243 46.68 -18.24 -6.75
CA LYS E 243 47.83 -17.34 -6.80
C LYS E 243 48.70 -17.63 -8.01
N ASP E 244 49.61 -16.68 -8.27
CA ASP E 244 50.50 -16.68 -9.42
C ASP E 244 51.68 -17.62 -9.16
N ALA E 245 52.54 -17.80 -10.16
CA ALA E 245 53.74 -18.62 -10.00
C ALA E 245 54.78 -17.99 -9.09
N LYS E 246 54.71 -16.68 -8.85
CA LYS E 246 55.53 -16.02 -7.84
C LYS E 246 54.85 -15.96 -6.49
N LYS E 247 53.82 -16.80 -6.28
CA LYS E 247 53.08 -16.93 -5.02
C LYS E 247 52.45 -15.61 -4.57
N GLN E 248 51.88 -14.88 -5.52
CA GLN E 248 51.13 -13.66 -5.24
C GLN E 248 49.77 -13.76 -5.90
N LEU E 249 48.84 -12.94 -5.40
CA LEU E 249 47.44 -13.06 -5.78
C LEU E 249 47.21 -12.67 -7.24
N LEU E 250 46.39 -13.46 -7.92
CA LEU E 250 45.97 -13.11 -9.27
C LEU E 250 45.02 -11.93 -9.24
N CYS E 251 45.10 -11.11 -10.28
CA CYS E 251 44.19 -9.98 -10.41
C CYS E 251 43.93 -9.72 -11.88
N GLY E 252 42.72 -9.24 -12.16
CA GLY E 252 42.36 -8.80 -13.49
C GLY E 252 41.88 -7.36 -13.45
N ALA E 253 41.77 -6.78 -14.64
CA ALA E 253 41.36 -5.39 -14.72
C ALA E 253 40.79 -5.12 -16.09
N ALA E 254 39.68 -4.38 -16.13
CA ALA E 254 39.00 -4.11 -17.37
C ALA E 254 39.56 -2.85 -18.02
N ILE E 255 39.72 -2.89 -19.34
CA ILE E 255 40.11 -1.73 -20.12
C ILE E 255 39.03 -1.47 -21.16
N GLY E 256 39.13 -0.32 -21.82
CA GLY E 256 38.19 0.06 -22.83
C GLY E 256 38.57 -0.45 -24.21
N THR E 257 38.08 0.23 -25.23
CA THR E 257 38.31 -0.18 -26.61
C THR E 257 38.85 0.97 -27.46
N HIS E 258 38.77 2.20 -26.95
CA HIS E 258 39.28 3.38 -27.63
C HIS E 258 40.80 3.37 -27.67
N GLU E 259 41.36 4.17 -28.59
CA GLU E 259 42.81 4.30 -28.78
C GLU E 259 43.55 4.84 -27.57
N ASP E 260 42.87 5.56 -26.67
CA ASP E 260 43.52 6.14 -25.50
C ASP E 260 43.85 5.07 -24.46
N ASP E 261 43.18 3.93 -24.51
CA ASP E 261 43.31 2.93 -23.46
C ASP E 261 44.47 1.97 -23.70
N LYS E 262 45.22 2.18 -24.79
CA LYS E 262 46.48 1.48 -24.99
C LYS E 262 47.59 2.03 -24.10
N TYR E 263 47.38 3.18 -23.46
CA TYR E 263 48.27 3.64 -22.40
C TYR E 263 47.90 3.02 -21.06
N ARG E 264 46.59 2.91 -20.78
CA ARG E 264 46.12 2.21 -19.59
C ARG E 264 46.52 0.74 -19.62
N LEU E 265 46.49 0.14 -20.81
CA LEU E 265 46.91 -1.26 -20.97
C LEU E 265 48.38 -1.43 -20.63
N ASP E 266 49.23 -0.50 -21.09
CA ASP E 266 50.65 -0.61 -20.81
C ASP E 266 50.98 -0.34 -19.35
N LEU E 267 50.27 0.59 -18.71
CA LEU E 267 50.43 0.80 -17.27
C LEU E 267 49.98 -0.41 -16.46
N LEU E 268 48.88 -1.06 -16.85
CA LEU E 268 48.40 -2.23 -16.14
C LEU E 268 49.30 -3.44 -16.37
N ALA E 269 49.86 -3.57 -17.58
CA ALA E 269 50.78 -4.67 -17.84
C ALA E 269 52.11 -4.46 -17.15
N GLN E 270 52.53 -3.21 -16.97
CA GLN E 270 53.74 -2.95 -16.19
C GLN E 270 53.49 -3.18 -14.71
N ALA E 271 52.28 -2.85 -14.23
CA ALA E 271 51.95 -3.09 -12.83
C ALA E 271 51.74 -4.56 -12.52
N GLY E 272 51.43 -5.38 -13.53
CA GLY E 272 51.50 -6.82 -13.36
C GLY E 272 50.21 -7.59 -13.52
N VAL E 273 49.23 -7.04 -14.23
CA VAL E 273 47.94 -7.70 -14.37
C VAL E 273 48.09 -8.94 -15.25
N ASP E 274 47.29 -9.96 -14.98
CA ASP E 274 47.43 -11.24 -15.66
C ASP E 274 46.29 -11.54 -16.61
N VAL E 275 45.18 -10.79 -16.54
CA VAL E 275 44.07 -10.96 -17.46
C VAL E 275 43.35 -9.63 -17.60
N VAL E 276 42.89 -9.30 -18.81
CA VAL E 276 42.17 -8.06 -19.05
C VAL E 276 40.81 -8.38 -19.64
N VAL E 277 39.83 -7.52 -19.35
CA VAL E 277 38.46 -7.65 -19.84
C VAL E 277 38.17 -6.47 -20.74
N LEU E 278 37.94 -6.74 -22.02
CA LEU E 278 37.56 -5.68 -22.94
C LEU E 278 36.10 -5.36 -22.72
N ASP E 279 35.83 -4.36 -21.90
CA ASP E 279 34.48 -4.08 -21.43
C ASP E 279 33.71 -3.35 -22.53
N SER E 280 32.66 -3.98 -23.03
CA SER E 280 31.78 -3.37 -24.03
C SER E 280 30.41 -4.02 -23.90
N SER E 281 29.39 -3.29 -24.35
CA SER E 281 28.05 -3.85 -24.36
C SER E 281 27.88 -4.88 -25.46
N GLN E 282 28.52 -4.67 -26.61
CA GLN E 282 28.57 -5.67 -27.67
C GLN E 282 30.01 -5.80 -28.15
N GLY E 283 30.53 -7.01 -28.14
CA GLY E 283 31.94 -7.21 -28.41
C GLY E 283 32.31 -7.60 -29.82
N ASN E 284 31.40 -7.43 -30.78
CA ASN E 284 31.70 -7.76 -32.15
C ASN E 284 32.22 -6.56 -32.93
N SER E 285 32.81 -5.59 -32.26
CA SER E 285 33.30 -4.42 -32.94
C SER E 285 34.55 -4.76 -33.74
N ILE E 286 34.80 -3.97 -34.79
CA ILE E 286 36.12 -3.99 -35.41
C ILE E 286 37.15 -3.38 -34.47
N PHE E 287 36.69 -2.54 -33.54
CA PHE E 287 37.59 -1.92 -32.58
C PHE E 287 38.12 -2.96 -31.59
N GLN E 288 37.26 -3.85 -31.14
CA GLN E 288 37.66 -4.85 -30.16
C GLN E 288 38.44 -5.97 -30.82
N ILE E 289 38.11 -6.31 -32.07
CA ILE E 289 38.92 -7.30 -32.79
C ILE E 289 40.31 -6.73 -33.09
N ASN E 290 40.39 -5.42 -33.36
CA ASN E 290 41.69 -4.80 -33.55
C ASN E 290 42.49 -4.75 -32.25
N MET E 291 41.84 -4.55 -31.10
CA MET E 291 42.63 -4.62 -29.87
C MET E 291 43.00 -6.03 -29.46
N ILE E 292 42.21 -7.04 -29.81
CA ILE E 292 42.64 -8.42 -29.57
C ILE E 292 43.83 -8.77 -30.44
N LYS E 293 43.84 -8.32 -31.69
CA LYS E 293 45.03 -8.50 -32.50
C LYS E 293 46.20 -7.63 -32.04
N TYR E 294 45.92 -6.54 -31.33
CA TYR E 294 47.00 -5.70 -30.83
C TYR E 294 47.66 -6.26 -29.58
N ILE E 295 46.87 -6.86 -28.69
CA ILE E 295 47.44 -7.33 -27.42
C ILE E 295 48.30 -8.57 -27.62
N LYS E 296 47.81 -9.52 -28.40
CA LYS E 296 48.47 -10.81 -28.47
C LYS E 296 49.57 -10.89 -29.52
N ASP E 297 50.12 -9.76 -29.96
CA ASP E 297 51.42 -9.79 -30.61
C ASP E 297 52.42 -8.85 -29.95
N LYS E 298 52.02 -8.18 -28.87
CA LYS E 298 52.94 -7.42 -28.02
C LYS E 298 53.01 -7.96 -26.61
N TYR E 299 51.92 -8.50 -26.08
CA TYR E 299 51.87 -9.02 -24.72
C TYR E 299 51.50 -10.50 -24.82
N PRO E 300 52.45 -11.36 -25.20
CA PRO E 300 52.10 -12.75 -25.52
C PRO E 300 51.79 -13.61 -24.31
N ASN E 301 52.12 -13.16 -23.11
CA ASN E 301 51.79 -13.89 -21.89
C ASN E 301 50.69 -13.18 -21.11
N LEU E 302 49.73 -12.58 -21.80
CA LEU E 302 48.64 -11.85 -21.16
C LEU E 302 47.32 -12.37 -21.69
N GLN E 303 46.44 -12.77 -20.79
CA GLN E 303 45.14 -13.32 -21.16
C GLN E 303 44.14 -12.19 -21.41
N VAL E 304 43.25 -12.39 -22.36
CA VAL E 304 42.25 -11.40 -22.71
C VAL E 304 40.85 -12.00 -22.58
N ILE E 305 39.88 -11.16 -22.26
CA ILE E 305 38.48 -11.54 -22.18
C ILE E 305 37.72 -10.67 -23.18
N GLY E 306 37.03 -11.30 -24.12
CA GLY E 306 36.26 -10.57 -25.11
C GLY E 306 34.78 -10.64 -24.78
N GLY E 307 34.14 -9.48 -24.76
CA GLY E 307 32.72 -9.45 -24.47
C GLY E 307 32.15 -8.09 -24.79
N ASN E 308 30.81 -7.98 -24.75
CA ASN E 308 29.91 -9.09 -24.43
C ASN E 308 29.39 -9.79 -25.66
N VAL E 309 29.07 -11.06 -25.50
CA VAL E 309 28.70 -11.96 -26.58
C VAL E 309 27.45 -12.71 -26.18
N VAL E 310 26.42 -12.69 -27.03
CA VAL E 310 25.23 -13.49 -26.75
C VAL E 310 24.94 -14.52 -27.82
N THR E 311 25.15 -14.19 -29.10
CA THR E 311 24.92 -15.17 -30.14
C THR E 311 26.19 -15.98 -30.38
N ALA E 312 26.06 -17.03 -31.19
CA ALA E 312 27.24 -17.76 -31.63
C ALA E 312 27.86 -17.16 -32.87
N ALA E 313 27.27 -16.09 -33.41
CA ALA E 313 27.84 -15.43 -34.57
C ALA E 313 29.05 -14.59 -34.19
N GLN E 314 28.95 -13.80 -33.13
CA GLN E 314 30.12 -13.02 -32.74
C GLN E 314 31.09 -13.82 -31.90
N ALA E 315 30.68 -14.99 -31.43
CA ALA E 315 31.59 -15.91 -30.77
C ALA E 315 32.74 -16.31 -31.68
N LYS E 316 32.47 -16.59 -32.95
CA LYS E 316 33.56 -16.96 -33.85
C LYS E 316 34.42 -15.77 -34.21
N ASN E 317 33.83 -14.58 -34.35
CA ASN E 317 34.62 -13.39 -34.69
C ASN E 317 35.49 -12.93 -33.53
N LEU E 318 35.18 -13.35 -32.30
CA LEU E 318 36.16 -13.08 -31.27
C LEU E 318 37.14 -14.24 -31.05
N ILE E 319 36.71 -15.48 -31.25
CA ILE E 319 37.61 -16.62 -30.99
C ILE E 319 38.69 -16.71 -32.06
N ASP E 320 38.33 -16.60 -33.34
CA ASP E 320 39.37 -16.76 -34.35
C ASP E 320 40.24 -15.51 -34.47
N ALA E 321 39.79 -14.40 -33.87
CA ALA E 321 40.67 -13.25 -33.68
C ALA E 321 41.71 -13.52 -32.61
N GLY E 322 41.49 -14.51 -31.76
CA GLY E 322 42.51 -14.97 -30.85
C GLY E 322 42.18 -14.86 -29.37
N VAL E 323 40.93 -14.59 -29.00
CA VAL E 323 40.60 -14.30 -27.62
C VAL E 323 40.72 -15.56 -26.77
N ASP E 324 40.84 -15.38 -25.47
CA ASP E 324 41.13 -16.49 -24.56
C ASP E 324 39.91 -16.97 -23.78
N ALA E 325 38.96 -16.10 -23.49
CA ALA E 325 37.69 -16.51 -22.88
C ALA E 325 36.65 -15.44 -23.17
N LEU E 326 35.39 -15.84 -23.25
CA LEU E 326 34.30 -14.93 -23.59
C LEU E 326 33.55 -14.51 -22.35
N ARG E 327 32.99 -13.30 -22.40
CA ARG E 327 32.19 -12.71 -21.34
C ARG E 327 30.77 -12.62 -21.90
N VAL E 328 29.84 -13.36 -21.30
CA VAL E 328 28.59 -13.67 -21.98
C VAL E 328 27.40 -13.03 -21.29
N GLY E 329 26.61 -12.31 -22.08
CA GLY E 329 25.35 -11.76 -21.60
C GLY E 329 25.25 -10.26 -21.71
N MET E 330 24.40 -9.79 -22.61
CA MET E 330 24.03 -8.38 -22.68
C MET E 330 22.53 -8.28 -22.49
N GLY E 331 22.09 -7.13 -22.00
CA GLY E 331 20.68 -6.87 -21.80
C GLY E 331 20.10 -7.38 -20.50
N SER E 332 20.50 -8.56 -20.04
CA SER E 332 19.91 -9.14 -18.84
C SER E 332 20.75 -8.86 -17.59
N GLY E 333 21.04 -7.60 -17.33
CA GLY E 333 21.71 -7.23 -16.10
C GLY E 333 20.70 -6.81 -15.06
N SER E 334 21.13 -6.71 -13.79
CA SER E 334 20.24 -6.21 -12.76
C SER E 334 20.02 -4.71 -12.89
N ILE E 335 20.96 -4.01 -13.51
CA ILE E 335 20.89 -2.56 -13.68
C ILE E 335 20.75 -2.13 -15.13
N CYS E 336 20.86 -3.05 -16.08
CA CYS E 336 20.92 -2.69 -17.48
C CYS E 336 19.53 -2.57 -18.10
N ILE E 337 19.31 -1.47 -18.81
CA ILE E 337 18.09 -1.21 -19.57
C ILE E 337 18.42 -1.22 -21.05
N THR E 338 19.43 -2.01 -21.43
CA THR E 338 19.89 -2.05 -22.81
C THR E 338 18.83 -2.61 -23.75
N GLN E 339 18.06 -3.61 -23.30
CA GLN E 339 16.99 -4.14 -24.13
C GLN E 339 15.79 -3.20 -24.19
N GLU E 340 15.68 -2.26 -23.25
CA GLU E 340 14.53 -1.37 -23.17
C GLU E 340 14.82 0.01 -23.73
N VAL E 341 16.04 0.23 -24.22
CA VAL E 341 16.40 1.47 -24.88
C VAL E 341 16.91 1.12 -26.26
N LEU E 342 17.79 0.14 -26.35
CA LEU E 342 18.43 -0.21 -27.62
C LEU E 342 17.86 -1.48 -28.25
N ALA E 343 16.98 -2.20 -27.55
CA ALA E 343 16.20 -3.33 -28.08
C ALA E 343 17.07 -4.46 -28.62
N CYS E 344 18.17 -4.74 -27.92
CA CYS E 344 19.08 -5.79 -28.33
C CYS E 344 19.42 -6.67 -27.14
N GLY E 345 19.95 -7.85 -27.43
CA GLY E 345 20.27 -8.86 -26.45
C GLY E 345 19.53 -10.15 -26.75
N ARG E 346 19.54 -11.04 -25.75
CA ARG E 346 18.72 -12.23 -25.76
C ARG E 346 18.60 -12.68 -24.31
N PRO E 347 17.62 -13.55 -23.97
CA PRO E 347 17.55 -14.07 -22.61
C PRO E 347 18.80 -14.86 -22.24
N GLN E 348 19.11 -14.85 -20.94
CA GLN E 348 20.46 -15.14 -20.49
C GLN E 348 20.81 -16.62 -20.64
N ALA E 349 19.89 -17.51 -20.25
CA ALA E 349 20.21 -18.93 -20.21
C ALA E 349 20.34 -19.54 -21.60
N THR E 350 19.63 -19.00 -22.60
CA THR E 350 19.84 -19.48 -23.95
C THR E 350 21.17 -18.98 -24.50
N ALA E 351 21.57 -17.77 -24.13
CA ALA E 351 22.86 -17.21 -24.52
C ALA E 351 24.00 -18.03 -23.97
N VAL E 352 23.96 -18.33 -22.67
CA VAL E 352 25.03 -19.06 -22.01
C VAL E 352 25.14 -20.48 -22.55
N TYR E 353 24.02 -21.09 -22.94
CA TYR E 353 24.11 -22.40 -23.55
C TYR E 353 24.70 -22.34 -24.95
N LYS E 354 24.21 -21.42 -25.80
CA LYS E 354 24.58 -21.48 -27.21
C LYS E 354 26.01 -21.02 -27.45
N VAL E 355 26.46 -19.97 -26.76
CA VAL E 355 27.83 -19.55 -27.01
C VAL E 355 28.82 -20.51 -26.35
N SER E 356 28.43 -21.21 -25.28
CA SER E 356 29.35 -22.18 -24.70
C SER E 356 29.39 -23.45 -25.53
N GLU E 357 28.26 -23.80 -26.15
CA GLU E 357 28.27 -24.92 -27.09
C GLU E 357 29.09 -24.60 -28.32
N TYR E 358 29.15 -23.33 -28.71
CA TYR E 358 30.10 -23.00 -29.78
C TYR E 358 31.54 -22.98 -29.29
N ALA E 359 31.79 -22.38 -28.12
CA ALA E 359 33.17 -22.15 -27.69
C ALA E 359 33.80 -23.39 -27.08
N ARG E 360 33.00 -24.44 -26.85
CA ARG E 360 33.56 -25.74 -26.47
C ARG E 360 34.35 -26.35 -27.62
N ARG E 361 33.98 -26.00 -28.85
CA ARG E 361 34.66 -26.56 -30.03
C ARG E 361 36.09 -26.10 -30.13
N PHE E 362 36.41 -24.91 -29.60
CA PHE E 362 37.73 -24.32 -29.72
C PHE E 362 38.48 -24.29 -28.40
N GLY E 363 37.94 -24.92 -27.35
CA GLY E 363 38.60 -24.95 -26.06
C GLY E 363 38.62 -23.61 -25.36
N VAL E 364 37.54 -22.85 -25.44
CA VAL E 364 37.48 -21.51 -24.89
C VAL E 364 36.41 -21.46 -23.82
N PRO E 365 36.75 -21.18 -22.57
CA PRO E 365 35.72 -21.04 -21.53
C PRO E 365 34.92 -19.76 -21.72
N VAL E 366 33.72 -19.74 -21.15
CA VAL E 366 32.89 -18.56 -21.20
C VAL E 366 32.56 -18.13 -19.78
N ILE E 367 32.24 -16.85 -19.63
CA ILE E 367 31.99 -16.24 -18.33
C ILE E 367 30.59 -15.65 -18.39
N ALA E 368 29.65 -16.26 -17.66
CA ALA E 368 28.29 -15.76 -17.64
C ALA E 368 28.16 -14.61 -16.64
N ASP E 369 27.58 -13.50 -17.08
CA ASP E 369 27.25 -12.44 -16.12
C ASP E 369 25.83 -11.96 -16.35
N GLY E 370 25.29 -11.29 -15.33
CA GLY E 370 23.97 -10.72 -15.43
C GLY E 370 22.89 -11.72 -15.10
N GLY E 371 21.87 -11.27 -14.36
CA GLY E 371 20.79 -12.13 -13.97
C GLY E 371 21.08 -13.06 -12.81
N ILE E 372 22.27 -12.99 -12.24
CA ILE E 372 22.63 -13.83 -11.10
C ILE E 372 22.05 -13.20 -9.85
N GLN E 373 21.09 -13.90 -9.22
CA GLN E 373 20.38 -13.36 -8.07
C GLN E 373 20.54 -14.21 -6.82
N ASN E 374 20.86 -15.49 -6.94
CA ASN E 374 20.94 -16.38 -5.79
C ASN E 374 21.89 -17.52 -6.13
N VAL E 375 21.88 -18.56 -5.30
CA VAL E 375 22.80 -19.68 -5.51
C VAL E 375 22.35 -20.57 -6.65
N GLY E 376 21.03 -20.68 -6.87
CA GLY E 376 20.53 -21.55 -7.91
C GLY E 376 20.86 -21.10 -9.32
N HIS E 377 20.91 -19.79 -9.54
CA HIS E 377 21.28 -19.28 -10.85
C HIS E 377 22.74 -19.56 -11.18
N ILE E 378 23.60 -19.57 -10.17
CA ILE E 378 25.02 -19.90 -10.39
C ILE E 378 25.16 -21.35 -10.82
N ALA E 379 24.41 -22.25 -10.16
CA ALA E 379 24.48 -23.66 -10.50
C ALA E 379 23.87 -23.94 -11.87
N LYS E 380 22.80 -23.22 -12.23
CA LYS E 380 22.23 -23.36 -13.57
C LYS E 380 23.19 -22.85 -14.63
N ALA E 381 23.87 -21.74 -14.37
CA ALA E 381 24.82 -21.19 -15.33
C ALA E 381 26.01 -22.13 -15.50
N LEU E 382 26.49 -22.72 -14.42
CA LEU E 382 27.59 -23.68 -14.51
C LEU E 382 27.16 -24.99 -15.14
N ALA E 383 25.88 -25.34 -15.06
CA ALA E 383 25.42 -26.55 -15.71
C ALA E 383 25.05 -26.35 -17.17
N LEU E 384 24.88 -25.11 -17.63
CA LEU E 384 24.59 -24.88 -19.03
C LEU E 384 25.83 -24.72 -19.89
N GLY E 385 27.01 -24.66 -19.29
CA GLY E 385 28.21 -24.63 -20.09
C GLY E 385 29.18 -23.53 -19.72
N ALA E 386 28.79 -22.65 -18.81
CA ALA E 386 29.71 -21.61 -18.37
C ALA E 386 30.75 -22.21 -17.44
N SER E 387 31.92 -21.60 -17.44
CA SER E 387 33.02 -22.05 -16.59
C SER E 387 33.13 -21.25 -15.30
N THR E 388 33.04 -19.93 -15.38
CA THR E 388 32.95 -19.09 -14.20
C THR E 388 31.71 -18.22 -14.31
N VAL E 389 31.23 -17.76 -13.17
CA VAL E 389 30.00 -16.97 -13.09
C VAL E 389 30.36 -15.60 -12.54
N MET E 390 30.18 -14.56 -13.35
CA MET E 390 30.53 -13.21 -12.97
C MET E 390 29.33 -12.53 -12.30
N MET E 391 29.51 -12.13 -11.05
CA MET E 391 28.42 -11.61 -10.24
C MET E 391 28.53 -10.11 -10.07
N GLY E 392 27.37 -9.46 -10.07
CA GLY E 392 27.25 -8.02 -9.95
C GLY E 392 26.63 -7.62 -8.63
N SER E 393 25.31 -7.39 -8.65
CA SER E 393 24.57 -6.95 -7.47
C SER E 393 24.58 -7.97 -6.34
N LEU E 394 24.84 -9.25 -6.62
CA LEU E 394 24.91 -10.23 -5.54
C LEU E 394 26.18 -10.05 -4.72
N LEU E 395 27.27 -9.61 -5.34
CA LEU E 395 28.50 -9.27 -4.63
C LEU E 395 28.59 -7.80 -4.29
N ALA E 396 27.60 -7.01 -4.64
CA ALA E 396 27.62 -5.59 -4.31
C ALA E 396 27.15 -5.40 -2.88
N ALA E 397 27.57 -4.26 -2.31
CA ALA E 397 27.13 -3.79 -1.00
C ALA E 397 27.46 -4.79 0.11
N THR E 398 28.61 -5.46 0.01
CA THR E 398 28.87 -6.43 1.04
C THR E 398 29.73 -5.88 2.16
N THR E 399 31.03 -5.75 1.95
CA THR E 399 31.85 -4.87 2.79
C THR E 399 32.92 -4.23 1.93
N GLU E 400 33.36 -4.95 0.92
CA GLU E 400 34.46 -4.51 0.05
C GLU E 400 33.94 -3.83 -1.20
N ALA E 401 33.03 -2.92 -1.02
CA ALA E 401 32.58 -2.05 -2.10
C ALA E 401 33.08 -0.66 -1.75
N PRO E 402 33.26 0.25 -2.72
CA PRO E 402 33.79 1.57 -2.40
C PRO E 402 32.93 2.42 -1.47
N GLY E 403 31.65 2.58 -1.78
CA GLY E 403 30.81 3.51 -1.05
C GLY E 403 30.48 3.02 0.36
N GLU E 404 30.05 3.95 1.21
CA GLU E 404 29.67 3.58 2.57
C GLU E 404 28.16 3.56 2.62
N TYR E 405 27.58 3.24 3.77
CA TYR E 405 26.19 2.88 3.90
C TYR E 405 25.33 4.11 4.19
N PHE E 406 24.03 3.96 3.98
CA PHE E 406 23.06 5.02 4.22
C PHE E 406 21.68 4.40 4.36
N PHE E 407 20.83 5.06 5.14
CA PHE E 407 19.53 4.52 5.55
C PHE E 407 18.43 5.16 4.73
N SER E 408 17.96 4.45 3.70
CA SER E 408 16.80 4.88 2.91
C SER E 408 15.62 4.01 3.32
N ASP E 409 14.52 4.67 3.72
CA ASP E 409 13.31 4.02 4.27
C ASP E 409 13.66 3.18 5.49
N GLY E 410 14.58 3.68 6.31
CA GLY E 410 15.02 2.96 7.49
C GLY E 410 15.76 1.68 7.22
N ILE E 411 16.38 1.55 6.03
CA ILE E 411 17.08 0.33 5.63
C ILE E 411 18.54 0.65 5.36
N ARG E 412 19.43 -0.09 6.00
CA ARG E 412 20.87 0.04 5.80
C ARG E 412 21.22 -0.60 4.46
N LEU E 413 21.62 0.23 3.50
CA LEU E 413 21.95 -0.22 2.16
C LEU E 413 23.04 0.70 1.59
N LYS E 414 23.54 0.35 0.41
CA LYS E 414 24.71 0.99 -0.17
C LYS E 414 24.40 1.27 -1.63
N LYS E 415 25.12 2.23 -2.20
CA LYS E 415 24.92 2.62 -3.59
C LYS E 415 25.35 1.50 -4.54
N TYR E 416 24.70 1.44 -5.69
CA TYR E 416 25.04 0.45 -6.71
C TYR E 416 24.55 1.00 -8.05
N ARG E 417 25.49 1.41 -8.89
CA ARG E 417 25.17 2.04 -10.16
C ARG E 417 25.81 1.27 -11.30
N GLY E 418 25.19 1.38 -12.46
CA GLY E 418 25.71 0.74 -13.64
C GLY E 418 26.75 1.60 -14.31
N MET E 419 27.55 0.96 -15.17
CA MET E 419 28.64 1.66 -15.83
C MET E 419 28.16 2.60 -16.93
N GLY E 420 26.92 2.46 -17.38
CA GLY E 420 26.36 3.32 -18.39
C GLY E 420 25.30 4.28 -17.91
N SER E 421 25.08 4.38 -16.60
CA SER E 421 24.13 5.36 -16.08
C SER E 421 24.76 6.75 -16.17
N LEU E 422 23.90 7.77 -16.13
CA LEU E 422 24.40 9.13 -16.30
C LEU E 422 25.00 9.72 -15.04
N ASP E 423 25.00 8.98 -13.93
CA ASP E 423 25.68 9.43 -12.73
C ASP E 423 27.13 8.97 -12.67
N ALA E 424 27.44 7.83 -13.30
CA ALA E 424 28.79 7.29 -13.33
C ALA E 424 29.62 7.97 -14.42
N MET E 425 29.15 7.90 -15.66
CA MET E 425 29.88 8.52 -16.76
C MET E 425 29.47 9.98 -16.93
N ILE E 442 24.79 14.39 -26.98
CA ILE E 442 23.68 13.61 -26.47
C ILE E 442 24.17 12.22 -26.09
N LYS E 443 24.13 11.91 -24.79
CA LYS E 443 24.69 10.67 -24.25
C LYS E 443 23.55 9.79 -23.78
N VAL E 444 23.47 8.56 -24.32
CA VAL E 444 22.36 7.66 -24.05
C VAL E 444 22.67 6.78 -22.85
N ALA E 445 21.69 6.65 -21.95
CA ALA E 445 21.85 5.84 -20.74
C ALA E 445 21.78 4.35 -21.08
N GLN E 446 22.81 3.60 -20.70
CA GLN E 446 22.84 2.16 -20.87
C GLN E 446 22.40 1.42 -19.61
N GLY E 447 22.14 2.14 -18.53
CA GLY E 447 21.76 1.49 -17.29
C GLY E 447 21.21 2.50 -16.32
N VAL E 448 20.85 2.00 -15.14
CA VAL E 448 20.28 2.83 -14.08
C VAL E 448 21.24 2.82 -12.89
N SER E 449 20.94 3.69 -11.93
CA SER E 449 21.72 3.81 -10.72
C SER E 449 20.79 3.66 -9.53
N GLY E 450 21.19 2.86 -8.55
CA GLY E 450 20.30 2.58 -7.44
C GLY E 450 20.98 2.12 -6.18
N ALA E 451 20.37 1.16 -5.50
CA ALA E 451 20.85 0.73 -4.20
C ALA E 451 20.44 -0.70 -3.92
N VAL E 452 21.17 -1.35 -3.02
CA VAL E 452 20.95 -2.75 -2.67
C VAL E 452 21.44 -2.94 -1.24
N GLN E 453 20.80 -3.85 -0.50
CA GLN E 453 20.98 -3.98 0.94
C GLN E 453 22.34 -4.54 1.31
N ASP E 454 22.64 -4.49 2.61
CA ASP E 454 23.89 -4.99 3.15
C ASP E 454 23.94 -6.51 3.09
N LYS E 455 25.15 -7.06 2.99
CA LYS E 455 25.34 -8.50 2.97
C LYS E 455 26.49 -9.02 3.81
N GLY E 456 27.17 -8.18 4.60
CA GLY E 456 28.25 -8.67 5.44
C GLY E 456 29.51 -8.94 4.66
N SER E 457 30.54 -9.43 5.36
CA SER E 457 31.82 -9.68 4.71
C SER E 457 31.73 -10.89 3.78
N ILE E 458 32.50 -10.85 2.69
CA ILE E 458 32.44 -11.97 1.76
C ILE E 458 33.40 -13.09 2.12
N HIS E 459 34.14 -12.96 3.21
CA HIS E 459 34.85 -14.13 3.69
C HIS E 459 33.93 -15.13 4.36
N LYS E 460 32.71 -14.72 4.72
CA LYS E 460 31.67 -15.64 5.14
C LYS E 460 30.53 -15.75 4.16
N PHE E 461 30.53 -14.98 3.06
CA PHE E 461 29.47 -15.05 2.06
C PHE E 461 29.85 -15.91 0.87
N VAL E 462 31.11 -15.82 0.42
CA VAL E 462 31.61 -16.67 -0.67
C VAL E 462 31.67 -18.15 -0.27
N PRO E 463 32.12 -18.58 0.98
CA PRO E 463 32.02 -20.01 1.31
C PRO E 463 30.60 -20.55 1.39
N TYR E 464 29.62 -19.69 1.68
CA TYR E 464 28.24 -20.10 1.57
C TYR E 464 27.85 -20.41 0.13
N LEU E 465 28.28 -19.56 -0.81
CA LEU E 465 28.03 -19.83 -2.22
C LEU E 465 28.72 -21.10 -2.67
N ILE E 466 29.92 -21.37 -2.14
CA ILE E 466 30.62 -22.61 -2.45
C ILE E 466 29.88 -23.83 -1.95
N ALA E 467 29.39 -23.77 -0.71
CA ALA E 467 28.64 -24.90 -0.16
C ALA E 467 27.30 -25.10 -0.88
N GLY E 468 26.67 -24.02 -1.32
CA GLY E 468 25.47 -24.16 -2.13
C GLY E 468 25.67 -24.72 -3.52
N ILE E 469 26.75 -24.31 -4.20
CA ILE E 469 27.09 -24.88 -5.50
C ILE E 469 27.41 -26.36 -5.36
N GLN E 470 28.15 -26.75 -4.32
CA GLN E 470 28.49 -28.15 -4.21
C GLN E 470 27.34 -29.01 -3.69
N HIS E 471 26.39 -28.44 -2.93
CA HIS E 471 25.15 -29.16 -2.67
C HIS E 471 24.31 -29.36 -3.93
N SER E 472 24.29 -28.34 -4.81
CA SER E 472 23.59 -28.49 -6.08
C SER E 472 24.25 -29.55 -6.96
N CYS E 473 25.58 -29.61 -6.97
CA CYS E 473 26.28 -30.63 -7.72
C CYS E 473 26.12 -32.01 -7.08
N GLN E 474 25.82 -32.04 -5.78
CA GLN E 474 25.46 -33.32 -5.17
C GLN E 474 24.10 -33.78 -5.65
N ASP E 475 23.11 -32.88 -5.69
CA ASP E 475 21.78 -33.28 -6.13
C ASP E 475 21.73 -33.62 -7.61
N ILE E 476 22.53 -32.94 -8.43
CA ILE E 476 22.68 -33.36 -9.82
C ILE E 476 23.32 -34.73 -9.90
N GLY E 477 24.35 -34.97 -9.08
CA GLY E 477 24.96 -36.27 -9.00
C GLY E 477 26.28 -36.37 -9.71
N ALA E 478 27.11 -35.33 -9.59
CA ALA E 478 28.40 -35.30 -10.24
C ALA E 478 29.49 -34.87 -9.26
N LYS E 479 30.67 -35.46 -9.41
CA LYS E 479 31.77 -35.22 -8.49
C LYS E 479 32.42 -33.86 -8.70
N SER E 480 32.26 -33.26 -9.88
CA SER E 480 32.93 -32.01 -10.20
C SER E 480 32.14 -31.28 -11.25
N LEU E 481 32.53 -30.03 -11.53
CA LEU E 481 31.82 -29.23 -12.53
C LEU E 481 32.10 -29.75 -13.93
N THR E 482 33.29 -30.31 -14.16
CA THR E 482 33.59 -30.93 -15.44
C THR E 482 32.69 -32.13 -15.69
N GLN E 483 32.36 -32.87 -14.64
CA GLN E 483 31.41 -33.96 -14.79
C GLN E 483 30.00 -33.45 -15.02
N VAL E 484 29.65 -32.28 -14.47
CA VAL E 484 28.33 -31.67 -14.72
C VAL E 484 28.19 -31.31 -16.18
N ARG E 485 29.20 -30.63 -16.75
CA ARG E 485 29.12 -30.27 -18.15
C ARG E 485 29.28 -31.46 -19.08
N ALA E 486 30.01 -32.49 -18.65
CA ALA E 486 30.10 -33.71 -19.46
C ALA E 486 28.77 -34.44 -19.50
N MET E 487 28.08 -34.52 -18.36
CA MET E 487 26.74 -35.08 -18.31
C MET E 487 25.73 -34.22 -19.07
N MET E 488 25.96 -32.92 -19.17
CA MET E 488 25.04 -32.08 -19.94
C MET E 488 25.24 -32.28 -21.43
N TYR E 489 26.49 -32.23 -21.91
CA TYR E 489 26.71 -32.40 -23.34
C TYR E 489 26.57 -33.84 -23.79
N SER E 490 26.59 -34.81 -22.87
CA SER E 490 26.44 -36.20 -23.24
C SER E 490 24.99 -36.61 -23.44
N GLY E 491 24.07 -35.94 -22.74
CA GLY E 491 22.66 -36.31 -22.76
C GLY E 491 22.18 -36.96 -21.49
N GLU E 492 23.04 -37.15 -20.49
CA GLU E 492 22.65 -37.80 -19.26
C GLU E 492 21.95 -36.84 -18.31
N LEU E 493 22.42 -35.60 -18.24
CA LEU E 493 21.85 -34.60 -17.34
C LEU E 493 20.68 -33.93 -18.06
N LYS E 494 19.47 -34.11 -17.54
CA LYS E 494 18.27 -33.70 -18.24
C LYS E 494 17.53 -32.58 -17.51
N PHE E 495 16.85 -31.75 -18.29
CA PHE E 495 16.19 -30.52 -17.85
C PHE E 495 14.68 -30.67 -18.02
N GLU E 496 13.94 -29.62 -17.64
CA GLU E 496 12.51 -29.56 -17.86
C GLU E 496 12.05 -28.12 -17.78
N LYS E 497 11.11 -27.74 -18.66
CA LYS E 497 10.58 -26.38 -18.67
C LYS E 497 9.68 -26.13 -17.47
N ARG E 498 9.34 -24.86 -17.30
CA ARG E 498 8.46 -24.40 -16.24
C ARG E 498 7.53 -23.33 -16.80
N THR E 499 6.28 -23.36 -16.38
CA THR E 499 5.33 -22.32 -16.74
C THR E 499 5.40 -21.19 -15.72
N SER E 500 4.47 -20.24 -15.86
CA SER E 500 4.43 -19.10 -14.95
C SER E 500 3.86 -19.47 -13.59
N SER E 501 3.16 -20.61 -13.49
CA SER E 501 2.55 -21.00 -12.23
C SER E 501 3.48 -21.86 -11.39
N ALA E 502 4.38 -22.60 -12.02
CA ALA E 502 5.39 -23.33 -11.28
C ALA E 502 6.39 -22.40 -10.62
N GLN E 503 6.59 -21.21 -11.19
CA GLN E 503 7.50 -20.24 -10.61
C GLN E 503 6.93 -19.61 -9.35
N VAL E 504 5.59 -19.55 -9.26
CA VAL E 504 4.97 -19.03 -8.05
C VAL E 504 5.10 -20.04 -6.91
N GLU E 505 4.81 -21.33 -7.18
CA GLU E 505 4.83 -22.29 -6.08
C GLU E 505 6.24 -22.79 -5.79
N GLY E 506 7.21 -22.54 -6.66
CA GLY E 506 8.55 -23.00 -6.40
C GLY E 506 9.24 -22.22 -5.29
N GLY E 507 9.11 -20.89 -5.31
CA GLY E 507 9.59 -20.07 -4.22
C GLY E 507 8.68 -20.13 -3.01
N VAL E 508 8.84 -19.15 -2.13
CA VAL E 508 8.05 -19.13 -0.91
C VAL E 508 6.64 -18.65 -1.21
N HIS E 509 5.65 -19.42 -0.78
CA HIS E 509 4.25 -19.06 -1.00
C HIS E 509 3.40 -19.58 0.14
N SER E 510 2.18 -19.05 0.21
CA SER E 510 1.14 -19.44 1.17
C SER E 510 1.60 -19.30 2.62
N LEU E 511 2.34 -18.24 2.90
CA LEU E 511 2.76 -17.87 4.25
C LEU E 511 2.42 -16.41 4.46
N HIS E 512 1.95 -16.07 5.66
CA HIS E 512 1.71 -14.68 5.99
C HIS E 512 3.01 -13.88 6.01
N SER E 513 3.94 -14.25 6.89
CA SER E 513 5.25 -13.64 6.94
C SER E 513 6.30 -14.74 6.94
N TYR E 514 7.44 -14.47 6.32
CA TYR E 514 8.53 -15.46 6.34
C TYR E 514 9.87 -14.75 6.47
N GLU E 515 10.70 -15.24 7.37
CA GLU E 515 12.08 -14.79 7.51
C GLU E 515 12.98 -15.76 6.76
N LYS E 516 13.87 -15.23 5.93
CA LYS E 516 14.59 -16.02 4.95
C LYS E 516 16.08 -15.91 5.20
N ARG E 517 16.63 -16.86 5.94
CA ARG E 517 18.04 -16.86 6.29
C ARG E 517 18.79 -17.81 5.37
N LEU E 518 19.98 -17.40 4.92
CA LEU E 518 20.79 -18.23 4.04
C LEU E 518 22.00 -18.82 4.73
N PHE E 519 22.87 -17.98 5.27
CA PHE E 519 24.12 -18.44 5.88
C PHE E 519 24.14 -18.10 7.37
N TYR F 17 -21.45 -42.86 -28.71
CA TYR F 17 -20.72 -41.98 -29.62
C TYR F 17 -19.49 -41.47 -28.91
N VAL F 18 -19.69 -40.86 -27.74
CA VAL F 18 -18.67 -40.30 -26.84
C VAL F 18 -17.71 -39.39 -27.60
N PRO F 19 -18.09 -38.13 -27.86
CA PRO F 19 -17.22 -37.24 -28.65
C PRO F 19 -15.89 -36.98 -27.97
N ASP F 20 -14.82 -37.15 -28.74
CA ASP F 20 -13.46 -36.95 -28.23
C ASP F 20 -13.23 -35.47 -27.99
N ASP F 21 -13.09 -35.09 -26.71
CA ASP F 21 -12.95 -33.69 -26.32
C ASP F 21 -11.99 -33.64 -25.14
N GLY F 22 -10.87 -32.96 -25.32
CA GLY F 22 -9.87 -32.83 -24.28
C GLY F 22 -8.68 -33.75 -24.53
N LEU F 23 -7.66 -33.55 -23.71
CA LEU F 23 -6.44 -34.33 -23.78
C LEU F 23 -6.46 -35.40 -22.71
N THR F 24 -5.94 -36.59 -23.04
CA THR F 24 -5.77 -37.62 -22.04
C THR F 24 -4.55 -37.30 -21.19
N ALA F 25 -4.25 -38.19 -20.25
CA ALA F 25 -3.16 -37.90 -19.32
C ALA F 25 -1.80 -38.07 -19.96
N GLN F 26 -1.62 -39.07 -20.81
CA GLN F 26 -0.33 -39.27 -21.46
C GLN F 26 -0.14 -38.26 -22.59
N GLN F 27 -1.23 -37.77 -23.16
CA GLN F 27 -1.13 -36.71 -24.15
C GLN F 27 -0.84 -35.36 -23.53
N LEU F 28 -1.06 -35.20 -22.23
CA LEU F 28 -0.87 -33.91 -21.57
C LEU F 28 0.53 -33.76 -21.01
N PHE F 29 1.03 -34.78 -20.32
CA PHE F 29 2.29 -34.70 -19.59
C PHE F 29 3.47 -35.26 -20.38
N ASN F 30 3.32 -35.41 -21.69
CA ASN F 30 4.43 -35.81 -22.54
C ASN F 30 4.70 -34.79 -23.64
N CYS F 31 4.20 -33.57 -23.49
CA CYS F 31 4.59 -32.50 -24.40
C CYS F 31 6.00 -32.00 -24.13
N GLY F 32 6.56 -32.33 -22.98
CA GLY F 32 7.88 -31.87 -22.57
C GLY F 32 7.81 -30.74 -21.57
N ASP F 33 6.70 -30.03 -21.51
CA ASP F 33 6.53 -28.94 -20.58
C ASP F 33 6.20 -29.47 -19.18
N GLY F 34 6.66 -28.74 -18.16
CA GLY F 34 6.41 -29.13 -16.80
C GLY F 34 5.22 -28.42 -16.18
N LEU F 35 4.10 -29.12 -16.07
CA LEU F 35 2.88 -28.54 -15.54
C LEU F 35 2.81 -28.71 -14.04
N THR F 36 2.16 -27.77 -13.39
CA THR F 36 1.89 -27.83 -11.96
C THR F 36 0.38 -28.00 -11.73
N TYR F 37 -0.03 -27.92 -10.48
CA TYR F 37 -1.44 -28.12 -10.13
C TYR F 37 -2.36 -27.03 -10.65
N ASN F 38 -1.85 -25.86 -10.98
CA ASN F 38 -2.68 -24.77 -11.46
C ASN F 38 -2.71 -24.65 -12.97
N ASP F 39 -1.95 -25.46 -13.69
CA ASP F 39 -1.86 -25.33 -15.13
C ASP F 39 -2.83 -26.23 -15.87
N PHE F 40 -3.60 -27.05 -15.18
CA PHE F 40 -4.58 -27.89 -15.86
C PHE F 40 -5.77 -28.03 -14.95
N LEU F 41 -6.86 -28.58 -15.49
CA LEU F 41 -8.02 -28.92 -14.69
C LEU F 41 -8.79 -30.00 -15.42
N ILE F 42 -9.59 -30.73 -14.65
CA ILE F 42 -10.17 -32.00 -15.09
C ILE F 42 -11.53 -31.75 -15.72
N LEU F 43 -11.77 -32.33 -16.89
CA LEU F 43 -13.07 -32.21 -17.53
C LEU F 43 -14.08 -33.11 -16.83
N PRO F 44 -15.31 -32.66 -16.64
CA PRO F 44 -16.31 -33.48 -15.94
C PRO F 44 -16.84 -34.60 -16.82
N GLY F 45 -17.54 -35.53 -16.17
CA GLY F 45 -18.05 -36.70 -16.85
C GLY F 45 -19.54 -36.92 -16.65
N TYR F 46 -19.91 -38.13 -16.27
CA TYR F 46 -21.31 -38.53 -16.14
C TYR F 46 -21.61 -38.89 -14.70
N ILE F 47 -22.69 -38.32 -14.18
CA ILE F 47 -23.10 -38.51 -12.79
C ILE F 47 -24.31 -39.41 -12.73
N ASP F 48 -24.18 -40.55 -12.04
CA ASP F 48 -25.35 -41.39 -11.77
C ASP F 48 -25.35 -41.90 -10.33
N PHE F 49 -24.86 -41.09 -9.40
CA PHE F 49 -24.70 -41.51 -8.02
C PHE F 49 -24.65 -40.26 -7.15
N THR F 50 -25.10 -40.40 -5.91
CA THR F 50 -25.02 -39.30 -4.99
C THR F 50 -23.60 -39.17 -4.45
N ALA F 51 -23.35 -38.08 -3.73
CA ALA F 51 -21.99 -37.75 -3.31
C ALA F 51 -21.45 -38.64 -2.21
N ASP F 52 -22.31 -39.17 -1.34
CA ASP F 52 -21.84 -39.94 -0.20
C ASP F 52 -21.61 -41.42 -0.52
N GLN F 53 -21.85 -41.84 -1.75
CA GLN F 53 -21.51 -43.21 -2.14
C GLN F 53 -20.07 -43.34 -2.61
N VAL F 54 -19.27 -42.28 -2.51
CA VAL F 54 -17.90 -42.33 -3.01
C VAL F 54 -17.00 -43.01 -1.99
N ASP F 55 -16.29 -44.04 -2.44
CA ASP F 55 -15.39 -44.82 -1.59
C ASP F 55 -13.99 -44.23 -1.71
N LEU F 56 -13.50 -43.63 -0.64
CA LEU F 56 -12.17 -43.04 -0.65
C LEU F 56 -11.11 -43.97 -0.08
N THR F 57 -11.30 -45.29 -0.21
CA THR F 57 -10.32 -46.25 0.28
C THR F 57 -9.07 -46.18 -0.59
N SER F 58 -7.94 -45.89 0.04
CA SER F 58 -6.67 -45.75 -0.67
C SER F 58 -5.57 -46.41 0.12
N ALA F 59 -4.53 -46.84 -0.60
CA ALA F 59 -3.44 -47.59 0.01
C ALA F 59 -2.27 -46.67 0.33
N LEU F 60 -1.76 -46.76 1.54
CA LEU F 60 -0.57 -45.98 1.92
C LEU F 60 0.68 -46.68 1.42
N THR F 61 0.96 -47.86 1.97
CA THR F 61 2.04 -48.71 1.48
C THR F 61 1.45 -49.89 0.71
N LYS F 62 2.27 -50.88 0.40
CA LYS F 62 1.79 -52.12 -0.21
C LYS F 62 0.86 -52.90 0.71
N LYS F 63 0.98 -52.76 2.03
CA LYS F 63 0.21 -53.57 2.96
C LYS F 63 -0.62 -52.76 3.95
N ILE F 64 -0.39 -51.47 4.08
CA ILE F 64 -1.22 -50.61 4.91
C ILE F 64 -2.30 -50.00 4.02
N THR F 65 -3.54 -50.03 4.49
CA THR F 65 -4.66 -49.46 3.74
C THR F 65 -5.40 -48.49 4.63
N LEU F 66 -5.45 -47.23 4.25
CA LEU F 66 -6.17 -46.21 4.99
C LEU F 66 -7.60 -46.13 4.49
N LYS F 67 -8.45 -45.41 5.22
CA LYS F 67 -9.80 -45.13 4.77
C LYS F 67 -9.94 -43.77 4.10
N THR F 68 -9.07 -42.82 4.43
CA THR F 68 -9.05 -41.51 3.80
C THR F 68 -7.68 -41.25 3.18
N PRO F 69 -7.61 -40.64 2.02
CA PRO F 69 -6.33 -40.56 1.29
C PRO F 69 -5.52 -39.31 1.63
N LEU F 70 -5.29 -39.08 2.92
CA LEU F 70 -4.55 -37.88 3.28
C LEU F 70 -3.82 -38.10 4.60
N VAL F 71 -2.51 -37.80 4.59
CA VAL F 71 -1.62 -38.02 5.72
C VAL F 71 -0.96 -36.68 6.05
N SER F 72 -0.29 -36.62 7.19
CA SER F 72 0.38 -35.39 7.61
C SER F 72 1.89 -35.49 7.43
N SER F 73 2.53 -34.36 7.19
CA SER F 73 3.93 -34.33 6.77
C SER F 73 4.86 -34.22 7.98
N PRO F 74 5.85 -35.10 8.09
CA PRO F 74 6.67 -35.16 9.32
C PRO F 74 7.59 -33.96 9.53
N MET F 75 7.01 -32.83 9.92
CA MET F 75 7.74 -31.63 10.29
C MET F 75 7.56 -31.35 11.77
N ASP F 76 8.49 -30.59 12.35
CA ASP F 76 8.45 -30.35 13.79
C ASP F 76 7.42 -29.34 14.22
N THR F 77 6.68 -28.76 13.28
CA THR F 77 5.65 -27.79 13.60
C THR F 77 4.30 -28.22 13.02
N VAL F 78 4.17 -29.48 12.64
CA VAL F 78 2.92 -30.00 12.09
C VAL F 78 2.42 -31.18 12.90
N THR F 79 3.26 -32.19 13.11
CA THR F 79 2.77 -33.45 13.66
C THR F 79 3.69 -34.06 14.70
N GLU F 80 3.40 -33.77 15.96
CA GLU F 80 3.71 -34.64 17.08
C GLU F 80 2.47 -35.50 17.36
N ALA F 81 2.40 -36.15 18.52
CA ALA F 81 1.39 -37.20 18.75
C ALA F 81 -0.04 -36.69 18.78
N GLY F 82 -0.25 -35.39 19.01
CA GLY F 82 -1.61 -34.86 18.93
C GLY F 82 -2.16 -34.89 17.52
N MET F 83 -1.35 -34.47 16.55
CA MET F 83 -1.76 -34.59 15.16
C MET F 83 -1.79 -36.04 14.71
N ALA F 84 -0.99 -36.92 15.34
CA ALA F 84 -1.03 -38.34 14.99
C ALA F 84 -2.34 -38.98 15.41
N ILE F 85 -2.79 -38.70 16.64
CA ILE F 85 -4.07 -39.27 17.08
C ILE F 85 -5.23 -38.57 16.39
N ALA F 86 -5.04 -37.32 15.97
CA ALA F 86 -6.15 -36.62 15.33
C ALA F 86 -6.26 -36.96 13.84
N MET F 87 -5.15 -37.33 13.20
CA MET F 87 -5.21 -37.77 11.82
C MET F 87 -5.52 -39.26 11.72
N ALA F 88 -5.20 -40.03 12.76
CA ALA F 88 -5.56 -41.44 12.72
C ALA F 88 -7.05 -41.64 12.88
N LEU F 89 -7.67 -40.91 13.81
CA LEU F 89 -9.08 -41.12 14.11
C LEU F 89 -10.01 -40.65 13.00
N THR F 90 -9.57 -39.72 12.15
CA THR F 90 -10.40 -39.25 11.06
C THR F 90 -10.10 -39.96 9.74
N GLY F 91 -9.32 -41.04 9.79
CA GLY F 91 -9.11 -41.86 8.61
C GLY F 91 -7.68 -42.01 8.15
N GLY F 92 -6.89 -40.95 8.19
CA GLY F 92 -5.54 -40.97 7.65
C GLY F 92 -4.53 -41.58 8.58
N ILE F 93 -3.30 -41.07 8.52
CA ILE F 93 -2.22 -41.50 9.39
C ILE F 93 -1.33 -40.28 9.59
N GLY F 94 -0.49 -40.29 10.61
CA GLY F 94 0.41 -39.19 10.84
C GLY F 94 1.83 -39.66 11.06
N PHE F 95 2.81 -38.95 10.51
CA PHE F 95 4.20 -39.34 10.64
C PHE F 95 4.90 -38.43 11.64
N ILE F 96 5.47 -39.01 12.69
CA ILE F 96 6.13 -38.24 13.74
C ILE F 96 7.49 -37.79 13.23
N HIS F 97 7.79 -36.51 13.46
CA HIS F 97 9.03 -35.93 12.93
C HIS F 97 10.23 -36.42 13.73
N HIS F 98 11.43 -36.12 13.20
CA HIS F 98 12.68 -36.58 13.80
C HIS F 98 13.58 -35.41 14.20
N ASN F 99 12.99 -34.25 14.49
CA ASN F 99 13.76 -33.09 14.95
C ASN F 99 13.77 -33.07 16.48
N CYS F 100 14.21 -34.17 17.06
CA CYS F 100 14.20 -34.36 18.50
C CYS F 100 15.14 -35.51 18.83
N THR F 101 15.31 -35.77 20.13
CA THR F 101 16.04 -36.95 20.59
C THR F 101 15.24 -38.20 20.26
N PRO F 102 15.92 -39.35 20.11
CA PRO F 102 15.18 -40.59 19.83
C PRO F 102 14.25 -41.03 20.95
N GLU F 103 14.57 -40.69 22.20
CA GLU F 103 13.67 -41.01 23.30
C GLU F 103 12.39 -40.21 23.26
N PHE F 104 12.46 -38.95 22.80
CA PHE F 104 11.27 -38.11 22.67
C PHE F 104 10.33 -38.67 21.62
N GLN F 105 10.87 -39.03 20.45
CA GLN F 105 10.05 -39.58 19.37
C GLN F 105 9.51 -40.95 19.73
N ALA F 106 10.30 -41.76 20.43
CA ALA F 106 9.80 -43.03 20.93
C ALA F 106 8.73 -42.86 21.98
N ASN F 107 8.75 -41.75 22.73
CA ASN F 107 7.63 -41.46 23.62
C ASN F 107 6.40 -41.02 22.85
N GLU F 108 6.57 -40.24 21.78
CA GLU F 108 5.43 -39.75 21.02
C GLU F 108 4.71 -40.89 20.31
N VAL F 109 5.47 -41.85 19.78
CA VAL F 109 4.83 -42.96 19.08
C VAL F 109 4.15 -43.92 20.07
N ARG F 110 4.66 -44.00 21.30
CA ARG F 110 3.92 -44.74 22.32
C ARG F 110 2.69 -43.98 22.77
N LYS F 111 2.75 -42.64 22.76
CA LYS F 111 1.61 -41.83 23.20
C LYS F 111 0.46 -41.94 22.20
N VAL F 112 0.77 -42.08 20.91
CA VAL F 112 -0.32 -42.31 19.96
C VAL F 112 -0.77 -43.77 19.98
N LYS F 113 0.15 -44.74 20.11
CA LYS F 113 -0.33 -46.11 20.10
C LYS F 113 -0.88 -46.58 21.45
N LYS F 114 -0.81 -45.75 22.49
CA LYS F 114 -1.52 -46.03 23.74
C LYS F 114 -2.60 -44.98 23.97
N TYR F 115 -3.27 -44.57 22.90
CA TYR F 115 -4.44 -43.72 23.00
C TYR F 115 -5.74 -44.50 22.89
N GLU F 116 -5.72 -45.59 22.15
CA GLU F 116 -6.89 -46.44 21.99
C GLU F 116 -6.39 -47.86 21.87
N GLN F 117 -6.73 -48.69 22.84
CA GLN F 117 -6.07 -49.98 23.01
C GLN F 117 -7.09 -51.02 23.41
N GLY F 118 -7.18 -52.09 22.62
CA GLY F 118 -8.17 -53.12 22.87
C GLY F 118 -7.82 -54.04 24.03
N PHE F 119 -6.84 -54.91 23.87
CA PHE F 119 -6.26 -55.67 24.98
C PHE F 119 -5.10 -54.86 25.55
N ILE F 120 -5.34 -54.18 26.66
CA ILE F 120 -4.27 -53.42 27.31
C ILE F 120 -3.35 -54.42 28.00
N THR F 121 -2.25 -54.78 27.33
CA THR F 121 -1.40 -55.87 27.78
C THR F 121 -0.57 -55.47 29.00
N ASP F 122 -0.02 -54.26 28.99
CA ASP F 122 0.79 -53.75 30.09
C ASP F 122 0.27 -52.39 30.53
N PRO F 123 -0.76 -52.35 31.38
CA PRO F 123 -1.19 -51.11 31.99
C PRO F 123 -0.38 -50.80 33.24
N VAL F 124 -0.71 -49.66 33.84
CA VAL F 124 -0.16 -49.35 35.16
C VAL F 124 -0.88 -50.17 36.22
N VAL F 125 -0.10 -50.73 37.14
CA VAL F 125 -0.64 -51.45 38.29
C VAL F 125 0.08 -50.96 39.53
N LEU F 126 -0.60 -51.01 40.66
CA LEU F 126 -0.03 -50.60 41.93
C LEU F 126 -0.22 -51.71 42.96
N SER F 127 0.43 -51.54 44.10
CA SER F 127 0.38 -52.46 45.23
C SER F 127 -0.57 -51.90 46.27
N PRO F 128 -1.13 -52.73 47.15
CA PRO F 128 -1.97 -52.18 48.23
C PRO F 128 -1.18 -51.45 49.30
N LYS F 129 0.14 -51.52 49.30
CA LYS F 129 0.95 -50.90 50.34
C LYS F 129 1.26 -49.43 50.09
N ASP F 130 0.80 -48.87 48.97
CA ASP F 130 1.19 -47.52 48.61
C ASP F 130 0.32 -46.49 49.32
N ARG F 131 0.48 -45.24 48.89
CA ARG F 131 -0.40 -44.17 49.29
C ARG F 131 -1.09 -43.65 48.04
N VAL F 132 -2.10 -42.79 48.22
CA VAL F 132 -2.84 -42.21 47.10
C VAL F 132 -1.99 -41.19 46.33
N ARG F 133 -0.90 -40.70 46.93
CA ARG F 133 0.01 -39.79 46.23
C ARG F 133 0.66 -40.46 45.03
N ASP F 134 0.86 -41.77 45.09
CA ASP F 134 1.32 -42.50 43.91
C ASP F 134 0.24 -42.55 42.83
N VAL F 135 -1.04 -42.56 43.23
CA VAL F 135 -2.12 -42.60 42.25
C VAL F 135 -2.28 -41.27 41.54
N PHE F 136 -2.26 -40.16 42.28
CA PHE F 136 -2.25 -38.84 41.64
C PHE F 136 -0.96 -38.59 40.88
N GLU F 137 0.14 -39.21 41.30
CA GLU F 137 1.36 -39.22 40.49
C GLU F 137 1.15 -39.93 39.16
N ALA F 138 0.41 -41.03 39.14
CA ALA F 138 0.06 -41.70 37.90
C ALA F 138 -0.89 -40.88 37.05
N LYS F 139 -1.81 -40.15 37.69
CA LYS F 139 -2.80 -39.36 36.95
C LYS F 139 -2.16 -38.13 36.32
N ALA F 140 -1.28 -37.45 37.04
CA ALA F 140 -0.57 -36.29 36.51
C ALA F 140 0.42 -36.64 35.41
N ARG F 141 0.75 -37.93 35.25
CA ARG F 141 1.71 -38.39 34.26
C ARG F 141 1.05 -39.03 33.05
N HIS F 142 -0.01 -39.80 33.24
CA HIS F 142 -0.63 -40.51 32.13
C HIS F 142 -2.00 -39.95 31.74
N GLY F 143 -2.77 -39.46 32.69
CA GLY F 143 -4.00 -38.79 32.39
C GLY F 143 -5.26 -39.58 32.63
N PHE F 144 -5.18 -40.72 33.31
CA PHE F 144 -6.36 -41.53 33.61
C PHE F 144 -6.25 -42.05 35.02
N CYS F 145 -7.38 -42.52 35.54
CA CYS F 145 -7.47 -43.01 36.91
C CYS F 145 -7.79 -44.49 37.03
N GLY F 146 -8.03 -45.18 35.92
CA GLY F 146 -8.23 -46.61 36.01
C GLY F 146 -6.94 -47.38 36.23
N ILE F 147 -6.74 -47.91 37.44
CA ILE F 147 -5.56 -48.71 37.76
C ILE F 147 -6.03 -50.00 38.42
N PRO F 148 -5.75 -51.17 37.85
CA PRO F 148 -5.97 -52.41 38.59
C PRO F 148 -4.89 -52.58 39.65
N ILE F 149 -5.30 -53.07 40.82
CA ILE F 149 -4.42 -53.25 41.96
C ILE F 149 -3.99 -54.72 42.01
N THR F 150 -2.68 -54.94 42.05
CA THR F 150 -2.13 -56.28 42.22
C THR F 150 -1.32 -56.31 43.52
N ASP F 151 -1.24 -57.49 44.13
CA ASP F 151 -0.65 -57.59 45.46
C ASP F 151 0.88 -57.44 45.47
N THR F 152 1.53 -57.48 44.31
CA THR F 152 2.96 -57.23 44.24
C THR F 152 3.30 -55.90 43.58
N GLY F 153 2.67 -55.61 42.44
CA GLY F 153 2.92 -54.36 41.75
C GLY F 153 3.35 -54.57 40.31
N ARG F 154 3.13 -55.77 39.79
CA ARG F 154 3.49 -56.10 38.42
C ARG F 154 2.30 -56.82 37.79
N MET F 155 2.43 -57.14 36.50
CA MET F 155 1.35 -57.83 35.81
C MET F 155 1.26 -59.30 36.18
N GLY F 156 2.40 -59.94 36.42
CA GLY F 156 2.40 -61.33 36.81
C GLY F 156 2.10 -61.48 38.29
N SER F 157 0.85 -61.31 38.67
CA SER F 157 0.48 -61.21 40.08
C SER F 157 -0.99 -61.57 40.22
N ARG F 158 -1.51 -61.44 41.44
CA ARG F 158 -2.90 -61.75 41.74
C ARG F 158 -3.75 -60.49 41.63
N LEU F 159 -4.91 -60.63 40.98
CA LEU F 159 -5.90 -59.56 40.97
C LEU F 159 -6.61 -59.50 42.32
N VAL F 160 -6.60 -58.33 42.95
CA VAL F 160 -7.19 -58.19 44.27
C VAL F 160 -8.28 -57.11 44.19
N GLY F 161 -8.21 -56.26 43.17
CA GLY F 161 -9.27 -55.29 42.99
C GLY F 161 -8.95 -54.23 41.97
N ILE F 162 -9.79 -53.20 41.96
CA ILE F 162 -9.76 -52.14 40.96
C ILE F 162 -9.84 -50.82 41.72
N ILE F 163 -9.44 -49.73 41.08
CA ILE F 163 -9.70 -48.40 41.62
C ILE F 163 -9.90 -47.47 40.42
N SER F 164 -10.80 -46.50 40.58
CA SER F 164 -11.21 -45.66 39.47
C SER F 164 -11.21 -44.20 39.92
N SER F 165 -11.81 -43.34 39.09
CA SER F 165 -11.82 -41.91 39.40
C SER F 165 -12.77 -41.59 40.53
N ARG F 166 -13.97 -42.14 40.51
CA ARG F 166 -14.92 -41.76 41.55
C ARG F 166 -14.67 -42.46 42.88
N ASP F 167 -13.60 -43.23 43.03
CA ASP F 167 -13.14 -43.65 44.34
C ASP F 167 -12.28 -42.59 45.01
N ILE F 168 -11.72 -41.66 44.23
CA ILE F 168 -10.63 -40.81 44.68
C ILE F 168 -10.98 -39.32 44.61
N ASP F 169 -11.90 -38.92 43.73
CA ASP F 169 -12.13 -37.53 43.34
C ASP F 169 -12.48 -36.60 44.49
N PHE F 170 -13.34 -37.03 45.40
CA PHE F 170 -13.80 -36.16 46.47
C PHE F 170 -13.35 -36.72 47.82
N LEU F 171 -12.15 -36.32 48.22
CA LEU F 171 -11.61 -36.64 49.54
C LEU F 171 -11.40 -35.34 50.31
N LYS F 172 -11.50 -35.44 51.64
CA LYS F 172 -11.54 -34.26 52.49
C LYS F 172 -10.30 -34.11 53.36
N GLU F 173 -9.96 -35.13 54.15
CA GLU F 173 -8.73 -35.11 54.93
C GLU F 173 -7.61 -35.53 53.99
N GLU F 174 -6.75 -34.58 53.63
CA GLU F 174 -5.74 -34.84 52.62
C GLU F 174 -4.66 -35.75 53.17
N GLU F 175 -4.83 -37.05 52.90
CA GLU F 175 -3.81 -38.09 52.99
C GLU F 175 -3.34 -38.38 54.40
N HIS F 176 -4.09 -37.89 55.39
CA HIS F 176 -3.85 -38.26 56.78
C HIS F 176 -4.27 -39.70 56.99
N ASP F 177 -3.28 -40.61 57.07
CA ASP F 177 -3.45 -42.03 57.39
C ASP F 177 -4.35 -42.75 56.39
N CYS F 178 -4.00 -42.74 55.10
CA CYS F 178 -4.84 -43.32 54.06
C CYS F 178 -4.00 -44.25 53.19
N PHE F 179 -4.35 -45.53 53.17
CA PHE F 179 -3.81 -46.51 52.24
C PHE F 179 -4.73 -46.61 51.02
N LEU F 180 -4.58 -47.69 50.26
CA LEU F 180 -5.46 -47.96 49.13
C LEU F 180 -6.46 -49.07 49.39
N GLU F 181 -6.22 -49.91 50.41
CA GLU F 181 -7.06 -51.09 50.65
C GLU F 181 -8.47 -50.68 51.05
N GLU F 182 -8.61 -49.63 51.87
CA GLU F 182 -9.93 -49.21 52.32
C GLU F 182 -10.69 -48.49 51.20
N ILE F 183 -9.97 -47.97 50.21
CA ILE F 183 -10.62 -47.18 49.16
C ILE F 183 -11.05 -48.07 48.00
N MET F 184 -10.22 -49.06 47.65
CA MET F 184 -10.43 -49.88 46.46
C MET F 184 -11.66 -50.78 46.58
N THR F 185 -12.21 -51.15 45.44
CA THR F 185 -13.27 -52.14 45.36
C THR F 185 -12.64 -53.52 45.32
N LYS F 186 -13.04 -54.39 46.24
CA LYS F 186 -12.37 -55.67 46.41
C LYS F 186 -12.72 -56.64 45.28
N ARG F 187 -11.96 -57.73 45.22
CA ARG F 187 -12.08 -58.75 44.18
C ARG F 187 -13.41 -59.49 44.23
N GLU F 188 -14.04 -59.56 45.41
CA GLU F 188 -15.21 -60.42 45.60
C GLU F 188 -16.42 -59.93 44.82
N ASP F 189 -16.53 -58.61 44.62
CA ASP F 189 -17.65 -58.04 43.89
C ASP F 189 -17.27 -57.49 42.52
N LEU F 190 -16.08 -57.79 42.01
CA LEU F 190 -15.74 -57.38 40.65
C LEU F 190 -16.45 -58.26 39.64
N VAL F 191 -16.46 -57.79 38.39
CA VAL F 191 -16.85 -58.59 37.25
C VAL F 191 -15.61 -58.80 36.39
N VAL F 192 -15.23 -60.06 36.18
CA VAL F 192 -14.05 -60.38 35.40
C VAL F 192 -14.46 -61.32 34.27
N ALA F 193 -13.57 -61.45 33.29
CA ALA F 193 -13.77 -62.33 32.17
C ALA F 193 -12.67 -63.39 32.13
N PRO F 194 -13.00 -64.62 31.76
CA PRO F 194 -11.97 -65.66 31.68
C PRO F 194 -11.03 -65.41 30.51
N ALA F 195 -9.79 -65.86 30.68
CA ALA F 195 -8.78 -65.67 29.67
C ALA F 195 -8.98 -66.63 28.51
N GLY F 196 -8.29 -66.35 27.40
CA GLY F 196 -8.37 -67.17 26.21
C GLY F 196 -9.45 -66.76 25.24
N ILE F 197 -10.44 -65.96 25.67
CA ILE F 197 -11.48 -65.53 24.76
C ILE F 197 -10.94 -64.44 23.85
N THR F 198 -11.53 -64.33 22.66
CA THR F 198 -11.14 -63.23 21.79
C THR F 198 -11.88 -61.96 22.21
N LEU F 199 -11.59 -60.86 21.51
CA LEU F 199 -12.00 -59.54 21.97
C LEU F 199 -13.50 -59.33 21.87
N LYS F 200 -14.18 -60.09 21.00
CA LYS F 200 -15.61 -59.91 20.81
C LYS F 200 -16.40 -60.31 22.05
N GLU F 201 -16.10 -61.46 22.64
CA GLU F 201 -16.84 -61.87 23.84
C GLU F 201 -16.47 -61.04 25.06
N ALA F 202 -15.24 -60.54 25.10
CA ALA F 202 -14.86 -59.64 26.19
C ALA F 202 -15.63 -58.33 26.09
N ASN F 203 -15.79 -57.81 24.86
CA ASN F 203 -16.62 -56.62 24.69
C ASN F 203 -18.10 -56.92 24.95
N GLU F 204 -18.54 -58.16 24.71
CA GLU F 204 -19.92 -58.53 25.06
C GLU F 204 -20.13 -58.54 26.57
N ILE F 205 -19.19 -59.13 27.32
CA ILE F 205 -19.26 -59.13 28.78
C ILE F 205 -19.16 -57.71 29.32
N LEU F 206 -18.42 -56.84 28.64
CA LEU F 206 -18.35 -55.44 29.03
C LEU F 206 -19.67 -54.72 28.76
N GLN F 207 -20.35 -55.04 27.65
CA GLN F 207 -21.61 -54.38 27.35
C GLN F 207 -22.74 -54.83 28.27
N ARG F 208 -22.79 -56.12 28.63
CA ARG F 208 -23.84 -56.56 29.54
C ARG F 208 -23.56 -56.13 30.97
N SER F 209 -22.37 -56.44 31.49
CA SER F 209 -21.97 -56.00 32.82
C SER F 209 -21.56 -54.54 32.73
N LYS F 210 -22.52 -53.67 33.06
CA LYS F 210 -22.40 -52.24 32.80
C LYS F 210 -21.56 -51.59 33.91
N LYS F 211 -20.26 -51.94 33.94
CA LYS F 211 -19.40 -51.51 35.03
C LYS F 211 -18.06 -50.95 34.56
N GLY F 212 -17.98 -50.51 33.31
CA GLY F 212 -16.84 -49.71 32.89
C GLY F 212 -15.60 -50.46 32.49
N LYS F 213 -14.81 -50.92 33.45
CA LYS F 213 -13.62 -51.69 33.12
C LYS F 213 -13.76 -53.12 33.61
N LEU F 214 -13.15 -54.04 32.88
CA LEU F 214 -13.11 -55.39 33.41
C LEU F 214 -11.73 -55.97 33.22
N PRO F 215 -11.10 -56.47 34.28
CA PRO F 215 -9.88 -57.27 34.12
C PRO F 215 -10.19 -58.63 33.50
N ILE F 216 -9.15 -59.24 32.97
CA ILE F 216 -9.22 -60.59 32.41
C ILE F 216 -8.26 -61.45 33.20
N VAL F 217 -8.78 -62.55 33.77
CA VAL F 217 -7.97 -63.43 34.59
C VAL F 217 -8.04 -64.85 34.05
N ASN F 218 -6.96 -65.59 34.25
CA ASN F 218 -6.89 -66.99 33.89
C ASN F 218 -7.32 -67.88 35.06
N GLU F 219 -7.04 -69.17 34.97
CA GLU F 219 -7.46 -70.15 35.97
C GLU F 219 -6.68 -70.05 37.29
N ASP F 220 -5.68 -69.18 37.38
CA ASP F 220 -4.89 -68.99 38.58
C ASP F 220 -5.20 -67.64 39.24
N ASP F 221 -6.21 -66.93 38.73
CA ASP F 221 -6.53 -65.53 39.08
C ASP F 221 -5.32 -64.62 38.88
N GLU F 222 -4.64 -64.77 37.75
CA GLU F 222 -3.54 -63.88 37.38
C GLU F 222 -4.00 -62.91 36.31
N LEU F 223 -3.59 -61.64 36.46
CA LEU F 223 -4.03 -60.57 35.59
C LEU F 223 -3.24 -60.55 34.29
N VAL F 224 -3.95 -60.53 33.16
CA VAL F 224 -3.30 -60.53 31.86
C VAL F 224 -3.66 -59.29 31.04
N ALA F 225 -4.93 -58.86 31.08
CA ALA F 225 -5.37 -57.79 30.20
C ALA F 225 -6.61 -57.13 30.79
N ILE F 226 -6.83 -55.88 30.39
CA ILE F 226 -7.97 -55.08 30.85
C ILE F 226 -8.61 -54.44 29.62
N ILE F 227 -9.94 -54.38 29.62
CA ILE F 227 -10.74 -53.74 28.59
C ILE F 227 -11.28 -52.45 29.18
N ALA F 228 -11.07 -51.33 28.49
CA ALA F 228 -11.70 -50.10 28.92
C ALA F 228 -13.03 -49.93 28.20
N ARG F 229 -13.83 -48.97 28.66
CA ARG F 229 -15.11 -48.71 28.01
C ARG F 229 -15.05 -47.49 27.09
N THR F 230 -14.20 -46.51 27.40
CA THR F 230 -14.03 -45.37 26.52
C THR F 230 -13.43 -45.76 25.17
N ASP F 231 -12.70 -46.87 25.11
CA ASP F 231 -12.37 -47.54 23.87
C ASP F 231 -13.58 -47.81 23.00
N LEU F 232 -14.65 -48.37 23.57
CA LEU F 232 -15.81 -48.72 22.76
C LEU F 232 -16.59 -47.49 22.33
N LYS F 233 -16.52 -46.40 23.09
CA LYS F 233 -17.21 -45.19 22.69
C LYS F 233 -16.39 -44.40 21.66
N LYS F 234 -15.07 -44.53 21.71
CA LYS F 234 -14.21 -43.96 20.66
C LYS F 234 -14.26 -44.77 19.38
N ASN F 235 -14.58 -46.05 19.46
CA ASN F 235 -14.85 -46.83 18.26
C ASN F 235 -16.15 -46.40 17.58
N ARG F 236 -17.17 -46.08 18.36
CA ARG F 236 -18.45 -45.68 17.79
C ARG F 236 -18.39 -44.25 17.26
N ASP F 237 -17.67 -43.36 17.94
CA ASP F 237 -17.63 -41.97 17.52
C ASP F 237 -16.74 -41.74 16.30
N TYR F 238 -15.89 -42.69 15.95
CA TYR F 238 -15.00 -42.57 14.80
C TYR F 238 -15.04 -43.89 14.04
N PRO F 239 -15.98 -44.05 13.10
CA PRO F 239 -16.15 -45.34 12.43
C PRO F 239 -14.99 -45.73 11.52
N LEU F 240 -14.56 -44.81 10.67
CA LEU F 240 -13.33 -44.98 9.90
C LEU F 240 -12.17 -44.43 10.73
N ALA F 241 -11.27 -45.32 11.16
CA ALA F 241 -10.24 -44.93 12.10
C ALA F 241 -8.87 -45.52 11.85
N SER F 242 -8.71 -46.34 10.80
CA SER F 242 -7.44 -46.88 10.31
C SER F 242 -6.57 -47.53 11.39
N LYS F 243 -7.05 -48.60 11.99
CA LYS F 243 -6.40 -49.19 13.14
C LYS F 243 -5.69 -50.50 12.79
N ASP F 244 -4.85 -50.95 13.73
CA ASP F 244 -4.00 -52.12 13.59
C ASP F 244 -4.82 -53.38 13.85
N ALA F 245 -4.20 -54.55 13.67
CA ALA F 245 -4.86 -55.82 13.96
C ALA F 245 -5.09 -56.06 15.44
N LYS F 246 -4.37 -55.36 16.32
CA LYS F 246 -4.64 -55.36 17.75
C LYS F 246 -5.60 -54.26 18.16
N LYS F 247 -6.34 -53.68 17.20
CA LYS F 247 -7.35 -52.65 17.40
C LYS F 247 -6.78 -51.39 18.08
N GLN F 248 -5.59 -50.99 17.65
CA GLN F 248 -4.97 -49.76 18.11
C GLN F 248 -4.57 -48.92 16.90
N LEU F 249 -4.39 -47.63 17.14
CA LEU F 249 -4.21 -46.68 16.05
C LEU F 249 -2.88 -46.89 15.32
N LEU F 250 -2.93 -46.81 14.00
CA LEU F 250 -1.72 -46.83 13.21
C LEU F 250 -0.93 -45.54 13.38
N CYS F 251 0.38 -45.66 13.32
CA CYS F 251 1.24 -44.49 13.40
C CYS F 251 2.49 -44.73 12.58
N GLY F 252 3.01 -43.64 12.02
CA GLY F 252 4.27 -43.67 11.31
C GLY F 252 5.22 -42.66 11.92
N ALA F 253 6.49 -42.78 11.53
CA ALA F 253 7.49 -41.88 12.07
C ALA F 253 8.67 -41.83 11.13
N ALA F 254 9.19 -40.62 10.92
CA ALA F 254 10.29 -40.42 9.98
C ALA F 254 11.61 -40.60 10.68
N ILE F 255 12.55 -41.25 10.01
CA ILE F 255 13.92 -41.38 10.48
C ILE F 255 14.84 -40.79 9.42
N GLY F 256 16.11 -40.65 9.78
CA GLY F 256 17.11 -40.09 8.90
C GLY F 256 17.76 -41.15 8.04
N THR F 257 18.96 -40.85 7.59
CA THR F 257 19.69 -41.74 6.70
C THR F 257 21.10 -42.03 7.21
N HIS F 258 21.57 -41.26 8.19
CA HIS F 258 22.89 -41.43 8.77
C HIS F 258 22.93 -42.71 9.61
N GLU F 259 24.15 -43.19 9.90
CA GLU F 259 24.40 -44.38 10.69
C GLU F 259 23.89 -44.29 12.12
N ASP F 260 23.72 -43.09 12.67
CA ASP F 260 23.27 -42.93 14.05
C ASP F 260 21.79 -43.25 14.20
N ASP F 261 21.03 -43.21 13.10
CA ASP F 261 19.58 -43.33 13.18
C ASP F 261 19.13 -44.79 13.14
N LYS F 262 20.06 -45.72 13.07
CA LYS F 262 19.73 -47.13 13.27
C LYS F 262 19.47 -47.47 14.73
N TYR F 263 19.79 -46.56 15.65
CA TYR F 263 19.35 -46.69 17.03
C TYR F 263 17.95 -46.13 17.22
N ARG F 264 17.65 -45.01 16.56
CA ARG F 264 16.30 -44.45 16.55
C ARG F 264 15.33 -45.41 15.88
N LEU F 265 15.77 -46.10 14.84
CA LEU F 265 14.94 -47.10 14.16
C LEU F 265 14.59 -48.24 15.09
N ASP F 266 15.57 -48.72 15.87
CA ASP F 266 15.30 -49.83 16.77
C ASP F 266 14.43 -49.42 17.95
N LEU F 267 14.59 -48.20 18.46
CA LEU F 267 13.69 -47.69 19.49
C LEU F 267 12.26 -47.52 18.97
N LEU F 268 12.10 -47.05 17.74
CA LEU F 268 10.77 -46.87 17.17
C LEU F 268 10.12 -48.21 16.83
N ALA F 269 10.91 -49.19 16.39
CA ALA F 269 10.36 -50.51 16.11
C ALA F 269 10.02 -51.25 17.39
N GLN F 270 10.75 -51.00 18.48
CA GLN F 270 10.37 -51.58 19.76
C GLN F 270 9.12 -50.90 20.32
N ALA F 271 8.99 -49.59 20.10
CA ALA F 271 7.81 -48.88 20.55
C ALA F 271 6.57 -49.21 19.74
N GLY F 272 6.74 -49.69 18.50
CA GLY F 272 5.64 -50.29 17.79
C GLY F 272 5.21 -49.62 16.50
N VAL F 273 6.09 -48.85 15.87
CA VAL F 273 5.73 -48.12 14.65
C VAL F 273 5.52 -49.11 13.51
N ASP F 274 4.61 -48.78 12.60
CA ASP F 274 4.24 -49.70 11.53
C ASP F 274 4.72 -49.25 10.16
N VAL F 275 5.17 -48.01 10.03
CA VAL F 275 5.71 -47.51 8.76
C VAL F 275 6.71 -46.41 9.06
N VAL F 276 7.82 -46.37 8.32
CA VAL F 276 8.83 -45.34 8.50
C VAL F 276 9.03 -44.58 7.20
N VAL F 277 9.40 -43.30 7.31
CA VAL F 277 9.64 -42.43 6.18
C VAL F 277 11.11 -42.03 6.20
N LEU F 278 11.85 -42.45 5.19
CA LEU F 278 13.25 -42.06 5.07
C LEU F 278 13.28 -40.63 4.55
N ASP F 279 13.37 -39.67 5.46
CA ASP F 279 13.22 -38.26 5.11
C ASP F 279 14.50 -37.75 4.50
N SER F 280 14.42 -37.34 3.23
CA SER F 280 15.56 -36.74 2.53
C SER F 280 15.02 -35.85 1.43
N SER F 281 15.84 -34.88 1.03
CA SER F 281 15.44 -34.01 -0.08
C SER F 281 15.53 -34.74 -1.41
N GLN F 282 16.51 -35.62 -1.56
CA GLN F 282 16.60 -36.49 -2.74
C GLN F 282 16.88 -37.89 -2.26
N GLY F 283 16.05 -38.85 -2.68
CA GLY F 283 16.12 -40.18 -2.14
C GLY F 283 16.90 -41.19 -2.95
N ASN F 284 17.69 -40.74 -3.92
CA ASN F 284 18.47 -41.66 -4.73
C ASN F 284 19.87 -41.88 -4.17
N SER F 285 20.05 -41.69 -2.86
CA SER F 285 21.36 -41.86 -2.27
C SER F 285 21.71 -43.34 -2.21
N ILE F 286 23.03 -43.62 -2.20
CA ILE F 286 23.48 -44.94 -1.81
C ILE F 286 23.22 -45.17 -0.33
N PHE F 287 23.11 -44.09 0.44
CA PHE F 287 22.84 -44.18 1.87
C PHE F 287 21.43 -44.69 2.11
N GLN F 288 20.47 -44.18 1.34
CA GLN F 288 19.09 -44.56 1.54
C GLN F 288 18.79 -45.93 0.94
N ILE F 289 19.47 -46.28 -0.15
CA ILE F 289 19.34 -47.64 -0.68
C ILE F 289 19.96 -48.65 0.27
N ASN F 290 21.05 -48.26 0.94
CA ASN F 290 21.63 -49.14 1.96
C ASN F 290 20.72 -49.29 3.16
N MET F 291 20.01 -48.22 3.57
CA MET F 291 19.08 -48.43 4.68
C MET F 291 17.81 -49.17 4.28
N ILE F 292 17.38 -49.08 3.02
CA ILE F 292 16.25 -49.92 2.59
C ILE F 292 16.67 -51.38 2.57
N LYS F 293 17.89 -51.68 2.14
CA LYS F 293 18.37 -53.05 2.25
C LYS F 293 18.63 -53.45 3.69
N TYR F 294 18.87 -52.50 4.59
CA TYR F 294 19.09 -52.84 5.99
C TYR F 294 17.80 -53.13 6.74
N ILE F 295 16.72 -52.40 6.43
CA ILE F 295 15.49 -52.58 7.20
C ILE F 295 14.80 -53.89 6.84
N LYS F 296 14.70 -54.19 5.55
CA LYS F 296 13.89 -55.30 5.13
C LYS F 296 14.61 -56.64 5.11
N ASP F 297 15.71 -56.78 5.86
CA ASP F 297 16.18 -58.12 6.21
C ASP F 297 16.35 -58.27 7.71
N LYS F 298 16.02 -57.25 8.50
CA LYS F 298 15.92 -57.37 9.94
C LYS F 298 14.52 -57.10 10.47
N TYR F 299 13.76 -56.23 9.82
CA TYR F 299 12.41 -55.88 10.25
C TYR F 299 11.47 -56.25 9.11
N PRO F 300 11.17 -57.54 8.93
CA PRO F 300 10.45 -57.96 7.72
C PRO F 300 8.97 -57.61 7.71
N ASN F 301 8.41 -57.22 8.85
CA ASN F 301 7.02 -56.79 8.92
C ASN F 301 6.92 -55.29 9.16
N LEU F 302 7.83 -54.52 8.58
CA LEU F 302 7.85 -53.07 8.74
C LEU F 302 7.86 -52.41 7.37
N GLN F 303 6.92 -51.50 7.15
CA GLN F 303 6.80 -50.81 5.88
C GLN F 303 7.74 -49.61 5.83
N VAL F 304 8.29 -49.33 4.66
CA VAL F 304 9.21 -48.22 4.49
C VAL F 304 8.69 -47.28 3.41
N ILE F 305 9.04 -46.01 3.54
CA ILE F 305 8.70 -44.98 2.55
C ILE F 305 10.01 -44.38 2.07
N GLY F 306 10.25 -44.44 0.77
CA GLY F 306 11.46 -43.88 0.20
C GLY F 306 11.16 -42.57 -0.50
N GLY F 307 11.93 -41.54 -0.17
CA GLY F 307 11.73 -40.25 -0.80
C GLY F 307 12.89 -39.33 -0.51
N ASN F 308 12.91 -38.18 -1.17
CA ASN F 308 11.91 -37.78 -2.16
C ASN F 308 12.33 -38.13 -3.58
N VAL F 309 11.34 -38.34 -4.42
CA VAL F 309 11.52 -38.83 -5.78
C VAL F 309 10.69 -37.96 -6.72
N VAL F 310 11.30 -37.44 -7.77
CA VAL F 310 10.55 -36.68 -8.77
C VAL F 310 10.62 -37.32 -10.15
N THR F 311 11.77 -37.82 -10.55
CA THR F 311 11.85 -38.45 -11.86
C THR F 311 11.50 -39.92 -11.75
N ALA F 312 11.37 -40.57 -12.91
CA ALA F 312 11.20 -42.02 -12.92
C ALA F 312 12.53 -42.75 -12.90
N ALA F 313 13.64 -42.03 -12.93
CA ALA F 313 14.95 -42.66 -12.86
C ALA F 313 15.25 -43.16 -11.46
N GLN F 314 15.02 -42.33 -10.44
CA GLN F 314 15.28 -42.80 -9.08
C GLN F 314 14.14 -43.63 -8.53
N ALA F 315 12.99 -43.60 -9.20
CA ALA F 315 11.89 -44.48 -8.85
C ALA F 315 12.29 -45.94 -8.94
N LYS F 316 13.02 -46.33 -9.98
CA LYS F 316 13.43 -47.72 -10.09
C LYS F 316 14.52 -48.06 -9.10
N ASN F 317 15.44 -47.13 -8.81
CA ASN F 317 16.50 -47.41 -7.84
C ASN F 317 15.98 -47.48 -6.42
N LEU F 318 14.80 -46.94 -6.14
CA LEU F 318 14.23 -47.23 -4.83
C LEU F 318 13.30 -48.43 -4.84
N ILE F 319 12.58 -48.69 -5.94
CA ILE F 319 11.63 -49.80 -5.95
C ILE F 319 12.35 -51.14 -5.99
N ASP F 320 13.36 -51.29 -6.87
CA ASP F 320 14.01 -52.61 -6.94
C ASP F 320 14.96 -52.83 -5.76
N ALA F 321 15.27 -51.77 -5.02
CA ALA F 321 15.92 -51.92 -3.73
C ALA F 321 14.98 -52.49 -2.69
N GLY F 322 13.68 -52.39 -2.92
CA GLY F 322 12.70 -53.07 -2.10
C GLY F 322 11.70 -52.20 -1.39
N VAL F 323 11.60 -50.91 -1.74
CA VAL F 323 10.79 -49.99 -0.95
C VAL F 323 9.31 -50.29 -1.16
N ASP F 324 8.48 -49.81 -0.25
CA ASP F 324 7.06 -50.17 -0.23
C ASP F 324 6.16 -49.07 -0.77
N ALA F 325 6.53 -47.81 -0.64
CA ALA F 325 5.80 -46.70 -1.25
C ALA F 325 6.72 -45.51 -1.37
N LEU F 326 6.50 -44.68 -2.38
CA LEU F 326 7.35 -43.54 -2.65
C LEU F 326 6.73 -42.25 -2.12
N ARG F 327 7.59 -41.31 -1.77
CA ARG F 327 7.20 -39.99 -1.26
C ARG F 327 7.66 -39.01 -2.33
N VAL F 328 6.71 -38.32 -2.96
CA VAL F 328 6.98 -37.70 -4.25
C VAL F 328 6.90 -36.19 -4.16
N GLY F 329 7.97 -35.53 -4.63
CA GLY F 329 7.97 -34.09 -4.75
C GLY F 329 9.07 -33.41 -3.98
N MET F 330 10.05 -32.85 -4.70
CA MET F 330 11.06 -31.98 -4.12
C MET F 330 10.98 -30.63 -4.80
N GLY F 331 11.41 -29.59 -4.09
CA GLY F 331 11.42 -28.26 -4.63
C GLY F 331 10.12 -27.49 -4.53
N SER F 332 8.98 -28.14 -4.74
CA SER F 332 7.69 -27.45 -4.73
C SER F 332 6.99 -27.55 -3.39
N GLY F 333 7.67 -27.14 -2.33
CA GLY F 333 7.03 -27.07 -1.04
C GLY F 333 6.55 -25.66 -0.75
N SER F 334 5.70 -25.49 0.26
CA SER F 334 5.28 -24.14 0.63
C SER F 334 6.39 -23.38 1.32
N ILE F 335 7.34 -24.08 1.93
CA ILE F 335 8.45 -23.48 2.66
C ILE F 335 9.79 -23.75 2.01
N CYS F 336 9.86 -24.59 0.98
CA CYS F 336 11.14 -25.02 0.44
C CYS F 336 11.65 -24.07 -0.62
N ILE F 337 12.93 -23.70 -0.51
CA ILE F 337 13.63 -22.88 -1.48
C ILE F 337 14.72 -23.73 -2.14
N THR F 338 14.46 -25.03 -2.25
CA THR F 338 15.45 -25.95 -2.79
C THR F 338 15.73 -25.68 -4.26
N GLN F 339 14.71 -25.32 -5.03
CA GLN F 339 14.94 -24.97 -6.43
C GLN F 339 15.61 -23.61 -6.59
N GLU F 340 15.58 -22.76 -5.57
CA GLU F 340 16.12 -21.41 -5.65
C GLU F 340 17.47 -21.30 -4.98
N VAL F 341 17.99 -22.39 -4.43
CA VAL F 341 19.32 -22.40 -3.86
C VAL F 341 20.11 -23.50 -4.56
N LEU F 342 19.51 -24.68 -4.69
CA LEU F 342 20.19 -25.83 -5.26
C LEU F 342 19.79 -26.15 -6.69
N ALA F 343 18.76 -25.45 -7.22
CA ALA F 343 18.38 -25.50 -8.64
C ALA F 343 17.99 -26.90 -9.11
N CYS F 344 17.31 -27.66 -8.26
CA CYS F 344 16.90 -29.00 -8.61
C CYS F 344 15.43 -29.19 -8.25
N GLY F 345 14.85 -30.23 -8.82
CA GLY F 345 13.44 -30.54 -8.68
C GLY F 345 12.77 -30.60 -10.04
N ARG F 346 11.44 -30.61 -9.99
CA ARG F 346 10.60 -30.44 -11.18
C ARG F 346 9.24 -29.97 -10.68
N PRO F 347 8.41 -29.41 -11.57
CA PRO F 347 7.05 -29.04 -11.15
C PRO F 347 6.25 -30.25 -10.69
N GLN F 348 5.31 -30.02 -9.78
CA GLN F 348 4.79 -31.08 -8.92
C GLN F 348 3.90 -32.03 -9.69
N ALA F 349 3.01 -31.51 -10.52
CA ALA F 349 2.01 -32.36 -11.16
C ALA F 349 2.60 -33.25 -12.23
N THR F 350 3.68 -32.84 -12.88
CA THR F 350 4.35 -33.73 -13.82
C THR F 350 5.10 -34.83 -13.07
N ALA F 351 5.67 -34.48 -11.91
CA ALA F 351 6.35 -35.45 -11.07
C ALA F 351 5.40 -36.53 -10.60
N VAL F 352 4.24 -36.12 -10.05
CA VAL F 352 3.26 -37.06 -9.50
C VAL F 352 2.70 -37.95 -10.59
N TYR F 353 2.55 -37.44 -11.81
CA TYR F 353 2.10 -38.31 -12.89
C TYR F 353 3.18 -39.30 -13.31
N LYS F 354 4.42 -38.85 -13.52
CA LYS F 354 5.40 -39.71 -14.15
C LYS F 354 5.92 -40.78 -13.20
N VAL F 355 6.13 -40.45 -11.93
CA VAL F 355 6.61 -41.49 -11.02
C VAL F 355 5.49 -42.45 -10.66
N SER F 356 4.22 -42.01 -10.69
CA SER F 356 3.15 -42.96 -10.41
C SER F 356 2.88 -43.83 -11.62
N GLU F 357 3.09 -43.31 -12.83
CA GLU F 357 3.00 -44.14 -14.01
C GLU F 357 4.13 -45.15 -14.06
N TYR F 358 5.29 -44.82 -13.47
CA TYR F 358 6.29 -45.87 -13.35
C TYR F 358 5.97 -46.85 -12.24
N ALA F 359 5.53 -46.37 -11.08
CA ALA F 359 5.38 -47.23 -9.91
C ALA F 359 4.09 -48.04 -9.95
N ARG F 360 3.20 -47.73 -10.89
CA ARG F 360 2.04 -48.59 -11.12
C ARG F 360 2.48 -49.94 -11.69
N ARG F 361 3.61 -49.98 -12.39
CA ARG F 361 4.08 -51.21 -13.00
C ARG F 361 4.50 -52.24 -11.96
N PHE F 362 4.92 -51.78 -10.78
CA PHE F 362 5.43 -52.67 -9.75
C PHE F 362 4.49 -52.76 -8.55
N GLY F 363 3.29 -52.19 -8.64
CA GLY F 363 2.34 -52.24 -7.56
C GLY F 363 2.75 -51.43 -6.34
N VAL F 364 3.31 -50.25 -6.56
CA VAL F 364 3.84 -49.42 -5.48
C VAL F 364 3.07 -48.11 -5.46
N PRO F 365 2.35 -47.79 -4.39
CA PRO F 365 1.69 -46.49 -4.30
C PRO F 365 2.69 -45.37 -4.11
N VAL F 366 2.27 -44.16 -4.47
CA VAL F 366 3.12 -42.98 -4.26
C VAL F 366 2.36 -41.99 -3.39
N ILE F 367 3.13 -41.12 -2.73
CA ILE F 367 2.60 -40.16 -1.77
C ILE F 367 3.02 -38.79 -2.25
N ALA F 368 2.08 -38.00 -2.74
CA ALA F 368 2.38 -36.66 -3.20
C ALA F 368 2.44 -35.68 -2.03
N ASP F 369 3.51 -34.90 -1.95
CA ASP F 369 3.55 -33.83 -0.97
C ASP F 369 4.02 -32.53 -1.62
N GLY F 370 3.74 -31.43 -0.96
CA GLY F 370 4.18 -30.14 -1.44
C GLY F 370 3.23 -29.54 -2.45
N GLY F 371 2.99 -28.24 -2.34
CA GLY F 371 2.11 -27.56 -3.26
C GLY F 371 0.64 -27.74 -2.99
N ILE F 372 0.28 -28.48 -1.94
CA ILE F 372 -1.12 -28.68 -1.60
C ILE F 372 -1.61 -27.46 -0.84
N GLN F 373 -2.55 -26.73 -1.44
CA GLN F 373 -3.03 -25.48 -0.88
C GLN F 373 -4.53 -25.48 -0.58
N ASN F 374 -5.30 -26.33 -1.23
CA ASN F 374 -6.76 -26.33 -1.06
C ASN F 374 -7.28 -27.72 -1.39
N VAL F 375 -8.59 -27.84 -1.55
CA VAL F 375 -9.20 -29.14 -1.80
C VAL F 375 -8.98 -29.58 -3.23
N GLY F 376 -8.90 -28.64 -4.18
CA GLY F 376 -8.76 -29.00 -5.58
C GLY F 376 -7.43 -29.62 -5.91
N HIS F 377 -6.35 -29.20 -5.23
CA HIS F 377 -5.05 -29.79 -5.46
C HIS F 377 -4.99 -31.23 -4.98
N ILE F 378 -5.72 -31.56 -3.90
CA ILE F 378 -5.77 -32.93 -3.43
C ILE F 378 -6.45 -33.83 -4.45
N ALA F 379 -7.55 -33.34 -5.04
CA ALA F 379 -8.27 -34.13 -6.04
C ALA F 379 -7.46 -34.27 -7.32
N LYS F 380 -6.73 -33.22 -7.71
CA LYS F 380 -5.85 -33.33 -8.88
C LYS F 380 -4.72 -34.31 -8.64
N ALA F 381 -4.14 -34.29 -7.43
CA ALA F 381 -3.06 -35.22 -7.12
C ALA F 381 -3.55 -36.66 -7.09
N LEU F 382 -4.76 -36.88 -6.55
CA LEU F 382 -5.32 -38.22 -6.54
C LEU F 382 -5.77 -38.67 -7.92
N ALA F 383 -6.08 -37.74 -8.82
CA ALA F 383 -6.44 -38.12 -10.17
C ALA F 383 -5.25 -38.29 -11.08
N LEU F 384 -4.06 -37.80 -10.70
CA LEU F 384 -2.89 -38.02 -11.54
C LEU F 384 -2.14 -39.29 -11.21
N GLY F 385 -2.51 -40.00 -10.15
CA GLY F 385 -1.89 -41.28 -9.91
C GLY F 385 -1.40 -41.47 -8.49
N ALA F 386 -1.47 -40.43 -7.68
CA ALA F 386 -1.07 -40.58 -6.29
C ALA F 386 -2.15 -41.33 -5.53
N SER F 387 -1.72 -42.03 -4.49
CA SER F 387 -2.63 -42.79 -3.66
C SER F 387 -3.02 -42.05 -2.38
N THR F 388 -2.06 -41.45 -1.70
CA THR F 388 -2.36 -40.57 -0.57
C THR F 388 -1.70 -39.22 -0.83
N VAL F 389 -2.21 -38.19 -0.18
CA VAL F 389 -1.73 -36.82 -0.37
C VAL F 389 -1.20 -36.33 0.96
N MET F 390 0.10 -36.05 1.01
CA MET F 390 0.75 -35.62 2.24
C MET F 390 0.72 -34.11 2.33
N MET F 391 0.08 -33.59 3.38
CA MET F 391 -0.16 -32.17 3.52
C MET F 391 0.74 -31.55 4.58
N GLY F 392 1.17 -30.33 4.30
CA GLY F 392 2.06 -29.58 5.16
C GLY F 392 1.37 -28.39 5.78
N SER F 393 1.53 -27.23 5.15
CA SER F 393 0.95 -25.99 5.66
C SER F 393 -0.57 -25.99 5.70
N LEU F 394 -1.23 -26.84 4.93
CA LEU F 394 -2.69 -26.89 5.01
C LEU F 394 -3.15 -27.55 6.30
N LEU F 395 -2.38 -28.49 6.83
CA LEU F 395 -2.66 -29.09 8.14
C LEU F 395 -1.89 -28.41 9.26
N ALA F 396 -1.11 -27.39 8.96
CA ALA F 396 -0.39 -26.69 10.01
C ALA F 396 -1.30 -25.67 10.65
N ALA F 397 -0.93 -25.32 11.89
CA ALA F 397 -1.58 -24.25 12.67
C ALA F 397 -3.05 -24.52 12.88
N THR F 398 -3.42 -25.78 13.10
CA THR F 398 -4.85 -26.01 13.25
C THR F 398 -5.27 -26.04 14.70
N THR F 399 -5.01 -27.14 15.41
CA THR F 399 -5.02 -27.12 16.86
C THR F 399 -3.93 -28.06 17.37
N GLU F 400 -3.70 -29.13 16.63
CA GLU F 400 -2.76 -30.17 17.02
C GLU F 400 -1.37 -29.93 16.41
N ALA F 401 -0.89 -28.73 16.54
CA ALA F 401 0.48 -28.41 16.20
C ALA F 401 1.19 -28.10 17.50
N PRO F 402 2.51 -28.24 17.59
CA PRO F 402 3.19 -28.00 18.87
C PRO F 402 3.10 -26.57 19.40
N GLY F 403 3.41 -25.57 18.59
CA GLY F 403 3.50 -24.21 19.08
C GLY F 403 2.14 -23.61 19.39
N GLU F 404 2.15 -22.53 20.18
CA GLU F 404 0.91 -21.86 20.52
C GLU F 404 0.84 -20.60 19.66
N TYR F 405 -0.22 -19.82 19.81
CA TYR F 405 -0.58 -18.77 18.86
C TYR F 405 0.04 -17.44 19.27
N PHE F 406 0.07 -16.52 18.32
CA PHE F 406 0.62 -15.17 18.53
C PHE F 406 0.07 -14.26 17.45
N PHE F 407 -0.05 -12.98 17.80
CA PHE F 407 -0.73 -11.99 16.97
C PHE F 407 0.30 -11.13 16.25
N SER F 408 0.55 -11.43 14.99
CA SER F 408 1.40 -10.61 14.13
C SER F 408 0.51 -9.85 13.17
N ASP F 409 0.65 -8.52 13.16
CA ASP F 409 -0.21 -7.59 12.39
C ASP F 409 -1.67 -7.76 12.79
N GLY F 410 -1.91 -7.98 14.08
CA GLY F 410 -3.27 -8.20 14.57
C GLY F 410 -3.94 -9.46 14.08
N ILE F 411 -3.16 -10.47 13.68
CA ILE F 411 -3.68 -11.72 13.13
C ILE F 411 -3.25 -12.89 14.00
N ARG F 412 -4.22 -13.67 14.43
CA ARG F 412 -3.97 -14.88 15.22
C ARG F 412 -3.42 -15.95 14.28
N LEU F 413 -2.15 -16.30 14.46
CA LEU F 413 -1.47 -17.28 13.63
C LEU F 413 -0.42 -18.00 14.47
N LYS F 414 0.20 -19.01 13.88
CA LYS F 414 1.08 -19.93 14.58
C LYS F 414 2.33 -20.12 13.75
N LYS F 415 3.41 -20.51 14.42
CA LYS F 415 4.69 -20.73 13.74
C LYS F 415 4.60 -21.92 12.80
N TYR F 416 5.41 -21.86 11.73
CA TYR F 416 5.48 -22.94 10.75
C TYR F 416 6.82 -22.82 10.05
N ARG F 417 7.73 -23.75 10.35
CA ARG F 417 9.08 -23.70 9.83
C ARG F 417 9.40 -24.99 9.09
N GLY F 418 10.30 -24.89 8.14
CA GLY F 418 10.73 -26.03 7.39
C GLY F 418 11.82 -26.79 8.11
N MET F 419 12.01 -28.04 7.70
CA MET F 419 12.99 -28.89 8.37
C MET F 419 14.42 -28.52 8.03
N GLY F 420 14.64 -27.74 6.98
CA GLY F 420 15.97 -27.30 6.60
C GLY F 420 16.26 -25.84 6.84
N SER F 421 15.38 -25.11 7.51
CA SER F 421 15.66 -23.74 7.85
C SER F 421 16.69 -23.69 8.98
N LEU F 422 17.35 -22.54 9.11
CA LEU F 422 18.40 -22.44 10.11
C LEU F 422 17.89 -22.21 11.52
N ASP F 423 16.58 -22.08 11.72
CA ASP F 423 16.02 -21.98 13.06
C ASP F 423 15.67 -23.34 13.64
N ALA F 424 15.36 -24.32 12.78
CA ALA F 424 15.03 -25.67 13.21
C ALA F 424 16.28 -26.49 13.47
N MET F 425 17.14 -26.60 12.46
CA MET F 425 18.37 -27.36 12.63
C MET F 425 19.50 -26.47 13.16
N ILE F 442 29.78 -24.64 7.43
CA ILE F 442 28.86 -23.87 6.61
C ILE F 442 27.65 -24.71 6.28
N LYS F 443 26.49 -24.31 6.80
CA LYS F 443 25.26 -25.08 6.71
C LYS F 443 24.30 -24.33 5.78
N VAL F 444 23.85 -25.01 4.71
CA VAL F 444 23.03 -24.36 3.68
C VAL F 444 21.55 -24.53 4.02
N ALA F 445 20.79 -23.43 3.90
CA ALA F 445 19.37 -23.45 4.19
C ALA F 445 18.59 -24.15 3.08
N GLN F 446 17.81 -25.16 3.44
CA GLN F 446 16.95 -25.86 2.51
C GLN F 446 15.53 -25.34 2.52
N GLY F 447 15.22 -24.40 3.41
CA GLY F 447 13.86 -23.89 3.51
C GLY F 447 13.85 -22.62 4.34
N VAL F 448 12.63 -22.08 4.52
CA VAL F 448 12.42 -20.87 5.27
C VAL F 448 11.57 -21.20 6.49
N SER F 449 11.46 -20.22 7.38
CA SER F 449 10.66 -20.33 8.59
C SER F 449 9.69 -19.17 8.65
N GLY F 450 8.42 -19.46 8.95
CA GLY F 450 7.42 -18.43 8.91
C GLY F 450 6.18 -18.69 9.74
N ALA F 451 5.02 -18.34 9.20
CA ALA F 451 3.78 -18.42 9.96
C ALA F 451 2.61 -18.58 9.02
N VAL F 452 1.52 -19.10 9.57
CA VAL F 452 0.30 -19.38 8.82
C VAL F 452 -0.87 -19.31 9.79
N GLN F 453 -2.04 -18.89 9.30
CA GLN F 453 -3.18 -18.53 10.14
C GLN F 453 -3.82 -19.75 10.80
N ASP F 454 -4.74 -19.47 11.73
CA ASP F 454 -5.45 -20.50 12.46
C ASP F 454 -6.44 -21.21 11.54
N LYS F 455 -6.73 -22.47 11.85
CA LYS F 455 -7.70 -23.24 11.10
C LYS F 455 -8.67 -24.09 11.93
N GLY F 456 -8.65 -23.99 13.25
CA GLY F 456 -9.59 -24.75 14.06
C GLY F 456 -9.19 -26.20 14.17
N SER F 457 -10.03 -26.99 14.85
CA SER F 457 -9.71 -28.39 15.07
C SER F 457 -9.87 -29.19 13.79
N ILE F 458 -9.03 -30.22 13.62
CA ILE F 458 -9.11 -31.01 12.39
C ILE F 458 -10.14 -32.12 12.48
N HIS F 459 -10.83 -32.27 13.60
CA HIS F 459 -11.98 -33.16 13.60
C HIS F 459 -13.16 -32.56 12.85
N LYS F 460 -13.16 -31.25 12.60
CA LYS F 460 -14.10 -30.63 11.70
C LYS F 460 -13.47 -30.11 10.42
N PHE F 461 -12.16 -30.22 10.26
CA PHE F 461 -11.48 -29.76 9.06
C PHE F 461 -11.19 -30.89 8.08
N VAL F 462 -10.79 -32.06 8.59
CA VAL F 462 -10.58 -33.23 7.76
C VAL F 462 -11.88 -33.75 7.14
N PRO F 463 -13.07 -33.83 7.85
CA PRO F 463 -14.30 -34.23 7.14
C PRO F 463 -14.73 -33.27 6.04
N TYR F 464 -14.37 -31.98 6.17
CA TYR F 464 -14.59 -31.06 5.06
C TYR F 464 -13.75 -31.43 3.84
N LEU F 465 -12.48 -31.78 4.06
CA LEU F 465 -11.64 -32.23 2.96
C LEU F 465 -12.18 -33.52 2.35
N ILE F 466 -12.74 -34.41 3.17
CA ILE F 466 -13.35 -35.63 2.65
C ILE F 466 -14.56 -35.34 1.80
N ALA F 467 -15.44 -34.45 2.25
CA ALA F 467 -16.61 -34.08 1.46
C ALA F 467 -16.24 -33.36 0.17
N GLY F 468 -15.18 -32.54 0.19
CA GLY F 468 -14.70 -31.93 -1.02
C GLY F 468 -14.07 -32.86 -2.03
N ILE F 469 -13.28 -33.84 -1.56
CA ILE F 469 -12.72 -34.86 -2.44
C ILE F 469 -13.83 -35.69 -3.06
N GLN F 470 -14.84 -36.06 -2.27
CA GLN F 470 -15.88 -36.90 -2.86
C GLN F 470 -16.86 -36.11 -3.72
N HIS F 471 -17.03 -34.80 -3.50
CA HIS F 471 -17.74 -33.98 -4.48
C HIS F 471 -16.96 -33.87 -5.79
N SER F 472 -15.63 -33.76 -5.70
CA SER F 472 -14.81 -33.74 -6.91
C SER F 472 -14.88 -35.06 -7.66
N CYS F 473 -14.90 -36.18 -6.93
CA CYS F 473 -15.04 -37.48 -7.57
C CYS F 473 -16.46 -37.68 -8.11
N GLN F 474 -17.44 -36.95 -7.57
CA GLN F 474 -18.76 -36.96 -8.19
C GLN F 474 -18.74 -36.22 -9.52
N ASP F 475 -18.10 -35.05 -9.56
CA ASP F 475 -18.08 -34.30 -10.82
C ASP F 475 -17.23 -34.96 -11.88
N ILE F 476 -16.15 -35.65 -11.49
CA ILE F 476 -15.42 -36.48 -12.43
C ILE F 476 -16.30 -37.62 -12.93
N GLY F 477 -17.04 -38.24 -12.02
CA GLY F 477 -17.99 -39.27 -12.40
C GLY F 477 -17.52 -40.67 -12.11
N ALA F 478 -16.90 -40.87 -10.95
CA ALA F 478 -16.39 -42.17 -10.56
C ALA F 478 -16.78 -42.49 -9.13
N LYS F 479 -17.08 -43.77 -8.89
CA LYS F 479 -17.57 -44.22 -7.59
C LYS F 479 -16.48 -44.26 -6.54
N SER F 480 -15.21 -44.33 -6.94
CA SER F 480 -14.12 -44.48 -6.00
C SER F 480 -12.85 -43.91 -6.62
N LEU F 481 -11.79 -43.82 -5.80
CA LEU F 481 -10.53 -43.28 -6.30
C LEU F 481 -9.85 -44.27 -7.24
N THR F 482 -10.06 -45.57 -7.02
CA THR F 482 -9.55 -46.57 -7.95
C THR F 482 -10.19 -46.43 -9.31
N GLN F 483 -11.47 -46.07 -9.35
CA GLN F 483 -12.12 -45.82 -10.63
C GLN F 483 -11.61 -44.53 -11.26
N VAL F 484 -11.22 -43.53 -10.44
CA VAL F 484 -10.64 -42.29 -10.98
C VAL F 484 -9.32 -42.59 -11.68
N ARG F 485 -8.44 -43.35 -11.02
CA ARG F 485 -7.16 -43.66 -11.64
C ARG F 485 -7.31 -44.66 -12.78
N ALA F 486 -8.32 -45.53 -12.74
CA ALA F 486 -8.55 -46.43 -13.87
C ALA F 486 -9.05 -45.66 -15.08
N MET F 487 -9.94 -44.69 -14.87
CA MET F 487 -10.36 -43.80 -15.95
C MET F 487 -9.24 -42.91 -16.46
N MET F 488 -8.27 -42.58 -15.60
CA MET F 488 -7.15 -41.77 -16.06
C MET F 488 -6.19 -42.59 -16.91
N TYR F 489 -5.80 -43.78 -16.44
CA TYR F 489 -4.87 -44.59 -17.22
C TYR F 489 -5.53 -45.26 -18.41
N SER F 490 -6.86 -45.32 -18.46
CA SER F 490 -7.54 -45.93 -19.59
C SER F 490 -7.70 -44.99 -20.76
N GLY F 491 -7.76 -43.69 -20.50
CA GLY F 491 -8.01 -42.69 -21.53
C GLY F 491 -9.39 -42.09 -21.48
N GLU F 492 -10.23 -42.49 -20.54
CA GLU F 492 -11.59 -41.96 -20.44
C GLU F 492 -11.63 -40.62 -19.73
N LEU F 493 -10.83 -40.45 -18.69
CA LEU F 493 -10.80 -39.22 -17.91
C LEU F 493 -9.83 -38.26 -18.59
N LYS F 494 -10.34 -37.14 -19.10
CA LYS F 494 -9.56 -36.24 -19.94
C LYS F 494 -9.34 -34.89 -19.27
N PHE F 495 -8.21 -34.27 -19.62
CA PHE F 495 -7.71 -33.05 -19.01
C PHE F 495 -7.68 -31.94 -20.05
N GLU F 496 -7.26 -30.74 -19.62
CA GLU F 496 -7.07 -29.63 -20.55
C GLU F 496 -6.15 -28.59 -19.90
N LYS F 497 -5.26 -28.02 -20.71
CA LYS F 497 -4.33 -27.01 -20.22
C LYS F 497 -5.04 -25.70 -19.90
N ARG F 498 -4.30 -24.82 -19.25
CA ARG F 498 -4.76 -23.49 -18.87
C ARG F 498 -3.63 -22.50 -19.09
N THR F 499 -3.97 -21.32 -19.59
CA THR F 499 -3.01 -20.24 -19.70
C THR F 499 -2.98 -19.42 -18.42
N SER F 500 -2.24 -18.31 -18.46
CA SER F 500 -2.13 -17.45 -17.30
C SER F 500 -3.38 -16.62 -17.08
N SER F 501 -4.23 -16.49 -18.09
CA SER F 501 -5.42 -15.66 -17.96
C SER F 501 -6.61 -16.47 -17.45
N ALA F 502 -6.65 -17.77 -17.75
CA ALA F 502 -7.69 -18.62 -17.18
C ALA F 502 -7.51 -18.79 -15.69
N GLN F 503 -6.28 -18.68 -15.19
CA GLN F 503 -6.03 -18.79 -13.76
C GLN F 503 -6.53 -17.57 -13.00
N VAL F 504 -6.56 -16.41 -13.66
CA VAL F 504 -7.10 -15.21 -13.03
C VAL F 504 -8.62 -15.31 -12.92
N GLU F 505 -9.31 -15.71 -14.00
CA GLU F 505 -10.76 -15.72 -13.94
C GLU F 505 -11.31 -16.97 -13.27
N GLY F 506 -10.49 -17.99 -13.06
CA GLY F 506 -10.98 -19.19 -12.41
C GLY F 506 -11.25 -19.00 -10.94
N GLY F 507 -10.33 -18.34 -10.22
CA GLY F 507 -10.55 -17.97 -8.84
C GLY F 507 -11.49 -16.79 -8.72
N VAL F 508 -11.46 -16.16 -7.54
CA VAL F 508 -12.34 -15.04 -7.30
C VAL F 508 -11.80 -13.79 -7.99
N HIS F 509 -12.65 -13.13 -8.76
CA HIS F 509 -12.26 -11.92 -9.47
C HIS F 509 -13.46 -11.01 -9.63
N SER F 510 -13.16 -9.75 -9.96
CA SER F 510 -14.14 -8.70 -10.25
C SER F 510 -15.10 -8.46 -9.08
N LEU F 511 -14.57 -8.51 -7.86
CA LEU F 511 -15.29 -8.19 -6.65
C LEU F 511 -14.45 -7.20 -5.85
N HIS F 512 -15.10 -6.22 -5.24
CA HIS F 512 -14.39 -5.30 -4.35
C HIS F 512 -13.85 -6.02 -3.13
N SER F 513 -14.73 -6.59 -2.33
CA SER F 513 -14.33 -7.40 -1.19
C SER F 513 -15.07 -8.73 -1.24
N TYR F 514 -14.43 -9.79 -0.77
CA TYR F 514 -15.09 -11.08 -0.73
C TYR F 514 -14.69 -11.84 0.52
N GLU F 515 -15.68 -12.38 1.23
CA GLU F 515 -15.45 -13.27 2.35
C GLU F 515 -15.56 -14.71 1.87
N LYS F 516 -14.59 -15.53 2.23
CA LYS F 516 -14.41 -16.84 1.60
C LYS F 516 -14.50 -17.92 2.67
N ARG F 517 -15.69 -18.49 2.84
CA ARG F 517 -15.92 -19.51 3.84
C ARG F 517 -15.90 -20.88 3.18
N LEU F 518 -15.28 -21.86 3.85
CA LEU F 518 -15.19 -23.21 3.32
C LEU F 518 -16.08 -24.19 4.06
N PHE F 519 -15.90 -24.34 5.36
CA PHE F 519 -16.64 -25.32 6.14
C PHE F 519 -17.49 -24.62 7.20
N TYR G 17 -8.64 -11.55 -53.98
CA TYR G 17 -7.38 -12.12 -53.57
C TYR G 17 -7.53 -12.65 -52.15
N VAL G 18 -7.96 -11.76 -51.25
CA VAL G 18 -8.22 -12.03 -49.82
C VAL G 18 -7.03 -12.72 -49.16
N PRO G 19 -5.99 -11.99 -48.77
CA PRO G 19 -4.79 -12.62 -48.19
C PRO G 19 -5.09 -13.34 -46.89
N ASP G 20 -4.64 -14.59 -46.81
CA ASP G 20 -4.86 -15.42 -45.64
C ASP G 20 -4.02 -14.89 -44.48
N ASP G 21 -4.69 -14.36 -43.46
CA ASP G 21 -4.01 -13.73 -42.33
C ASP G 21 -4.83 -14.04 -41.08
N GLY G 22 -4.22 -14.74 -40.14
CA GLY G 22 -4.88 -15.12 -38.90
C GLY G 22 -5.32 -16.56 -38.91
N LEU G 23 -5.76 -17.01 -37.74
CA LEU G 23 -6.23 -18.37 -37.55
C LEU G 23 -7.75 -18.39 -37.60
N THR G 24 -8.31 -19.45 -38.18
CA THR G 24 -9.75 -19.63 -38.14
C THR G 24 -10.15 -20.18 -36.77
N ALA G 25 -11.43 -20.45 -36.59
CA ALA G 25 -11.90 -20.84 -35.26
C ALA G 25 -11.53 -22.29 -34.95
N GLN G 26 -11.61 -23.18 -35.94
CA GLN G 26 -11.25 -24.57 -35.67
C GLN G 26 -9.73 -24.74 -35.61
N GLN G 27 -8.99 -23.86 -36.27
CA GLN G 27 -7.54 -23.88 -36.14
C GLN G 27 -7.06 -23.30 -34.82
N LEU G 28 -7.90 -22.56 -34.11
CA LEU G 28 -7.50 -21.91 -32.88
C LEU G 28 -7.79 -22.78 -31.66
N PHE G 29 -8.98 -23.35 -31.59
CA PHE G 29 -9.45 -24.08 -30.41
C PHE G 29 -9.24 -25.57 -30.52
N ASN G 30 -8.40 -26.04 -31.43
CA ASN G 30 -8.03 -27.44 -31.52
C ASN G 30 -6.53 -27.65 -31.38
N CYS G 31 -5.81 -26.67 -30.86
CA CYS G 31 -4.42 -26.87 -30.51
C CYS G 31 -4.25 -27.73 -29.26
N GLY G 32 -5.32 -27.89 -28.48
CA GLY G 32 -5.28 -28.60 -27.23
C GLY G 32 -5.23 -27.70 -26.02
N ASP G 33 -4.80 -26.46 -26.21
CA ASP G 33 -4.74 -25.51 -25.12
C ASP G 33 -6.12 -24.92 -24.84
N GLY G 34 -6.36 -24.60 -23.57
CA GLY G 34 -7.62 -24.03 -23.16
C GLY G 34 -7.60 -22.52 -23.07
N LEU G 35 -8.17 -21.85 -24.07
CA LEU G 35 -8.17 -20.40 -24.12
C LEU G 35 -9.39 -19.84 -23.41
N THR G 36 -9.22 -18.65 -22.84
CA THR G 36 -10.32 -17.91 -22.24
C THR G 36 -10.60 -16.67 -23.07
N TYR G 37 -11.48 -15.80 -22.54
CA TYR G 37 -11.88 -14.60 -23.27
C TYR G 37 -10.76 -13.59 -23.45
N ASN G 38 -9.71 -13.64 -22.64
CA ASN G 38 -8.63 -12.68 -22.74
C ASN G 38 -7.45 -13.18 -23.55
N ASP G 39 -7.47 -14.43 -24.00
CA ASP G 39 -6.32 -15.00 -24.69
C ASP G 39 -6.41 -14.87 -26.20
N PHE G 40 -7.48 -14.32 -26.73
CA PHE G 40 -7.58 -14.12 -28.16
C PHE G 40 -8.36 -12.84 -28.42
N LEU G 41 -8.35 -12.41 -29.67
CA LEU G 41 -9.18 -11.29 -30.08
C LEU G 41 -9.39 -11.38 -31.58
N ILE G 42 -10.46 -10.75 -32.04
CA ILE G 42 -11.01 -10.98 -33.37
C ILE G 42 -10.41 -9.99 -34.35
N LEU G 43 -9.94 -10.50 -35.49
CA LEU G 43 -9.41 -9.62 -36.53
C LEU G 43 -10.55 -8.91 -37.24
N PRO G 44 -10.39 -7.63 -37.58
CA PRO G 44 -11.48 -6.90 -38.24
C PRO G 44 -11.61 -7.27 -39.70
N GLY G 45 -12.72 -6.83 -40.29
CA GLY G 45 -13.04 -7.16 -41.66
C GLY G 45 -13.35 -5.97 -42.53
N TYR G 46 -14.46 -6.03 -43.25
CA TYR G 46 -14.84 -5.00 -44.21
C TYR G 46 -16.14 -4.35 -43.78
N ILE G 47 -16.15 -3.02 -43.76
CA ILE G 47 -17.29 -2.24 -43.32
C ILE G 47 -17.97 -1.60 -44.52
N ASP G 48 -19.25 -1.92 -44.72
CA ASP G 48 -20.03 -1.22 -45.74
C ASP G 48 -21.42 -0.87 -45.23
N PHE G 49 -21.55 -0.58 -43.93
CA PHE G 49 -22.84 -0.35 -43.31
C PHE G 49 -22.62 0.47 -42.05
N THR G 50 -23.62 1.25 -41.68
CA THR G 50 -23.54 2.01 -40.45
C THR G 50 -23.83 1.10 -39.27
N ALA G 51 -23.60 1.64 -38.07
CA ALA G 51 -23.66 0.83 -36.87
C ALA G 51 -25.08 0.42 -36.47
N ASP G 52 -26.08 1.25 -36.77
CA ASP G 52 -27.43 0.96 -36.32
C ASP G 52 -28.20 0.04 -37.24
N GLN G 53 -27.61 -0.42 -38.33
CA GLN G 53 -28.25 -1.43 -39.16
C GLN G 53 -27.99 -2.84 -38.69
N VAL G 54 -27.32 -3.02 -37.54
CA VAL G 54 -26.98 -4.35 -37.09
C VAL G 54 -28.18 -4.98 -36.39
N ASP G 55 -28.55 -6.18 -36.84
CA ASP G 55 -29.68 -6.92 -36.32
C ASP G 55 -29.18 -7.86 -35.24
N LEU G 56 -29.55 -7.60 -33.99
CA LEU G 56 -29.12 -8.45 -32.89
C LEU G 56 -30.16 -9.49 -32.52
N THR G 57 -30.97 -9.94 -33.48
CA THR G 57 -31.97 -10.97 -33.21
C THR G 57 -31.29 -12.30 -32.95
N SER G 58 -31.53 -12.86 -31.77
CA SER G 58 -30.90 -14.11 -31.37
C SER G 58 -31.92 -15.00 -30.69
N ALA G 59 -31.68 -16.30 -30.75
CA ALA G 59 -32.62 -17.28 -30.22
C ALA G 59 -32.21 -17.73 -28.84
N LEU G 60 -33.15 -17.73 -27.91
CA LEU G 60 -32.88 -18.22 -26.56
C LEU G 60 -32.98 -19.74 -26.53
N THR G 61 -34.18 -20.26 -26.77
CA THR G 61 -34.40 -21.69 -26.94
C THR G 61 -34.66 -21.99 -28.41
N LYS G 62 -35.09 -23.22 -28.70
CA LYS G 62 -35.50 -23.57 -30.06
C LYS G 62 -36.71 -22.78 -30.54
N LYS G 63 -37.58 -22.32 -29.63
CA LYS G 63 -38.82 -21.67 -30.03
C LYS G 63 -39.00 -20.27 -29.47
N ILE G 64 -38.21 -19.86 -28.49
CA ILE G 64 -38.23 -18.49 -27.98
C ILE G 64 -37.18 -17.69 -28.73
N THR G 65 -37.54 -16.51 -29.20
CA THR G 65 -36.63 -15.64 -29.92
C THR G 65 -36.63 -14.27 -29.26
N LEU G 66 -35.47 -13.85 -28.76
CA LEU G 66 -35.33 -12.54 -28.15
C LEU G 66 -34.93 -11.53 -29.21
N LYS G 67 -34.98 -10.25 -28.85
CA LYS G 67 -34.47 -9.20 -29.72
C LYS G 67 -33.06 -8.77 -29.36
N THR G 68 -32.64 -8.95 -28.11
CA THR G 68 -31.27 -8.66 -27.68
C THR G 68 -30.64 -9.91 -27.08
N PRO G 69 -29.37 -10.15 -27.35
CA PRO G 69 -28.77 -11.44 -26.99
C PRO G 69 -28.15 -11.46 -25.59
N LEU G 70 -28.92 -11.05 -24.59
CA LEU G 70 -28.37 -11.02 -23.24
C LEU G 70 -29.47 -11.20 -22.22
N VAL G 71 -29.24 -12.14 -21.29
CA VAL G 71 -30.20 -12.54 -20.27
C VAL G 71 -29.52 -12.39 -18.91
N SER G 72 -30.31 -12.48 -17.85
CA SER G 72 -29.77 -12.34 -16.49
C SER G 72 -29.69 -13.70 -15.80
N SER G 73 -28.73 -13.84 -14.89
CA SER G 73 -28.39 -15.13 -14.31
C SER G 73 -29.18 -15.39 -13.04
N PRO G 74 -29.86 -16.53 -12.93
CA PRO G 74 -30.77 -16.75 -11.80
C PRO G 74 -30.10 -16.92 -10.44
N MET G 75 -29.63 -15.82 -9.88
CA MET G 75 -29.05 -15.77 -8.55
C MET G 75 -29.94 -14.93 -7.64
N ASP G 76 -29.83 -15.15 -6.33
CA ASP G 76 -30.74 -14.47 -5.39
C ASP G 76 -30.36 -13.02 -5.14
N THR G 77 -29.29 -12.53 -5.75
CA THR G 77 -28.87 -11.14 -5.59
C THR G 77 -28.76 -10.45 -6.93
N VAL G 78 -29.34 -11.03 -7.99
CA VAL G 78 -29.30 -10.43 -9.31
C VAL G 78 -30.71 -10.21 -9.83
N THR G 79 -31.55 -11.25 -9.83
CA THR G 79 -32.81 -11.16 -10.55
C THR G 79 -33.98 -11.77 -9.80
N GLU G 80 -34.71 -10.93 -9.07
CA GLU G 80 -36.12 -11.12 -8.79
C GLU G 80 -36.92 -10.35 -9.85
N ALA G 81 -38.23 -10.12 -9.62
CA ALA G 81 -39.12 -9.66 -10.68
C ALA G 81 -38.79 -8.25 -11.18
N GLY G 82 -38.08 -7.43 -10.41
CA GLY G 82 -37.68 -6.13 -10.90
C GLY G 82 -36.67 -6.24 -12.04
N MET G 83 -35.67 -7.10 -11.88
CA MET G 83 -34.74 -7.36 -12.97
C MET G 83 -35.41 -8.11 -14.10
N ALA G 84 -36.45 -8.90 -13.81
CA ALA G 84 -37.17 -9.60 -14.87
C ALA G 84 -37.94 -8.62 -15.77
N ILE G 85 -38.64 -7.67 -15.16
CA ILE G 85 -39.37 -6.69 -15.98
C ILE G 85 -38.40 -5.71 -16.62
N ALA G 86 -37.23 -5.49 -16.01
CA ALA G 86 -36.30 -4.54 -16.58
C ALA G 86 -35.46 -5.16 -17.69
N MET G 87 -35.24 -6.47 -17.65
CA MET G 87 -34.53 -7.14 -18.72
C MET G 87 -35.47 -7.56 -19.84
N ALA G 88 -36.75 -7.74 -19.52
CA ALA G 88 -37.70 -8.07 -20.58
C ALA G 88 -37.97 -6.86 -21.46
N LEU G 89 -38.16 -5.68 -20.86
CA LEU G 89 -38.53 -4.50 -21.63
C LEU G 89 -37.41 -3.97 -22.50
N THR G 90 -36.14 -4.26 -22.18
CA THR G 90 -35.03 -3.80 -23.00
C THR G 90 -34.56 -4.85 -23.98
N GLY G 91 -35.32 -5.93 -24.16
CA GLY G 91 -35.02 -6.90 -25.19
C GLY G 91 -34.79 -8.32 -24.73
N GLY G 92 -34.07 -8.50 -23.63
CA GLY G 92 -33.67 -9.82 -23.18
C GLY G 92 -34.76 -10.55 -22.43
N ILE G 93 -34.35 -11.38 -21.47
CA ILE G 93 -35.28 -12.10 -20.61
C ILE G 93 -34.58 -12.23 -19.26
N GLY G 94 -35.32 -12.55 -18.20
CA GLY G 94 -34.72 -12.73 -16.91
C GLY G 94 -35.19 -14.02 -16.25
N PHE G 95 -34.29 -14.73 -15.58
CA PHE G 95 -34.63 -15.98 -14.94
C PHE G 95 -34.72 -15.79 -13.44
N ILE G 96 -35.88 -16.10 -12.86
CA ILE G 96 -36.13 -15.91 -11.44
C ILE G 96 -35.42 -17.03 -10.68
N HIS G 97 -34.72 -16.66 -9.61
CA HIS G 97 -33.93 -17.63 -8.87
C HIS G 97 -34.82 -18.51 -8.01
N HIS G 98 -34.22 -19.56 -7.46
CA HIS G 98 -34.95 -20.56 -6.68
C HIS G 98 -34.44 -20.65 -5.23
N ASN G 99 -33.86 -19.56 -4.73
CA ASN G 99 -33.40 -19.53 -3.34
C ASN G 99 -34.49 -18.94 -2.44
N CYS G 100 -35.66 -19.55 -2.52
CA CYS G 100 -36.85 -19.06 -1.82
C CYS G 100 -37.87 -20.20 -1.78
N THR G 101 -38.98 -19.95 -1.11
CA THR G 101 -40.12 -20.85 -1.12
C THR G 101 -40.76 -20.87 -2.51
N PRO G 102 -41.42 -21.97 -2.89
CA PRO G 102 -42.07 -21.99 -4.21
C PRO G 102 -43.19 -20.98 -4.37
N GLU G 103 -43.86 -20.62 -3.28
CA GLU G 103 -44.91 -19.60 -3.35
C GLU G 103 -44.33 -18.21 -3.63
N PHE G 104 -43.14 -17.92 -3.10
CA PHE G 104 -42.49 -16.64 -3.37
C PHE G 104 -42.11 -16.51 -4.83
N GLN G 105 -41.51 -17.56 -5.40
CA GLN G 105 -41.10 -17.53 -6.80
C GLN G 105 -42.30 -17.52 -7.73
N ALA G 106 -43.36 -18.25 -7.36
CA ALA G 106 -44.60 -18.19 -8.11
C ALA G 106 -45.26 -16.82 -8.02
N ASN G 107 -45.04 -16.09 -6.94
CA ASN G 107 -45.51 -14.71 -6.89
C ASN G 107 -44.66 -13.80 -7.77
N GLU G 108 -43.34 -14.03 -7.81
CA GLU G 108 -42.46 -13.18 -8.61
C GLU G 108 -42.73 -13.33 -10.10
N VAL G 109 -43.00 -14.57 -10.54
CA VAL G 109 -43.26 -14.78 -11.96
C VAL G 109 -44.64 -14.25 -12.34
N ARG G 110 -45.59 -14.23 -11.41
CA ARG G 110 -46.84 -13.54 -11.69
C ARG G 110 -46.66 -12.03 -11.69
N LYS G 111 -45.74 -11.53 -10.87
CA LYS G 111 -45.52 -10.08 -10.79
C LYS G 111 -44.88 -9.56 -12.08
N VAL G 112 -44.03 -10.37 -12.71
CA VAL G 112 -43.51 -9.95 -14.02
C VAL G 112 -44.54 -10.19 -15.12
N LYS G 113 -45.27 -11.30 -15.09
CA LYS G 113 -46.22 -11.49 -16.20
C LYS G 113 -47.53 -10.72 -16.02
N LYS G 114 -47.72 -10.02 -14.91
CA LYS G 114 -48.82 -9.07 -14.77
C LYS G 114 -48.28 -7.66 -14.62
N TYR G 115 -47.23 -7.35 -15.37
CA TYR G 115 -46.73 -5.99 -15.48
C TYR G 115 -47.20 -5.30 -16.74
N GLU G 116 -47.41 -6.05 -17.80
CA GLU G 116 -47.88 -5.51 -19.07
C GLU G 116 -48.77 -6.56 -19.69
N GLN G 117 -50.05 -6.28 -19.83
CA GLN G 117 -51.04 -7.29 -20.12
C GLN G 117 -52.06 -6.74 -21.09
N GLY G 118 -52.22 -7.42 -22.24
CA GLY G 118 -53.13 -6.95 -23.27
C GLY G 118 -54.58 -7.18 -22.96
N PHE G 119 -55.06 -8.42 -23.00
CA PHE G 119 -56.38 -8.77 -22.50
C PHE G 119 -56.23 -9.18 -21.04
N ILE G 120 -56.58 -8.27 -20.13
CA ILE G 120 -56.52 -8.57 -18.71
C ILE G 120 -57.69 -9.49 -18.38
N THR G 121 -57.43 -10.79 -18.34
CA THR G 121 -58.51 -11.77 -18.25
C THR G 121 -59.11 -11.82 -16.86
N ASP G 122 -58.26 -11.76 -15.82
CA ASP G 122 -58.71 -11.79 -14.44
C ASP G 122 -58.10 -10.62 -13.68
N PRO G 123 -58.71 -9.43 -13.76
CA PRO G 123 -58.30 -8.32 -12.92
C PRO G 123 -58.99 -8.38 -11.57
N VAL G 124 -58.67 -7.39 -10.73
CA VAL G 124 -59.40 -7.21 -9.50
C VAL G 124 -60.75 -6.56 -9.79
N VAL G 125 -61.79 -7.07 -9.15
CA VAL G 125 -63.14 -6.50 -9.24
C VAL G 125 -63.70 -6.40 -7.83
N LEU G 126 -64.56 -5.43 -7.61
CA LEU G 126 -65.21 -5.25 -6.33
C LEU G 126 -66.71 -5.15 -6.51
N SER G 127 -67.41 -5.18 -5.39
CA SER G 127 -68.86 -5.09 -5.32
C SER G 127 -69.25 -3.68 -4.94
N PRO G 128 -70.47 -3.23 -5.26
CA PRO G 128 -70.90 -1.90 -4.80
C PRO G 128 -71.16 -1.82 -3.30
N LYS G 129 -71.19 -2.93 -2.60
CA LYS G 129 -71.53 -2.95 -1.18
C LYS G 129 -70.34 -2.66 -0.28
N ASP G 130 -69.14 -2.48 -0.83
CA ASP G 130 -67.94 -2.37 -0.01
C ASP G 130 -67.76 -0.94 0.51
N ARG G 131 -66.59 -0.72 1.09
CA ARG G 131 -66.16 0.61 1.46
C ARG G 131 -64.90 0.92 0.66
N VAL G 132 -64.45 2.18 0.70
CA VAL G 132 -63.26 2.60 -0.01
C VAL G 132 -61.98 2.05 0.65
N ARG G 133 -62.08 1.58 1.90
CA ARG G 133 -60.93 0.95 2.56
C ARG G 133 -60.50 -0.33 1.85
N ASP G 134 -61.44 -1.03 1.21
CA ASP G 134 -61.08 -2.16 0.37
C ASP G 134 -60.34 -1.72 -0.89
N VAL G 135 -60.65 -0.52 -1.39
CA VAL G 135 -59.98 -0.02 -2.59
C VAL G 135 -58.55 0.41 -2.29
N PHE G 136 -58.33 1.14 -1.20
CA PHE G 136 -56.96 1.44 -0.77
C PHE G 136 -56.22 0.19 -0.31
N GLU G 137 -56.93 -0.81 0.18
CA GLU G 137 -56.34 -2.13 0.41
C GLU G 137 -55.85 -2.77 -0.88
N ALA G 138 -56.61 -2.62 -1.96
CA ALA G 138 -56.16 -3.10 -3.27
C ALA G 138 -54.99 -2.29 -3.80
N LYS G 139 -54.97 -1.00 -3.53
CA LYS G 139 -53.90 -0.13 -4.04
C LYS G 139 -52.60 -0.38 -3.32
N ALA G 140 -52.65 -0.54 -1.99
CA ALA G 140 -51.46 -0.83 -1.20
C ALA G 140 -50.89 -2.22 -1.47
N ARG G 141 -51.64 -3.09 -2.13
CA ARG G 141 -51.22 -4.45 -2.42
C ARG G 141 -50.79 -4.66 -3.87
N HIS G 142 -51.47 -4.03 -4.82
CA HIS G 142 -51.15 -4.25 -6.22
C HIS G 142 -50.50 -3.05 -6.89
N GLY G 143 -50.87 -1.84 -6.50
CA GLY G 143 -50.20 -0.65 -6.97
C GLY G 143 -50.93 0.15 -8.02
N PHE G 144 -52.20 -0.16 -8.29
CA PHE G 144 -52.98 0.59 -9.26
C PHE G 144 -54.38 0.81 -8.71
N CYS G 145 -55.09 1.75 -9.34
CA CYS G 145 -56.42 2.14 -8.91
C CYS G 145 -57.52 1.82 -9.90
N GLY G 146 -57.20 1.30 -11.07
CA GLY G 146 -58.24 0.90 -12.00
C GLY G 146 -58.91 -0.39 -11.59
N ILE G 147 -60.15 -0.33 -11.11
CA ILE G 147 -60.92 -1.51 -10.73
C ILE G 147 -62.29 -1.41 -11.38
N PRO G 148 -62.68 -2.35 -12.24
CA PRO G 148 -64.07 -2.41 -12.67
C PRO G 148 -64.95 -2.96 -11.56
N ILE G 149 -66.14 -2.38 -11.43
CA ILE G 149 -67.08 -2.75 -10.39
C ILE G 149 -68.11 -3.69 -10.98
N THR G 150 -68.29 -4.85 -10.35
CA THR G 150 -69.32 -5.80 -10.73
C THR G 150 -70.28 -5.98 -9.55
N ASP G 151 -71.54 -6.31 -9.86
CA ASP G 151 -72.56 -6.33 -8.83
C ASP G 151 -72.45 -7.51 -7.86
N THR G 152 -71.62 -8.52 -8.17
CA THR G 152 -71.39 -9.61 -7.25
C THR G 152 -69.99 -9.57 -6.64
N GLY G 153 -68.97 -9.37 -7.46
CA GLY G 153 -67.60 -9.32 -6.97
C GLY G 153 -66.69 -10.31 -7.66
N ARG G 154 -67.14 -10.83 -8.80
CA ARG G 154 -66.37 -11.81 -9.57
C ARG G 154 -66.42 -11.37 -11.04
N MET G 155 -65.68 -12.11 -11.88
CA MET G 155 -65.67 -11.77 -13.30
C MET G 155 -66.95 -12.19 -14.01
N GLY G 156 -67.55 -13.30 -13.60
CA GLY G 156 -68.79 -13.74 -14.20
C GLY G 156 -69.97 -12.99 -13.62
N SER G 157 -70.14 -11.73 -14.02
CA SER G 157 -71.10 -10.85 -13.38
C SER G 157 -71.47 -9.74 -14.36
N ARG G 158 -72.27 -8.80 -13.89
CA ARG G 158 -72.72 -7.67 -14.69
C ARG G 158 -71.80 -6.48 -14.50
N LEU G 159 -71.43 -5.84 -15.60
CA LEU G 159 -70.69 -4.58 -15.55
C LEU G 159 -71.65 -3.45 -15.15
N VAL G 160 -71.31 -2.73 -14.09
CA VAL G 160 -72.17 -1.66 -13.60
C VAL G 160 -71.39 -0.35 -13.62
N GLY G 161 -70.06 -0.44 -13.65
CA GLY G 161 -69.28 0.77 -13.78
C GLY G 161 -67.80 0.56 -13.55
N ILE G 162 -67.10 1.68 -13.43
CA ILE G 162 -65.65 1.72 -13.34
C ILE G 162 -65.30 2.64 -12.17
N ILE G 163 -64.08 2.53 -11.66
CA ILE G 163 -63.57 3.50 -10.72
C ILE G 163 -62.06 3.61 -10.95
N SER G 164 -61.52 4.81 -10.80
CA SER G 164 -60.14 5.08 -11.16
C SER G 164 -59.47 5.87 -10.06
N SER G 165 -58.29 6.41 -10.34
CA SER G 165 -57.53 7.14 -9.33
C SER G 165 -58.15 8.49 -9.03
N ARG G 166 -58.53 9.23 -10.08
CA ARG G 166 -59.03 10.57 -9.79
C ARG G 166 -60.48 10.58 -9.32
N ASP G 167 -61.10 9.43 -9.08
CA ASP G 167 -62.34 9.38 -8.32
C ASP G 167 -62.09 9.38 -6.81
N ILE G 168 -60.88 9.02 -6.38
CA ILE G 168 -60.62 8.65 -5.00
C ILE G 168 -59.55 9.54 -4.36
N ASP G 169 -58.64 10.12 -5.15
CA ASP G 169 -57.41 10.76 -4.66
C ASP G 169 -57.61 11.88 -3.66
N PHE G 170 -58.58 12.76 -3.89
CA PHE G 170 -58.77 13.92 -3.03
C PHE G 170 -60.13 13.82 -2.36
N LEU G 171 -60.14 13.16 -1.20
CA LEU G 171 -61.31 13.09 -0.34
C LEU G 171 -60.98 13.77 1.00
N LYS G 172 -62.02 14.31 1.63
CA LYS G 172 -61.83 15.17 2.80
C LYS G 172 -62.36 14.55 4.09
N GLU G 173 -63.62 14.14 4.12
CA GLU G 173 -64.17 13.44 5.28
C GLU G 173 -63.76 11.99 5.13
N GLU G 174 -62.84 11.55 5.99
CA GLU G 174 -62.26 10.23 5.83
C GLU G 174 -63.27 9.16 6.21
N GLU G 175 -63.97 8.64 5.20
CA GLU G 175 -64.72 7.40 5.21
C GLU G 175 -65.96 7.44 6.11
N HIS G 176 -66.35 8.64 6.53
CA HIS G 176 -67.60 8.82 7.23
C HIS G 176 -68.76 8.63 6.25
N ASP G 177 -69.42 7.47 6.34
CA ASP G 177 -70.63 7.14 5.58
C ASP G 177 -70.41 7.18 4.06
N CYS G 178 -69.46 6.40 3.55
CA CYS G 178 -69.11 6.44 2.13
C CYS G 178 -69.10 5.04 1.56
N PHE G 179 -69.95 4.77 0.58
CA PHE G 179 -69.95 3.55 -0.21
C PHE G 179 -69.15 3.80 -1.48
N LEU G 180 -69.33 2.93 -2.47
CA LEU G 180 -68.70 3.11 -3.78
C LEU G 180 -69.66 3.55 -4.86
N GLU G 181 -70.97 3.40 -4.65
CA GLU G 181 -71.96 3.68 -5.68
C GLU G 181 -71.99 5.16 -6.02
N GLU G 182 -71.87 6.03 -5.02
CA GLU G 182 -71.92 7.47 -5.26
C GLU G 182 -70.63 7.97 -5.91
N ILE G 183 -69.53 7.22 -5.76
CA ILE G 183 -68.24 7.68 -6.25
C ILE G 183 -68.00 7.20 -7.68
N MET G 184 -68.42 5.98 -7.99
CA MET G 184 -68.12 5.35 -9.26
C MET G 184 -68.84 6.03 -10.43
N THR G 185 -68.26 5.87 -11.61
CA THR G 185 -68.89 6.29 -12.86
C THR G 185 -69.82 5.18 -13.33
N LYS G 186 -71.07 5.50 -13.56
CA LYS G 186 -72.06 4.47 -13.84
C LYS G 186 -71.91 3.92 -15.26
N ARG G 187 -72.61 2.80 -15.51
CA ARG G 187 -72.55 2.07 -16.77
C ARG G 187 -73.11 2.87 -17.93
N GLU G 188 -74.02 3.81 -17.68
CA GLU G 188 -74.77 4.48 -18.74
C GLU G 188 -73.87 5.39 -19.59
N ASP G 189 -72.82 5.96 -18.98
CA ASP G 189 -71.90 6.83 -19.70
C ASP G 189 -70.53 6.23 -19.93
N LEU G 190 -70.35 4.92 -19.72
CA LEU G 190 -69.08 4.30 -20.04
C LEU G 190 -68.94 4.12 -21.55
N VAL G 191 -67.71 3.85 -21.98
CA VAL G 191 -67.44 3.39 -23.33
C VAL G 191 -66.94 1.96 -23.22
N VAL G 192 -67.64 1.04 -23.88
CA VAL G 192 -67.28 -0.38 -23.84
C VAL G 192 -67.10 -0.87 -25.27
N ALA G 193 -66.48 -2.03 -25.39
CA ALA G 193 -66.26 -2.66 -26.67
C ALA G 193 -66.95 -4.02 -26.70
N PRO G 194 -67.53 -4.43 -27.82
CA PRO G 194 -68.16 -5.74 -27.89
C PRO G 194 -67.14 -6.86 -27.87
N ALA G 195 -67.56 -7.99 -27.34
CA ALA G 195 -66.66 -9.13 -27.21
C ALA G 195 -66.49 -9.83 -28.56
N GLY G 196 -65.48 -10.70 -28.63
CA GLY G 196 -65.17 -11.43 -29.83
C GLY G 196 -64.20 -10.74 -30.77
N ILE G 197 -63.98 -9.44 -30.61
CA ILE G 197 -63.02 -8.74 -31.46
C ILE G 197 -61.60 -9.09 -31.02
N THR G 198 -60.67 -9.01 -31.96
CA THR G 198 -59.29 -9.19 -31.58
C THR G 198 -58.73 -7.89 -31.02
N LEU G 199 -57.46 -7.95 -30.59
CA LEU G 199 -56.90 -6.87 -29.77
C LEU G 199 -56.70 -5.59 -30.57
N LYS G 200 -56.60 -5.68 -31.89
CA LYS G 200 -56.35 -4.51 -32.72
C LYS G 200 -57.53 -3.54 -32.70
N GLU G 201 -58.75 -4.05 -32.88
CA GLU G 201 -59.91 -3.16 -32.87
C GLU G 201 -60.23 -2.65 -31.48
N ALA G 202 -59.91 -3.43 -30.45
CA ALA G 202 -60.07 -2.93 -29.08
C ALA G 202 -59.10 -1.79 -28.80
N ASN G 203 -57.87 -1.91 -29.27
CA ASN G 203 -56.93 -0.79 -29.15
C ASN G 203 -57.34 0.39 -30.02
N GLU G 204 -58.02 0.15 -31.14
CA GLU G 204 -58.55 1.25 -31.95
C GLU G 204 -59.66 2.01 -31.22
N ILE G 205 -60.60 1.27 -30.62
CA ILE G 205 -61.66 1.88 -29.82
C ILE G 205 -61.08 2.61 -28.61
N LEU G 206 -59.97 2.11 -28.06
CA LEU G 206 -59.31 2.79 -26.97
C LEU G 206 -58.63 4.08 -27.45
N GLN G 207 -58.06 4.08 -28.65
CA GLN G 207 -57.40 5.27 -29.15
C GLN G 207 -58.39 6.36 -29.54
N ARG G 208 -59.52 6.00 -30.14
CA ARG G 208 -60.50 7.02 -30.49
C ARG G 208 -61.25 7.52 -29.25
N SER G 209 -61.83 6.61 -28.47
CA SER G 209 -62.50 6.99 -27.22
C SER G 209 -61.42 7.24 -26.17
N LYS G 210 -61.07 8.51 -26.02
CA LYS G 210 -59.91 8.92 -25.24
C LYS G 210 -60.26 8.93 -23.75
N LYS G 211 -60.51 7.74 -23.20
CA LYS G 211 -61.01 7.62 -21.84
C LYS G 211 -60.26 6.58 -21.01
N GLY G 212 -59.06 6.22 -21.40
CA GLY G 212 -58.18 5.46 -20.52
C GLY G 212 -58.39 3.97 -20.48
N LYS G 213 -59.40 3.50 -19.75
CA LYS G 213 -59.67 2.07 -19.73
C LYS G 213 -61.00 1.77 -20.38
N LEU G 214 -61.09 0.60 -20.99
CA LEU G 214 -62.41 0.20 -21.46
C LEU G 214 -62.66 -1.26 -21.12
N PRO G 215 -63.76 -1.58 -20.47
CA PRO G 215 -64.18 -2.97 -20.33
C PRO G 215 -64.66 -3.52 -21.67
N ILE G 216 -64.68 -4.85 -21.74
CA ILE G 216 -65.19 -5.57 -22.89
C ILE G 216 -66.36 -6.43 -22.42
N VAL G 217 -67.51 -6.25 -23.04
CA VAL G 217 -68.71 -6.96 -22.63
C VAL G 217 -69.30 -7.71 -23.83
N ASN G 218 -69.94 -8.83 -23.53
CA ASN G 218 -70.64 -9.63 -24.53
C ASN G 218 -72.09 -9.20 -24.64
N GLU G 219 -72.92 -10.01 -25.30
CA GLU G 219 -74.32 -9.69 -25.55
C GLU G 219 -75.20 -9.77 -24.31
N ASP G 220 -74.66 -10.20 -23.16
CA ASP G 220 -75.40 -10.30 -21.92
C ASP G 220 -74.95 -9.23 -20.92
N ASP G 221 -74.11 -8.29 -21.36
CA ASP G 221 -73.41 -7.31 -20.52
C ASP G 221 -72.64 -8.00 -19.39
N GLU G 222 -71.89 -9.04 -19.74
CA GLU G 222 -71.01 -9.72 -18.79
C GLU G 222 -69.56 -9.34 -19.08
N LEU G 223 -68.80 -9.08 -18.01
CA LEU G 223 -67.44 -8.60 -18.12
C LEU G 223 -66.48 -9.75 -18.40
N VAL G 224 -65.65 -9.59 -19.42
CA VAL G 224 -64.69 -10.62 -19.79
C VAL G 224 -63.25 -10.11 -19.73
N ALA G 225 -63.00 -8.88 -20.17
CA ALA G 225 -61.62 -8.40 -20.29
C ALA G 225 -61.62 -6.87 -20.27
N ILE G 226 -60.48 -6.32 -19.87
CA ILE G 226 -60.27 -4.88 -19.80
C ILE G 226 -58.94 -4.55 -20.48
N ILE G 227 -58.92 -3.44 -21.20
CA ILE G 227 -57.75 -2.90 -21.86
C ILE G 227 -57.29 -1.69 -21.07
N ALA G 228 -56.03 -1.66 -20.68
CA ALA G 228 -55.50 -0.45 -20.06
C ALA G 228 -54.87 0.44 -21.13
N ARG G 229 -54.57 1.68 -20.75
CA ARG G 229 -53.93 2.58 -21.69
C ARG G 229 -52.43 2.71 -21.46
N THR G 230 -51.97 2.53 -20.22
CA THR G 230 -50.54 2.54 -19.94
C THR G 230 -49.81 1.37 -20.59
N ASP G 231 -50.53 0.28 -20.88
CA ASP G 231 -50.08 -0.77 -21.79
C ASP G 231 -49.64 -0.22 -23.13
N LEU G 232 -50.44 0.65 -23.75
CA LEU G 232 -50.11 1.13 -25.08
C LEU G 232 -48.97 2.14 -25.04
N LYS G 233 -48.78 2.82 -23.92
CA LYS G 233 -47.65 3.75 -23.82
C LYS G 233 -46.36 3.01 -23.47
N LYS G 234 -46.46 1.90 -22.76
CA LYS G 234 -45.31 1.04 -22.53
C LYS G 234 -44.92 0.24 -23.77
N ASN G 235 -45.86 -0.01 -24.67
CA ASN G 235 -45.53 -0.58 -25.96
C ASN G 235 -44.75 0.40 -26.83
N ARG G 236 -45.10 1.68 -26.78
CA ARG G 236 -44.43 2.68 -27.60
C ARG G 236 -43.06 3.04 -27.01
N ASP G 237 -42.95 3.07 -25.69
CA ASP G 237 -41.69 3.47 -25.07
C ASP G 237 -40.63 2.37 -25.12
N TYR G 238 -41.02 1.13 -25.40
CA TYR G 238 -40.08 0.01 -25.47
C TYR G 238 -40.43 -0.80 -26.71
N PRO G 239 -39.87 -0.47 -27.88
CA PRO G 239 -40.27 -1.13 -29.12
C PRO G 239 -39.86 -2.58 -29.21
N LEU G 240 -38.61 -2.89 -28.89
CA LEU G 240 -38.14 -4.26 -28.73
C LEU G 240 -38.37 -4.66 -27.27
N ALA G 241 -39.27 -5.61 -27.05
CA ALA G 241 -39.69 -5.92 -25.69
C ALA G 241 -39.88 -7.40 -25.40
N SER G 242 -39.69 -8.29 -26.38
CA SER G 242 -39.68 -9.74 -26.26
C SER G 242 -40.90 -10.31 -25.54
N LYS G 243 -42.09 -10.14 -26.12
CA LYS G 243 -43.32 -10.49 -25.43
C LYS G 243 -43.96 -11.75 -26.01
N ASP G 244 -44.93 -12.27 -25.26
CA ASP G 244 -45.62 -13.52 -25.55
C ASP G 244 -46.69 -13.27 -26.61
N ALA G 245 -47.35 -14.35 -27.07
CA ALA G 245 -48.43 -14.23 -28.04
C ALA G 245 -49.68 -13.58 -27.46
N LYS G 246 -49.83 -13.53 -26.14
CA LYS G 246 -50.88 -12.76 -25.49
C LYS G 246 -50.43 -11.35 -25.14
N LYS G 247 -49.35 -10.87 -25.77
CA LYS G 247 -48.80 -9.51 -25.61
C LYS G 247 -48.43 -9.21 -24.17
N GLN G 248 -47.83 -10.17 -23.49
CA GLN G 248 -47.32 -9.99 -22.14
C GLN G 248 -45.86 -10.43 -22.10
N LEU G 249 -45.14 -9.94 -21.08
CA LEU G 249 -43.69 -10.10 -21.05
C LEU G 249 -43.29 -11.55 -20.82
N LEU G 250 -42.28 -11.99 -21.55
CA LEU G 250 -41.69 -13.30 -21.32
C LEU G 250 -40.93 -13.33 -20.01
N CYS G 251 -40.95 -14.48 -19.36
CA CYS G 251 -40.20 -14.67 -18.13
C CYS G 251 -39.76 -16.11 -18.03
N GLY G 252 -38.59 -16.29 -17.41
CA GLY G 252 -38.08 -17.61 -17.10
C GLY G 252 -37.82 -17.73 -15.61
N ALA G 253 -37.60 -18.97 -15.18
CA ALA G 253 -37.38 -19.21 -13.76
C ALA G 253 -36.65 -20.52 -13.59
N ALA G 254 -35.66 -20.52 -12.70
CA ALA G 254 -34.83 -21.68 -12.49
C ALA G 254 -35.45 -22.58 -11.43
N ILE G 255 -35.39 -23.89 -11.67
CA ILE G 255 -35.81 -24.89 -10.70
C ILE G 255 -34.63 -25.80 -10.42
N GLY G 256 -34.77 -26.64 -9.40
CA GLY G 256 -33.75 -27.56 -9.01
C GLY G 256 -33.84 -28.88 -9.75
N THR G 257 -33.28 -29.91 -9.14
CA THR G 257 -33.24 -31.23 -9.76
C THR G 257 -33.79 -32.31 -8.84
N HIS G 258 -33.96 -32.00 -7.55
CA HIS G 258 -34.51 -32.93 -6.58
C HIS G 258 -35.99 -33.16 -6.83
N GLU G 259 -36.50 -34.26 -6.26
CA GLU G 259 -37.91 -34.67 -6.38
C GLU G 259 -38.89 -33.67 -5.80
N ASP G 260 -38.47 -32.81 -4.88
CA ASP G 260 -39.37 -31.84 -4.26
C ASP G 260 -39.71 -30.70 -5.21
N ASP G 261 -38.89 -30.48 -6.23
CA ASP G 261 -39.05 -29.32 -7.09
C ASP G 261 -40.02 -29.56 -8.24
N LYS G 262 -40.60 -30.77 -8.31
CA LYS G 262 -41.71 -31.02 -9.21
C LYS G 262 -43.02 -30.38 -8.73
N TYR G 263 -43.05 -29.90 -7.50
CA TYR G 263 -44.15 -29.06 -7.04
C TYR G 263 -43.93 -27.60 -7.40
N ARG G 264 -42.68 -27.14 -7.28
CA ARG G 264 -42.30 -25.80 -7.73
C ARG G 264 -42.49 -25.66 -9.23
N LEU G 265 -42.19 -26.72 -9.98
CA LEU G 265 -42.39 -26.72 -11.43
C LEU G 265 -43.86 -26.56 -11.78
N ASP G 266 -44.74 -27.27 -11.07
CA ASP G 266 -46.16 -27.17 -11.36
C ASP G 266 -46.75 -25.83 -10.96
N LEU G 267 -46.28 -25.24 -9.84
CA LEU G 267 -46.69 -23.89 -9.47
C LEU G 267 -46.22 -22.86 -10.48
N LEU G 268 -45.00 -23.00 -11.00
CA LEU G 268 -44.48 -22.05 -11.97
C LEU G 268 -45.15 -22.20 -13.32
N ALA G 269 -45.50 -23.44 -13.70
CA ALA G 269 -46.20 -23.65 -14.95
C ALA G 269 -47.65 -23.19 -14.88
N GLN G 270 -48.26 -23.27 -13.68
CA GLN G 270 -49.59 -22.71 -13.52
C GLN G 270 -49.55 -21.19 -13.51
N ALA G 271 -48.50 -20.61 -12.94
CA ALA G 271 -48.35 -19.15 -12.93
C ALA G 271 -47.99 -18.60 -14.30
N GLY G 272 -47.42 -19.41 -15.19
CA GLY G 272 -47.32 -19.04 -16.58
C GLY G 272 -45.94 -18.90 -17.16
N VAL G 273 -44.93 -19.55 -16.56
CA VAL G 273 -43.56 -19.40 -17.02
C VAL G 273 -43.40 -20.09 -18.37
N ASP G 274 -42.52 -19.56 -19.21
CA ASP G 274 -42.37 -20.05 -20.58
C ASP G 274 -41.06 -20.78 -20.81
N VAL G 275 -40.10 -20.67 -19.89
CA VAL G 275 -38.84 -21.40 -20.00
C VAL G 275 -38.30 -21.64 -18.61
N VAL G 276 -37.71 -22.82 -18.37
CA VAL G 276 -37.12 -23.14 -17.08
C VAL G 276 -35.65 -23.48 -17.26
N VAL G 277 -34.87 -23.20 -16.22
CA VAL G 277 -33.43 -23.47 -16.20
C VAL G 277 -33.16 -24.49 -15.12
N LEU G 278 -32.70 -25.67 -15.51
CA LEU G 278 -32.34 -26.70 -14.55
C LEU G 278 -30.98 -26.33 -13.98
N ASP G 279 -30.99 -25.64 -12.84
CA ASP G 279 -29.77 -25.05 -12.29
C ASP G 279 -28.95 -26.12 -11.60
N SER G 280 -27.75 -26.38 -12.11
CA SER G 280 -26.83 -27.32 -11.52
C SER G 280 -25.41 -26.92 -11.92
N SER G 281 -24.45 -27.34 -11.10
CA SER G 281 -23.05 -27.08 -11.44
C SER G 281 -22.57 -27.97 -12.57
N GLN G 282 -23.05 -29.21 -12.62
CA GLN G 282 -22.79 -30.10 -13.75
C GLN G 282 -24.11 -30.74 -14.15
N GLY G 283 -24.46 -30.62 -15.43
CA GLY G 283 -25.77 -31.03 -15.88
C GLY G 283 -25.86 -32.41 -16.50
N ASN G 284 -24.83 -33.25 -16.32
CA ASN G 284 -24.86 -34.59 -16.88
C ASN G 284 -25.41 -35.60 -15.90
N SER G 285 -26.23 -35.18 -14.94
CA SER G 285 -26.76 -36.09 -13.96
C SER G 285 -27.81 -36.99 -14.60
N ILE G 286 -27.99 -38.17 -14.01
CA ILE G 286 -29.19 -38.96 -14.32
C ILE G 286 -30.42 -38.28 -13.76
N PHE G 287 -30.25 -37.44 -12.74
CA PHE G 287 -31.35 -36.71 -12.14
C PHE G 287 -31.90 -35.67 -13.12
N GLN G 288 -30.99 -34.96 -13.79
CA GLN G 288 -31.41 -33.90 -14.71
C GLN G 288 -31.91 -34.48 -16.02
N ILE G 289 -31.36 -35.60 -16.46
CA ILE G 289 -31.90 -36.27 -17.65
C ILE G 289 -33.27 -36.84 -17.35
N ASN G 290 -33.49 -37.31 -16.12
CA ASN G 290 -34.82 -37.77 -15.74
C ASN G 290 -35.82 -36.61 -15.65
N MET G 291 -35.39 -35.44 -15.20
CA MET G 291 -36.34 -34.33 -15.22
C MET G 291 -36.58 -33.76 -16.61
N ILE G 292 -35.61 -33.84 -17.52
CA ILE G 292 -35.88 -33.44 -18.90
C ILE G 292 -36.87 -34.40 -19.56
N LYS G 293 -36.73 -35.70 -19.28
CA LYS G 293 -37.75 -36.63 -19.75
C LYS G 293 -39.08 -36.47 -19.02
N TYR G 294 -39.08 -35.91 -17.82
CA TYR G 294 -40.33 -35.70 -17.10
C TYR G 294 -41.08 -34.47 -17.58
N ILE G 295 -40.38 -33.39 -17.94
CA ILE G 295 -41.07 -32.17 -18.31
C ILE G 295 -41.70 -32.29 -19.69
N LYS G 296 -40.97 -32.83 -20.65
CA LYS G 296 -41.44 -32.79 -22.02
C LYS G 296 -42.33 -33.96 -22.41
N ASP G 297 -42.96 -34.64 -21.45
CA ASP G 297 -44.13 -35.45 -21.77
C ASP G 297 -45.33 -35.08 -20.91
N LYS G 298 -45.20 -34.07 -20.04
CA LYS G 298 -46.33 -33.49 -19.35
C LYS G 298 -46.55 -32.02 -19.69
N TYR G 299 -45.50 -31.27 -19.98
CA TYR G 299 -45.59 -29.86 -20.31
C TYR G 299 -45.02 -29.69 -21.71
N PRO G 300 -45.78 -30.05 -22.75
CA PRO G 300 -45.18 -30.10 -24.09
C PRO G 300 -44.95 -28.75 -24.73
N ASN G 301 -45.53 -27.68 -24.19
CA ASN G 301 -45.30 -26.33 -24.67
C ASN G 301 -44.45 -25.51 -23.71
N LEU G 302 -43.47 -26.16 -23.06
CA LEU G 302 -42.61 -25.50 -22.09
C LEU G 302 -41.16 -25.76 -22.46
N GLN G 303 -40.39 -24.69 -22.60
CA GLN G 303 -38.99 -24.80 -22.97
C GLN G 303 -38.13 -25.08 -21.75
N VAL G 304 -37.06 -25.85 -21.93
CA VAL G 304 -36.17 -26.22 -20.84
C VAL G 304 -34.75 -25.81 -21.20
N ILE G 305 -33.96 -25.49 -20.18
CA ILE G 305 -32.55 -25.16 -20.32
C ILE G 305 -31.78 -26.18 -19.48
N GLY G 306 -30.86 -26.90 -20.11
CA GLY G 306 -30.05 -27.88 -19.40
C GLY G 306 -28.65 -27.35 -19.20
N GLY G 307 -28.18 -27.41 -17.96
CA GLY G 307 -26.84 -26.94 -17.67
C GLY G 307 -26.42 -27.40 -16.30
N ASN G 308 -25.14 -27.18 -15.97
CA ASN G 308 -24.15 -26.57 -16.86
C ASN G 308 -23.36 -27.61 -17.64
N VAL G 309 -22.89 -27.21 -18.81
CA VAL G 309 -22.23 -28.08 -19.77
C VAL G 309 -20.97 -27.39 -20.26
N VAL G 310 -19.84 -28.09 -20.19
CA VAL G 310 -18.61 -27.52 -20.74
C VAL G 310 -18.02 -28.39 -21.86
N THR G 311 -18.07 -29.71 -21.73
CA THR G 311 -17.54 -30.54 -22.79
C THR G 311 -18.63 -30.83 -23.81
N ALA G 312 -18.23 -31.44 -24.92
CA ALA G 312 -19.22 -31.92 -25.89
C ALA G 312 -19.73 -33.30 -25.55
N ALA G 313 -19.19 -33.92 -24.50
CA ALA G 313 -19.66 -35.24 -24.10
C ALA G 313 -21.02 -35.16 -23.42
N GLN G 314 -21.20 -34.24 -22.48
CA GLN G 314 -22.51 -34.12 -21.84
C GLN G 314 -23.49 -33.32 -22.68
N ALA G 315 -22.99 -32.62 -23.70
CA ALA G 315 -23.87 -31.96 -24.65
C ALA G 315 -24.80 -32.94 -25.34
N LYS G 316 -24.29 -34.11 -25.74
CA LYS G 316 -25.16 -35.07 -26.40
C LYS G 316 -26.12 -35.73 -25.41
N ASN G 317 -25.67 -35.98 -24.18
CA ASN G 317 -26.55 -36.59 -23.19
C ASN G 317 -27.65 -35.65 -22.72
N LEU G 318 -27.49 -34.35 -22.92
CA LEU G 318 -28.65 -33.50 -22.67
C LEU G 318 -29.48 -33.24 -23.92
N ILE G 319 -28.85 -33.19 -25.10
CA ILE G 319 -29.62 -32.88 -26.32
C ILE G 319 -30.50 -34.06 -26.72
N ASP G 320 -29.96 -35.28 -26.73
CA ASP G 320 -30.80 -36.39 -27.18
C ASP G 320 -31.80 -36.82 -26.11
N ALA G 321 -31.61 -36.34 -24.88
CA ALA G 321 -32.64 -36.45 -23.87
C ALA G 321 -33.80 -35.51 -24.15
N GLY G 322 -33.58 -34.49 -24.97
CA GLY G 322 -34.66 -33.66 -25.47
C GLY G 322 -34.59 -32.19 -25.11
N VAL G 323 -33.45 -31.71 -24.61
CA VAL G 323 -33.39 -30.35 -24.08
C VAL G 323 -33.47 -29.34 -25.22
N ASP G 324 -33.82 -28.10 -24.89
CA ASP G 324 -34.09 -27.09 -25.90
C ASP G 324 -32.96 -26.09 -26.07
N ALA G 325 -32.19 -25.81 -25.04
CA ALA G 325 -31.00 -24.97 -25.14
C ALA G 325 -30.08 -25.28 -23.98
N LEU G 326 -28.77 -25.13 -24.19
CA LEU G 326 -27.78 -25.45 -23.17
C LEU G 326 -27.30 -24.20 -22.46
N ARG G 327 -26.91 -24.36 -21.21
CA ARG G 327 -26.37 -23.30 -20.36
C ARG G 327 -24.92 -23.67 -20.12
N VAL G 328 -24.00 -22.84 -20.62
CA VAL G 328 -22.62 -23.29 -20.83
C VAL G 328 -21.65 -22.56 -19.92
N GLY G 329 -20.85 -23.32 -19.18
CA GLY G 329 -19.78 -22.77 -18.39
C GLY G 329 -19.87 -23.10 -16.93
N MET G 330 -18.95 -23.94 -16.45
CA MET G 330 -18.77 -24.18 -15.02
C MET G 330 -17.35 -23.80 -14.66
N GLY G 331 -17.15 -23.45 -13.39
CA GLY G 331 -15.85 -23.09 -12.89
C GLY G 331 -15.41 -21.67 -13.13
N SER G 332 -15.72 -21.09 -14.29
CA SER G 332 -15.25 -19.73 -14.59
C SER G 332 -16.30 -18.68 -14.29
N GLY G 333 -16.79 -18.66 -13.07
CA GLY G 333 -17.69 -17.60 -12.66
C GLY G 333 -16.93 -16.51 -11.94
N SER G 334 -17.56 -15.35 -11.74
CA SER G 334 -16.91 -14.30 -10.98
C SER G 334 -16.89 -14.61 -9.49
N ILE G 335 -17.80 -15.47 -9.03
CA ILE G 335 -17.92 -15.85 -7.63
C ILE G 335 -17.61 -17.31 -7.38
N CYS G 336 -17.43 -18.11 -8.42
CA CYS G 336 -17.33 -19.56 -8.26
C CYS G 336 -15.89 -19.98 -8.00
N ILE G 337 -15.71 -20.82 -7.00
CA ILE G 337 -14.44 -21.43 -6.65
C ILE G 337 -14.51 -22.93 -6.91
N THR G 338 -15.33 -23.31 -7.89
CA THR G 338 -15.57 -24.72 -8.19
C THR G 338 -14.30 -25.41 -8.70
N GLN G 339 -13.49 -24.71 -9.49
CA GLN G 339 -12.24 -25.30 -9.95
C GLN G 339 -11.19 -25.33 -8.85
N GLU G 340 -11.35 -24.55 -7.78
CA GLU G 340 -10.36 -24.44 -6.72
C GLU G 340 -10.75 -25.25 -5.50
N VAL G 341 -11.89 -25.93 -5.54
CA VAL G 341 -12.31 -26.82 -4.46
C VAL G 341 -12.53 -28.20 -5.07
N LEU G 342 -13.27 -28.24 -6.18
CA LEU G 342 -13.63 -29.51 -6.80
C LEU G 342 -12.80 -29.86 -8.03
N ALA G 343 -11.95 -28.94 -8.51
CA ALA G 343 -10.95 -29.18 -9.56
C ALA G 343 -11.57 -29.65 -10.87
N CYS G 344 -12.71 -29.07 -11.23
CA CYS G 344 -13.39 -29.43 -12.46
C CYS G 344 -13.80 -28.17 -13.20
N GLY G 345 -14.10 -28.36 -14.48
CA GLY G 345 -14.43 -27.28 -15.39
C GLY G 345 -13.49 -27.27 -16.58
N ARG G 346 -13.54 -26.17 -17.31
CA ARG G 346 -12.57 -25.87 -18.36
C ARG G 346 -12.62 -24.37 -18.58
N PRO G 347 -11.60 -23.78 -19.23
CA PRO G 347 -11.67 -22.35 -19.56
C PRO G 347 -12.84 -22.03 -20.47
N GLN G 348 -13.35 -20.80 -20.34
CA GLN G 348 -14.71 -20.50 -20.78
C GLN G 348 -14.83 -20.46 -22.30
N ALA G 349 -13.86 -19.83 -22.97
CA ALA G 349 -13.98 -19.61 -24.41
C ALA G 349 -13.83 -20.89 -25.21
N THR G 350 -13.04 -21.85 -24.71
CA THR G 350 -12.96 -23.14 -25.38
C THR G 350 -14.25 -23.93 -25.18
N ALA G 351 -14.85 -23.81 -24.00
CA ALA G 351 -16.13 -24.45 -23.70
C ALA G 351 -17.22 -23.94 -24.62
N VAL G 352 -17.35 -22.61 -24.73
CA VAL G 352 -18.40 -21.99 -25.53
C VAL G 352 -18.23 -22.33 -27.01
N TYR G 353 -16.99 -22.45 -27.48
CA TYR G 353 -16.80 -22.87 -28.87
C TYR G 353 -17.16 -24.34 -29.07
N LYS G 354 -16.68 -25.24 -28.21
CA LYS G 354 -16.81 -26.65 -28.53
C LYS G 354 -18.23 -27.16 -28.33
N VAL G 355 -18.92 -26.71 -27.28
CA VAL G 355 -20.28 -27.20 -27.12
C VAL G 355 -21.23 -26.54 -28.13
N SER G 356 -20.92 -25.33 -28.61
CA SER G 356 -21.78 -24.74 -29.62
C SER G 356 -21.51 -25.36 -30.99
N GLU G 357 -20.25 -25.77 -31.23
CA GLU G 357 -19.97 -26.51 -32.46
C GLU G 357 -20.61 -27.87 -32.43
N TYR G 358 -20.80 -28.46 -31.25
CA TYR G 358 -21.59 -29.68 -31.22
C TYR G 358 -23.09 -29.40 -31.36
N ALA G 359 -23.61 -28.40 -30.66
CA ALA G 359 -25.05 -28.18 -30.60
C ALA G 359 -25.58 -27.48 -31.83
N ARG G 360 -24.70 -26.99 -32.70
CA ARG G 360 -25.13 -26.49 -34.00
C ARG G 360 -25.63 -27.62 -34.88
N ARG G 361 -25.14 -28.85 -34.65
CA ARG G 361 -25.53 -29.99 -35.46
C ARG G 361 -26.99 -30.37 -35.24
N PHE G 362 -27.53 -30.07 -34.06
CA PHE G 362 -28.89 -30.45 -33.72
C PHE G 362 -29.83 -29.26 -33.63
N GLY G 363 -29.38 -28.08 -34.02
CA GLY G 363 -30.23 -26.90 -33.98
C GLY G 363 -30.54 -26.43 -32.58
N VAL G 364 -29.57 -26.48 -31.68
CA VAL G 364 -29.79 -26.14 -30.28
C VAL G 364 -28.91 -24.95 -29.92
N PRO G 365 -29.49 -23.81 -29.53
CA PRO G 365 -28.66 -22.69 -29.10
C PRO G 365 -28.03 -22.96 -27.75
N VAL G 366 -26.94 -22.24 -27.46
CA VAL G 366 -26.28 -22.36 -26.17
C VAL G 366 -26.25 -20.99 -25.51
N ILE G 367 -26.13 -20.99 -24.19
CA ILE G 367 -26.17 -19.79 -23.38
C ILE G 367 -24.88 -19.74 -22.59
N ALA G 368 -23.99 -18.81 -22.94
CA ALA G 368 -22.72 -18.67 -22.24
C ALA G 368 -22.92 -17.87 -20.97
N ASP G 369 -22.44 -18.38 -19.83
CA ASP G 369 -22.40 -17.58 -18.62
C ASP G 369 -21.04 -17.67 -17.96
N GLY G 370 -20.77 -16.71 -17.08
CA GLY G 370 -19.53 -16.72 -16.33
C GLY G 370 -18.40 -16.08 -17.10
N GLY G 371 -17.58 -15.29 -16.40
CA GLY G 371 -16.47 -14.63 -17.02
C GLY G 371 -16.80 -13.40 -17.81
N ILE G 372 -18.07 -13.00 -17.86
CA ILE G 372 -18.48 -11.82 -18.58
C ILE G 372 -18.20 -10.60 -17.71
N GLN G 373 -17.27 -9.76 -18.17
CA GLN G 373 -16.84 -8.62 -17.37
C GLN G 373 -17.07 -7.28 -18.05
N ASN G 374 -17.18 -7.24 -19.38
CA ASN G 374 -17.33 -5.99 -20.11
C ASN G 374 -18.04 -6.28 -21.42
N VAL G 375 -18.03 -5.30 -22.33
CA VAL G 375 -18.73 -5.45 -23.59
C VAL G 375 -17.99 -6.37 -24.55
N GLY G 376 -16.66 -6.40 -24.47
CA GLY G 376 -15.88 -7.21 -25.39
C GLY G 376 -16.04 -8.70 -25.19
N HIS G 377 -16.23 -9.13 -23.94
CA HIS G 377 -16.47 -10.54 -23.67
C HIS G 377 -17.80 -11.01 -24.22
N ILE G 378 -18.81 -10.15 -24.23
CA ILE G 378 -20.10 -10.51 -24.80
C ILE G 378 -19.98 -10.72 -26.31
N ALA G 379 -19.23 -9.84 -26.98
CA ALA G 379 -19.05 -9.96 -28.41
C ALA G 379 -18.19 -11.17 -28.78
N LYS G 380 -17.19 -11.49 -27.95
CA LYS G 380 -16.41 -12.69 -28.18
C LYS G 380 -17.25 -13.94 -27.98
N ALA G 381 -18.10 -13.96 -26.95
CA ALA G 381 -18.96 -15.11 -26.70
C ALA G 381 -19.97 -15.29 -27.83
N LEU G 382 -20.53 -14.20 -28.33
CA LEU G 382 -21.45 -14.30 -29.45
C LEU G 382 -20.76 -14.66 -30.76
N ALA G 383 -19.47 -14.35 -30.89
CA ALA G 383 -18.75 -14.73 -32.09
C ALA G 383 -18.19 -16.14 -32.03
N LEU G 384 -18.12 -16.75 -30.84
CA LEU G 384 -17.65 -18.13 -30.77
C LEU G 384 -18.75 -19.16 -30.92
N GLY G 385 -20.00 -18.74 -30.96
CA GLY G 385 -21.06 -19.69 -31.22
C GLY G 385 -22.21 -19.64 -30.25
N ALA G 386 -22.09 -18.83 -29.21
CA ALA G 386 -23.20 -18.68 -28.29
C ALA G 386 -24.28 -17.83 -28.91
N SER G 387 -25.52 -18.08 -28.50
CA SER G 387 -26.66 -17.33 -29.00
C SER G 387 -27.08 -16.21 -28.07
N THR G 388 -27.15 -16.46 -26.77
CA THR G 388 -27.37 -15.43 -25.78
C THR G 388 -26.26 -15.50 -24.74
N VAL G 389 -26.03 -14.39 -24.06
CA VAL G 389 -24.96 -14.28 -23.09
C VAL G 389 -25.57 -14.00 -21.73
N MET G 390 -25.42 -14.93 -20.80
CA MET G 390 -26.01 -14.81 -19.46
C MET G 390 -25.03 -14.11 -18.53
N MET G 391 -25.45 -12.96 -18.00
CA MET G 391 -24.58 -12.11 -17.22
C MET G 391 -24.92 -12.18 -15.73
N GLY G 392 -23.87 -12.13 -14.92
CA GLY G 392 -23.99 -12.21 -13.47
C GLY G 392 -23.63 -10.91 -12.81
N SER G 393 -22.36 -10.78 -12.38
CA SER G 393 -21.89 -9.58 -11.69
C SER G 393 -21.94 -8.32 -12.53
N LEU G 394 -21.97 -8.44 -13.86
CA LEU G 394 -22.08 -7.24 -14.67
C LEU G 394 -23.48 -6.64 -14.60
N LEU G 395 -24.50 -7.46 -14.43
CA LEU G 395 -25.86 -6.99 -14.19
C LEU G 395 -26.21 -6.90 -12.71
N ALA G 396 -25.29 -7.22 -11.84
CA ALA G 396 -25.56 -7.12 -10.41
C ALA G 396 -25.35 -5.69 -9.95
N ALA G 397 -26.00 -5.37 -8.84
CA ALA G 397 -25.85 -4.09 -8.14
C ALA G 397 -26.20 -2.90 -9.01
N THR G 398 -27.22 -3.06 -9.86
CA THR G 398 -27.51 -1.93 -10.73
C THR G 398 -28.60 -1.03 -10.15
N THR G 399 -29.86 -1.43 -10.26
CA THR G 399 -30.92 -0.86 -9.43
C THR G 399 -31.91 -1.95 -9.08
N GLU G 400 -32.09 -2.89 -10.00
CA GLU G 400 -33.09 -3.95 -9.85
C GLU G 400 -32.47 -5.21 -9.27
N ALA G 401 -31.73 -5.06 -8.20
CA ALA G 401 -31.24 -6.18 -7.43
C ALA G 401 -31.97 -6.13 -6.10
N PRO G 402 -32.12 -7.24 -5.38
CA PRO G 402 -32.88 -7.20 -4.12
C PRO G 402 -32.29 -6.31 -3.02
N GLY G 403 -31.01 -6.47 -2.71
CA GLY G 403 -30.44 -5.77 -1.58
C GLY G 403 -30.26 -4.29 -1.82
N GLU G 404 -30.10 -3.54 -0.73
CA GLU G 404 -29.90 -2.10 -0.84
C GLU G 404 -28.42 -1.84 -0.62
N TYR G 405 -28.00 -0.58 -0.68
CA TYR G 405 -26.59 -0.21 -0.80
C TYR G 405 -25.98 0.00 0.58
N PHE G 406 -24.65 0.00 0.61
CA PHE G 406 -23.88 0.21 1.83
C PHE G 406 -22.48 0.62 1.46
N PHE G 407 -21.86 1.40 2.34
CA PHE G 407 -20.58 2.05 2.07
C PHE G 407 -19.46 1.30 2.77
N SER G 408 -18.74 0.48 2.01
CA SER G 408 -17.55 -0.20 2.50
C SER G 408 -16.34 0.49 1.90
N ASP G 409 -15.41 0.93 2.76
CA ASP G 409 -14.22 1.73 2.40
C ASP G 409 -14.63 3.01 1.68
N GLY G 410 -15.74 3.60 2.13
CA GLY G 410 -16.26 4.82 1.52
C GLY G 410 -16.77 4.65 0.11
N ILE G 411 -17.17 3.43 -0.28
CA ILE G 411 -17.62 3.11 -1.63
C ILE G 411 -19.05 2.60 -1.58
N ARG G 412 -19.92 3.24 -2.37
CA ARG G 412 -21.32 2.82 -2.48
C ARG G 412 -21.36 1.56 -3.34
N LEU G 413 -21.71 0.43 -2.72
CA LEU G 413 -21.77 -0.86 -3.39
C LEU G 413 -22.86 -1.70 -2.74
N LYS G 414 -23.12 -2.87 -3.32
CA LYS G 414 -24.25 -3.70 -2.96
C LYS G 414 -23.77 -5.13 -2.83
N LYS G 415 -24.51 -5.93 -2.07
CA LYS G 415 -24.15 -7.32 -1.85
C LYS G 415 -24.27 -8.12 -3.14
N TYR G 416 -23.45 -9.16 -3.26
CA TYR G 416 -23.48 -10.06 -4.40
C TYR G 416 -22.87 -11.38 -3.98
N ARG G 417 -23.71 -12.40 -3.84
CA ARG G 417 -23.29 -13.70 -3.33
C ARG G 417 -23.63 -14.79 -4.33
N GLY G 418 -22.85 -15.84 -4.29
CA GLY G 418 -23.09 -16.98 -5.15
C GLY G 418 -24.12 -17.91 -4.57
N MET G 419 -24.67 -18.75 -5.44
CA MET G 419 -25.73 -19.66 -5.01
C MET G 419 -25.21 -20.81 -4.16
N GLY G 420 -23.91 -21.07 -4.17
CA GLY G 420 -23.31 -22.11 -3.36
C GLY G 420 -22.49 -21.64 -2.19
N SER G 421 -22.50 -20.34 -1.88
CA SER G 421 -21.79 -19.87 -0.71
C SER G 421 -22.56 -20.26 0.54
N LEU G 422 -21.88 -20.26 1.68
CA LEU G 422 -22.53 -20.71 2.91
C LEU G 422 -23.39 -19.64 3.55
N ASP G 423 -23.47 -18.43 2.99
CA ASP G 423 -24.39 -17.42 3.49
C ASP G 423 -25.74 -17.49 2.80
N ALA G 424 -25.79 -17.97 1.56
CA ALA G 424 -27.03 -18.10 0.81
C ALA G 424 -27.76 -19.38 1.19
N MET G 425 -27.11 -20.53 1.05
CA MET G 425 -27.73 -21.80 1.39
C MET G 425 -27.49 -22.14 2.86
N ILE G 442 -21.95 -32.01 6.58
CA ILE G 442 -20.83 -31.24 6.04
C ILE G 442 -21.18 -30.72 4.66
N LYS G 443 -21.31 -29.40 4.54
CA LYS G 443 -21.77 -28.75 3.33
C LYS G 443 -20.60 -28.01 2.70
N VAL G 444 -20.28 -28.33 1.43
CA VAL G 444 -19.11 -27.79 0.77
C VAL G 444 -19.47 -26.51 0.01
N ALA G 445 -18.65 -25.47 0.16
CA ALA G 445 -18.89 -24.19 -0.50
C ALA G 445 -18.56 -24.28 -1.99
N GLN G 446 -19.53 -23.94 -2.83
CA GLN G 446 -19.33 -23.88 -4.27
C GLN G 446 -19.00 -22.48 -4.76
N GLY G 447 -19.01 -21.49 -3.88
CA GLY G 447 -18.75 -20.12 -4.29
C GLY G 447 -18.50 -19.25 -3.08
N VAL G 448 -18.27 -17.98 -3.35
CA VAL G 448 -17.99 -16.99 -2.32
C VAL G 448 -19.10 -15.96 -2.31
N SER G 449 -19.10 -15.11 -1.29
CA SER G 449 -20.06 -14.04 -1.13
C SER G 449 -19.31 -12.74 -0.97
N GLY G 450 -19.75 -11.71 -1.69
CA GLY G 450 -19.02 -10.46 -1.67
C GLY G 450 -19.82 -9.24 -2.07
N ALA G 451 -19.20 -8.34 -2.82
CA ALA G 451 -19.82 -7.06 -3.14
C ALA G 451 -19.26 -6.52 -4.44
N VAL G 452 -20.03 -5.64 -5.07
CA VAL G 452 -19.68 -5.05 -6.35
C VAL G 452 -20.36 -3.68 -6.44
N GLN G 453 -19.72 -2.74 -7.12
CA GLN G 453 -20.11 -1.33 -7.09
C GLN G 453 -21.42 -1.06 -7.81
N ASP G 454 -21.93 0.16 -7.63
CA ASP G 454 -23.17 0.59 -8.24
C ASP G 454 -23.00 0.77 -9.74
N LYS G 455 -24.10 0.59 -10.48
CA LYS G 455 -24.08 0.76 -11.94
C LYS G 455 -25.27 1.52 -12.50
N GLY G 456 -26.17 2.06 -11.69
CA GLY G 456 -27.29 2.81 -12.23
C GLY G 456 -28.38 1.92 -12.80
N SER G 457 -29.41 2.53 -13.34
CA SER G 457 -30.53 1.75 -13.88
C SER G 457 -30.13 1.06 -15.16
N ILE G 458 -30.71 -0.13 -15.40
CA ILE G 458 -30.36 -0.86 -16.60
C ILE G 458 -31.20 -0.46 -17.80
N HIS G 459 -32.11 0.48 -17.65
CA HIS G 459 -32.73 1.05 -18.84
C HIS G 459 -31.79 1.98 -19.59
N LYS G 460 -30.72 2.44 -18.94
CA LYS G 460 -29.65 3.14 -19.63
C LYS G 460 -28.35 2.34 -19.68
N PHE G 461 -28.29 1.15 -19.09
CA PHE G 461 -27.09 0.33 -19.11
C PHE G 461 -27.16 -0.77 -20.17
N VAL G 462 -28.32 -1.38 -20.35
CA VAL G 462 -28.52 -2.38 -21.40
C VAL G 462 -28.44 -1.77 -22.80
N PRO G 463 -29.02 -0.54 -23.12
CA PRO G 463 -28.78 0.01 -24.46
C PRO G 463 -27.33 0.36 -24.76
N TYR G 464 -26.55 0.65 -23.71
CA TYR G 464 -25.11 0.79 -23.93
C TYR G 464 -24.46 -0.52 -24.35
N LEU G 465 -24.86 -1.63 -23.72
CA LEU G 465 -24.35 -2.94 -24.12
C LEU G 465 -24.78 -3.26 -25.55
N ILE G 466 -26.00 -2.86 -25.92
CA ILE G 466 -26.47 -3.08 -27.28
C ILE G 466 -25.66 -2.29 -28.29
N ALA G 467 -25.38 -1.02 -28.01
CA ALA G 467 -24.57 -0.21 -28.91
C ALA G 467 -23.14 -0.70 -28.99
N GLY G 468 -22.58 -1.21 -27.89
CA GLY G 468 -21.27 -1.82 -27.94
C GLY G 468 -21.17 -3.12 -28.71
N ILE G 469 -22.18 -3.99 -28.57
CA ILE G 469 -22.23 -5.22 -29.36
C ILE G 469 -22.35 -4.91 -30.85
N GLN G 470 -23.20 -3.94 -31.19
CA GLN G 470 -23.35 -3.65 -32.62
C GLN G 470 -22.18 -2.85 -33.20
N HIS G 471 -21.46 -2.08 -32.38
CA HIS G 471 -20.18 -1.53 -32.86
C HIS G 471 -19.14 -2.62 -33.09
N SER G 472 -19.12 -3.63 -32.22
CA SER G 472 -18.22 -4.76 -32.42
C SER G 472 -18.58 -5.54 -33.68
N CYS G 473 -19.87 -5.73 -33.94
CA CYS G 473 -20.29 -6.40 -35.16
C CYS G 473 -20.06 -5.54 -36.38
N GLN G 474 -19.97 -4.22 -36.21
CA GLN G 474 -19.54 -3.38 -37.31
C GLN G 474 -18.07 -3.59 -37.62
N ASP G 475 -17.22 -3.64 -36.58
CA ASP G 475 -15.79 -3.81 -36.83
C ASP G 475 -15.45 -5.20 -37.35
N ILE G 476 -16.20 -6.22 -36.92
CA ILE G 476 -16.08 -7.54 -37.53
C ILE G 476 -16.50 -7.49 -38.99
N GLY G 477 -17.60 -6.80 -39.26
CA GLY G 477 -18.04 -6.60 -40.63
C GLY G 477 -19.20 -7.47 -41.03
N ALA G 478 -20.18 -7.61 -40.14
CA ALA G 478 -21.34 -8.43 -40.39
C ALA G 478 -22.62 -7.68 -40.01
N LYS G 479 -23.67 -7.89 -40.80
CA LYS G 479 -24.93 -7.18 -40.60
C LYS G 479 -25.71 -7.69 -39.41
N SER G 480 -25.45 -8.91 -38.95
CA SER G 480 -26.23 -9.51 -37.88
C SER G 480 -25.37 -10.55 -37.17
N LEU G 481 -25.90 -11.06 -36.06
CA LEU G 481 -25.15 -12.07 -35.30
C LEU G 481 -25.13 -13.40 -36.04
N THR G 482 -26.18 -13.70 -36.80
CA THR G 482 -26.19 -14.89 -37.62
C THR G 482 -25.11 -14.83 -38.68
N GLN G 483 -24.85 -13.65 -39.22
CA GLN G 483 -23.74 -13.50 -40.16
C GLN G 483 -22.40 -13.62 -39.46
N VAL G 484 -22.31 -13.21 -38.19
CA VAL G 484 -21.06 -13.36 -37.42
C VAL G 484 -20.74 -14.84 -37.25
N ARG G 485 -21.74 -15.62 -36.81
CA ARG G 485 -21.48 -17.05 -36.62
C ARG G 485 -21.33 -17.78 -37.95
N ALA G 486 -21.97 -17.32 -39.02
CA ALA G 486 -21.77 -17.93 -40.33
C ALA G 486 -20.36 -17.67 -40.84
N MET G 487 -19.86 -16.45 -40.66
CA MET G 487 -18.47 -16.14 -40.98
C MET G 487 -17.49 -16.88 -40.09
N MET G 488 -17.87 -17.20 -38.87
CA MET G 488 -16.96 -17.96 -38.01
C MET G 488 -16.90 -19.42 -38.41
N TYR G 489 -18.05 -20.06 -38.64
CA TYR G 489 -18.02 -21.46 -39.02
C TYR G 489 -17.62 -21.67 -40.48
N SER G 490 -17.64 -20.62 -41.29
CA SER G 490 -17.24 -20.74 -42.70
C SER G 490 -15.74 -20.67 -42.88
N GLY G 491 -15.05 -19.97 -42.00
CA GLY G 491 -13.62 -19.75 -42.14
C GLY G 491 -13.25 -18.33 -42.54
N GLU G 492 -14.23 -17.44 -42.72
CA GLU G 492 -13.95 -16.08 -43.13
C GLU G 492 -13.56 -15.21 -41.94
N LEU G 493 -14.18 -15.39 -40.81
CA LEU G 493 -13.91 -14.59 -39.61
C LEU G 493 -12.74 -15.24 -38.88
N LYS G 494 -11.62 -14.54 -38.79
CA LYS G 494 -10.38 -15.13 -38.29
C LYS G 494 -9.93 -14.48 -36.99
N PHE G 495 -9.25 -15.28 -36.16
CA PHE G 495 -8.85 -14.95 -34.81
C PHE G 495 -7.33 -14.90 -34.72
N GLU G 496 -6.81 -14.57 -33.54
CA GLU G 496 -5.38 -14.62 -33.28
C GLU G 496 -5.14 -14.69 -31.79
N LYS G 497 -4.14 -15.48 -31.38
CA LYS G 497 -3.80 -15.64 -29.98
C LYS G 497 -3.15 -14.38 -29.43
N ARG G 498 -3.00 -14.36 -28.10
CA ARG G 498 -2.38 -13.28 -27.37
C ARG G 498 -1.52 -13.86 -26.26
N THR G 499 -0.36 -13.27 -26.03
CA THR G 499 0.47 -13.66 -24.91
C THR G 499 0.10 -12.84 -23.68
N SER G 500 0.90 -13.01 -22.62
CA SER G 500 0.65 -12.28 -21.38
C SER G 500 1.05 -10.81 -21.47
N SER G 501 1.85 -10.45 -22.47
CA SER G 501 2.31 -9.07 -22.59
C SER G 501 1.38 -8.24 -23.45
N ALA G 502 0.71 -8.88 -24.41
CA ALA G 502 -0.30 -8.17 -25.18
C ALA G 502 -1.51 -7.80 -24.34
N GLN G 503 -1.77 -8.58 -23.29
CA GLN G 503 -2.89 -8.29 -22.41
C GLN G 503 -2.62 -7.07 -21.53
N VAL G 504 -1.34 -6.80 -21.25
CA VAL G 504 -0.98 -5.61 -20.48
C VAL G 504 -1.15 -4.36 -21.34
N GLU G 505 -0.65 -4.39 -22.58
CA GLU G 505 -0.72 -3.17 -23.39
C GLU G 505 -2.08 -2.99 -24.06
N GLY G 506 -2.91 -4.02 -24.08
CA GLY G 506 -4.21 -3.86 -24.71
C GLY G 506 -5.15 -3.00 -23.90
N GLY G 507 -5.21 -3.21 -22.59
CA GLY G 507 -5.97 -2.33 -21.73
C GLY G 507 -5.25 -1.02 -21.47
N VAL G 508 -5.69 -0.33 -20.43
CA VAL G 508 -5.11 0.97 -20.12
C VAL G 508 -3.75 0.78 -19.47
N HIS G 509 -2.74 1.47 -20.00
CA HIS G 509 -1.39 1.38 -19.46
C HIS G 509 -0.67 2.69 -19.68
N SER G 510 0.44 2.85 -18.95
CA SER G 510 1.37 3.99 -19.05
C SER G 510 0.67 5.32 -18.80
N LEU G 511 -0.25 5.33 -17.84
CA LEU G 511 -0.92 6.53 -17.37
C LEU G 511 -0.81 6.56 -15.85
N HIS G 512 -0.60 7.75 -15.29
CA HIS G 512 -0.60 7.89 -13.84
C HIS G 512 -1.99 7.61 -13.27
N SER G 513 -2.98 8.40 -13.65
CA SER G 513 -4.35 8.18 -13.25
C SER G 513 -5.23 8.20 -14.50
N TYR G 514 -6.29 7.40 -14.50
CA TYR G 514 -7.22 7.43 -15.63
C TYR G 514 -8.64 7.25 -15.14
N GLU G 515 -9.54 8.11 -15.63
CA GLU G 515 -10.96 7.98 -15.38
C GLU G 515 -11.60 7.27 -16.58
N LYS G 516 -12.41 6.26 -16.30
CA LYS G 516 -12.85 5.33 -17.33
C LYS G 516 -14.37 5.35 -17.41
N ARG G 517 -14.90 6.15 -18.33
CA ARG G 517 -16.33 6.30 -18.52
C ARG G 517 -16.78 5.44 -19.69
N LEU G 518 -17.93 4.78 -19.53
CA LEU G 518 -18.48 3.93 -20.58
C LEU G 518 -19.69 4.53 -21.26
N PHE G 519 -20.74 4.82 -20.50
CA PHE G 519 -21.98 5.32 -21.07
C PHE G 519 -22.29 6.72 -20.55
N TYR H 17 31.36 -18.53 -42.37
CA TYR H 17 30.67 -19.64 -41.75
C TYR H 17 29.27 -19.20 -41.35
N VAL H 18 29.21 -18.12 -40.56
CA VAL H 18 27.99 -17.47 -40.06
C VAL H 18 27.05 -18.48 -39.42
N PRO H 19 27.28 -18.88 -38.16
CA PRO H 19 26.44 -19.91 -37.53
C PRO H 19 24.99 -19.47 -37.39
N ASP H 20 24.09 -20.34 -37.83
CA ASP H 20 22.65 -20.06 -37.78
C ASP H 20 22.19 -20.07 -36.33
N ASP H 21 21.81 -18.91 -35.82
CA ASP H 21 21.40 -18.77 -34.42
C ASP H 21 20.28 -17.75 -34.37
N GLY H 22 19.11 -18.17 -33.90
CA GLY H 22 17.96 -17.32 -33.80
C GLY H 22 16.97 -17.58 -34.91
N LEU H 23 15.81 -16.96 -34.77
CA LEU H 23 14.73 -17.06 -35.73
C LEU H 23 14.73 -15.85 -36.65
N THR H 24 14.44 -16.07 -37.92
CA THR H 24 14.26 -14.94 -38.82
C THR H 24 12.88 -14.33 -38.60
N ALA H 25 12.55 -13.31 -39.39
CA ALA H 25 11.31 -12.59 -39.14
C ALA H 25 10.09 -13.38 -39.61
N GLN H 26 10.20 -14.07 -40.74
CA GLN H 26 9.07 -14.85 -41.22
C GLN H 26 8.92 -16.14 -40.42
N GLN H 27 10.00 -16.63 -39.84
CA GLN H 27 9.92 -17.78 -38.95
C GLN H 27 9.36 -17.42 -37.59
N LEU H 28 9.34 -16.15 -37.24
CA LEU H 28 8.88 -15.72 -35.91
C LEU H 28 7.39 -15.39 -35.91
N PHE H 29 6.94 -14.62 -36.89
CA PHE H 29 5.58 -14.10 -36.91
C PHE H 29 4.63 -14.94 -37.75
N ASN H 30 5.00 -16.18 -38.06
CA ASN H 30 4.10 -17.11 -38.73
C ASN H 30 3.87 -18.37 -37.92
N CYS H 31 4.17 -18.35 -36.63
CA CYS H 31 3.80 -19.45 -35.76
C CYS H 31 2.31 -19.46 -35.46
N GLY H 32 1.61 -18.36 -35.73
CA GLY H 32 0.21 -18.21 -35.42
C GLY H 32 -0.05 -17.40 -34.18
N ASP H 33 0.94 -17.29 -33.30
CA ASP H 33 0.80 -16.53 -32.08
C ASP H 33 0.98 -15.03 -32.36
N GLY H 34 0.27 -14.23 -31.59
CA GLY H 34 0.36 -12.79 -31.74
C GLY H 34 1.32 -12.13 -30.78
N LEU H 35 2.50 -11.77 -31.27
CA LEU H 35 3.53 -11.17 -30.45
C LEU H 35 3.38 -9.66 -30.40
N THR H 36 3.79 -9.08 -29.29
CA THR H 36 3.83 -7.64 -29.13
C THR H 36 5.29 -7.19 -29.02
N TYR H 37 5.49 -5.92 -28.70
CA TYR H 37 6.83 -5.34 -28.63
C TYR H 37 7.68 -5.91 -27.50
N ASN H 38 7.07 -6.48 -26.46
CA ASN H 38 7.81 -7.00 -25.34
C ASN H 38 8.07 -8.50 -25.42
N ASP H 39 7.54 -9.17 -26.43
CA ASP H 39 7.66 -10.62 -26.50
C ASP H 39 8.85 -11.08 -27.33
N PHE H 40 9.61 -10.16 -27.91
CA PHE H 40 10.79 -10.56 -28.66
C PHE H 40 11.83 -9.48 -28.50
N LEU H 41 13.04 -9.79 -28.93
CA LEU H 41 14.10 -8.79 -28.97
C LEU H 41 15.12 -9.23 -30.01
N ILE H 42 15.89 -8.26 -30.51
CA ILE H 42 16.68 -8.42 -31.71
C ILE H 42 18.09 -8.87 -31.34
N LEU H 43 18.57 -9.91 -32.01
CA LEU H 43 19.94 -10.38 -31.77
C LEU H 43 20.94 -9.41 -32.40
N PRO H 44 22.06 -9.13 -31.75
CA PRO H 44 23.02 -8.18 -32.31
C PRO H 44 23.85 -8.79 -33.43
N GLY H 45 24.55 -7.91 -34.15
CA GLY H 45 25.32 -8.33 -35.29
C GLY H 45 26.77 -7.90 -35.26
N TYR H 46 27.25 -7.29 -36.33
CA TYR H 46 28.64 -6.91 -36.49
C TYR H 46 28.76 -5.41 -36.59
N ILE H 47 29.66 -4.84 -35.80
CA ILE H 47 29.85 -3.39 -35.73
C ILE H 47 31.16 -3.03 -36.42
N ASP H 48 31.08 -2.19 -37.46
CA ASP H 48 32.29 -1.64 -38.06
C ASP H 48 32.14 -0.16 -38.36
N PHE H 49 31.39 0.56 -37.54
CA PHE H 49 31.08 1.96 -37.77
C PHE H 49 30.72 2.60 -36.45
N THR H 50 30.99 3.90 -36.36
CA THR H 50 30.61 4.62 -35.16
C THR H 50 29.12 4.95 -35.20
N ALA H 51 28.62 5.44 -34.07
CA ALA H 51 27.17 5.61 -33.90
C ALA H 51 26.60 6.75 -34.72
N ASP H 52 27.38 7.80 -34.98
CA ASP H 52 26.84 8.97 -35.66
C ASP H 52 26.87 8.86 -37.18
N GLN H 53 27.35 7.75 -37.72
CA GLN H 53 27.27 7.53 -39.16
C GLN H 53 25.95 6.90 -39.58
N VAL H 54 25.01 6.72 -38.66
CA VAL H 54 23.75 6.06 -38.99
C VAL H 54 22.81 7.04 -39.66
N ASP H 55 22.32 6.67 -40.85
CA ASP H 55 21.41 7.49 -41.63
C ASP H 55 19.98 7.09 -41.30
N LEU H 56 19.25 7.99 -40.64
CA LEU H 56 17.87 7.70 -40.28
C LEU H 56 16.87 8.25 -41.29
N THR H 57 17.26 8.36 -42.56
CA THR H 57 16.35 8.85 -43.59
C THR H 57 15.26 7.82 -43.84
N SER H 58 14.00 8.24 -43.64
CA SER H 58 12.87 7.34 -43.80
C SER H 58 11.76 8.07 -44.52
N ALA H 59 10.91 7.31 -45.20
CA ALA H 59 9.85 7.86 -46.01
C ALA H 59 8.53 7.86 -45.26
N LEU H 60 7.85 9.01 -45.27
CA LEU H 60 6.54 9.08 -44.64
C LEU H 60 5.47 8.55 -45.59
N THR H 61 5.28 9.22 -46.72
CA THR H 61 4.41 8.72 -47.79
C THR H 61 5.27 8.25 -48.94
N LYS H 62 4.65 7.97 -50.09
CA LYS H 62 5.39 7.64 -51.30
C LYS H 62 6.27 8.78 -51.80
N LYS H 63 5.91 10.03 -51.50
CA LYS H 63 6.64 11.17 -52.05
C LYS H 63 7.18 12.13 -51.01
N ILE H 64 6.75 12.04 -49.75
CA ILE H 64 7.32 12.82 -48.67
C ILE H 64 8.43 12.01 -48.02
N THR H 65 9.57 12.63 -47.79
CA THR H 65 10.71 11.96 -47.16
C THR H 65 11.16 12.80 -45.97
N LEU H 66 11.10 12.22 -44.78
CA LEU H 66 11.55 12.89 -43.58
C LEU H 66 13.02 12.57 -43.34
N LYS H 67 13.63 13.31 -42.41
CA LYS H 67 14.99 12.99 -41.98
C LYS H 67 15.04 12.16 -40.72
N THR H 68 14.01 12.21 -39.88
CA THR H 68 13.91 11.39 -38.68
C THR H 68 12.63 10.57 -38.72
N PRO H 69 12.66 9.31 -38.30
CA PRO H 69 11.52 8.41 -38.51
C PRO H 69 10.50 8.44 -37.38
N LEU H 70 10.05 9.63 -37.01
CA LEU H 70 9.09 9.71 -35.91
C LEU H 70 8.21 10.93 -36.07
N VAL H 71 6.89 10.70 -35.98
CA VAL H 71 5.86 11.71 -36.18
C VAL H 71 4.99 11.74 -34.93
N SER H 72 4.14 12.76 -34.83
CA SER H 72 3.25 12.89 -33.68
C SER H 72 1.83 12.52 -34.05
N SER H 73 1.08 12.03 -33.06
CA SER H 73 -0.23 11.42 -33.31
C SER H 73 -1.34 12.44 -33.19
N PRO H 74 -2.22 12.57 -34.19
CA PRO H 74 -3.21 13.67 -34.21
C PRO H 74 -4.30 13.55 -33.15
N MET H 75 -3.95 13.85 -31.91
CA MET H 75 -4.87 13.92 -30.80
C MET H 75 -4.97 15.35 -30.29
N ASP H 76 -6.08 15.67 -29.62
CA ASP H 76 -6.30 17.05 -29.21
C ASP H 76 -5.49 17.46 -27.99
N THR H 77 -4.70 16.55 -27.43
CA THR H 77 -3.87 16.85 -26.28
C THR H 77 -2.41 16.55 -26.56
N VAL H 78 -2.04 16.37 -27.83
CA VAL H 78 -0.66 16.09 -28.20
C VAL H 78 -0.15 17.13 -29.17
N THR H 79 -0.86 17.38 -30.27
CA THR H 79 -0.30 18.18 -31.34
C THR H 79 -1.29 19.18 -31.95
N GLU H 80 -1.24 20.40 -31.45
CA GLU H 80 -1.59 21.60 -32.21
C GLU H 80 -0.31 22.16 -32.81
N ALA H 81 -0.34 23.42 -33.29
CA ALA H 81 0.76 23.94 -34.13
C ALA H 81 2.09 24.07 -33.40
N GLY H 82 2.08 24.13 -32.06
CA GLY H 82 3.34 24.16 -31.33
C GLY H 82 4.11 22.85 -31.47
N MET H 83 3.41 21.73 -31.31
CA MET H 83 4.04 20.43 -31.55
C MET H 83 4.34 20.23 -33.04
N ALA H 84 3.58 20.87 -33.92
CA ALA H 84 3.87 20.76 -35.35
C ALA H 84 5.18 21.45 -35.71
N ILE H 85 5.39 22.67 -35.21
CA ILE H 85 6.64 23.35 -35.51
C ILE H 85 7.79 22.73 -34.73
N ALA H 86 7.50 22.11 -33.59
CA ALA H 86 8.59 21.51 -32.82
C ALA H 86 8.97 20.14 -33.34
N MET H 87 8.05 19.41 -33.95
CA MET H 87 8.38 18.14 -34.57
C MET H 87 8.90 18.31 -35.98
N ALA H 88 8.54 19.40 -36.65
CA ALA H 88 9.07 19.63 -37.98
C ALA H 88 10.53 20.03 -37.92
N LEU H 89 10.90 20.91 -36.99
CA LEU H 89 12.26 21.43 -36.93
C LEU H 89 13.28 20.39 -36.47
N THR H 90 12.87 19.35 -35.74
CA THR H 90 13.78 18.32 -35.29
C THR H 90 13.79 17.11 -36.21
N GLY H 91 13.17 17.21 -37.38
CA GLY H 91 13.26 16.15 -38.37
C GLY H 91 11.96 15.54 -38.82
N GLY H 92 11.04 15.30 -37.89
CA GLY H 92 9.81 14.60 -38.19
C GLY H 92 8.75 15.47 -38.82
N ILE H 93 7.49 15.15 -38.53
CA ILE H 93 6.36 15.93 -39.01
C ILE H 93 5.29 15.82 -37.93
N GLY H 94 4.31 16.71 -37.93
CA GLY H 94 3.23 16.63 -36.97
C GLY H 94 1.87 16.72 -37.62
N PHE H 95 0.90 15.95 -37.15
CA PHE H 95 -0.43 15.94 -37.73
C PHE H 95 -1.40 16.69 -36.82
N ILE H 96 -2.03 17.72 -37.35
CA ILE H 96 -2.94 18.55 -36.56
C ILE H 96 -4.26 17.79 -36.39
N HIS H 97 -4.77 17.77 -35.17
CA HIS H 97 -5.97 17.01 -34.86
C HIS H 97 -7.21 17.69 -35.42
N HIS H 98 -8.33 16.97 -35.39
CA HIS H 98 -9.59 17.45 -35.95
C HIS H 98 -10.69 17.55 -34.90
N ASN H 99 -10.32 17.72 -33.63
CA ASN H 99 -11.30 17.89 -32.56
C ASN H 99 -11.56 19.38 -32.33
N CYS H 100 -11.93 20.06 -33.40
CA CYS H 100 -12.13 21.51 -33.40
C CYS H 100 -12.93 21.88 -34.64
N THR H 101 -13.27 23.17 -34.75
CA THR H 101 -13.89 23.70 -35.93
C THR H 101 -12.90 23.68 -37.09
N PRO H 102 -13.37 23.61 -38.35
CA PRO H 102 -12.44 23.64 -39.49
C PRO H 102 -11.64 24.92 -39.61
N GLU H 103 -12.19 26.05 -39.16
CA GLU H 103 -11.46 27.31 -39.19
C GLU H 103 -10.30 27.30 -38.20
N PHE H 104 -10.47 26.66 -37.05
CA PHE H 104 -9.40 26.57 -36.06
C PHE H 104 -8.23 25.75 -36.59
N GLN H 105 -8.53 24.59 -37.19
CA GLN H 105 -7.49 23.73 -37.73
C GLN H 105 -6.82 24.36 -38.94
N ALA H 106 -7.61 25.06 -39.77
CA ALA H 106 -7.03 25.82 -40.87
C ALA H 106 -6.16 26.97 -40.39
N ASN H 107 -6.45 27.52 -39.21
CA ASN H 107 -5.55 28.51 -38.63
C ASN H 107 -4.27 27.85 -38.10
N GLU H 108 -4.38 26.65 -37.51
CA GLU H 108 -3.20 25.99 -36.95
C GLU H 108 -2.23 25.57 -38.05
N VAL H 109 -2.76 25.10 -39.19
CA VAL H 109 -1.87 24.68 -40.27
C VAL H 109 -1.24 25.89 -40.96
N ARG H 110 -1.92 27.04 -40.96
CA ARG H 110 -1.26 28.25 -41.42
C ARG H 110 -0.22 28.74 -40.42
N LYS H 111 -0.46 28.52 -39.12
CA LYS H 111 0.47 28.96 -38.10
C LYS H 111 1.76 28.17 -38.16
N VAL H 112 1.69 26.89 -38.50
CA VAL H 112 2.93 26.13 -38.70
C VAL H 112 3.57 26.46 -40.05
N LYS H 113 2.78 26.60 -41.12
CA LYS H 113 3.44 26.88 -42.40
C LYS H 113 3.82 28.33 -42.59
N LYS H 114 3.49 29.21 -41.66
CA LYS H 114 4.02 30.57 -41.64
C LYS H 114 4.89 30.78 -40.41
N TYR H 115 5.66 29.77 -40.05
CA TYR H 115 6.67 29.89 -39.01
C TYR H 115 8.06 30.08 -39.59
N GLU H 116 8.32 29.52 -40.76
CA GLU H 116 9.61 29.66 -41.42
C GLU H 116 9.33 29.69 -42.91
N GLN H 117 9.62 30.82 -43.55
CA GLN H 117 9.12 31.09 -44.88
C GLN H 117 10.20 31.79 -45.69
N GLY H 118 10.57 31.19 -46.83
CA GLY H 118 11.63 31.73 -47.66
C GLY H 118 11.24 32.96 -48.45
N PHE H 119 10.40 32.80 -49.48
CA PHE H 119 9.78 33.92 -50.16
C PHE H 119 8.45 34.20 -49.48
N ILE H 120 8.40 35.22 -48.63
CA ILE H 120 7.16 35.59 -47.97
C ILE H 120 6.28 36.29 -49.00
N THR H 121 5.35 35.53 -49.61
CA THR H 121 4.61 36.05 -50.75
C THR H 121 3.55 37.05 -50.33
N ASP H 122 2.85 36.78 -49.23
CA ASP H 122 1.82 37.67 -48.72
C ASP H 122 2.06 37.96 -47.24
N PRO H 123 2.93 38.92 -46.93
CA PRO H 123 3.08 39.39 -45.56
C PRO H 123 2.06 40.45 -45.22
N VAL H 124 2.13 40.92 -43.98
CA VAL H 124 1.34 42.08 -43.59
C VAL H 124 1.99 43.34 -44.14
N VAL H 125 1.16 44.23 -44.68
CA VAL H 125 1.59 45.53 -45.16
C VAL H 125 0.63 46.57 -44.62
N LEU H 126 1.13 47.78 -44.42
CA LEU H 126 0.32 48.88 -43.94
C LEU H 126 0.50 50.09 -44.85
N SER H 127 -0.34 51.09 -44.63
CA SER H 127 -0.35 52.33 -45.38
C SER H 127 0.33 53.40 -44.53
N PRO H 128 0.86 54.46 -45.15
CA PRO H 128 1.43 55.56 -44.34
C PRO H 128 0.39 56.38 -43.60
N LYS H 129 -0.88 56.21 -43.88
CA LYS H 129 -1.94 57.02 -43.27
C LYS H 129 -2.38 56.51 -41.91
N ASP H 130 -1.85 55.39 -41.44
CA ASP H 130 -2.35 54.77 -40.23
C ASP H 130 -1.75 55.43 -38.97
N ARG H 131 -2.01 54.79 -37.84
CA ARG H 131 -1.36 55.14 -36.59
C ARG H 131 -0.55 53.92 -36.15
N VAL H 132 0.29 54.11 -35.12
CA VAL H 132 1.10 53.02 -34.60
C VAL H 132 0.26 52.00 -33.82
N ARG H 133 -0.97 52.36 -33.44
CA ARG H 133 -1.87 51.41 -32.78
C ARG H 133 -2.23 50.25 -33.70
N ASP H 134 -2.25 50.48 -35.02
CA ASP H 134 -2.41 49.37 -35.96
C ASP H 134 -1.18 48.47 -35.98
N VAL H 135 0.01 49.04 -35.73
CA VAL H 135 1.22 48.23 -35.73
C VAL H 135 1.30 47.36 -34.49
N PHE H 136 1.02 47.91 -33.32
CA PHE H 136 0.94 47.08 -32.12
C PHE H 136 -0.25 46.12 -32.17
N GLU H 137 -1.31 46.48 -32.91
CA GLU H 137 -2.37 45.51 -33.21
C GLU H 137 -1.85 44.35 -34.04
N ALA H 138 -0.98 44.62 -35.01
CA ALA H 138 -0.35 43.55 -35.78
C ALA H 138 0.60 42.72 -34.93
N LYS H 139 1.30 43.35 -33.99
CA LYS H 139 2.27 42.66 -33.16
C LYS H 139 1.59 41.75 -32.14
N ALA H 140 0.51 42.24 -31.52
CA ALA H 140 -0.26 41.44 -30.57
C ALA H 140 -1.00 40.28 -31.22
N ARG H 141 -1.13 40.27 -32.53
CA ARG H 141 -1.84 39.24 -33.27
C ARG H 141 -0.92 38.26 -33.97
N HIS H 142 0.20 38.71 -34.52
CA HIS H 142 1.08 37.81 -35.26
C HIS H 142 2.38 37.52 -34.56
N GLY H 143 2.93 38.50 -33.82
CA GLY H 143 4.10 38.26 -33.01
C GLY H 143 5.40 38.79 -33.55
N PHE H 144 5.37 39.61 -34.60
CA PHE H 144 6.58 40.19 -35.16
C PHE H 144 6.32 41.64 -35.51
N CYS H 145 7.41 42.38 -35.71
CA CYS H 145 7.35 43.80 -35.99
C CYS H 145 7.84 44.19 -37.38
N GLY H 146 8.34 43.25 -38.17
CA GLY H 146 8.73 43.59 -39.52
C GLY H 146 7.53 43.74 -40.44
N ILE H 147 7.22 44.98 -40.84
CA ILE H 147 6.13 45.26 -41.77
C ILE H 147 6.66 46.17 -42.86
N PRO H 148 6.63 45.75 -44.13
CA PRO H 148 6.90 46.71 -45.21
C PRO H 148 5.70 47.63 -45.40
N ILE H 149 5.99 48.90 -45.66
CA ILE H 149 4.97 49.91 -45.83
C ILE H 149 4.74 50.14 -47.32
N THR H 150 3.48 50.04 -47.75
CA THR H 150 3.09 50.34 -49.12
C THR H 150 2.11 51.49 -49.11
N ASP H 151 2.09 52.27 -50.19
CA ASP H 151 1.32 53.50 -50.20
C ASP H 151 -0.20 53.28 -50.29
N THR H 152 -0.65 52.06 -50.59
CA THR H 152 -2.07 51.76 -50.59
C THR H 152 -2.47 50.87 -49.42
N GLY H 153 -1.72 49.79 -49.18
CA GLY H 153 -2.04 48.88 -48.09
C GLY H 153 -2.19 47.45 -48.56
N ARG H 154 -1.73 47.16 -49.77
CA ARG H 154 -1.83 45.82 -50.34
C ARG H 154 -0.47 45.48 -50.94
N MET H 155 -0.34 44.25 -51.45
CA MET H 155 0.92 43.83 -52.03
C MET H 155 1.14 44.42 -53.42
N GLY H 156 0.07 44.60 -54.18
CA GLY H 156 0.21 45.21 -55.49
C GLY H 156 0.28 46.71 -55.39
N SER H 157 1.43 47.23 -54.97
CA SER H 157 1.56 48.64 -54.64
C SER H 157 3.03 49.04 -54.74
N ARG H 158 3.32 50.28 -54.37
CA ARG H 158 4.67 50.81 -54.42
C ARG H 158 5.35 50.63 -53.07
N LEU H 159 6.60 50.18 -53.10
CA LEU H 159 7.44 50.13 -51.90
C LEU H 159 7.90 51.54 -51.55
N VAL H 160 7.63 51.97 -50.33
CA VAL H 160 7.99 53.32 -49.92
C VAL H 160 8.90 53.22 -48.69
N GLY H 161 8.89 52.08 -48.02
CA GLY H 161 9.83 51.90 -46.92
C GLY H 161 9.53 50.70 -46.07
N ILE H 162 10.21 50.64 -44.93
CA ILE H 162 10.19 49.50 -44.04
C ILE H 162 9.97 50.05 -42.63
N ILE H 163 9.54 49.20 -41.70
CA ILE H 163 9.52 49.55 -40.30
C ILE H 163 9.78 48.26 -39.51
N SER H 164 10.50 48.39 -38.40
CA SER H 164 10.96 47.22 -37.66
C SER H 164 10.71 47.45 -36.18
N SER H 165 11.29 46.58 -35.35
CA SER H 165 11.07 46.66 -33.91
C SER H 165 11.76 47.86 -33.29
N ARG H 166 13.02 48.08 -33.65
CA ARG H 166 13.73 49.16 -32.99
C ARG H 166 13.38 50.54 -33.53
N ASP H 167 12.41 50.66 -34.44
CA ASP H 167 11.80 51.95 -34.75
C ASP H 167 10.73 52.32 -33.75
N ILE H 168 10.18 51.34 -33.04
CA ILE H 168 8.92 51.50 -32.31
C ILE H 168 9.06 51.25 -30.81
N ASP H 169 10.05 50.45 -30.40
CA ASP H 169 10.15 49.89 -29.05
C ASP H 169 10.18 50.92 -27.93
N PHE H 170 10.94 51.98 -28.09
CA PHE H 170 11.10 52.97 -27.02
C PHE H 170 10.53 54.30 -27.47
N LEU H 171 9.23 54.47 -27.21
CA LEU H 171 8.54 55.74 -27.43
C LEU H 171 8.04 56.26 -26.09
N LYS H 172 7.93 57.59 -25.99
CA LYS H 172 7.68 58.26 -24.72
C LYS H 172 6.31 58.92 -24.65
N GLU H 173 5.99 59.79 -25.60
CA GLU H 173 4.66 60.40 -25.68
C GLU H 173 3.77 59.39 -26.39
N GLU H 174 2.86 58.76 -25.64
CA GLU H 174 2.07 57.68 -26.19
C GLU H 174 1.05 58.21 -27.18
N GLU H 175 1.44 58.18 -28.46
CA GLU H 175 0.57 58.28 -29.63
C GLU H 175 -0.07 59.64 -29.80
N HIS H 176 0.43 60.63 -29.06
CA HIS H 176 0.03 62.01 -29.28
C HIS H 176 0.60 62.50 -30.60
N ASP H 177 -0.26 62.58 -31.63
CA ASP H 177 0.06 63.14 -32.95
C ASP H 177 1.20 62.40 -33.65
N CYS H 178 1.04 61.09 -33.85
CA CYS H 178 2.12 60.29 -34.45
C CYS H 178 1.56 59.45 -35.59
N PHE H 179 2.09 59.68 -36.80
CA PHE H 179 1.83 58.85 -37.96
C PHE H 179 2.93 57.80 -38.07
N LEU H 180 3.05 57.21 -39.26
CA LEU H 180 4.14 56.27 -39.53
C LEU H 180 5.22 56.82 -40.43
N GLU H 181 4.94 57.91 -41.15
CA GLU H 181 5.88 58.45 -42.14
C GLU H 181 7.14 58.96 -41.46
N GLU H 182 7.01 59.62 -40.31
CA GLU H 182 8.17 60.17 -39.63
C GLU H 182 9.00 59.08 -38.96
N ILE H 183 8.38 57.93 -38.69
CA ILE H 183 9.07 56.87 -37.95
C ILE H 183 9.79 55.92 -38.91
N MET H 184 9.17 55.63 -40.05
CA MET H 184 9.68 54.61 -40.98
C MET H 184 10.98 55.04 -41.65
N THR H 185 11.75 54.05 -42.08
CA THR H 185 12.93 54.28 -42.89
C THR H 185 12.51 54.38 -44.36
N LYS H 186 12.88 55.47 -45.02
CA LYS H 186 12.37 55.73 -46.35
C LYS H 186 13.03 54.83 -47.39
N ARG H 187 12.43 54.84 -48.59
CA ARG H 187 12.85 53.99 -49.71
C ARG H 187 14.25 54.33 -50.21
N GLU H 188 14.69 55.58 -50.03
CA GLU H 188 15.92 56.06 -50.66
C GLU H 188 17.16 55.38 -50.09
N ASP H 189 17.12 55.00 -48.81
CA ASP H 189 18.26 54.35 -48.17
C ASP H 189 18.01 52.87 -47.88
N LEU H 190 16.97 52.26 -48.43
CA LEU H 190 16.81 50.82 -48.26
C LEU H 190 17.78 50.05 -49.15
N VAL H 191 17.92 48.77 -48.84
CA VAL H 191 18.60 47.82 -49.72
C VAL H 191 17.54 46.85 -50.22
N VAL H 192 17.38 46.78 -51.55
CA VAL H 192 16.39 45.91 -52.15
C VAL H 192 17.10 45.01 -53.16
N ALA H 193 16.39 43.95 -53.56
CA ALA H 193 16.89 43.01 -54.54
C ALA H 193 15.98 42.99 -55.75
N PRO H 194 16.52 42.86 -56.96
CA PRO H 194 15.67 42.80 -58.14
C PRO H 194 14.89 41.50 -58.21
N ALA H 195 13.72 41.57 -58.82
CA ALA H 195 12.86 40.41 -58.92
C ALA H 195 13.38 39.45 -59.99
N GLY H 196 12.84 38.24 -59.97
CA GLY H 196 13.21 37.20 -60.91
C GLY H 196 14.38 36.33 -60.48
N ILE H 197 15.15 36.77 -59.48
CA ILE H 197 16.26 35.95 -59.01
C ILE H 197 15.73 34.82 -58.16
N THR H 198 16.47 33.71 -58.11
CA THR H 198 16.08 32.64 -57.21
C THR H 198 16.57 32.96 -55.80
N LEU H 199 16.24 32.05 -54.86
CA LEU H 199 16.39 32.36 -53.44
C LEU H 199 17.84 32.43 -53.01
N LYS H 200 18.75 31.79 -53.77
CA LYS H 200 20.16 31.78 -53.39
C LYS H 200 20.79 33.17 -53.49
N GLU H 201 20.55 33.88 -54.59
CA GLU H 201 21.15 35.21 -54.71
C GLU H 201 20.47 36.23 -53.80
N ALA H 202 19.19 36.03 -53.50
CA ALA H 202 18.53 36.89 -52.53
C ALA H 202 19.12 36.69 -51.13
N ASN H 203 19.41 35.44 -50.77
CA ASN H 203 20.08 35.20 -49.50
C ASN H 203 21.52 35.71 -49.52
N GLU H 204 22.17 35.72 -50.69
CA GLU H 204 23.51 36.32 -50.79
C GLU H 204 23.48 37.82 -50.57
N ILE H 205 22.53 38.52 -51.20
CA ILE H 205 22.36 39.96 -50.99
C ILE H 205 21.99 40.25 -49.54
N LEU H 206 21.25 39.34 -48.90
CA LEU H 206 20.93 39.50 -47.49
C LEU H 206 22.16 39.30 -46.61
N GLN H 207 23.04 38.37 -46.97
CA GLN H 207 24.23 38.14 -46.15
C GLN H 207 25.25 39.27 -46.31
N ARG H 208 25.42 39.82 -47.50
CA ARG H 208 26.38 40.93 -47.65
C ARG H 208 25.81 42.23 -47.09
N SER H 209 24.60 42.61 -47.50
CA SER H 209 23.94 43.80 -46.97
C SER H 209 23.37 43.43 -45.61
N LYS H 210 24.13 43.74 -44.56
CA LYS H 210 23.85 43.24 -43.22
C LYS H 210 22.78 44.11 -42.57
N LYS H 211 21.55 44.02 -43.11
CA LYS H 211 20.47 44.92 -42.69
C LYS H 211 19.16 44.18 -42.41
N GLY H 212 19.21 42.88 -42.16
CA GLY H 212 18.07 42.19 -41.61
C GLY H 212 17.00 41.74 -42.59
N LYS H 213 16.14 42.64 -43.04
CA LYS H 213 15.15 42.28 -44.02
C LYS H 213 15.41 43.00 -45.34
N LEU H 214 15.05 42.34 -46.43
CA LEU H 214 15.11 43.07 -47.68
C LEU H 214 13.85 42.78 -48.50
N PRO H 215 13.15 43.81 -48.95
CA PRO H 215 12.10 43.61 -49.94
C PRO H 215 12.68 43.26 -51.30
N ILE H 216 11.83 42.70 -52.14
CA ILE H 216 12.16 42.36 -53.52
C ILE H 216 11.22 43.15 -54.42
N VAL H 217 11.78 43.93 -55.32
CA VAL H 217 10.99 44.77 -56.21
C VAL H 217 11.34 44.47 -57.66
N ASN H 218 10.35 44.64 -58.53
CA ASN H 218 10.53 44.49 -59.97
C ASN H 218 10.89 45.82 -60.60
N GLU H 219 10.79 45.91 -61.93
CA GLU H 219 11.18 47.09 -62.68
C GLU H 219 10.21 48.26 -62.53
N ASP H 220 9.09 48.07 -61.83
CA ASP H 220 8.10 49.11 -61.60
C ASP H 220 8.12 49.59 -60.15
N ASP H 221 9.08 49.12 -59.36
CA ASP H 221 9.16 49.29 -57.90
C ASP H 221 7.87 48.79 -57.23
N GLU H 222 7.41 47.61 -57.62
CA GLU H 222 6.28 46.97 -56.99
C GLU H 222 6.76 45.83 -56.08
N LEU H 223 6.17 45.72 -54.90
CA LEU H 223 6.59 44.77 -53.90
C LEU H 223 6.01 43.38 -54.18
N VAL H 224 6.89 42.37 -54.18
CA VAL H 224 6.45 41.01 -54.46
C VAL H 224 6.77 40.07 -53.30
N ALA H 225 7.95 40.22 -52.68
CA ALA H 225 8.37 39.24 -51.68
C ALA H 225 9.40 39.88 -50.77
N ILE H 226 9.50 39.34 -49.55
CA ILE H 226 10.43 39.80 -48.53
C ILE H 226 11.17 38.59 -47.97
N ILE H 227 12.47 38.77 -47.70
CA ILE H 227 13.32 37.77 -47.09
C ILE H 227 13.58 38.22 -45.67
N ALA H 228 13.33 37.35 -44.70
CA ALA H 228 13.72 37.66 -43.33
C ALA H 228 15.10 37.11 -43.04
N ARG H 229 15.68 37.54 -41.92
CA ARG H 229 16.99 37.03 -41.55
C ARG H 229 16.93 35.93 -40.50
N THR H 230 15.92 35.96 -39.63
CA THR H 230 15.72 34.90 -38.64
C THR H 230 15.41 33.56 -39.30
N ASP H 231 14.85 33.58 -40.52
CA ASP H 231 14.81 32.42 -41.40
C ASP H 231 16.18 31.77 -41.57
N LEU H 232 17.20 32.56 -41.88
CA LEU H 232 18.52 31.98 -42.15
C LEU H 232 19.18 31.48 -40.88
N LYS H 233 18.83 32.04 -39.73
CA LYS H 233 19.41 31.55 -38.48
C LYS H 233 18.67 30.32 -37.98
N LYS H 234 17.38 30.20 -38.30
CA LYS H 234 16.64 28.97 -38.02
C LYS H 234 17.01 27.85 -38.98
N ASN H 235 17.47 28.17 -40.17
CA ASN H 235 18.03 27.15 -41.05
C ASN H 235 19.34 26.59 -40.52
N ARG H 236 20.18 27.45 -39.93
CA ARG H 236 21.46 27.00 -39.42
C ARG H 236 21.30 26.25 -38.09
N ASP H 237 20.37 26.69 -37.26
CA ASP H 237 20.20 26.05 -35.95
C ASP H 237 19.50 24.71 -36.03
N TYR H 238 18.84 24.39 -37.14
CA TYR H 238 18.14 23.12 -37.32
C TYR H 238 18.48 22.59 -38.70
N PRO H 239 19.56 21.83 -38.83
CA PRO H 239 20.02 21.39 -40.16
C PRO H 239 19.09 20.41 -40.85
N LEU H 240 18.66 19.38 -40.12
CA LEU H 240 17.61 18.47 -40.59
C LEU H 240 16.28 19.05 -40.13
N ALA H 241 15.45 19.49 -41.08
CA ALA H 241 14.24 20.21 -40.73
C ALA H 241 13.01 19.86 -41.56
N SER H 242 13.14 18.94 -42.54
CA SER H 242 12.04 18.37 -43.32
C SER H 242 11.12 19.41 -43.95
N LYS H 243 11.64 20.24 -44.85
CA LYS H 243 10.89 21.36 -45.38
C LYS H 243 10.44 21.13 -46.81
N ASP H 244 9.53 21.99 -47.26
CA ASP H 244 8.88 21.92 -48.56
C ASP H 244 9.80 22.49 -49.63
N ALA H 245 9.39 22.40 -50.90
CA ALA H 245 10.17 22.97 -52.00
C ALA H 245 10.19 24.49 -51.99
N LYS H 246 9.25 25.14 -51.30
CA LYS H 246 9.29 26.58 -51.08
C LYS H 246 10.01 26.94 -49.79
N LYS H 247 10.80 26.02 -49.24
CA LYS H 247 11.62 26.20 -48.03
C LYS H 247 10.78 26.58 -46.82
N GLN H 248 9.64 25.94 -46.66
CA GLN H 248 8.79 26.12 -45.50
C GLN H 248 8.48 24.75 -44.90
N LEU H 249 8.08 24.75 -43.62
CA LEU H 249 7.95 23.52 -42.87
C LEU H 249 6.80 22.66 -43.38
N LEU H 250 7.04 21.36 -43.47
CA LEU H 250 5.98 20.41 -43.79
C LEU H 250 5.02 20.29 -42.63
N CYS H 251 3.75 20.07 -42.96
CA CYS H 251 2.74 19.84 -41.95
C CYS H 251 1.68 18.90 -42.48
N GLY H 252 1.12 18.11 -41.58
CA GLY H 252 -0.01 17.26 -41.89
C GLY H 252 -1.17 17.56 -40.98
N ALA H 253 -2.33 17.03 -41.34
CA ALA H 253 -3.52 17.29 -40.55
C ALA H 253 -4.54 16.20 -40.81
N ALA H 254 -5.18 15.74 -39.75
CA ALA H 254 -6.11 14.64 -39.84
C ALA H 254 -7.51 15.17 -40.14
N ILE H 255 -8.23 14.48 -41.01
CA ILE H 255 -9.63 14.78 -41.29
C ILE H 255 -10.44 13.53 -41.00
N GLY H 256 -11.76 13.68 -41.01
CA GLY H 256 -12.67 12.60 -40.75
C GLY H 256 -13.02 11.84 -42.00
N THR H 257 -14.18 11.18 -41.95
CA THR H 257 -14.62 10.35 -43.06
C THR H 257 -16.04 10.70 -43.49
N HIS H 258 -16.76 11.47 -42.68
CA HIS H 258 -18.12 11.90 -42.98
C HIS H 258 -18.11 12.91 -44.13
N GLU H 259 -19.29 13.10 -44.74
CA GLU H 259 -19.49 14.03 -45.86
C GLU H 259 -19.24 15.48 -45.50
N ASP H 260 -19.32 15.85 -44.22
CA ASP H 260 -19.12 17.24 -43.81
C ASP H 260 -17.65 17.64 -43.87
N ASP H 261 -16.74 16.66 -43.85
CA ASP H 261 -15.32 16.95 -43.73
C ASP H 261 -14.66 17.20 -45.08
N LYS H 262 -15.45 17.15 -46.17
CA LYS H 262 -14.97 17.60 -47.47
C LYS H 262 -14.90 19.13 -47.56
N TYR H 263 -15.47 19.84 -46.59
CA TYR H 263 -15.24 21.27 -46.47
C TYR H 263 -13.97 21.56 -45.68
N ARG H 264 -13.74 20.78 -44.62
CA ARG H 264 -12.49 20.86 -43.86
C ARG H 264 -11.30 20.50 -44.73
N LEU H 265 -11.48 19.51 -45.62
CA LEU H 265 -10.42 19.13 -46.55
C LEU H 265 -10.07 20.27 -47.50
N ASP H 266 -11.08 20.96 -48.01
CA ASP H 266 -10.82 22.06 -48.94
C ASP H 266 -10.20 23.26 -48.24
N LEU H 267 -10.61 23.54 -47.00
CA LEU H 267 -9.96 24.60 -46.23
C LEU H 267 -8.50 24.27 -45.92
N LEU H 268 -8.22 23.01 -45.58
CA LEU H 268 -6.85 22.61 -45.27
C LEU H 268 -5.98 22.57 -46.53
N ALA H 269 -6.55 22.18 -47.67
CA ALA H 269 -5.79 22.19 -48.91
C ALA H 269 -5.55 23.60 -49.42
N GLN H 270 -6.48 24.53 -49.14
CA GLN H 270 -6.23 25.92 -49.47
C GLN H 270 -5.19 26.53 -48.54
N ALA H 271 -5.20 26.12 -47.27
CA ALA H 271 -4.21 26.63 -46.32
C ALA H 271 -2.83 26.05 -46.56
N GLY H 272 -2.73 24.90 -47.22
CA GLY H 272 -1.46 24.44 -47.74
C GLY H 272 -0.93 23.13 -47.18
N VAL H 273 -1.80 22.27 -46.65
CA VAL H 273 -1.34 21.02 -46.04
C VAL H 273 -0.84 20.08 -47.13
N ASP H 274 0.15 19.26 -46.79
CA ASP H 274 0.82 18.41 -47.77
C ASP H 274 0.50 16.93 -47.58
N VAL H 275 -0.09 16.55 -46.46
CA VAL H 275 -0.49 15.16 -46.23
C VAL H 275 -1.67 15.16 -45.27
N VAL H 276 -2.64 14.27 -45.49
CA VAL H 276 -3.80 14.14 -44.62
C VAL H 276 -3.89 12.73 -44.08
N VAL H 277 -4.45 12.60 -42.88
CA VAL H 277 -4.62 11.31 -42.21
C VAL H 277 -6.11 11.07 -42.05
N LEU H 278 -6.62 10.05 -42.71
CA LEU H 278 -8.02 9.68 -42.56
C LEU H 278 -8.17 8.95 -41.25
N ASP H 279 -8.53 9.68 -40.20
CA ASP H 279 -8.51 9.14 -38.85
C ASP H 279 -9.74 8.28 -38.62
N SER H 280 -9.53 6.99 -38.38
CA SER H 280 -10.60 6.07 -38.07
C SER H 280 -10.01 4.92 -37.25
N SER H 281 -10.88 4.26 -36.49
CA SER H 281 -10.45 3.10 -35.72
C SER H 281 -10.23 1.89 -36.62
N GLN H 282 -11.04 1.74 -37.66
CA GLN H 282 -10.83 0.73 -38.68
C GLN H 282 -10.98 1.38 -40.04
N GLY H 283 -9.98 1.22 -40.89
CA GLY H 283 -9.95 1.95 -42.14
C GLY H 283 -10.45 1.20 -43.36
N ASN H 284 -11.13 0.08 -43.18
CA ASN H 284 -11.64 -0.68 -44.31
C ASN H 284 -13.07 -0.28 -44.66
N SER H 285 -13.47 0.94 -44.34
CA SER H 285 -14.82 1.36 -44.63
C SER H 285 -14.98 1.61 -46.13
N ILE H 286 -16.22 1.48 -46.60
CA ILE H 286 -16.56 2.00 -47.92
C ILE H 286 -16.50 3.52 -47.91
N PHE H 287 -16.66 4.12 -46.73
CA PHE H 287 -16.61 5.57 -46.59
C PHE H 287 -15.19 6.08 -46.83
N GLN H 288 -14.21 5.38 -46.28
CA GLN H 288 -12.83 5.81 -46.40
C GLN H 288 -12.27 5.48 -47.78
N ILE H 289 -12.71 4.38 -48.37
CA ILE H 289 -12.31 4.08 -49.75
C ILE H 289 -12.93 5.09 -50.71
N ASN H 290 -14.15 5.54 -50.42
CA ASN H 290 -14.76 6.59 -51.23
C ASN H 290 -14.04 7.93 -51.07
N MET H 291 -13.56 8.25 -49.87
CA MET H 291 -12.80 9.49 -49.77
C MET H 291 -11.40 9.39 -50.36
N ILE H 292 -10.78 8.21 -50.37
CA ILE H 292 -9.50 8.07 -51.06
C ILE H 292 -9.70 8.21 -52.56
N LYS H 293 -10.79 7.67 -53.11
CA LYS H 293 -11.09 7.93 -54.51
C LYS H 293 -11.52 9.37 -54.75
N TYR H 294 -12.02 10.06 -53.73
CA TYR H 294 -12.41 11.45 -53.91
C TYR H 294 -11.22 12.40 -53.90
N ILE H 295 -10.23 12.15 -53.05
CA ILE H 295 -9.12 13.09 -52.93
C ILE H 295 -8.21 13.03 -54.15
N LYS H 296 -7.87 11.83 -54.60
CA LYS H 296 -6.85 11.70 -55.62
C LYS H 296 -7.37 11.80 -57.04
N ASP H 297 -8.55 12.39 -57.26
CA ASP H 297 -8.88 12.88 -58.59
C ASP H 297 -9.26 14.36 -58.57
N LYS H 298 -9.20 15.01 -57.41
CA LYS H 298 -9.32 16.45 -57.32
C LYS H 298 -8.07 17.12 -56.77
N TYR H 299 -7.34 16.46 -55.88
CA TYR H 299 -6.13 17.01 -55.27
C TYR H 299 -4.99 16.07 -55.63
N PRO H 300 -4.49 16.14 -56.87
CA PRO H 300 -3.53 15.11 -57.34
C PRO H 300 -2.14 15.26 -56.76
N ASN H 301 -1.82 16.39 -56.14
CA ASN H 301 -0.53 16.58 -55.49
C ASN H 301 -0.68 16.60 -53.97
N LEU H 302 -1.57 15.78 -53.43
CA LEU H 302 -1.82 15.72 -52.00
C LEU H 302 -1.71 14.28 -51.54
N GLN H 303 -0.87 14.05 -50.53
CA GLN H 303 -0.65 12.71 -50.01
C GLN H 303 -1.73 12.35 -48.99
N VAL H 304 -2.11 11.08 -48.95
CA VAL H 304 -3.15 10.62 -48.04
C VAL H 304 -2.59 9.49 -47.18
N ILE H 305 -3.11 9.37 -45.97
CA ILE H 305 -2.77 8.30 -45.05
C ILE H 305 -4.07 7.55 -44.73
N GLY H 306 -4.08 6.25 -44.99
CA GLY H 306 -5.26 5.45 -44.71
C GLY H 306 -5.03 4.60 -43.48
N GLY H 307 -5.98 4.66 -42.55
CA GLY H 307 -5.86 3.87 -41.34
C GLY H 307 -7.16 3.85 -40.58
N ASN H 308 -7.24 3.02 -39.54
CA ASN H 308 -6.16 2.13 -39.13
C ASN H 308 -6.29 0.74 -39.72
N VAL H 309 -5.16 0.08 -39.89
CA VAL H 309 -5.05 -1.20 -40.57
C VAL H 309 -4.22 -2.13 -39.72
N VAL H 310 -4.73 -3.33 -39.45
CA VAL H 310 -3.93 -4.32 -38.72
C VAL H 310 -3.69 -5.59 -39.53
N THR H 311 -4.69 -6.06 -40.27
CA THR H 311 -4.49 -7.25 -41.06
C THR H 311 -3.95 -6.87 -42.44
N ALA H 312 -3.55 -7.88 -43.21
CA ALA H 312 -3.18 -7.66 -44.60
C ALA H 312 -4.39 -7.70 -45.52
N ALA H 313 -5.58 -7.99 -44.99
CA ALA H 313 -6.77 -8.00 -45.81
C ALA H 313 -7.23 -6.60 -46.16
N GLN H 314 -7.27 -5.70 -45.18
CA GLN H 314 -7.69 -4.33 -45.50
C GLN H 314 -6.54 -3.51 -46.05
N ALA H 315 -5.31 -4.01 -45.93
CA ALA H 315 -4.17 -3.38 -46.57
C ALA H 315 -4.35 -3.29 -48.08
N LYS H 316 -4.84 -4.36 -48.71
CA LYS H 316 -5.03 -4.30 -50.16
C LYS H 316 -6.21 -3.42 -50.53
N ASN H 317 -7.29 -3.41 -49.73
CA ASN H 317 -8.43 -2.57 -50.03
C ASN H 317 -8.15 -1.09 -49.83
N LEU H 318 -7.10 -0.75 -49.08
CA LEU H 318 -6.72 0.66 -49.10
C LEU H 318 -5.64 0.96 -50.14
N ILE H 319 -4.73 0.03 -50.41
CA ILE H 319 -3.65 0.31 -51.35
C ILE H 319 -4.17 0.38 -52.78
N ASP H 320 -5.00 -0.58 -53.21
CA ASP H 320 -5.44 -0.55 -54.60
C ASP H 320 -6.52 0.51 -54.81
N ALA H 321 -7.08 1.04 -53.73
CA ALA H 321 -7.90 2.23 -53.81
C ALA H 321 -7.07 3.47 -54.08
N GLY H 322 -5.77 3.40 -53.81
CA GLY H 322 -4.85 4.44 -54.21
C GLY H 322 -4.11 5.15 -53.10
N VAL H 323 -4.13 4.62 -51.88
CA VAL H 323 -3.59 5.35 -50.73
C VAL H 323 -2.06 5.39 -50.82
N ASP H 324 -1.46 6.34 -50.11
CA ASP H 324 -0.04 6.59 -50.22
C ASP H 324 0.80 6.02 -49.09
N ALA H 325 0.24 5.90 -47.89
CA ALA H 325 0.89 5.24 -46.77
C ALA H 325 -0.15 4.80 -45.77
N LEU H 326 0.11 3.72 -45.06
CA LEU H 326 -0.83 3.16 -44.11
C LEU H 326 -0.48 3.56 -42.68
N ARG H 327 -1.51 3.65 -41.85
CA ARG H 327 -1.39 3.99 -40.43
C ARG H 327 -1.80 2.73 -39.68
N VAL H 328 -0.88 2.13 -38.95
CA VAL H 328 -1.01 0.74 -38.55
C VAL H 328 -1.16 0.60 -37.05
N GLY H 329 -2.22 -0.10 -36.63
CA GLY H 329 -2.39 -0.44 -35.24
C GLY H 329 -3.70 0.06 -34.64
N MET H 330 -4.60 -0.87 -34.34
CA MET H 330 -5.80 -0.57 -33.59
C MET H 330 -5.81 -1.43 -32.34
N GLY H 331 -6.48 -0.96 -31.30
CA GLY H 331 -6.59 -1.70 -30.07
C GLY H 331 -5.43 -1.53 -29.10
N SER H 332 -4.20 -1.48 -29.58
CA SER H 332 -3.03 -1.42 -28.69
C SER H 332 -2.55 0.00 -28.50
N GLY H 333 -3.42 0.89 -28.07
CA GLY H 333 -3.01 2.23 -27.73
C GLY H 333 -2.78 2.36 -26.23
N SER H 334 -2.14 3.43 -25.80
CA SER H 334 -1.97 3.64 -24.36
C SER H 334 -3.26 4.06 -23.70
N ILE H 335 -4.20 4.63 -24.46
CA ILE H 335 -5.48 5.10 -23.96
C ILE H 335 -6.66 4.32 -24.51
N CYS H 336 -6.44 3.43 -25.48
CA CYS H 336 -7.55 2.80 -26.18
C CYS H 336 -8.01 1.54 -25.47
N ILE H 337 -9.32 1.42 -25.30
CA ILE H 337 -9.98 0.25 -24.74
C ILE H 337 -10.82 -0.41 -25.81
N THR H 338 -10.37 -0.28 -27.07
CA THR H 338 -11.12 -0.80 -28.21
C THR H 338 -11.21 -2.32 -28.18
N GLN H 339 -10.14 -3.00 -27.76
CA GLN H 339 -10.19 -4.45 -27.65
C GLN H 339 -11.01 -4.90 -26.44
N GLU H 340 -11.25 -4.03 -25.47
CA GLU H 340 -11.94 -4.39 -24.25
C GLU H 340 -13.39 -3.94 -24.24
N VAL H 341 -13.84 -3.31 -25.33
CA VAL H 341 -15.24 -2.93 -25.48
C VAL H 341 -15.74 -3.56 -26.77
N LEU H 342 -14.97 -3.42 -27.85
CA LEU H 342 -15.39 -3.88 -29.17
C LEU H 342 -14.73 -5.18 -29.59
N ALA H 343 -13.74 -5.67 -28.83
CA ALA H 343 -13.13 -7.00 -28.99
C ALA H 343 -12.49 -7.19 -30.37
N CYS H 344 -11.86 -6.14 -30.88
CA CYS H 344 -11.21 -6.22 -32.19
C CYS H 344 -9.81 -5.64 -32.09
N GLY H 345 -9.01 -5.96 -33.10
CA GLY H 345 -7.62 -5.58 -33.16
C GLY H 345 -6.73 -6.80 -33.29
N ARG H 346 -5.44 -6.59 -33.08
CA ARG H 346 -4.45 -7.66 -32.94
C ARG H 346 -3.26 -7.07 -32.20
N PRO H 347 -2.38 -7.91 -31.64
CA PRO H 347 -1.17 -7.36 -31.01
C PRO H 347 -0.30 -6.61 -32.01
N GLN H 348 0.44 -5.64 -31.50
CA GLN H 348 0.96 -4.56 -32.35
C GLN H 348 2.08 -5.04 -33.25
N ALA H 349 3.02 -5.82 -32.70
CA ALA H 349 4.22 -6.18 -33.46
C ALA H 349 3.92 -7.16 -34.57
N THR H 350 2.91 -8.01 -34.41
CA THR H 350 2.53 -8.88 -35.52
C THR H 350 1.83 -8.08 -36.61
N ALA H 351 1.04 -7.07 -36.21
CA ALA H 351 0.37 -6.19 -37.16
C ALA H 351 1.37 -5.43 -38.01
N VAL H 352 2.36 -4.80 -37.35
CA VAL H 352 3.36 -3.98 -38.04
C VAL H 352 4.20 -4.84 -38.97
N TYR H 353 4.47 -6.09 -38.60
CA TYR H 353 5.20 -6.96 -39.53
C TYR H 353 4.35 -7.36 -40.73
N LYS H 354 3.12 -7.81 -40.50
CA LYS H 354 2.36 -8.42 -41.59
C LYS H 354 1.85 -7.39 -42.59
N VAL H 355 1.40 -6.23 -42.12
CA VAL H 355 0.93 -5.25 -43.10
C VAL H 355 2.10 -4.59 -43.81
N SER H 356 3.28 -4.52 -43.19
CA SER H 356 4.42 -3.95 -43.91
C SER H 356 4.99 -4.96 -44.89
N GLU H 357 4.91 -6.25 -44.57
CA GLU H 357 5.30 -7.28 -45.52
C GLU H 357 4.34 -7.31 -46.71
N TYR H 358 3.07 -6.96 -46.48
CA TYR H 358 2.20 -6.81 -47.65
C TYR H 358 2.47 -5.52 -48.41
N ALA H 359 2.66 -4.40 -47.71
CA ALA H 359 2.74 -3.10 -48.37
C ALA H 359 4.12 -2.84 -48.96
N ARG H 360 5.10 -3.68 -48.66
CA ARG H 360 6.38 -3.62 -49.34
C ARG H 360 6.24 -4.03 -50.80
N ARG H 361 5.24 -4.86 -51.11
CA ARG H 361 5.04 -5.34 -52.47
C ARG H 361 4.60 -4.22 -53.40
N PHE H 362 3.95 -3.20 -52.88
CA PHE H 362 3.41 -2.11 -53.68
C PHE H 362 4.15 -0.80 -53.46
N GLY H 363 5.25 -0.81 -52.73
CA GLY H 363 6.02 0.39 -52.49
C GLY H 363 5.33 1.39 -51.60
N VAL H 364 4.65 0.93 -50.56
CA VAL H 364 3.85 1.78 -49.69
C VAL H 364 4.42 1.71 -48.28
N PRO H 365 4.91 2.81 -47.71
CA PRO H 365 5.37 2.77 -46.32
C PRO H 365 4.20 2.65 -45.36
N VAL H 366 4.50 2.18 -44.16
CA VAL H 366 3.48 2.08 -43.11
C VAL H 366 3.95 2.88 -41.91
N ILE H 367 2.98 3.28 -41.09
CA ILE H 367 3.21 4.15 -39.94
C ILE H 367 2.69 3.41 -38.72
N ALA H 368 3.59 2.94 -37.87
CA ALA H 368 3.18 2.23 -36.66
C ALA H 368 2.80 3.21 -35.58
N ASP H 369 1.63 3.04 -34.96
CA ASP H 369 1.30 3.81 -33.78
C ASP H 369 0.77 2.92 -32.68
N GLY H 370 0.79 3.43 -31.46
CA GLY H 370 0.25 2.70 -30.34
C GLY H 370 1.25 1.75 -29.73
N GLY H 371 1.30 1.69 -28.41
CA GLY H 371 2.22 0.80 -27.73
C GLY H 371 3.63 1.30 -27.64
N ILE H 372 3.92 2.49 -28.16
CA ILE H 372 5.26 3.04 -28.09
C ILE H 372 5.46 3.66 -26.72
N GLN H 373 6.38 3.10 -25.94
CA GLN H 373 6.59 3.51 -24.57
C GLN H 373 7.99 4.01 -24.30
N ASN H 374 8.98 3.61 -25.08
CA ASN H 374 10.36 3.98 -24.84
C ASN H 374 11.12 3.93 -26.16
N VAL H 375 12.45 3.99 -26.09
CA VAL H 375 13.26 4.02 -27.29
C VAL H 375 13.33 2.65 -27.96
N GLY H 376 13.27 1.58 -27.17
CA GLY H 376 13.40 0.24 -27.73
C GLY H 376 12.24 -0.18 -28.59
N HIS H 377 11.02 0.28 -28.25
CA HIS H 377 9.85 -0.02 -29.07
C HIS H 377 9.92 0.66 -30.43
N ILE H 378 10.52 1.85 -30.49
CA ILE H 378 10.67 2.54 -31.77
C ILE H 378 11.63 1.77 -32.67
N ALA H 379 12.72 1.26 -32.10
CA ALA H 379 13.69 0.51 -32.88
C ALA H 379 13.13 -0.84 -33.32
N LYS H 380 12.33 -1.47 -32.46
CA LYS H 380 11.67 -2.72 -32.87
C LYS H 380 10.65 -2.48 -33.98
N ALA H 381 9.89 -1.39 -33.89
CA ALA H 381 8.92 -1.07 -34.93
C ALA H 381 9.59 -0.76 -36.25
N LEU H 382 10.72 -0.04 -36.21
CA LEU H 382 11.45 0.25 -37.43
C LEU H 382 12.17 -0.97 -37.98
N ALA H 383 12.48 -1.94 -37.14
CA ALA H 383 13.11 -3.16 -37.63
C ALA H 383 12.10 -4.19 -38.12
N LEU H 384 10.82 -4.05 -37.76
CA LEU H 384 9.84 -4.99 -38.27
C LEU H 384 9.22 -4.58 -39.60
N GLY H 385 9.51 -3.39 -40.09
CA GLY H 385 9.04 -3.03 -41.41
C GLY H 385 8.37 -1.68 -41.48
N ALA H 386 8.16 -1.04 -40.35
CA ALA H 386 7.57 0.29 -40.37
C ALA H 386 8.60 1.30 -40.83
N SER H 387 8.12 2.37 -41.45
CA SER H 387 8.98 3.43 -41.94
C SER H 387 9.07 4.60 -40.98
N THR H 388 7.94 5.05 -40.44
CA THR H 388 7.93 6.05 -39.39
C THR H 388 7.14 5.51 -38.23
N VAL H 389 7.41 6.05 -37.04
CA VAL H 389 6.78 5.58 -35.81
C VAL H 389 5.97 6.74 -35.23
N MET H 390 4.67 6.57 -35.16
CA MET H 390 3.77 7.61 -34.67
C MET H 390 3.58 7.48 -33.17
N MET H 391 3.97 8.51 -32.43
CA MET H 391 4.00 8.46 -30.98
C MET H 391 2.86 9.28 -30.37
N GLY H 392 2.32 8.75 -29.29
CA GLY H 392 1.20 9.37 -28.58
C GLY H 392 1.62 9.88 -27.23
N SER H 393 1.42 9.06 -26.19
CA SER H 393 1.72 9.44 -24.82
C SER H 393 3.20 9.69 -24.57
N LEU H 394 4.09 9.16 -25.41
CA LEU H 394 5.50 9.44 -25.22
C LEU H 394 5.84 10.87 -25.62
N LEU H 395 5.14 11.43 -26.60
CA LEU H 395 5.28 12.83 -26.96
C LEU H 395 4.27 13.72 -26.27
N ALA H 396 3.41 13.17 -25.43
CA ALA H 396 2.44 13.99 -24.72
C ALA H 396 3.08 14.59 -23.49
N ALA H 397 2.49 15.69 -23.04
CA ALA H 397 2.85 16.38 -21.80
C ALA H 397 4.30 16.83 -21.79
N THR H 398 4.80 17.28 -22.94
CA THR H 398 6.20 17.65 -22.93
C THR H 398 6.38 19.15 -22.69
N THR H 399 6.18 19.98 -23.71
CA THR H 399 5.95 21.41 -23.50
C THR H 399 4.94 21.89 -24.52
N GLU H 400 4.96 21.29 -25.70
CA GLU H 400 4.12 21.71 -26.82
C GLU H 400 2.84 20.89 -26.90
N ALA H 401 2.18 20.77 -25.77
CA ALA H 401 0.85 20.19 -25.72
C ALA H 401 -0.09 21.33 -25.35
N PRO H 402 -1.39 21.25 -25.68
CA PRO H 402 -2.28 22.37 -25.38
C PRO H 402 -2.46 22.70 -23.91
N GLY H 403 -2.78 21.69 -23.09
CA GLY H 403 -3.14 21.96 -21.70
C GLY H 403 -1.93 22.35 -20.86
N GLU H 404 -2.21 22.95 -19.71
CA GLU H 404 -1.15 23.36 -18.80
C GLU H 404 -1.11 22.33 -17.67
N TYR H 405 -0.20 22.49 -16.72
CA TYR H 405 0.15 21.45 -15.77
C TYR H 405 -0.70 21.57 -14.51
N PHE H 406 -0.70 20.49 -13.73
CA PHE H 406 -1.46 20.41 -12.48
C PHE H 406 -0.87 19.29 -11.64
N PHE H 407 -0.99 19.45 -10.32
CA PHE H 407 -0.32 18.57 -9.36
C PHE H 407 -1.34 17.60 -8.77
N SER H 408 -1.35 16.37 -9.28
CA SER H 408 -2.15 15.29 -8.72
C SER H 408 -1.23 14.36 -7.96
N ASP H 409 -1.54 14.12 -6.69
CA ASP H 409 -0.71 13.35 -5.74
C ASP H 409 0.68 13.95 -5.62
N GLY H 410 0.75 15.28 -5.64
CA GLY H 410 2.02 15.98 -5.56
C GLY H 410 2.92 15.79 -6.76
N ILE H 411 2.36 15.45 -7.92
CA ILE H 411 3.13 15.17 -9.13
C ILE H 411 2.74 16.15 -10.23
N ARG H 412 3.72 16.83 -10.80
CA ARG H 412 3.51 17.75 -11.91
C ARG H 412 3.27 16.93 -13.17
N LEU H 413 2.05 16.98 -13.68
CA LEU H 413 1.65 16.23 -14.86
C LEU H 413 0.59 17.01 -15.62
N LYS H 414 0.20 16.50 -16.78
CA LYS H 414 -0.63 17.22 -17.73
C LYS H 414 -1.70 16.27 -18.22
N LYS H 415 -2.81 16.83 -18.70
CA LYS H 415 -3.92 16.03 -19.19
C LYS H 415 -3.54 15.30 -20.47
N TYR H 416 -4.15 14.14 -20.68
CA TYR H 416 -3.92 13.35 -21.88
C TYR H 416 -5.14 12.45 -22.07
N ARG H 417 -5.95 12.76 -23.07
CA ARG H 417 -7.19 12.06 -23.32
C ARG H 417 -7.21 11.50 -24.73
N GLY H 418 -7.96 10.42 -24.89
CA GLY H 418 -8.11 9.82 -26.18
C GLY H 418 -9.19 10.49 -27.00
N MET H 419 -9.14 10.25 -28.31
CA MET H 419 -10.09 10.90 -29.20
C MET H 419 -11.48 10.32 -29.11
N GLY H 420 -11.65 9.15 -28.52
CA GLY H 420 -12.93 8.53 -28.35
C GLY H 420 -13.45 8.49 -26.94
N SER H 421 -12.80 9.16 -26.00
CA SER H 421 -13.32 9.23 -24.65
C SER H 421 -14.50 10.19 -24.60
N LEU H 422 -15.33 10.06 -23.57
CA LEU H 422 -16.53 10.88 -23.52
C LEU H 422 -16.29 12.29 -23.01
N ASP H 423 -15.05 12.64 -22.66
CA ASP H 423 -14.73 14.01 -22.30
C ASP H 423 -14.29 14.84 -23.50
N ALA H 424 -13.72 14.19 -24.52
CA ALA H 424 -13.27 14.86 -25.73
C ALA H 424 -14.44 15.07 -26.69
N MET H 425 -15.11 13.99 -27.08
CA MET H 425 -16.24 14.10 -28.00
C MET H 425 -17.53 14.33 -27.23
N ILE H 442 -26.95 7.03 -27.82
CA ILE H 442 -26.02 6.25 -27.03
C ILE H 442 -24.66 6.21 -27.71
N LYS H 443 -23.67 6.82 -27.06
CA LYS H 443 -22.33 7.02 -27.63
C LYS H 443 -21.35 6.13 -26.87
N VAL H 444 -20.66 5.25 -27.59
CA VAL H 444 -19.78 4.26 -26.98
C VAL H 444 -18.37 4.81 -26.86
N ALA H 445 -17.75 4.62 -25.69
CA ALA H 445 -16.40 5.11 -25.44
C ALA H 445 -15.37 4.22 -26.15
N GLN H 446 -14.53 4.84 -26.96
CA GLN H 446 -13.44 4.16 -27.64
C GLN H 446 -12.13 4.29 -26.89
N GLY H 447 -12.09 5.05 -25.82
CA GLY H 447 -10.85 5.25 -25.09
C GLY H 447 -11.13 5.88 -23.74
N VAL H 448 -10.06 6.13 -23.00
CA VAL H 448 -10.14 6.71 -21.68
C VAL H 448 -9.44 8.06 -21.70
N SER H 449 -9.61 8.81 -20.61
CA SER H 449 -9.00 10.12 -20.44
C SER H 449 -8.21 10.12 -19.13
N GLY H 450 -7.00 10.64 -19.18
CA GLY H 450 -6.15 10.57 -18.01
C GLY H 450 -5.04 11.59 -17.97
N ALA H 451 -3.86 11.16 -17.51
CA ALA H 451 -2.76 12.10 -17.29
C ALA H 451 -1.44 11.36 -17.39
N VAL H 452 -0.38 12.12 -17.66
CA VAL H 452 0.97 11.60 -17.84
C VAL H 452 1.95 12.70 -17.46
N GLN H 453 3.11 12.31 -16.92
CA GLN H 453 4.04 13.23 -16.29
C GLN H 453 4.73 14.15 -17.29
N ASP H 454 5.43 15.14 -16.75
CA ASP H 454 6.16 16.13 -17.55
C ASP H 454 7.38 15.47 -18.19
N LYS H 455 7.78 16.01 -19.35
CA LYS H 455 8.96 15.51 -20.05
C LYS H 455 9.88 16.59 -20.61
N GLY H 456 9.65 17.87 -20.35
CA GLY H 456 10.54 18.90 -20.84
C GLY H 456 10.33 19.19 -22.31
N SER H 457 11.15 20.10 -22.85
CA SER H 457 10.99 20.48 -24.25
C SER H 457 11.45 19.36 -25.17
N ILE H 458 10.81 19.26 -26.34
CA ILE H 458 11.19 18.19 -27.25
C ILE H 458 12.33 18.58 -28.18
N HIS H 459 12.86 19.80 -28.05
CA HIS H 459 14.10 20.08 -28.74
C HIS H 459 15.29 19.42 -28.08
N LYS H 460 15.14 18.97 -26.83
CA LYS H 460 16.13 18.12 -26.19
C LYS H 460 15.65 16.71 -25.95
N PHE H 461 14.39 16.38 -26.28
CA PHE H 461 13.86 15.04 -26.10
C PHE H 461 13.87 14.23 -27.39
N VAL H 462 13.58 14.85 -28.51
CA VAL H 462 13.65 14.19 -29.82
C VAL H 462 15.10 13.85 -30.21
N PRO H 463 16.17 14.71 -30.00
CA PRO H 463 17.52 14.24 -30.29
C PRO H 463 17.99 13.08 -29.41
N TYR H 464 17.44 12.95 -28.20
CA TYR H 464 17.71 11.76 -27.42
C TYR H 464 17.13 10.52 -28.07
N LEU H 465 15.91 10.61 -28.59
CA LEU H 465 15.31 9.48 -29.31
C LEU H 465 16.12 9.16 -30.56
N ILE H 466 16.65 10.17 -31.23
CA ILE H 466 17.49 9.95 -32.40
C ILE H 466 18.78 9.22 -32.04
N ALA H 467 19.44 9.65 -30.96
CA ALA H 467 20.66 8.98 -30.53
C ALA H 467 20.40 7.56 -30.05
N GLY H 468 19.25 7.31 -29.42
CA GLY H 468 18.90 5.95 -29.05
C GLY H 468 18.56 5.04 -30.21
N ILE H 469 17.85 5.54 -31.22
CA ILE H 469 17.59 4.76 -32.42
C ILE H 469 18.88 4.43 -33.15
N GLN H 470 19.79 5.40 -33.24
CA GLN H 470 21.01 5.10 -33.97
C GLN H 470 22.00 4.26 -33.16
N HIS H 471 21.96 4.30 -31.82
CA HIS H 471 22.69 3.30 -31.04
C HIS H 471 22.12 1.90 -31.23
N SER H 472 20.79 1.79 -31.32
CA SER H 472 20.17 0.50 -31.59
C SER H 472 20.55 -0.03 -32.97
N CYS H 473 20.60 0.86 -33.97
CA CYS H 473 21.02 0.45 -35.30
C CYS H 473 22.51 0.15 -35.35
N GLN H 474 23.29 0.70 -34.41
CA GLN H 474 24.68 0.27 -34.29
C GLN H 474 24.77 -1.14 -33.75
N ASP H 475 23.99 -1.45 -32.71
CA ASP H 475 24.07 -2.80 -32.13
C ASP H 475 23.49 -3.86 -33.07
N ILE H 476 22.47 -3.51 -33.86
CA ILE H 476 22.02 -4.41 -34.91
C ILE H 476 23.11 -4.59 -35.96
N GLY H 477 23.78 -3.51 -36.33
CA GLY H 477 24.90 -3.60 -37.23
C GLY H 477 24.59 -3.15 -38.64
N ALA H 478 23.82 -2.08 -38.77
CA ALA H 478 23.44 -1.55 -40.07
C ALA H 478 23.65 -0.06 -40.14
N LYS H 479 24.08 0.42 -41.32
CA LYS H 479 24.41 1.82 -41.50
C LYS H 479 23.18 2.71 -41.57
N SER H 480 22.02 2.15 -41.89
CA SER H 480 20.82 2.95 -42.08
C SER H 480 19.60 2.09 -41.82
N LEU H 481 18.43 2.72 -41.78
CA LEU H 481 17.20 1.98 -41.53
C LEU H 481 16.81 1.12 -42.72
N THR H 482 17.17 1.56 -43.93
CA THR H 482 16.94 0.74 -45.11
C THR H 482 17.77 -0.53 -45.06
N GLN H 483 18.98 -0.44 -44.51
CA GLN H 483 19.77 -1.64 -44.32
C GLN H 483 19.20 -2.52 -43.23
N VAL H 484 18.57 -1.94 -42.21
CA VAL H 484 17.91 -2.73 -41.17
C VAL H 484 16.76 -3.55 -41.75
N ARG H 485 15.90 -2.91 -42.54
CA ARG H 485 14.79 -3.64 -43.14
C ARG H 485 15.25 -4.59 -44.24
N ALA H 486 16.35 -4.27 -44.93
CA ALA H 486 16.88 -5.20 -45.93
C ALA H 486 17.45 -6.45 -45.25
N MET H 487 18.17 -6.27 -44.13
CA MET H 487 18.63 -7.40 -43.34
C MET H 487 17.49 -8.18 -42.72
N MET H 488 16.36 -7.54 -42.43
CA MET H 488 15.22 -8.27 -41.88
C MET H 488 14.52 -9.09 -42.94
N TYR H 489 14.24 -8.51 -44.11
CA TYR H 489 13.56 -9.27 -45.14
C TYR H 489 14.48 -10.25 -45.85
N SER H 490 15.80 -10.10 -45.70
CA SER H 490 16.73 -11.01 -46.35
C SER H 490 16.93 -12.29 -45.55
N GLY H 491 16.78 -12.22 -44.24
CA GLY H 491 17.05 -13.35 -43.37
C GLY H 491 18.31 -13.20 -42.55
N GLU H 492 19.04 -12.10 -42.68
CA GLU H 492 20.28 -11.91 -41.95
C GLU H 492 20.02 -11.42 -40.53
N LEU H 493 19.05 -10.53 -40.36
CA LEU H 493 18.74 -9.97 -39.04
C LEU H 493 17.76 -10.91 -38.35
N LYS H 494 18.20 -11.51 -37.24
CA LYS H 494 17.44 -12.57 -36.60
C LYS H 494 16.93 -12.17 -35.22
N PHE H 495 15.80 -12.75 -34.84
CA PHE H 495 15.04 -12.42 -33.64
C PHE H 495 15.04 -13.62 -32.70
N GLU H 496 14.39 -13.45 -31.54
CA GLU H 496 14.20 -14.54 -30.60
C GLU H 496 13.05 -14.20 -29.66
N LYS H 497 12.23 -15.20 -29.33
CA LYS H 497 11.10 -14.99 -28.43
C LYS H 497 11.57 -14.79 -27.00
N ARG H 498 10.62 -14.39 -26.16
CA ARG H 498 10.84 -14.16 -24.74
C ARG H 498 9.63 -14.69 -23.97
N THR H 499 9.88 -15.31 -22.83
CA THR H 499 8.81 -15.72 -21.94
C THR H 499 8.47 -14.60 -20.98
N SER H 500 7.60 -14.91 -20.01
CA SER H 500 7.19 -13.92 -19.03
C SER H 500 8.27 -13.67 -17.99
N SER H 501 9.24 -14.56 -17.87
CA SER H 501 10.27 -14.40 -16.85
C SER H 501 11.47 -13.62 -17.39
N ALA H 502 11.73 -13.69 -18.69
CA ALA H 502 12.77 -12.87 -19.29
C ALA H 502 12.38 -11.40 -19.28
N GLN H 503 11.09 -11.10 -19.29
CA GLN H 503 10.63 -9.72 -19.26
C GLN H 503 10.83 -9.10 -17.88
N VAL H 504 10.82 -9.93 -16.83
CA VAL H 504 11.08 -9.42 -15.49
C VAL H 504 12.56 -9.08 -15.33
N GLU H 505 13.45 -9.98 -15.77
CA GLU H 505 14.87 -9.72 -15.53
C GLU H 505 15.47 -8.80 -16.58
N GLY H 506 14.77 -8.55 -17.69
CA GLY H 506 15.32 -7.67 -18.69
C GLY H 506 15.32 -6.21 -18.26
N GLY H 507 14.22 -5.75 -17.67
CA GLY H 507 14.17 -4.43 -17.09
C GLY H 507 14.90 -4.36 -15.76
N VAL H 508 14.61 -3.30 -15.02
CA VAL H 508 15.28 -3.12 -13.74
C VAL H 508 14.69 -4.06 -12.70
N HIS H 509 15.56 -4.81 -12.02
CA HIS H 509 15.11 -5.74 -10.99
C HIS H 509 16.18 -5.86 -9.93
N SER H 510 15.77 -6.43 -8.79
CA SER H 510 16.63 -6.74 -7.63
C SER H 510 17.36 -5.51 -7.11
N LEU H 511 16.65 -4.39 -7.07
CA LEU H 511 17.12 -3.14 -6.47
C LEU H 511 16.03 -2.63 -5.54
N HIS H 512 16.44 -2.09 -4.39
CA HIS H 512 15.49 -1.47 -3.49
C HIS H 512 14.85 -0.23 -4.12
N SER H 513 15.67 0.76 -4.44
CA SER H 513 15.22 1.96 -5.14
C SER H 513 16.13 2.20 -6.32
N TYR H 514 15.57 2.73 -7.40
CA TYR H 514 16.40 3.07 -8.56
C TYR H 514 15.91 4.36 -9.19
N GLU H 515 16.84 5.26 -9.48
CA GLU H 515 16.56 6.47 -10.23
C GLU H 515 16.94 6.24 -11.69
N LYS H 516 16.03 6.58 -12.60
CA LYS H 516 16.15 6.15 -13.99
C LYS H 516 16.20 7.37 -14.88
N ARG H 517 17.41 7.79 -15.24
CA ARG H 517 17.64 8.96 -16.07
C ARG H 517 17.89 8.52 -17.50
N LEU H 518 17.32 9.25 -18.46
CA LEU H 518 17.49 8.93 -19.87
C LEU H 518 18.39 9.91 -20.59
N PHE H 519 18.03 11.19 -20.60
CA PHE H 519 18.76 12.20 -21.33
C PHE H 519 19.34 13.25 -20.38
N MET I 6 -21.14 -7.47 49.55
CA MET I 6 -22.22 -6.68 48.96
C MET I 6 -21.71 -5.28 48.65
N ALA I 7 -22.50 -4.50 47.93
CA ALA I 7 -21.98 -3.32 47.26
C ALA I 7 -21.77 -2.12 48.18
N ASP I 8 -22.19 -2.18 49.44
CA ASP I 8 -21.98 -1.05 50.34
C ASP I 8 -20.50 -0.88 50.70
N TYR I 9 -19.77 -1.97 50.86
CA TYR I 9 -18.34 -1.94 51.12
C TYR I 9 -17.51 -2.12 49.86
N LEU I 10 -18.05 -2.77 48.84
CA LEU I 10 -17.23 -3.27 47.76
C LEU I 10 -16.98 -2.23 46.67
N ILE I 11 -17.56 -1.03 46.79
CA ILE I 11 -17.27 0.03 45.82
C ILE I 11 -16.04 0.82 46.24
N SER I 12 -16.09 1.46 47.41
CA SER I 12 -14.92 2.14 47.96
C SER I 12 -14.52 1.57 49.31
N GLY I 13 -15.45 1.45 50.26
CA GLY I 13 -15.16 0.85 51.54
C GLY I 13 -14.98 1.83 52.68
N GLY I 14 -16.06 2.08 53.41
CA GLY I 14 -15.97 2.88 54.62
C GLY I 14 -16.12 4.38 54.46
N THR I 15 -15.51 4.95 53.42
CA THR I 15 -15.42 6.41 53.33
C THR I 15 -16.76 7.02 52.93
N SER I 16 -17.21 6.77 51.70
CA SER I 16 -18.54 7.05 51.17
C SER I 16 -18.99 8.51 51.21
N TYR I 17 -18.16 9.45 51.65
CA TYR I 17 -18.67 10.75 52.04
C TYR I 17 -17.51 11.75 51.96
N VAL I 18 -17.63 12.86 52.68
CA VAL I 18 -16.69 13.98 52.72
C VAL I 18 -16.57 14.58 51.33
N PRO I 19 -17.55 15.39 50.88
CA PRO I 19 -17.52 16.07 49.59
C PRO I 19 -16.31 16.99 49.43
N MET J 6 34.08 12.01 40.95
CA MET J 6 33.06 11.25 41.66
C MET J 6 31.74 12.00 41.62
N ALA J 7 30.66 11.35 42.05
CA ALA J 7 29.32 11.82 41.71
C ALA J 7 28.84 13.00 42.54
N ASP J 8 29.58 13.42 43.57
CA ASP J 8 29.14 14.56 44.36
C ASP J 8 29.24 15.87 43.58
N TYR J 9 30.27 16.01 42.75
CA TYR J 9 30.45 17.18 41.90
C TYR J 9 29.93 16.95 40.48
N LEU J 10 29.88 15.71 40.04
CA LEU J 10 29.73 15.44 38.61
C LEU J 10 28.26 15.41 38.17
N ILE J 11 27.31 15.59 39.09
CA ILE J 11 25.91 15.66 38.70
C ILE J 11 25.53 17.09 38.36
N SER J 12 25.63 18.00 39.32
CA SER J 12 25.41 19.42 39.06
C SER J 12 26.66 20.24 39.36
N GLY J 13 27.24 20.10 40.55
CA GLY J 13 28.46 20.80 40.89
C GLY J 13 28.29 22.00 41.78
N GLY J 14 28.44 21.78 43.09
CA GLY J 14 28.45 22.89 44.04
C GLY J 14 27.11 23.32 44.60
N THR J 15 26.08 23.37 43.74
CA THR J 15 24.82 23.98 44.16
C THR J 15 24.04 23.08 45.11
N SER J 16 23.55 21.94 44.62
CA SER J 16 22.97 20.81 45.35
C SER J 16 21.77 21.14 46.24
N TYR J 17 21.27 22.37 46.25
CA TYR J 17 20.38 22.79 47.32
C TYR J 17 19.54 23.96 46.80
N VAL J 18 19.02 24.77 47.72
CA VAL J 18 18.13 25.91 47.48
C VAL J 18 16.87 25.42 46.79
N PRO J 19 15.92 24.82 47.52
CA PRO J 19 14.64 24.37 46.99
C PRO J 19 13.82 25.50 46.36
N MET K 6 13.94 52.66 2.85
CA MET K 6 14.98 52.10 3.70
C MET K 6 14.34 51.50 4.95
N ALA K 7 15.12 50.76 5.74
CA ALA K 7 14.53 49.85 6.72
C ALA K 7 14.03 50.53 7.99
N ASP K 8 14.26 51.84 8.16
CA ASP K 8 13.77 52.50 9.36
C ASP K 8 12.24 52.64 9.36
N TYR K 9 11.66 52.88 8.19
CA TYR K 9 10.21 52.95 8.03
C TYR K 9 9.61 51.65 7.55
N LEU K 10 10.37 50.82 6.86
CA LEU K 10 9.81 49.74 6.08
C LEU K 10 9.58 48.48 6.91
N ILE K 11 9.96 48.47 8.19
CA ILE K 11 9.68 47.33 9.05
C ILE K 11 8.30 47.45 9.68
N SER K 12 8.09 48.50 10.49
CA SER K 12 6.78 48.78 11.04
C SER K 12 6.26 50.15 10.60
N GLY K 13 7.04 51.20 10.77
CA GLY K 13 6.66 52.52 10.31
C GLY K 13 6.17 53.45 11.40
N GLY K 14 7.09 54.26 11.94
CA GLY K 14 6.71 55.31 12.86
C GLY K 14 6.67 54.93 14.33
N THR K 15 6.15 53.75 14.64
CA THR K 15 5.89 53.41 16.04
C THR K 15 7.17 53.09 16.79
N SER K 16 7.83 51.98 16.45
CA SER K 16 9.18 51.58 16.86
C SER K 16 9.41 51.45 18.36
N TYR K 17 8.40 51.63 19.21
CA TYR K 17 8.66 51.87 20.62
C TYR K 17 7.41 51.48 21.40
N VAL K 18 7.26 52.03 22.60
CA VAL K 18 6.18 51.77 23.56
C VAL K 18 6.20 50.29 23.93
N PRO K 19 7.11 49.86 24.82
CA PRO K 19 7.18 48.48 25.30
C PRO K 19 5.90 48.02 25.98
N MET L 6 -41.69 33.27 11.83
CA MET L 6 -40.77 34.29 11.35
C MET L 6 -39.55 34.35 12.26
N ALA L 7 -38.52 35.09 11.85
CA ALA L 7 -37.19 34.90 12.43
C ALA L 7 -37.02 35.57 13.80
N ASP L 8 -38.00 36.35 14.28
CA ASP L 8 -37.84 36.98 15.59
C ASP L 8 -37.92 35.97 16.72
N TYR L 9 -38.76 34.95 16.57
CA TYR L 9 -38.87 33.87 17.55
C TYR L 9 -38.06 32.64 17.16
N LEU L 10 -37.79 32.45 15.88
CA LEU L 10 -37.32 31.16 15.40
C LEU L 10 -35.81 31.01 15.50
N ILE L 11 -35.09 32.04 15.95
CA ILE L 11 -33.65 31.91 16.15
C ILE L 11 -33.35 31.38 17.55
N SER L 12 -33.73 32.11 18.58
CA SER L 12 -33.62 31.64 19.95
C SER L 12 -34.98 31.53 20.64
N GLY L 13 -35.77 32.60 20.63
CA GLY L 13 -37.11 32.57 21.19
C GLY L 13 -37.24 33.24 22.53
N GLY L 14 -37.63 34.51 22.52
CA GLY L 14 -37.96 35.21 23.74
C GLY L 14 -36.82 35.91 24.45
N THR L 15 -35.64 35.27 24.50
CA THR L 15 -34.56 35.78 25.34
C THR L 15 -33.91 37.02 24.72
N SER L 16 -33.22 36.84 23.59
CA SER L 16 -32.69 37.88 22.70
C SER L 16 -31.73 38.89 23.33
N TYR L 17 -31.36 38.75 24.60
CA TYR L 17 -30.77 39.88 25.31
C TYR L 17 -29.97 39.31 26.48
N VAL L 18 -29.73 40.14 27.50
CA VAL L 18 -28.93 39.85 28.70
C VAL L 18 -27.51 39.51 28.28
N PRO L 19 -26.68 40.51 27.95
CA PRO L 19 -25.27 40.31 27.59
C PRO L 19 -24.47 39.64 28.71
N MET M 6 44.31 -27.40 -16.56
CA MET M 6 44.21 -26.42 -17.63
C MET M 6 42.93 -26.66 -18.41
N ALA M 7 42.58 -25.72 -19.30
CA ALA M 7 41.22 -25.64 -19.81
C ALA M 7 40.88 -26.67 -20.88
N ASP M 8 41.86 -27.45 -21.36
CA ASP M 8 41.56 -28.45 -22.37
C ASP M 8 40.73 -29.60 -21.81
N TYR M 9 40.99 -29.99 -20.57
CA TYR M 9 40.23 -31.03 -19.89
C TYR M 9 39.14 -30.46 -18.99
N LEU M 10 39.31 -29.24 -18.51
CA LEU M 10 38.50 -28.76 -17.40
C LEU M 10 37.17 -28.16 -17.85
N ILE M 11 36.91 -28.10 -19.15
CA ILE M 11 35.61 -27.62 -19.63
C ILE M 11 34.61 -28.76 -19.69
N SER M 12 34.90 -29.77 -20.52
CA SER M 12 34.08 -30.97 -20.59
C SER M 12 34.88 -32.22 -20.22
N GLY M 13 36.02 -32.45 -20.86
CA GLY M 13 36.87 -33.56 -20.52
C GLY M 13 36.80 -34.73 -21.48
N GLY M 14 37.72 -34.74 -22.45
CA GLY M 14 37.86 -35.88 -23.34
C GLY M 14 36.99 -35.88 -24.59
N THR M 15 35.73 -35.46 -24.47
CA THR M 15 34.79 -35.63 -25.57
C THR M 15 35.06 -34.63 -26.70
N SER M 16 34.82 -33.34 -26.44
CA SER M 16 35.21 -32.19 -27.25
C SER M 16 34.67 -32.18 -28.70
N TYR M 17 33.86 -33.14 -29.11
CA TYR M 17 33.63 -33.35 -30.53
C TYR M 17 32.30 -34.07 -30.68
N VAL M 18 32.12 -34.76 -31.82
CA VAL M 18 30.90 -35.47 -32.23
C VAL M 18 29.75 -34.49 -32.31
N PRO M 19 29.66 -33.68 -33.38
CA PRO M 19 28.56 -32.75 -33.61
C PRO M 19 27.20 -33.43 -33.67
N MET N 6 -6.18 -54.22 -0.29
CA MET N 6 -4.74 -54.14 -0.36
C MET N 6 -4.33 -53.48 -1.67
N ALA N 7 -3.05 -53.15 -1.81
CA ALA N 7 -2.63 -52.19 -2.84
C ALA N 7 -2.55 -52.78 -4.24
N ASP N 8 -2.71 -54.09 -4.40
CA ASP N 8 -2.65 -54.66 -5.75
C ASP N 8 -3.86 -54.27 -6.60
N TYR N 9 -5.03 -54.17 -5.99
CA TYR N 9 -6.24 -53.73 -6.66
C TYR N 9 -6.52 -52.25 -6.46
N LEU N 10 -6.03 -51.68 -5.36
CA LEU N 10 -6.54 -50.39 -4.92
C LEU N 10 -5.81 -49.22 -5.58
N ILE N 11 -4.82 -49.48 -6.43
CA ILE N 11 -4.16 -48.39 -7.15
C ILE N 11 -4.89 -48.10 -8.45
N SER N 12 -4.95 -49.08 -9.35
CA SER N 12 -5.74 -48.95 -10.58
C SER N 12 -6.85 -50.00 -10.65
N GLY N 13 -6.52 -51.27 -10.48
CA GLY N 13 -7.52 -52.33 -10.47
C GLY N 13 -7.60 -53.14 -11.74
N GLY N 14 -6.88 -54.26 -11.76
CA GLY N 14 -7.00 -55.21 -12.86
C GLY N 14 -6.10 -54.99 -14.05
N THR N 15 -5.91 -53.74 -14.46
CA THR N 15 -5.22 -53.46 -15.71
C THR N 15 -3.72 -53.69 -15.60
N SER N 16 -3.03 -52.85 -14.82
CA SER N 16 -1.64 -52.99 -14.36
C SER N 16 -0.58 -53.09 -15.47
N TYR N 17 -0.94 -53.00 -16.74
CA TYR N 17 -0.03 -53.45 -17.79
C TYR N 17 -0.43 -52.74 -19.07
N VAL N 18 -0.05 -53.32 -20.22
CA VAL N 18 -0.25 -52.80 -21.57
C VAL N 18 0.47 -51.46 -21.70
N PRO N 19 1.81 -51.46 -21.87
CA PRO N 19 2.59 -50.24 -22.07
C PRO N 19 2.16 -49.45 -23.29
N MET O 6 -36.89 -18.09 -35.81
CA MET O 6 -36.76 -19.28 -35.00
C MET O 6 -35.35 -19.85 -35.14
N ALA O 7 -35.01 -20.82 -34.30
CA ALA O 7 -33.60 -21.16 -34.09
C ALA O 7 -32.99 -22.01 -35.19
N ASP O 8 -33.77 -22.47 -36.18
CA ASP O 8 -33.19 -23.27 -37.25
C ASP O 8 -32.31 -22.43 -38.18
N TYR O 9 -32.70 -21.18 -38.42
CA TYR O 9 -31.92 -20.25 -39.22
C TYR O 9 -31.06 -19.32 -38.37
N LEU O 10 -31.45 -19.08 -37.14
CA LEU O 10 -30.90 -17.97 -36.38
C LEU O 10 -29.60 -18.34 -35.66
N ILE O 11 -29.16 -19.58 -35.74
CA ILE O 11 -27.88 -19.96 -35.15
C ILE O 11 -26.74 -19.72 -36.12
N SER O 12 -26.75 -20.41 -37.27
CA SER O 12 -25.79 -20.17 -38.33
C SER O 12 -26.47 -19.71 -39.61
N GLY O 13 -27.46 -20.44 -40.10
CA GLY O 13 -28.20 -20.05 -41.28
C GLY O 13 -27.85 -20.79 -42.54
N GLY O 14 -28.59 -21.85 -42.83
CA GLY O 14 -28.45 -22.55 -44.09
C GLY O 14 -27.42 -23.68 -44.14
N THR O 15 -26.26 -23.46 -43.52
CA THR O 15 -25.16 -24.40 -43.70
C THR O 15 -25.38 -25.70 -42.93
N SER O 16 -25.36 -25.63 -41.59
CA SER O 16 -25.76 -26.65 -40.63
C SER O 16 -25.02 -27.99 -40.74
N TYR O 17 -24.04 -28.14 -41.62
CA TYR O 17 -23.58 -29.47 -41.98
C TYR O 17 -22.16 -29.34 -42.51
N VAL O 18 -21.73 -30.32 -43.31
CA VAL O 18 -20.39 -30.46 -43.89
C VAL O 18 -19.36 -30.54 -42.75
N PRO O 19 -19.23 -31.72 -42.11
CA PRO O 19 -18.23 -31.94 -41.06
C PRO O 19 -16.80 -31.72 -41.53
N MET P 6 13.37 9.04 -52.05
CA MET P 6 11.96 8.74 -52.24
C MET P 6 11.68 7.30 -51.84
N ALA P 7 10.41 6.92 -51.76
CA ALA P 7 10.03 5.72 -51.03
C ALA P 7 10.28 4.42 -51.78
N ASP P 8 10.69 4.47 -53.06
CA ASP P 8 10.95 3.23 -53.79
C ASP P 8 12.21 2.52 -53.28
N TYR P 9 13.22 3.29 -52.90
CA TYR P 9 14.45 2.75 -52.32
C TYR P 9 14.45 2.78 -50.81
N LEU P 10 13.70 3.68 -50.20
CA LEU P 10 13.89 4.00 -48.80
C LEU P 10 13.12 3.07 -47.87
N ILE P 11 12.34 2.13 -48.41
CA ILE P 11 11.65 1.16 -47.56
C ILE P 11 12.54 -0.04 -47.29
N SER P 12 12.92 -0.77 -48.34
CA SER P 12 13.88 -1.86 -48.22
C SER P 12 15.14 -1.61 -49.05
N GLY P 13 14.99 -1.31 -50.33
CA GLY P 13 16.12 -0.99 -51.17
C GLY P 13 16.55 -2.10 -52.11
N GLY P 14 16.05 -2.06 -53.34
CA GLY P 14 16.51 -2.97 -54.36
C GLY P 14 15.80 -4.30 -54.46
N THR P 15 15.49 -4.92 -53.31
CA THR P 15 14.99 -6.29 -53.33
C THR P 15 13.55 -6.38 -53.81
N SER P 16 12.62 -5.84 -53.03
CA SER P 16 11.21 -5.59 -53.35
C SER P 16 10.39 -6.80 -53.78
N TYR P 17 10.94 -8.01 -53.78
CA TYR P 17 10.32 -9.11 -54.51
C TYR P 17 10.82 -10.42 -53.90
N VAL P 18 10.74 -11.50 -54.66
CA VAL P 18 11.09 -12.88 -54.28
C VAL P 18 10.19 -13.30 -53.13
N PRO P 19 8.93 -13.66 -53.39
CA PRO P 19 8.00 -14.16 -52.37
C PRO P 19 8.51 -15.41 -51.66
P IMP Q . -17.18 -2.34 22.55
O1P IMP Q . -16.47 -3.40 21.74
O2P IMP Q . -17.07 -2.72 24.00
O3P IMP Q . -16.68 -0.99 22.11
O5' IMP Q . -18.72 -2.38 22.19
C5' IMP Q . -19.67 -2.82 23.15
C4' IMP Q . -20.63 -1.72 23.52
O4' IMP Q . -21.07 -1.05 22.33
C3' IMP Q . -21.92 -2.18 24.17
O3' IMP Q . -21.78 -2.47 25.55
C2' IMP Q . -22.87 -1.02 23.89
O2' IMP Q . -22.70 0.01 24.86
C1' IMP Q . -22.34 -0.48 22.56
N9 IMP Q . -23.20 -0.83 21.41
C8 IMP Q . -23.57 -2.07 21.05
N7 IMP Q . -24.34 -1.95 19.95
C5 IMP Q . -24.43 -0.66 19.65
C6 IMP Q . -25.13 0.08 18.52
O6 IMP Q . -25.75 -0.54 17.73
N1 IMP Q . -25.06 1.50 18.43
C2 IMP Q . -24.31 2.23 19.41
N3 IMP Q . -23.63 1.51 20.48
C4 IMP Q . -23.71 0.03 20.56
PG GTP R . -25.39 -39.65 32.24
O1G GTP R . -25.03 -39.59 33.71
O2G GTP R . -26.66 -38.88 32.00
O3G GTP R . -25.57 -41.09 31.84
O3B GTP R . -24.16 -38.98 31.37
PB GTP R . -24.42 -37.76 30.28
O1B GTP R . -23.14 -37.48 29.53
O2B GTP R . -25.49 -38.18 29.31
O3A GTP R . -24.90 -36.41 31.11
PA GTP R . -24.48 -36.08 32.67
O1A GTP R . -25.47 -36.72 33.61
O2A GTP R . -23.09 -36.59 32.95
O5' GTP R . -24.54 -34.45 32.93
C5' GTP R . -25.68 -33.96 33.60
C4' GTP R . -25.53 -32.49 33.84
O4' GTP R . -26.54 -31.85 33.30
C3' GTP R . -25.57 -32.21 35.48
O3' GTP R . -24.55 -31.20 35.84
C2' GTP R . -26.70 -31.78 35.75
O2' GTP R . -26.61 -30.78 36.88
C1' GTP R . -27.16 -31.05 34.41
N9 GTP R . -28.47 -31.06 34.28
C8 GTP R . -29.05 -29.88 34.02
N7 GTP R . -30.37 -30.08 33.92
C5 GTP R . -30.62 -31.37 34.14
C6 GTP R . -31.93 -32.16 34.16
O6 GTP R . -32.95 -31.60 33.96
N1 GTP R . -31.92 -33.56 34.42
C2 GTP R . -30.65 -34.22 34.66
N2 GTP R . -30.63 -35.66 34.92
N3 GTP R . -29.41 -33.45 34.63
C4 GTP R . -29.43 -31.99 34.37
PG GTP S . -18.95 -23.80 50.95
O1G GTP S . -19.25 -24.98 51.83
O2G GTP S . -18.15 -24.25 49.74
O3G GTP S . -18.14 -22.78 51.72
O3B GTP S . -20.37 -23.13 50.44
PB GTP S . -21.51 -22.53 51.49
O1B GTP S . -21.34 -23.20 52.82
O2B GTP S . -21.34 -21.04 51.63
O3A GTP S . -23.02 -22.88 50.91
PA GTP S . -23.93 -24.13 51.49
O1A GTP S . -24.21 -23.91 52.96
O2A GTP S . -25.22 -24.24 50.73
O5' GTP S . -23.07 -25.54 51.31
C5' GTP S . -22.48 -25.80 50.06
C4' GTP S . -22.17 -27.26 49.97
O4' GTP S . -22.73 -27.77 48.91
C3' GTP S . -20.52 -27.50 49.84
O3' GTP S . -20.17 -28.83 50.37
C2' GTP S . -20.29 -27.46 48.63
O2' GTP S . -19.10 -28.34 48.31
C1' GTP S . -21.61 -28.06 47.95
N9 GTP S . -21.87 -27.47 46.80
C8 GTP S . -21.44 -26.20 46.63
N7 GTP S . -21.81 -25.80 45.40
C5 GTP S . -22.47 -26.81 44.83
C6 GTP S . -23.12 -26.93 43.45
O6 GTP S . -23.09 -26.02 42.69
N1 GTP S . -23.77 -28.14 43.09
C2 GTP S . -23.82 -29.25 44.00
N2 GTP S . -24.49 -30.48 43.61
N3 GTP S . -23.19 -29.12 45.32
C4 GTP S . -22.51 -27.85 45.69
PG ATP T . -20.18 -42.35 31.48
O1G ATP T . -20.32 -40.85 31.50
O2G ATP T . -18.75 -42.84 31.45
O3G ATP T . -21.10 -43.04 30.51
PB ATP T . -22.30 -42.79 33.23
O1B ATP T . -22.76 -41.39 32.95
O2B ATP T . -22.96 -43.96 32.55
O3B ATP T . -20.73 -42.85 32.91
PA ATP T . -23.70 -42.87 35.66
O1A ATP T . -23.37 -42.03 36.86
O2A ATP T . -24.78 -42.41 34.73
O3A ATP T . -22.33 -43.02 34.82
O5' ATP T . -24.04 -44.35 36.18
C5' ATP T . -23.67 -45.50 35.43
C4' ATP T . -24.42 -46.73 35.93
O4' ATP T . -24.82 -46.54 37.28
C3' ATP T . -25.67 -46.99 35.12
O3' ATP T . -25.61 -48.30 34.56
C2' ATP T . -26.82 -46.95 36.09
O2' ATP T . -27.63 -48.12 35.91
C1' ATP T . -26.17 -46.95 37.46
N9 ATP T . -26.84 -45.97 38.35
C8 ATP T . -27.11 -44.69 38.06
N7 ATP T . -27.73 -44.08 39.09
C5 ATP T . -27.86 -44.98 40.08
C6 ATP T . -28.42 -45.00 41.44
N6 ATP T . -28.98 -43.89 41.98
N1 ATP T . -28.35 -46.15 42.14
C2 ATP T . -27.80 -47.26 41.62
N3 ATP T . -27.27 -47.32 40.38
C4 ATP T . -27.27 -46.23 39.58
P IMP U . 14.61 0.65 24.39
O1P IMP U . 15.01 0.20 23.01
O2P IMP U . 15.75 1.43 24.99
O3P IMP U . 13.26 1.30 24.31
O5' IMP U . 14.43 -0.63 25.31
C5' IMP U . 15.32 -0.89 26.37
C4' IMP U . 14.62 -0.87 27.70
O4' IMP U . 13.38 -1.59 27.60
C3' IMP U . 15.35 -1.56 28.84
O3' IMP U . 16.37 -0.77 29.40
C2' IMP U . 14.23 -1.88 29.81
O2' IMP U . 13.95 -0.77 30.63
C1' IMP U . 13.04 -2.10 28.87
N9 IMP U . 12.66 -3.51 28.72
C8 IMP U . 13.46 -4.50 28.31
N7 IMP U . 12.72 -5.63 28.29
C5 IMP U . 11.49 -5.31 28.68
C6 IMP U . 10.24 -6.16 28.85
O6 IMP U . 10.28 -7.31 28.61
N1 IMP U . 9.02 -5.56 29.28
C2 IMP U . 8.99 -4.16 29.57
N3 IMP U . 10.20 -3.36 29.40
C4 IMP U . 11.46 -3.99 28.93
PG GTP V . 50.68 -14.96 21.54
O1G GTP V . 51.48 -13.83 22.14
O2G GTP V . 49.89 -15.66 22.62
O3G GTP V . 51.64 -15.94 20.89
O3B GTP V . 49.65 -14.37 20.41
PB GTP V . 48.03 -14.67 20.44
O1B GTP V . 47.37 -14.14 19.20
O2B GTP V . 47.80 -16.17 20.52
O3A GTP V . 47.38 -13.94 21.78
PA GTP V . 48.01 -12.59 22.49
O1A GTP V . 49.05 -12.97 23.50
O2A GTP V . 48.60 -11.69 21.44
O5' GTP V . 46.82 -11.77 23.31
C5' GTP V . 46.78 -11.95 24.71
C4' GTP V . 45.72 -11.09 25.30
O4' GTP V . 44.87 -11.83 25.97
C3' GTP V . 46.42 -10.03 26.36
O3' GTP V . 45.81 -8.68 26.21
C2' GTP V . 46.21 -10.46 27.50
O2' GTP V . 46.04 -9.31 28.46
C1' GTP V . 44.84 -11.26 27.36
N9 GTP V . 44.77 -12.24 28.24
C8 GTP V . 43.63 -12.29 28.96
N7 GTP V . 43.73 -13.34 29.81
C5 GTP V . 44.90 -13.92 29.60
C6 GTP V . 45.56 -15.13 30.27
O6 GTP V . 44.97 -15.73 31.12
N1 GTP V . 46.85 -15.57 29.86
C2 GTP V . 47.55 -14.85 28.83
N2 GTP V . 48.88 -15.27 28.41
N3 GTP V . 46.92 -13.69 28.21
C4 GTP V . 45.56 -13.24 28.62
PG GTP W . 48.42 7.25 33.52
O1G GTP W . 49.90 7.07 33.79
O2G GTP W . 48.12 6.89 32.09
O3G GTP W . 48.03 8.68 33.77
O3B GTP W . 47.57 6.26 34.53
PB GTP W . 47.66 6.35 36.18
O1B GTP W . 48.98 6.98 36.57
O2B GTP W . 46.51 7.18 36.72
O3A GTP W . 47.60 4.83 36.83
PA GTP W . 48.95 4.02 37.33
O1A GTP W . 49.60 4.80 38.46
O2A GTP W . 48.59 2.63 37.81
O5' GTP W . 50.01 3.91 36.07
C5' GTP W . 49.52 3.47 34.83
C4' GTP W . 50.67 3.01 33.99
O4' GTP W . 50.48 1.78 33.60
C3' GTP W . 50.81 3.94 32.63
O3' GTP W . 52.21 3.95 32.16
C2' GTP W . 50.09 3.41 31.78
O2' GTP W . 50.64 3.66 30.39
C1' GTP W . 50.18 1.84 32.14
N9 GTP W . 49.04 1.23 31.89
C8 GTP W . 47.90 1.97 31.98
N7 GTP W . 46.87 1.15 31.70
C5 GTP W . 47.35 -0.07 31.47
C6 GTP W . 46.67 -1.38 31.12
O6 GTP W . 45.49 -1.42 31.01
N1 GTP W . 47.44 -2.55 30.93
C2 GTP W . 48.87 -2.51 31.05
N2 GTP W . 49.65 -3.73 30.84
N3 GTP W . 49.53 -1.25 31.38
C4 GTP W . 48.71 -0.02 31.59
PG ATP X . 52.52 -13.00 16.27
O1G ATP X . 51.31 -12.45 16.96
O2G ATP X . 52.93 -12.25 15.02
O3G ATP X . 52.52 -14.51 16.13
PB ATP X . 53.86 -13.59 18.64
O1B ATP X . 52.53 -13.49 19.36
O2B ATP X . 54.42 -14.94 18.30
O3B ATP X . 53.73 -12.74 17.28
PA ATP X . 55.30 -13.14 21.00
O1A ATP X . 55.29 -11.85 21.76
O2A ATP X . 54.38 -14.25 21.44
O3A ATP X . 54.95 -12.77 19.48
O5' ATP X . 56.81 -13.69 20.99
C5' ATP X . 57.33 -14.37 19.84
C4' ATP X . 58.61 -15.10 20.19
O4' ATP X . 59.22 -14.50 21.32
C3' ATP X . 58.34 -16.56 20.55
O3' ATP X . 59.09 -17.40 19.68
C2' ATP X . 58.86 -16.75 21.96
O2' ATP X . 59.71 -17.90 21.99
C1' ATP X . 59.64 -15.48 22.26
N9 ATP X . 59.34 -15.00 23.62
C8 ATP X . 58.13 -14.82 24.15
N7 ATP X . 58.21 -14.37 25.43
C5 ATP X . 59.51 -14.26 25.73
C6 ATP X . 60.29 -13.83 26.90
N6 ATP X . 59.69 -13.44 28.04
N1 ATP X . 61.63 -13.87 26.80
C2 ATP X . 62.26 -14.27 25.68
N3 ATP X . 61.61 -14.66 24.57
C4 ATP X . 60.26 -14.68 24.55
P IMP Y . 13.56 24.77 3.41
O1P IMP Y . 13.14 24.04 2.17
O2P IMP Y . 13.27 26.23 3.23
O3P IMP Y . 12.96 24.08 4.60
O5' IMP Y . 15.14 24.64 3.57
C5' IMP Y . 15.96 25.78 3.42
C4' IMP Y . 16.70 26.11 4.70
O4' IMP Y . 17.22 24.90 5.28
C3' IMP Y . 17.92 26.99 4.54
O3' IMP Y . 17.60 28.36 4.43
C2' IMP Y . 18.73 26.66 5.80
O2' IMP Y . 18.27 27.43 6.89
C1' IMP Y . 18.34 25.20 6.05
N9 IMP Y . 19.42 24.26 5.70
C8 IMP Y . 20.00 24.14 4.50
N7 IMP Y . 20.91 23.15 4.59
C5 IMP Y . 20.87 22.68 5.83
C6 IMP Y . 21.64 21.54 6.52
O6 IMP Y . 22.46 20.95 5.91
N1 IMP Y . 21.39 21.23 7.88
C2 IMP Y . 20.40 21.97 8.60
N3 IMP Y . 19.66 23.05 7.95
C4 IMP Y . 19.93 23.35 6.51
PG GTP Z . 25.17 41.15 -30.50
O1G GTP Z . 24.59 42.52 -30.31
O2G GTP Z . 26.35 40.96 -29.57
O3G GTP Z . 25.61 41.00 -31.93
O3B GTP Z . 24.03 40.02 -30.15
PB GTP Z . 24.28 38.81 -29.07
O1B GTP Z . 23.11 37.84 -29.09
O2B GTP Z . 25.55 38.07 -29.43
O3A GTP Z . 24.43 39.46 -27.55
PA GTP Z . 23.73 40.89 -27.09
O1A GTP Z . 24.64 42.04 -27.44
O2A GTP Z . 22.39 41.05 -27.77
O5' GTP Z . 23.52 40.89 -25.45
C5' GTP Z . 24.47 41.63 -24.70
C4' GTP Z . 24.08 41.62 -23.25
O4' GTP Z . 25.05 41.13 -22.55
C3' GTP Z . 23.82 43.19 -22.77
O3' GTP Z . 22.62 43.24 -21.89
C2' GTP Z . 24.82 43.54 -22.13
O2' GTP Z . 24.42 44.48 -21.02
C1' GTP Z . 25.38 42.18 -21.52
N9 GTP Z . 26.69 42.24 -21.34
C8 GTP Z . 27.13 41.87 -20.12
N7 GTP Z . 28.47 42.00 -20.12
C5 GTP Z . 28.85 42.43 -21.31
C6 GTP Z . 30.23 42.76 -21.88
O6 GTP Z . 31.20 42.62 -21.19
N1 GTP Z . 30.38 43.23 -23.22
C2 GTP Z . 29.20 43.39 -24.03
N2 GTP Z . 29.33 43.87 -25.40
N3 GTP Z . 27.88 43.09 -23.48
C4 GTP Z . 27.73 42.59 -22.08
PG GTP AA . 13.73 56.11 -13.55
O1G GTP AA . 14.04 57.20 -14.55
O2G GTP AA . 13.21 54.90 -14.28
O3G GTP AA . 12.68 56.60 -12.58
O3B GTP AA . 15.11 55.71 -12.73
PB GTP AA . 15.98 56.79 -11.84
O1B GTP AA . 15.68 58.19 -12.33
O2B GTP AA . 15.59 56.68 -10.38
O3A GTP AA . 17.59 56.49 -12.00
PA GTP AA . 18.55 57.38 -13.01
O1A GTP AA . 18.56 58.81 -12.55
O2A GTP AA . 19.96 56.83 -13.01
O5' GTP AA . 17.94 57.30 -14.54
C5' GTP AA . 17.60 56.04 -15.05
C4' GTP AA . 17.51 56.14 -16.55
O4' GTP AA . 18.29 55.25 -17.09
C3' GTP AA . 15.96 55.81 -17.07
O3' GTP AA . 15.71 56.49 -18.35
C2' GTP AA . 15.91 54.59 -17.23
O2' GTP AA . 14.93 54.26 -18.31
C1' GTP AA . 17.40 54.21 -17.69
N9 GTP AA . 17.75 53.02 -17.22
C8 GTP AA . 17.19 52.61 -16.07
N7 GTP AA . 17.69 51.39 -15.78
C5 GTP AA . 18.56 51.08 -16.73
C6 GTP AA . 19.42 49.83 -16.93
O6 GTP AA . 19.40 48.94 -16.16
N1 GTP AA . 20.28 49.76 -18.06
C2 GTP AA . 20.34 50.83 -19.02
N2 GTP AA . 21.24 50.72 -20.17
N3 GTP AA . 19.51 52.01 -18.83
C4 GTP AA . 18.61 52.09 -17.64
PG ATP BA . 20.58 40.10 -34.08
O1G ATP BA . 20.50 39.91 -32.58
O2G ATP BA . 19.26 39.95 -34.79
O3G ATP BA . 21.73 39.38 -34.73
PB ATP BA . 22.43 42.17 -33.93
O1B ATP BA . 22.74 41.74 -32.52
O2B ATP BA . 23.35 41.79 -35.06
O3B ATP BA . 20.95 41.64 -34.28
PA ATP BA . 23.42 44.76 -33.46
O1A ATP BA . 22.80 45.75 -32.54
O2A ATP BA . 24.58 43.92 -32.98
O3A ATP BA . 22.24 43.77 -33.95
O5' ATP BA . 23.88 45.55 -34.79
C5' ATP BA . 23.80 44.94 -36.08
C4' ATP BA . 24.61 45.71 -37.09
O4' ATP BA . 24.77 47.06 -36.67
C3' ATP BA . 26.01 45.13 -37.26
O3' ATP BA . 26.21 44.77 -38.62
C2' ATP BA . 26.97 46.23 -36.90
O2' ATP BA . 27.95 46.35 -37.94
C1' ATP BA . 26.11 47.48 -36.82
N9 ATP BA . 26.50 48.29 -35.65
C8 ATP BA . 26.63 47.85 -34.39
N7 ATP BA . 26.99 48.86 -33.56
C5 ATP BA . 27.08 49.97 -34.29
C6 ATP BA . 27.41 51.39 -34.03
N6 ATP BA . 27.72 51.82 -32.80
N1 ATP BA . 27.40 52.23 -35.08
C2 ATP BA . 27.09 51.82 -36.33
N3 ATP BA . 26.78 50.55 -36.63
C4 ATP BA . 26.76 49.60 -35.67
P IMP CA . -18.24 21.77 1.56
O1P IMP CA . -18.36 20.44 0.88
O2P IMP CA . -19.55 22.08 2.22
O3P IMP CA . -16.99 21.76 2.40
O5' IMP CA . -18.02 22.88 0.46
C5' IMP CA . -19.04 23.85 0.20
C4' IMP CA . -18.57 25.24 0.51
O4' IMP CA . -17.24 25.43 -0.01
C3' IMP CA . -19.36 26.36 -0.13
O3' IMP CA . -20.56 26.65 0.56
C2' IMP CA . -18.37 27.52 -0.14
O2' IMP CA . -18.39 28.19 1.10
C1' IMP CA . -17.02 26.79 -0.28
N9 IMP CA . -16.45 26.92 -1.62
C8 IMP CA . -17.04 26.56 -2.78
N7 IMP CA . -16.15 26.81 -3.77
C5 IMP CA . -15.06 27.32 -3.21
C6 IMP CA . -13.74 27.77 -3.82
O6 IMP CA . -13.59 27.71 -5.00
N1 IMP CA . -12.70 28.28 -2.98
C2 IMP CA . -12.90 28.35 -1.57
N3 IMP CA . -14.17 27.90 -1.00
C4 IMP CA . -15.23 27.37 -1.88
PG GTP DA . -50.94 16.47 -19.78
O1G GTP DA . -51.97 16.77 -18.72
O2G GTP DA . -50.24 17.75 -20.19
O3G GTP DA . -51.64 15.85 -20.97
O3B GTP DA . -49.84 15.41 -19.18
PB GTP DA . -48.21 15.72 -19.22
O1B GTP DA . -47.45 14.51 -18.76
O2B GTP DA . -47.80 16.05 -20.64
O3A GTP DA . -47.89 17.00 -18.22
PA GTP DA . -48.79 17.40 -16.90
O1A GTP DA . -49.93 18.30 -17.32
O2A GTP DA . -49.34 16.15 -16.26
O5' GTP DA . -47.87 18.24 -15.82
C5' GTP DA . -48.03 19.64 -15.80
C4' GTP DA . -47.20 20.23 -14.71
O4' GTP DA . -46.39 21.11 -15.21
C3' GTP DA . -48.20 21.01 -13.64
O3' GTP DA . -47.76 20.74 -12.25
C2' GTP DA . -48.12 22.22 -13.87
O2' GTP DA . -48.26 23.00 -12.60
C1' GTP DA . -46.65 22.39 -14.47
N9 GTP DA . -46.59 23.42 -15.29
C8 GTP DA . -45.59 24.28 -15.07
N7 GTP DA . -45.66 25.26 -16.00
C5 GTP DA . -46.71 25.00 -16.78
C6 GTP DA . -47.28 25.74 -17.98
O6 GTP DA . -46.76 26.74 -18.35
N1 GTP DA . -48.43 25.23 -18.66
C2 GTP DA . -49.04 24.02 -18.20
N2 GTP DA . -50.22 23.49 -18.89
N3 GTP DA . -48.49 23.31 -17.05
C4 GTP DA . -47.28 23.84 -16.34
PG GTP EA . -53.64 25.07 3.90
O1G GTP EA . -55.11 25.15 3.53
O2G GTP EA . -53.07 23.76 3.41
O3G GTP EA . -53.50 25.14 5.40
O3B GTP EA . -52.84 26.32 3.21
PB GTP EA . -53.20 27.91 3.50
O1B GTP EA . -54.63 28.00 3.96
O2B GTP EA . -52.28 28.47 4.56
O3A GTP EA . -53.04 28.79 2.10
PA GTP EA . -54.32 29.23 1.17
O1A GTP EA . -55.25 30.12 1.98
O2A GTP EA . -53.85 29.95 -0.07
O5' GTP EA . -55.15 27.86 0.72
C5' GTP EA . -54.40 26.78 0.20
C4' GTP EA . -55.34 25.88 -0.54
O4' GTP EA . -54.92 25.71 -1.76
C3' GTP EA . -55.39 24.38 0.17
O3' GTP EA . -56.69 23.72 -0.11
C2' GTP EA . -54.48 23.73 -0.35
O2' GTP EA . -54.83 22.26 -0.38
C1' GTP EA . -54.41 24.30 -1.84
N9 GTP EA . -53.17 24.32 -2.30
C8 GTP EA . -52.17 24.44 -1.40
N7 GTP EA . -51.01 24.45 -2.06
C5 GTP EA . -51.28 24.34 -3.36
C6 GTP EA . -50.37 24.29 -4.59
O6 GTP EA . -49.20 24.35 -4.45
N1 GTP EA . -50.94 24.17 -5.88
C2 GTP EA . -52.37 24.09 -6.05
N2 GTP EA . -52.93 23.98 -7.39
N3 GTP EA . -53.24 24.14 -4.87
C4 GTP EA . -52.63 24.26 -3.51
PG ATP FA . -52.18 10.76 -18.85
O1G ATP FA . -51.17 11.52 -18.02
O2G ATP FA . -52.48 9.37 -18.35
O3G ATP FA . -51.95 10.86 -20.34
PB ATP FA . -53.78 12.98 -19.32
O1B ATP FA . -52.61 13.85 -18.92
O2B ATP FA . -54.09 12.78 -20.79
O3B ATP FA . -53.56 11.54 -18.65
PA ATP FA . -55.61 15.04 -18.80
O1A ATP FA . -55.92 15.58 -17.43
O2A ATP FA . -54.63 15.76 -19.67
O3A ATP FA . -55.09 13.53 -18.58
O5' ATP FA . -57.02 14.89 -19.58
C5' ATP FA . -57.25 13.81 -20.47
C4' ATP FA . -58.46 14.10 -21.35
O4' ATP FA . -59.32 15.02 -20.70
C3' ATP FA . -58.06 14.70 -22.68
O3' ATP FA . -58.55 13.89 -23.74
C2' ATP FA . -58.76 16.04 -22.76
O2' ATP FA . -59.43 16.14 -24.02
C1' ATP FA . -59.75 16.03 -21.61
N9 ATP FA . -59.74 17.34 -20.91
C8 ATP FA . -58.65 17.99 -20.47
N7 ATP FA . -58.99 19.16 -19.87
C5 ATP FA . -60.33 19.25 -19.92
C6 ATP FA . -61.34 20.23 -19.48
N6 ATP FA . -60.98 21.36 -18.84
N1 ATP FA . -62.64 19.95 -19.74
C2 ATP FA . -63.00 18.84 -20.38
N3 ATP FA . -62.15 17.90 -20.80
C4 ATP FA . -60.82 18.05 -20.61
P IMP GA . 24.23 -8.23 -12.42
O1P IMP GA . 25.16 -9.41 -12.39
O2P IMP GA . 22.92 -8.38 -13.15
O3P IMP GA . 23.95 -7.81 -11.01
O5' IMP GA . 25.03 -7.07 -13.14
C5' IMP GA . 26.38 -7.25 -13.51
C4' IMP GA . 26.57 -7.17 -15.00
O4' IMP GA . 25.81 -6.06 -15.54
C3' IMP GA . 27.98 -6.89 -15.49
O3' IMP GA . 28.79 -8.05 -15.48
C2' IMP GA . 27.76 -6.31 -16.87
O2' IMP GA . 27.61 -7.35 -17.83
C1' IMP GA . 26.40 -5.61 -16.72
N9 IMP GA . 26.52 -4.14 -16.64
C8 IMP GA . 27.26 -3.46 -15.76
N7 IMP GA . 27.07 -2.14 -16.02
C5 IMP GA . 26.24 -2.05 -17.05
C6 IMP GA . 25.65 -0.84 -17.78
O6 IMP GA . 25.96 0.24 -17.43
N1 IMP GA . 24.76 -1.03 -18.87
C2 IMP GA . 24.40 -2.36 -19.27
N3 IMP GA . 24.97 -3.51 -18.57
C4 IMP GA . 25.89 -3.29 -17.43
PG GTP HA . 55.67 -5.81 11.22
O1G GTP HA . 56.20 -7.20 11.04
O2G GTP HA . 55.89 -5.00 9.97
O3G GTP HA . 56.38 -5.17 12.39
O3B GTP HA . 54.05 -5.89 11.54
PB GTP HA . 52.93 -5.04 10.66
O1B GTP HA . 51.57 -5.19 11.29
O2B GTP HA . 53.32 -3.59 10.64
O3A GTP HA . 52.92 -5.65 9.12
PA GTP HA . 53.31 -7.20 8.72
O1A GTP HA . 54.80 -7.31 8.49
O2A GTP HA . 52.88 -8.14 9.82
O5' GTP HA . 52.56 -7.64 7.31
C5' GTP HA . 53.37 -7.60 6.14
C4' GTP HA . 52.57 -8.11 4.98
O4' GTP HA . 52.55 -7.20 4.05
C3' GTP HA . 53.33 -9.46 4.36
O3' GTP HA . 52.31 -10.48 4.01
C2' GTP HA . 53.92 -9.10 3.35
O2' GTP HA . 53.92 -10.21 2.33
C1' GTP HA . 53.08 -7.87 2.81
N9 GTP HA . 53.84 -7.02 2.13
C8 GTP HA . 53.39 -6.66 0.93
N7 GTP HA . 54.28 -5.81 0.38
C5 GTP HA . 55.28 -5.65 1.25
C6 GTP HA . 56.55 -4.81 1.18
O6 GTP HA . 56.76 -4.15 0.21
N1 GTP HA . 57.48 -4.81 2.27
C2 GTP HA . 57.19 -5.62 3.43
N2 GTP HA . 58.13 -5.63 4.55
N3 GTP HA . 55.97 -6.41 3.49
C4 GTP HA . 55.01 -6.41 2.35
PG GTP IA . 52.79 -27.02 -2.34
O1G GTP IA . 54.12 -27.39 -1.74
O2G GTP IA . 51.90 -26.42 -1.28
O3G GTP IA . 52.13 -28.25 -2.90
O3B GTP IA . 53.02 -25.91 -3.54
PB GTP IA . 53.96 -26.20 -4.87
O1B GTP IA . 54.96 -27.28 -4.54
O2B GTP IA . 53.09 -26.64 -6.03
O3A GTP IA . 54.79 -24.83 -5.28
PA GTP IA . 56.38 -24.59 -4.89
O1A GTP IA . 57.22 -25.66 -5.55
O2A GTP IA . 56.84 -23.23 -5.33
O5' GTP IA . 56.54 -24.73 -3.25
C5' GTP IA . 55.65 -24.00 -2.43
C4' GTP IA . 56.24 -23.89 -1.07
O4' GTP IA . 56.29 -22.63 -0.72
C3' GTP IA . 55.27 -24.66 0.05
O3' GTP IA . 56.09 -25.10 1.21
C2' GTP IA . 54.44 -23.83 0.42
O2' GTP IA . 54.02 -24.10 1.85
C1' GTP IA . 55.24 -22.43 0.34
N9 GTP IA . 54.45 -21.44 -0.01
C8 GTP IA . 53.38 -21.74 -0.78
N7 GTP IA . 52.72 -20.60 -1.02
C5 GTP IA . 53.38 -19.62 -0.44
C6 GTP IA . 53.11 -18.11 -0.38
O6 GTP IA . 52.17 -17.64 -0.93
N1 GTP IA . 54.01 -17.26 0.33
C2 GTP IA . 55.15 -17.81 1.00
N2 GTP IA . 56.05 -16.92 1.72
N3 GTP IA . 55.41 -19.24 0.95
C4 GTP IA . 54.47 -20.13 0.19
PG ATP JA . 53.52 -7.71 16.40
O1G ATP JA . 52.78 -7.89 15.10
O2G ATP JA . 52.90 -8.43 17.58
O3G ATP JA . 53.96 -6.29 16.68
PB ATP JA . 56.04 -7.88 15.21
O1B ATP JA . 55.39 -7.59 13.89
O2B ATP JA . 56.75 -6.78 15.96
O3B ATP JA . 54.92 -8.49 16.19
PA ATP JA . 58.28 -9.04 13.98
O1A ATP JA . 58.25 -10.33 13.22
O2A ATP JA . 58.19 -7.74 13.24
O3A ATP JA . 57.06 -9.11 15.03
O5' ATP JA . 59.61 -9.05 14.88
C5' ATP JA . 59.62 -8.48 16.18
C4' ATP JA . 61.05 -8.26 16.67
O4' ATP JA . 61.92 -9.17 16.00
C3' ATP JA . 61.54 -6.86 16.38
O3' ATP JA . 61.94 -6.24 17.61
C2' ATP JA . 62.77 -7.01 15.51
O2' ATP JA . 63.82 -6.23 16.06
C1' ATP JA . 63.09 -8.48 15.55
N9 ATP JA . 63.44 -8.97 14.20
C8 ATP JA . 62.73 -8.79 13.08
N7 ATP JA . 63.33 -9.37 12.02
C5 ATP JA . 64.45 -9.96 12.46
C6 ATP JA . 65.55 -10.74 11.87
N6 ATP JA . 65.56 -11.03 10.55
N1 ATP JA . 66.53 -11.17 12.68
C2 ATP JA . 66.53 -10.89 13.99
N3 ATP JA . 65.56 -10.19 14.60
C4 ATP JA . 64.52 -9.69 13.90
P IMP KA . 3.69 -28.14 1.90
O1P IMP KA . 2.86 -29.39 1.75
O2P IMP KA . 4.11 -27.41 0.66
O3P IMP KA . 2.95 -27.19 2.79
O5' IMP KA . 5.02 -28.58 2.64
C5' IMP KA . 5.18 -29.91 3.09
C4' IMP KA . 6.33 -30.61 2.40
O4' IMP KA . 7.45 -29.72 2.34
C3' IMP KA . 6.87 -31.83 3.10
O3' IMP KA . 6.09 -32.99 2.88
C2' IMP KA . 8.28 -31.94 2.54
O2' IMP KA . 8.27 -32.61 1.30
C1' IMP KA . 8.64 -30.47 2.27
N9 IMP KA . 9.59 -29.92 3.25
C8 IMP KA . 9.43 -29.89 4.58
N7 IMP KA . 10.52 -29.29 5.10
C5 IMP KA . 11.32 -28.96 4.10
C6 IMP KA . 12.67 -28.25 4.07
O6 IMP KA . 13.16 -27.91 5.08
N1 IMP KA . 13.33 -28.01 2.83
C2 IMP KA . 12.71 -28.44 1.61
N3 IMP KA . 11.41 -29.11 1.65
C4 IMP KA . 10.73 -29.34 2.95
PG GTP LA . -11.55 -43.83 34.69
O1G GTP LA . -12.37 -44.93 34.06
O2G GTP LA . -10.07 -44.14 34.58
O3G GTP LA . -11.95 -43.68 36.14
O3B GTP LA . -11.85 -42.41 33.90
PB GTP LA . -10.65 -41.48 33.26
O1B GTP LA . -11.21 -40.18 32.75
O2B GTP LA . -9.63 -41.19 34.34
O3A GTP LA . -9.93 -42.31 32.02
PA GTP LA . -10.71 -43.44 31.10
O1A GTP LA . -10.60 -44.80 31.75
O2A GTP LA . -12.15 -43.07 30.93
O5' GTP LA . -9.97 -43.56 29.61
C5' GTP LA . -9.10 -44.65 29.43
C4' GTP LA . -8.60 -44.66 28.02
O4' GTP LA . -7.30 -44.62 28.01
C3' GTP LA . -9.07 -46.09 27.29
O3' GTP LA . -9.52 -45.82 25.91
C2' GTP LA . -8.08 -46.82 27.28
O2' GTP LA . -8.10 -47.68 26.04
C1' GTP LA . -6.85 -45.81 27.23
N9 GTP LA . -5.77 -46.34 27.79
C8 GTP LA . -4.65 -46.27 27.05
N7 GTP LA . -3.65 -46.86 27.76
C5 GTP LA . -4.17 -47.26 28.91
C6 GTP LA . -3.54 -47.99 30.10
O6 GTP LA . -2.38 -48.25 30.07
N1 GTP LA . -4.32 -48.33 31.25
C2 GTP LA . -5.72 -47.98 31.26
N2 GTP LA . -6.53 -48.33 32.42
N3 GTP LA . -6.33 -47.30 30.12
C4 GTP LA . -5.50 -46.95 28.93
PG GTP MA . -16.20 -55.64 12.76
O1G GTP MA . -16.88 -56.66 13.64
O2G GTP MA . -16.59 -54.25 13.21
O3G GTP MA . -16.64 -55.84 11.33
O3B GTP MA . -14.57 -55.83 12.87
PB GTP MA . -13.79 -57.24 12.48
O1B GTP MA . -14.77 -58.38 12.59
O2B GTP MA . -13.25 -57.15 11.07
O3A GTP MA . -12.55 -57.49 13.54
PA GTP MA . -12.66 -58.54 14.81
O1A GTP MA . -12.90 -59.94 14.28
O2A GTP MA . -11.39 -58.51 15.64
O5' GTP MA . -13.94 -58.10 15.76
C5' GTP MA . -14.05 -56.74 16.13
C4' GTP MA . -14.97 -56.65 17.31
O4' GTP MA . -14.35 -56.03 18.29
C3' GTP MA . -16.32 -55.76 16.93
O3' GTP MA . -17.45 -56.17 17.79
C2' GTP MA . -16.02 -54.59 17.17
O2' GTP MA . -17.25 -53.81 17.57
C1' GTP MA . -15.01 -54.68 18.40
N9 GTP MA . -14.07 -53.75 18.34
C8 GTP MA . -13.73 -53.29 17.11
N7 GTP MA . -12.77 -52.36 17.28
C5 GTP MA . -12.52 -52.26 18.58
C6 GTP MA . -11.53 -51.39 19.35
O6 GTP MA . -10.83 -50.63 18.77
N1 GTP MA . -11.46 -51.49 20.76
C2 GTP MA . -12.31 -52.41 21.47
N2 GTP MA . -12.23 -52.49 22.93
N3 GTP MA . -13.25 -53.24 20.73
C4 GTP MA . -13.33 -53.13 19.25
PG ATP NA . -16.65 -40.89 35.27
O1G ATP NA . -15.83 -40.85 34.00
O2G ATP NA . -18.00 -40.22 35.16
O3G ATP NA . -15.88 -40.55 36.52
PB ATP NA . -15.87 -43.47 35.94
O1B ATP NA . -14.72 -43.32 34.98
O2B ATP NA . -15.65 -43.31 37.42
O3B ATP NA . -17.01 -42.44 35.47
PA ATP NA . -15.75 -46.27 35.82
O1A ATP NA . -16.07 -47.09 34.60
O2A ATP NA . -14.30 -45.94 36.13
O3A ATP NA . -16.57 -44.90 35.68
O5' ATP NA . -16.39 -47.02 37.09
C5' ATP NA . -16.95 -46.29 38.17
C4' ATP NA . -17.14 -47.19 39.38
O4' ATP NA . -17.26 -48.55 38.97
C3' ATP NA . -15.96 -47.11 40.35
O3' ATP NA . -16.43 -46.70 41.63
C2' ATP NA . -15.41 -48.51 40.46
O2' ATP NA . -15.27 -48.84 41.84
C1' ATP NA . -16.46 -49.39 39.79
N9 ATP NA . -15.81 -50.40 38.93
C8 ATP NA . -14.87 -50.17 38.01
N7 ATP NA . -14.48 -51.32 37.40
C5 ATP NA . -15.20 -52.31 37.94
C6 ATP NA . -15.29 -53.77 37.76
N6 ATP NA . -14.52 -54.42 36.85
N1 ATP NA . -16.17 -54.44 38.53
C2 ATP NA . -16.93 -53.82 39.44
N3 ATP NA . -16.89 -52.50 39.66
C4 ATP NA . -16.07 -51.71 38.95
P IMP OA . -20.60 -14.19 -13.54
O1P IMP OA . -21.35 -14.10 -14.84
O2P IMP OA . -19.19 -14.71 -13.56
O3P IMP OA . -20.61 -12.83 -12.89
O5' IMP OA . -21.43 -15.19 -12.62
C5' IMP OA . -22.67 -15.71 -13.06
C4' IMP OA . -22.62 -17.20 -13.21
O4' IMP OA . -21.95 -17.78 -12.07
C3' IMP OA . -23.96 -17.90 -13.23
O3' IMP OA . -24.61 -17.83 -14.49
C2' IMP OA . -23.61 -19.32 -12.81
O2' IMP OA . -23.18 -20.08 -13.92
C1' IMP OA . -22.41 -19.10 -11.89
N9 IMP OA . -22.74 -19.27 -10.46
C8 IMP OA . -23.69 -18.61 -9.78
N7 IMP OA . -23.65 -19.04 -8.51
C5 IMP OA . -22.68 -19.96 -8.42
C6 IMP OA . -22.16 -20.77 -7.24
O6 IMP OA . -22.66 -20.65 -6.19
N1 IMP OA . -21.08 -21.69 -7.43
C2 IMP OA . -20.49 -21.83 -8.73
N3 IMP OA . -20.99 -21.03 -9.85
C4 IMP OA . -22.11 -20.08 -9.63
PG GTP PA . -55.41 4.29 -12.98
O1G GTP PA . -55.72 4.26 -14.46
O2G GTP PA . -55.53 2.91 -12.40
O3G GTP PA . -56.38 5.23 -12.30
O3B GTP PA . -53.87 4.84 -12.76
PB GTP PA . -52.75 3.99 -11.88
O1B GTP PA . -51.50 4.82 -11.73
O2B GTP PA . -53.32 3.69 -10.52
O3A GTP PA . -52.41 2.58 -12.67
PA GTP PA . -52.52 2.38 -14.31
O1A GTP PA . -53.92 1.98 -14.68
O2A GTP PA . -52.15 3.67 -15.01
O5' GTP PA . -51.51 1.17 -14.80
C5' GTP PA . -52.11 -0.08 -15.05
C4' GTP PA . -51.09 -1.03 -15.57
O4' GTP PA . -51.03 -2.09 -14.80
C3' GTP PA . -51.54 -1.53 -17.09
O3' GTP PA . -50.36 -1.58 -17.98
C2' GTP PA . -52.03 -2.67 -16.98
O2' GTP PA . -51.70 -3.49 -18.20
C1' GTP PA . -51.27 -3.26 -15.70
N9 GTP PA . -52.03 -4.16 -15.09
C8 GTP PA . -51.44 -5.34 -14.82
N7 GTP PA . -52.34 -6.12 -14.20
C5 GTP PA . -53.47 -5.44 -14.08
C6 GTP PA . -54.82 -5.80 -13.47
O6 GTP PA . -54.97 -6.88 -12.99
N1 GTP PA . -55.90 -4.86 -13.48
C2 GTP PA . -55.70 -3.57 -14.06
N2 GTP PA . -56.79 -2.59 -14.08
N3 GTP PA . -54.40 -3.22 -14.65
C4 GTP PA . -53.28 -4.20 -14.64
PG GTP QA . -47.57 -5.30 -35.08
O1G GTP QA . -48.92 -4.84 -35.58
O2G GTP QA . -46.95 -4.23 -34.22
O3G GTP QA . -46.66 -5.57 -36.27
O3B GTP QA . -47.76 -6.68 -34.20
PB GTP QA . -48.43 -8.07 -34.81
O1B GTP QA . -49.30 -7.71 -35.98
O2B GTP QA . -47.34 -9.01 -35.25
O3A GTP QA . -49.36 -8.79 -33.65
PA GTP QA . -51.00 -8.66 -33.62
O1A GTP QA . -51.58 -9.26 -34.89
O2A GTP QA . -51.57 -9.36 -32.42
O5' GTP QA . -51.41 -7.05 -33.55
C5' GTP QA . -50.75 -6.25 -32.60
C4' GTP QA . -51.56 -5.00 -32.39
O4' GTP QA . -51.85 -4.86 -31.13
C3' GTP QA . -50.68 -3.66 -32.86
O3' GTP QA . -51.61 -2.58 -33.26
C2' GTP QA . -50.06 -3.32 -31.86
O2' GTP QA . -49.83 -1.83 -31.86
C1' GTP QA . -51.01 -3.72 -30.63
N9 GTP QA . -50.32 -4.12 -29.58
C8 GTP QA . -49.10 -4.67 -29.80
N7 GTP QA . -48.58 -5.00 -28.62
C5 GTP QA . -49.45 -4.67 -27.67
C6 GTP QA . -49.40 -4.80 -26.15
O6 GTP QA . -48.46 -5.29 -25.63
N1 GTP QA . -50.50 -4.36 -25.38
C2 GTP QA . -51.66 -3.78 -26.01
N2 GTP QA . -52.77 -3.33 -25.18
N3 GTP QA . -51.70 -3.65 -27.46
C4 GTP QA . -50.54 -4.12 -28.27
PG ATP RA . -53.88 9.95 -13.82
O1G ATP RA . -52.92 8.81 -14.04
O2G ATP RA . -53.35 11.29 -14.26
O3G ATP RA . -54.54 9.94 -12.47
PB ATP RA . -56.13 8.47 -14.53
O1B ATP RA . -55.31 7.22 -14.32
O2B ATP RA . -57.09 8.93 -13.47
O3B ATP RA . -55.10 9.67 -14.83
PA ATP RA . -57.95 7.15 -16.19
O1A ATP RA . -57.63 6.59 -17.54
O2A ATP RA . -57.93 6.22 -15.00
O3A ATP RA . -56.91 8.34 -15.92
O5' ATP RA . -59.40 7.84 -16.29
C5' ATP RA . -59.69 9.02 -15.56
C4' ATP RA . -61.19 9.27 -15.52
O4' ATP RA . -61.82 8.63 -16.62
C3' ATP RA . -61.82 8.70 -14.25
O3' ATP RA . -62.48 9.75 -13.54
C2' ATP RA . -62.86 7.70 -14.70
O2' ATP RA . -64.10 7.98 -14.04
C1' ATP RA . -62.99 7.93 -16.19
N9 ATP RA . -63.04 6.64 -16.92
C8 ATP RA . -62.20 5.61 -16.76
N7 ATP RA . -62.54 4.58 -17.57
C5 ATP RA . -63.63 4.95 -18.26
C6 ATP RA . -64.50 4.34 -19.28
N6 ATP RA . -64.27 3.10 -19.74
N1 ATP RA . -65.53 5.07 -19.75
C2 ATP RA . -65.77 6.31 -19.30
N3 ATP RA . -65.03 6.93 -18.38
C4 ATP RA . -63.97 6.31 -17.82
P IMP SA . -0.06 5.73 -27.86
O1P IMP SA . 0.94 5.88 -28.97
O2P IMP SA . -0.39 4.34 -27.38
O3P IMP SA . 0.39 6.55 -26.69
O5' IMP SA . -1.43 6.34 -28.41
C5' IMP SA . -1.47 6.97 -29.67
C4' IMP SA . -2.38 6.24 -30.62
O4' IMP SA . -3.61 5.88 -29.94
C3' IMP SA . -2.87 7.03 -31.81
O3' IMP SA . -1.91 7.11 -32.85
C2' IMP SA . -4.15 6.31 -32.22
O2' IMP SA . -3.85 5.21 -33.04
C1' IMP SA . -4.66 5.78 -30.87
N9 IMP SA . -5.82 6.51 -30.35
C8 IMP SA . -5.86 7.84 -30.12
N7 IMP SA . -7.09 8.11 -29.63
C5 IMP SA . -7.77 6.96 -29.57
C6 IMP SA . -9.18 6.64 -29.10
O6 IMP SA . -9.87 7.52 -28.70
N1 IMP SA . -9.66 5.30 -29.14
C2 IMP SA . -8.80 4.25 -29.61
N3 IMP SA . -7.45 4.58 -30.07
C4 IMP SA . -6.96 5.98 -30.01
PG GTP TA . 11.80 42.32 -36.45
O1G GTP TA . 12.85 41.99 -37.48
O2G GTP TA . 10.42 42.05 -37.01
O3G GTP TA . 11.94 43.77 -36.06
O3B GTP TA . 12.03 41.36 -35.12
PB GTP TA . 10.83 40.43 -34.49
O1B GTP TA . 11.28 39.81 -33.19
O2B GTP TA . 9.62 41.30 -34.22
O3A GTP TA . 10.44 39.25 -35.58
PA GTP TA . 11.49 38.63 -36.69
O1A GTP TA . 11.47 39.47 -37.93
O2A GTP TA . 12.89 38.60 -36.11
O5' GTP TA . 11.03 37.10 -37.10
C5' GTP TA . 10.35 36.96 -38.33
C4' GTP TA . 10.08 35.52 -38.61
O4' GTP TA . 8.81 35.33 -38.77
C3' GTP TA . 10.85 35.10 -40.03
O3' GTP TA . 11.47 33.77 -39.88
C2' GTP TA . 9.98 35.05 -40.91
O2' GTP TA . 10.32 33.98 -41.91
C1' GTP TA . 8.65 34.68 -40.12
N9 GTP TA . 7.59 35.16 -40.73
C8 GTP TA . 6.59 34.28 -40.95
N7 GTP TA . 5.59 34.93 -41.57
C5 GTP TA . 5.97 36.20 -41.75
C6 GTP TA . 5.25 37.38 -42.39
O6 GTP TA . 4.17 37.24 -42.84
N1 GTP TA . 5.89 38.66 -42.46
C2 GTP TA . 7.21 38.81 -41.90
N2 GTP TA . 7.87 40.11 -41.95
N3 GTP TA . 7.89 37.67 -41.28
C4 GTP TA . 7.21 36.34 -41.22
PG GTP UA . 21.43 23.32 -50.19
O1G GTP UA . 22.09 24.43 -50.96
O2G GTP UA . 21.54 23.60 -48.71
O3G GTP UA . 22.11 22.01 -50.50
O3B GTP UA . 19.83 23.24 -50.61
PB GTP UA . 19.33 22.97 -52.16
O1B GTP UA . 20.41 23.39 -53.12
O2B GTP UA . 19.00 21.51 -52.36
O3A GTP UA . 17.97 23.87 -52.47
PA GTP UA . 18.02 25.29 -53.32
O1A GTP UA . 18.53 25.02 -54.71
O2A GTP UA . 16.66 25.93 -53.38
O5' GTP UA . 19.07 26.33 -52.55
C5' GTP UA . 18.93 26.50 -51.17
C4' GTP UA . 19.62 27.77 -50.77
O4' GTP UA . 18.80 28.55 -50.13
C3' GTP UA . 20.89 27.44 -49.73
O3' GTP UA . 21.91 28.50 -49.85
C2' GTP UA . 20.41 27.45 -48.60
O2' GTP UA . 21.45 27.89 -47.59
C1' GTP UA . 19.23 28.53 -48.70
N9 GTP UA . 18.20 28.20 -47.94
C8 GTP UA . 18.00 26.88 -47.71
N7 GTP UA . 16.91 26.77 -46.92
C5 GTP UA . 16.45 27.99 -46.69
C6 GTP UA . 15.24 28.47 -45.89
O6 GTP UA . 14.54 27.70 -45.34
N1 GTP UA . 14.96 29.86 -45.81
C2 GTP UA . 15.80 30.82 -46.48
N2 GTP UA . 15.50 32.24 -46.38
N3 GTP UA . 16.96 30.35 -47.24
C4 GTP UA . 17.24 28.89 -47.33
PG ATP VA . 16.30 43.13 -32.69
O1G ATP VA . 15.69 41.76 -32.95
O2G ATP VA . 17.54 43.09 -31.84
O3G ATP VA . 15.30 44.19 -32.31
PB ATP VA . 15.79 44.08 -35.25
O1B ATP VA . 14.79 42.95 -35.42
O2B ATP VA . 15.31 45.46 -34.94
O3B ATP VA . 16.83 43.62 -34.13
PA ATP VA . 16.06 44.37 -38.02
O1A ATP VA . 16.68 43.35 -38.94
O2A ATP VA . 14.56 44.42 -37.89
O3A ATP VA . 16.70 44.13 -36.57
O5' ATP VA . 16.60 45.82 -38.49
C5' ATP VA . 16.87 46.84 -37.55
C4' ATP VA . 16.99 48.19 -38.23
O4' ATP VA . 17.35 48.02 -39.59
C3' ATP VA . 15.67 48.96 -38.21
O3' ATP VA . 15.87 50.21 -37.57
C2' ATP VA . 15.31 49.21 -39.65
O2' ATP VA . 15.00 50.60 -39.81
C1' ATP VA . 16.55 48.84 -40.44
N9 ATP VA . 16.19 48.07 -41.65
C8 ATP VA . 15.38 47.00 -41.69
N7 ATP VA . 15.26 46.52 -42.96
C5 ATP VA . 16.01 47.31 -43.75
C6 ATP VA . 16.33 47.37 -45.19
N6 ATP VA . 15.81 46.48 -46.05
N1 ATP VA . 17.16 48.35 -45.60
C2 ATP VA . 17.67 49.25 -44.74
N3 ATP VA . 17.43 49.25 -43.43
C4 ATP VA . 16.62 48.33 -42.89
#